data_7KW9
#
_entry.id   7KW9
#
loop_
_entity.id
_entity.type
_entity.pdbx_description
1 polymer "tRNA 2'-phosphotransferase"
2 non-polymer NICOTINAMIDE-ADENINE-DINUCLEOTIDE
#
_entity_poly.entity_id   1
_entity_poly.type   'polypeptide(L)'
_entity_poly.pdbx_seq_one_letter_code
;GSHMVKVSKFLSLVLRHNPALIGLDLDANGWAPVKELLAKMKAKGHGISMEELKHIVETNSKKRFAFSENFEKIRANQGH
SVEVDLGYEKQVPPAVLFHGTAEKNFDLILKDGIKKMSRHHVHLSQDITTARKVGMRHGKPVVLSVDAKGMADGGFDFYL
SNNGVWLIDFVPAEFIKV
;
_entity_poly.pdbx_strand_id   A
#
loop_
_chem_comp.id
_chem_comp.type
_chem_comp.name
_chem_comp.formula
NAD non-polymer NICOTINAMIDE-ADENINE-DINUCLEOTIDE 'C21 H27 N7 O14 P2'
#
# COMPACT_ATOMS: atom_id res chain seq x y z
N GLY A 1 -40.27 -4.04 5.09
CA GLY A 1 -38.87 -4.12 5.46
C GLY A 1 -38.04 -4.45 4.27
N SER A 2 -36.79 -4.84 4.49
CA SER A 2 -35.85 -5.22 3.44
C SER A 2 -35.53 -4.04 2.50
N HIS A 3 -34.67 -3.15 2.94
CA HIS A 3 -34.20 -2.04 2.11
C HIS A 3 -32.84 -2.39 1.56
N MET A 4 -32.85 -3.00 0.40
CA MET A 4 -31.65 -3.53 -0.27
C MET A 4 -30.54 -2.48 -0.36
N VAL A 5 -30.86 -1.31 -0.88
CA VAL A 5 -29.89 -0.23 -1.04
C VAL A 5 -29.38 0.26 0.33
N LYS A 6 -30.18 0.12 1.35
CA LYS A 6 -29.78 0.58 2.68
C LYS A 6 -28.86 -0.48 3.30
N VAL A 7 -29.09 -1.73 2.97
CA VAL A 7 -28.27 -2.83 3.45
C VAL A 7 -26.87 -2.69 2.87
N SER A 8 -26.78 -2.17 1.66
CA SER A 8 -25.47 -2.03 1.03
C SER A 8 -24.67 -0.87 1.64
N LYS A 9 -25.36 0.23 1.90
CA LYS A 9 -24.74 1.38 2.54
C LYS A 9 -24.31 0.99 3.95
N PHE A 10 -25.21 0.33 4.64
CA PHE A 10 -24.99 -0.08 6.01
C PHE A 10 -23.87 -1.12 6.05
N LEU A 11 -23.79 -1.95 5.02
CA LEU A 11 -22.76 -2.95 4.89
C LEU A 11 -21.43 -2.30 4.83
N SER A 12 -21.24 -1.39 3.86
CA SER A 12 -19.97 -0.71 3.69
C SER A 12 -19.54 0.03 4.97
N LEU A 13 -20.48 0.30 5.83
CA LEU A 13 -20.16 0.88 7.08
C LEU A 13 -19.76 -0.24 8.08
N VAL A 14 -20.55 -1.32 8.12
CA VAL A 14 -20.35 -2.29 9.14
C VAL A 14 -19.11 -3.19 8.92
N LEU A 15 -18.94 -3.77 7.76
CA LEU A 15 -17.82 -4.73 7.61
C LEU A 15 -16.52 -4.03 7.22
N ARG A 16 -16.63 -2.77 6.90
CA ARG A 16 -15.51 -2.03 6.41
C ARG A 16 -15.01 -0.99 7.42
N HIS A 17 -15.84 -0.60 8.37
CA HIS A 17 -15.42 0.42 9.33
C HIS A 17 -15.62 0.00 10.75
N ASN A 18 -16.82 -0.40 11.04
CA ASN A 18 -17.25 -0.68 12.38
C ASN A 18 -18.22 -1.84 12.36
N PRO A 19 -17.71 -3.04 12.61
CA PRO A 19 -18.52 -4.27 12.54
C PRO A 19 -19.45 -4.42 13.73
N ALA A 20 -19.12 -3.69 14.77
CA ALA A 20 -19.79 -3.68 16.03
C ALA A 20 -21.27 -3.34 16.00
N LEU A 21 -21.79 -2.91 14.86
CA LEU A 21 -23.22 -2.62 14.77
C LEU A 21 -23.93 -3.87 14.91
N ILE A 22 -23.60 -4.79 14.06
CA ILE A 22 -24.37 -5.95 13.98
C ILE A 22 -23.67 -7.04 14.72
N GLY A 23 -22.42 -6.77 15.05
CA GLY A 23 -21.62 -7.77 15.68
C GLY A 23 -20.92 -8.61 14.64
N LEU A 24 -20.40 -7.97 13.58
CA LEU A 24 -19.74 -8.65 12.59
C LEU A 24 -18.30 -8.93 13.00
N ASP A 25 -17.79 -10.02 12.54
CA ASP A 25 -16.50 -10.50 12.95
C ASP A 25 -15.55 -10.40 11.79
N LEU A 26 -14.49 -9.67 11.95
CA LEU A 26 -13.60 -9.42 10.84
C LEU A 26 -12.35 -10.26 10.91
N ASP A 27 -11.98 -10.78 9.76
CA ASP A 27 -10.86 -11.68 9.58
C ASP A 27 -9.58 -10.88 9.46
N ALA A 28 -8.48 -11.55 9.35
CA ALA A 28 -7.18 -10.95 9.21
C ALA A 28 -6.99 -10.55 7.77
N ASN A 29 -7.68 -11.25 6.91
CA ASN A 29 -7.66 -11.00 5.52
C ASN A 29 -8.65 -9.90 5.13
N GLY A 30 -9.35 -9.35 6.12
CA GLY A 30 -10.29 -8.27 5.86
C GLY A 30 -11.61 -8.76 5.31
N TRP A 31 -11.96 -9.96 5.67
CA TRP A 31 -13.19 -10.58 5.23
C TRP A 31 -14.13 -10.70 6.41
N ALA A 32 -15.39 -10.83 6.14
CA ALA A 32 -16.39 -11.01 7.14
C ALA A 32 -17.28 -12.14 6.74
N PRO A 33 -17.73 -12.99 7.66
CA PRO A 33 -18.56 -14.10 7.33
C PRO A 33 -19.94 -13.61 7.00
N VAL A 34 -20.36 -13.84 5.79
CA VAL A 34 -21.65 -13.46 5.32
C VAL A 34 -22.73 -14.02 6.14
N LYS A 35 -22.60 -15.28 6.54
CA LYS A 35 -23.53 -15.91 7.36
C LYS A 35 -23.79 -15.08 8.64
N GLU A 36 -22.72 -14.50 9.20
CA GLU A 36 -22.83 -13.64 10.37
C GLU A 36 -23.47 -12.34 9.93
N LEU A 37 -23.09 -11.91 8.76
CA LEU A 37 -23.39 -10.60 8.27
C LEU A 37 -24.85 -10.41 8.04
N LEU A 38 -25.52 -11.38 7.43
CA LEU A 38 -26.85 -11.16 7.11
C LEU A 38 -27.65 -11.48 8.36
N ALA A 39 -27.19 -12.48 9.14
CA ALA A 39 -27.90 -12.90 10.34
C ALA A 39 -27.94 -11.80 11.38
N LYS A 40 -26.80 -11.25 11.63
CA LYS A 40 -26.62 -10.22 12.64
C LYS A 40 -27.25 -8.90 12.19
N MET A 41 -27.16 -8.58 10.90
CA MET A 41 -27.72 -7.32 10.43
C MET A 41 -29.22 -7.48 10.20
N LYS A 42 -29.68 -8.72 10.04
CA LYS A 42 -31.10 -9.07 9.98
C LYS A 42 -31.75 -8.58 11.26
N ALA A 43 -31.13 -8.98 12.37
CA ALA A 43 -31.52 -8.57 13.72
C ALA A 43 -31.40 -7.07 13.90
N LYS A 44 -30.51 -6.47 13.12
CA LYS A 44 -30.30 -5.03 13.12
C LYS A 44 -31.44 -4.31 12.34
N GLY A 45 -32.44 -5.05 11.93
CA GLY A 45 -33.58 -4.47 11.27
C GLY A 45 -33.41 -4.38 9.79
N HIS A 46 -32.80 -5.38 9.20
CA HIS A 46 -32.66 -5.39 7.74
C HIS A 46 -33.52 -6.43 7.05
N GLY A 47 -33.72 -7.56 7.73
CA GLY A 47 -34.54 -8.63 7.18
C GLY A 47 -34.12 -9.12 5.83
N ILE A 48 -32.87 -9.50 5.69
CA ILE A 48 -32.39 -10.03 4.46
C ILE A 48 -31.92 -11.46 4.70
N SER A 49 -31.96 -12.27 3.69
CA SER A 49 -31.45 -13.62 3.78
C SER A 49 -30.09 -13.68 3.09
N MET A 50 -29.46 -14.87 3.01
CA MET A 50 -28.08 -15.00 2.50
C MET A 50 -28.00 -14.45 1.08
N GLU A 51 -28.93 -14.88 0.24
CA GLU A 51 -28.94 -14.46 -1.14
C GLU A 51 -29.38 -13.01 -1.33
N GLU A 52 -30.06 -12.47 -0.35
CA GLU A 52 -30.44 -11.09 -0.42
C GLU A 52 -29.21 -10.24 -0.17
N LEU A 53 -28.37 -10.63 0.80
CA LEU A 53 -27.10 -9.96 0.96
C LEU A 53 -26.23 -10.26 -0.28
N LYS A 54 -26.37 -11.45 -0.84
CA LYS A 54 -25.68 -11.83 -2.08
C LYS A 54 -26.05 -10.87 -3.19
N HIS A 55 -27.22 -10.31 -3.07
CA HIS A 55 -27.75 -9.34 -3.99
C HIS A 55 -27.03 -7.99 -3.76
N ILE A 56 -26.77 -7.65 -2.50
CA ILE A 56 -25.95 -6.47 -2.15
C ILE A 56 -24.52 -6.66 -2.73
N VAL A 57 -23.91 -7.78 -2.42
CA VAL A 57 -22.60 -8.03 -2.90
C VAL A 57 -22.63 -8.21 -4.43
N GLU A 58 -23.78 -8.55 -4.98
CA GLU A 58 -23.97 -8.68 -6.43
C GLU A 58 -23.89 -7.28 -7.06
N THR A 59 -24.24 -6.27 -6.27
CA THR A 59 -24.16 -4.91 -6.75
C THR A 59 -22.76 -4.33 -6.48
N ASN A 60 -21.85 -5.21 -6.04
CA ASN A 60 -20.36 -4.95 -5.96
C ASN A 60 -19.76 -4.26 -7.21
N SER A 61 -20.51 -4.21 -8.32
CA SER A 61 -20.10 -3.75 -9.65
C SER A 61 -19.25 -2.44 -9.68
N LYS A 62 -19.33 -1.62 -8.64
CA LYS A 62 -18.49 -0.41 -8.56
C LYS A 62 -17.12 -0.74 -7.98
N LYS A 63 -16.85 -2.04 -7.83
CA LYS A 63 -15.63 -2.59 -7.31
C LYS A 63 -15.45 -2.22 -5.86
N ARG A 64 -16.48 -2.54 -5.06
CA ARG A 64 -16.44 -2.25 -3.65
C ARG A 64 -16.79 -3.47 -2.77
N PHE A 65 -17.13 -4.60 -3.37
CA PHE A 65 -17.48 -5.82 -2.63
C PHE A 65 -16.98 -7.05 -3.37
N ALA A 66 -17.04 -8.22 -2.73
CA ALA A 66 -16.60 -9.47 -3.28
C ALA A 66 -17.08 -10.58 -2.41
N PHE A 67 -17.31 -11.71 -2.99
CA PHE A 67 -17.92 -12.81 -2.31
C PHE A 67 -17.09 -14.07 -2.57
N SER A 68 -17.24 -15.06 -1.72
CA SER A 68 -16.48 -16.30 -1.80
C SER A 68 -17.25 -17.44 -2.50
N GLU A 69 -16.72 -18.67 -2.43
CA GLU A 69 -17.26 -19.87 -3.12
C GLU A 69 -18.68 -20.23 -2.70
N ASN A 70 -18.90 -20.40 -1.40
CA ASN A 70 -20.24 -20.75 -0.89
C ASN A 70 -21.02 -19.47 -0.71
N PHE A 71 -20.31 -18.36 -0.92
CA PHE A 71 -20.84 -17.01 -0.77
C PHE A 71 -21.02 -16.73 0.74
N GLU A 72 -20.29 -17.48 1.54
CA GLU A 72 -20.45 -17.47 2.98
C GLU A 72 -19.52 -16.43 3.63
N LYS A 73 -18.76 -15.72 2.82
CA LYS A 73 -17.84 -14.75 3.36
C LYS A 73 -17.65 -13.65 2.32
N ILE A 74 -17.76 -12.44 2.76
CA ILE A 74 -17.64 -11.28 1.90
C ILE A 74 -16.48 -10.40 2.33
N ARG A 75 -15.98 -9.65 1.42
CA ARG A 75 -15.06 -8.60 1.71
C ARG A 75 -15.51 -7.39 0.97
N ALA A 76 -15.55 -6.29 1.64
CA ALA A 76 -15.82 -5.08 0.98
C ALA A 76 -14.47 -4.51 0.59
N ASN A 77 -14.17 -4.53 -0.69
CA ASN A 77 -12.90 -4.00 -1.11
C ASN A 77 -13.07 -2.55 -1.40
N GLN A 78 -12.37 -1.77 -0.63
CA GLN A 78 -12.45 -0.33 -0.60
C GLN A 78 -11.73 0.08 0.67
N GLY A 79 -11.64 1.34 0.93
CA GLY A 79 -10.98 1.81 2.12
C GLY A 79 -10.24 3.05 1.80
N HIS A 80 -8.97 2.92 1.62
CA HIS A 80 -8.18 4.02 1.15
C HIS A 80 -8.14 3.87 -0.35
N SER A 81 -9.28 4.14 -0.92
CA SER A 81 -9.56 3.92 -2.31
C SER A 81 -8.79 4.83 -3.25
N VAL A 82 -7.56 4.46 -3.51
CA VAL A 82 -6.74 5.10 -4.50
C VAL A 82 -7.23 4.62 -5.85
N GLU A 83 -7.25 3.32 -6.00
CA GLU A 83 -7.86 2.67 -7.14
C GLU A 83 -9.14 2.11 -6.66
N VAL A 84 -8.98 1.07 -5.97
CA VAL A 84 -9.96 0.44 -5.23
C VAL A 84 -9.34 0.06 -3.91
N ASP A 85 -8.63 -1.02 -3.92
CA ASP A 85 -8.01 -1.55 -2.72
C ASP A 85 -7.29 -2.85 -3.03
N LEU A 86 -6.09 -2.74 -3.53
CA LEU A 86 -5.29 -3.89 -3.81
C LEU A 86 -3.90 -3.78 -3.20
N GLY A 87 -3.62 -2.65 -2.60
CA GLY A 87 -2.32 -2.45 -2.03
C GLY A 87 -2.03 -0.98 -1.86
N TYR A 88 -2.90 -0.32 -1.15
CA TYR A 88 -2.74 1.12 -0.90
C TYR A 88 -2.98 1.45 0.57
N GLU A 89 -2.65 0.49 1.44
CA GLU A 89 -2.83 0.65 2.88
C GLU A 89 -2.07 1.85 3.44
N LYS A 90 -2.76 2.62 4.26
CA LYS A 90 -2.15 3.74 4.95
C LYS A 90 -1.27 3.22 6.05
N GLN A 91 -0.04 3.10 5.74
CA GLN A 91 0.97 2.59 6.63
C GLN A 91 1.88 3.72 6.99
N VAL A 92 2.92 3.42 7.74
CA VAL A 92 3.93 4.40 8.12
C VAL A 92 4.55 5.09 6.88
N PRO A 93 4.19 6.37 6.63
CA PRO A 93 4.64 7.10 5.46
C PRO A 93 6.01 7.75 5.66
N PRO A 94 6.98 7.42 4.83
CA PRO A 94 8.27 8.09 4.86
C PRO A 94 8.17 9.42 4.14
N ALA A 95 8.83 10.41 4.63
CA ALA A 95 8.75 11.71 4.04
C ALA A 95 9.72 11.80 2.89
N VAL A 96 10.91 11.27 3.11
CA VAL A 96 11.93 11.23 2.08
C VAL A 96 11.95 9.86 1.44
N LEU A 97 11.79 9.84 0.16
CA LEU A 97 11.73 8.58 -0.55
C LEU A 97 12.62 8.54 -1.78
N PHE A 98 13.34 7.44 -1.92
CA PHE A 98 14.30 7.24 -3.00
C PHE A 98 13.55 6.62 -4.17
N HIS A 99 14.13 6.65 -5.34
CA HIS A 99 13.54 5.98 -6.49
C HIS A 99 14.55 5.79 -7.56
N GLY A 100 14.78 4.58 -7.90
CA GLY A 100 15.69 4.29 -8.95
C GLY A 100 15.05 4.46 -10.29
N THR A 101 15.81 5.00 -11.16
CA THR A 101 15.41 5.19 -12.50
C THR A 101 16.69 5.13 -13.34
N ALA A 102 16.61 5.36 -14.61
CA ALA A 102 17.73 5.16 -15.48
C ALA A 102 18.08 6.47 -16.15
N GLU A 103 19.29 6.59 -16.69
CA GLU A 103 19.81 7.87 -17.14
C GLU A 103 19.23 8.53 -18.41
N LYS A 104 18.81 7.79 -19.39
CA LYS A 104 18.25 8.48 -20.57
C LYS A 104 16.83 8.93 -20.24
N ASN A 105 16.14 8.09 -19.52
CA ASN A 105 14.84 8.46 -19.10
C ASN A 105 14.97 9.31 -17.85
N PHE A 106 16.23 9.52 -17.39
CA PHE A 106 16.56 10.46 -16.32
C PHE A 106 16.32 11.82 -16.82
N ASP A 107 16.84 12.09 -18.01
CA ASP A 107 16.58 13.38 -18.63
C ASP A 107 15.10 13.58 -18.73
N LEU A 108 14.39 12.54 -19.15
CA LEU A 108 12.92 12.61 -19.20
C LEU A 108 12.27 12.85 -17.78
N ILE A 109 12.65 12.06 -16.80
CA ILE A 109 12.06 12.03 -15.44
C ILE A 109 12.48 13.20 -14.57
N LEU A 110 13.61 13.79 -14.85
CA LEU A 110 13.95 14.96 -14.12
C LEU A 110 13.34 16.17 -14.80
N LYS A 111 12.97 16.00 -16.05
CA LYS A 111 12.32 17.06 -16.78
C LYS A 111 10.83 17.08 -16.44
N ASP A 112 10.21 15.91 -16.43
CA ASP A 112 8.77 15.78 -16.20
C ASP A 112 8.41 15.38 -14.75
N GLY A 113 9.17 14.48 -14.18
CA GLY A 113 8.89 13.99 -12.82
C GLY A 113 8.21 12.64 -12.84
N ILE A 114 8.28 11.90 -11.74
CA ILE A 114 7.63 10.60 -11.69
C ILE A 114 6.17 10.87 -11.49
N LYS A 115 5.38 10.66 -12.51
CA LYS A 115 3.97 11.02 -12.45
C LYS A 115 3.10 9.99 -13.12
N LYS A 116 1.88 10.39 -13.40
CA LYS A 116 0.88 9.56 -14.02
C LYS A 116 1.31 9.06 -15.42
N MET A 117 1.72 7.82 -15.44
CA MET A 117 2.02 7.11 -16.69
C MET A 117 1.17 5.85 -16.68
N SER A 118 0.20 5.89 -15.77
CA SER A 118 -0.79 4.88 -15.49
C SER A 118 -1.63 5.53 -14.38
N ARG A 119 -2.80 5.00 -14.09
CA ARG A 119 -3.68 5.58 -13.09
C ARG A 119 -3.15 5.32 -11.68
N HIS A 120 -2.69 6.39 -11.00
CA HIS A 120 -2.10 6.32 -9.64
C HIS A 120 -0.88 5.44 -9.70
N HIS A 121 0.22 6.06 -9.98
CA HIS A 121 1.34 5.33 -10.47
C HIS A 121 2.67 5.50 -9.72
N VAL A 122 2.84 6.45 -8.81
CA VAL A 122 4.20 6.64 -8.46
C VAL A 122 4.76 5.96 -7.26
N HIS A 123 5.25 4.78 -7.54
CA HIS A 123 5.94 3.96 -6.58
C HIS A 123 7.44 4.21 -6.62
N LEU A 124 7.93 4.70 -5.55
CA LEU A 124 9.31 5.00 -5.37
C LEU A 124 9.99 3.83 -4.62
N SER A 125 11.29 3.89 -4.54
CA SER A 125 12.10 2.83 -4.02
C SER A 125 12.21 2.94 -2.51
N GLN A 126 12.06 1.83 -1.86
CA GLN A 126 12.03 1.71 -0.42
C GLN A 126 13.45 1.61 0.15
N ASP A 127 14.42 1.40 -0.71
CA ASP A 127 15.79 1.24 -0.30
C ASP A 127 16.67 1.74 -1.40
N ILE A 128 17.81 2.26 -1.04
CA ILE A 128 18.78 2.80 -1.98
C ILE A 128 19.32 1.69 -2.92
N THR A 129 19.55 0.50 -2.38
CA THR A 129 20.11 -0.59 -3.17
C THR A 129 19.12 -1.07 -4.23
N THR A 130 17.85 -1.14 -3.88
CA THR A 130 16.83 -1.56 -4.82
C THR A 130 16.65 -0.48 -5.90
N ALA A 131 16.78 0.78 -5.48
CA ALA A 131 16.66 1.92 -6.37
C ALA A 131 17.68 1.81 -7.50
N ARG A 132 18.88 1.62 -7.13
CA ARG A 132 19.97 1.56 -8.10
C ARG A 132 19.87 0.27 -8.94
N LYS A 133 19.37 -0.79 -8.33
CA LYS A 133 19.20 -2.08 -8.97
C LYS A 133 18.19 -1.97 -10.12
N VAL A 134 17.09 -1.27 -9.87
CA VAL A 134 16.04 -1.15 -10.87
C VAL A 134 16.42 -0.14 -11.96
N GLY A 135 17.32 0.78 -11.64
CA GLY A 135 17.78 1.74 -12.62
C GLY A 135 18.61 1.07 -13.69
N MET A 136 19.36 0.06 -13.27
CA MET A 136 20.19 -0.76 -14.14
C MET A 136 19.40 -1.44 -15.27
N ARG A 137 18.06 -1.51 -15.13
CA ARG A 137 17.22 -2.16 -16.14
C ARG A 137 17.29 -1.49 -17.51
N HIS A 138 17.52 -0.18 -17.55
CA HIS A 138 17.63 0.47 -18.86
C HIS A 138 19.07 0.63 -19.25
N GLY A 139 19.94 0.73 -18.26
CA GLY A 139 21.34 0.78 -18.51
C GLY A 139 22.08 1.35 -17.35
N LYS A 140 22.13 2.65 -17.30
CA LYS A 140 22.82 3.35 -16.26
C LYS A 140 21.78 3.91 -15.31
N PRO A 141 21.92 3.69 -14.01
CA PRO A 141 20.93 4.13 -13.04
C PRO A 141 21.21 5.50 -12.44
N VAL A 142 20.17 6.08 -11.94
CA VAL A 142 20.23 7.32 -11.21
C VAL A 142 19.17 7.23 -10.11
N VAL A 143 19.51 7.64 -8.93
CA VAL A 143 18.62 7.59 -7.85
C VAL A 143 17.98 8.94 -7.68
N LEU A 144 16.69 8.98 -7.74
CA LEU A 144 15.94 10.18 -7.58
C LEU A 144 15.15 10.13 -6.28
N SER A 145 15.63 10.82 -5.29
CA SER A 145 15.05 10.82 -3.98
C SER A 145 14.31 12.13 -3.69
N VAL A 146 13.01 12.06 -3.51
CA VAL A 146 12.26 13.26 -3.18
C VAL A 146 12.58 13.72 -1.78
N ASP A 147 12.76 15.01 -1.65
CA ASP A 147 13.10 15.62 -0.40
C ASP A 147 11.91 15.65 0.50
N ALA A 148 12.06 14.97 1.63
CA ALA A 148 11.06 14.82 2.67
C ALA A 148 10.33 16.11 2.91
N LYS A 149 11.11 17.15 2.98
CA LYS A 149 10.67 18.47 3.33
C LYS A 149 9.57 18.93 2.39
N GLY A 150 9.83 18.81 1.10
CA GLY A 150 8.88 19.27 0.12
C GLY A 150 7.58 18.49 0.15
N MET A 151 7.67 17.20 0.43
CA MET A 151 6.50 16.36 0.39
C MET A 151 5.73 16.34 1.68
N ALA A 152 6.43 16.30 2.79
CA ALA A 152 5.80 16.36 4.11
C ALA A 152 5.10 17.70 4.26
N ASP A 153 5.78 18.76 3.87
CA ASP A 153 5.23 20.12 3.90
C ASP A 153 4.10 20.26 2.90
N GLY A 154 4.20 19.55 1.79
CA GLY A 154 3.19 19.58 0.76
C GLY A 154 1.90 18.87 1.16
N GLY A 155 1.92 18.23 2.31
CA GLY A 155 0.74 17.60 2.84
C GLY A 155 0.47 16.26 2.22
N PHE A 156 1.49 15.68 1.64
CA PHE A 156 1.36 14.40 1.00
C PHE A 156 1.45 13.30 2.02
N ASP A 157 0.46 12.46 2.04
CA ASP A 157 0.52 11.25 2.81
C ASP A 157 0.83 10.18 1.82
N PHE A 158 1.69 9.30 2.18
CA PHE A 158 2.13 8.30 1.27
C PHE A 158 1.57 6.96 1.71
N TYR A 159 1.57 6.02 0.83
CA TYR A 159 0.98 4.72 1.06
C TYR A 159 1.86 3.65 0.46
N LEU A 160 1.72 2.42 0.88
CA LEU A 160 2.60 1.38 0.37
C LEU A 160 1.82 0.24 -0.19
N SER A 161 2.35 -0.39 -1.21
CA SER A 161 1.77 -1.57 -1.78
C SER A 161 2.36 -2.82 -1.11
N ASN A 162 1.92 -4.00 -1.56
CA ASN A 162 2.27 -5.29 -0.92
C ASN A 162 3.78 -5.57 -0.87
N ASN A 163 4.54 -5.04 -1.83
CA ASN A 163 5.98 -5.29 -1.92
C ASN A 163 6.76 -4.37 -0.93
N GLY A 164 6.03 -3.57 -0.15
CA GLY A 164 6.66 -2.68 0.83
C GLY A 164 7.31 -1.48 0.15
N VAL A 165 6.76 -1.12 -0.97
CA VAL A 165 7.26 -0.04 -1.81
C VAL A 165 6.54 1.26 -1.46
N TRP A 166 7.20 2.39 -1.66
CA TRP A 166 6.66 3.67 -1.18
C TRP A 166 5.95 4.42 -2.28
N LEU A 167 4.67 4.57 -2.20
CA LEU A 167 3.92 5.22 -3.26
C LEU A 167 3.47 6.60 -2.89
N ILE A 168 3.48 7.43 -3.89
CA ILE A 168 3.01 8.76 -3.82
C ILE A 168 2.11 8.98 -5.04
N ASP A 169 1.18 9.91 -4.92
CA ASP A 169 0.27 10.21 -5.99
C ASP A 169 1.00 10.83 -7.16
N PHE A 170 1.88 11.77 -6.87
CA PHE A 170 2.64 12.40 -7.95
C PHE A 170 3.83 13.14 -7.42
N VAL A 171 4.99 12.84 -7.95
CA VAL A 171 6.18 13.58 -7.63
C VAL A 171 6.76 14.37 -8.77
N PRO A 172 6.46 15.67 -8.84
CA PRO A 172 7.12 16.56 -9.76
C PRO A 172 8.62 16.54 -9.43
N ALA A 173 9.45 16.58 -10.45
CA ALA A 173 10.87 16.36 -10.29
C ALA A 173 11.57 17.47 -9.56
N GLU A 174 10.89 18.56 -9.43
CA GLU A 174 11.39 19.66 -8.68
C GLU A 174 11.53 19.26 -7.17
N PHE A 175 10.71 18.30 -6.73
CA PHE A 175 10.79 17.79 -5.38
C PHE A 175 11.75 16.62 -5.35
N ILE A 176 12.03 16.07 -6.51
CA ILE A 176 12.95 15.02 -6.66
C ILE A 176 14.37 15.52 -6.54
N LYS A 177 15.17 14.81 -5.80
CA LYS A 177 16.52 15.11 -5.69
C LYS A 177 17.36 14.06 -6.22
N VAL A 178 17.93 14.43 -7.27
CA VAL A 178 18.88 13.64 -8.00
C VAL A 178 20.18 13.52 -7.19
PA NAD B . 8.83 -0.29 -14.75
O1A NAD B . 7.44 0.20 -14.73
O2A NAD B . 9.24 -1.23 -15.83
O5B NAD B . 9.84 0.99 -14.81
C5B NAD B . 9.34 2.24 -15.30
C4B NAD B . 10.49 3.17 -15.65
O4B NAD B . 9.96 4.42 -16.21
C3B NAD B . 11.28 3.58 -14.44
O3B NAD B . 12.66 3.93 -14.78
C2B NAD B . 10.58 4.81 -14.01
O2B NAD B . 11.44 5.54 -13.13
C1B NAD B . 10.42 5.47 -15.33
N9A NAD B . 9.49 6.66 -15.32
C8A NAD B . 8.41 6.96 -14.47
N7A NAD B . 7.93 8.20 -14.80
C5A NAD B . 8.68 8.57 -15.78
C6A NAD B . 8.49 9.81 -16.41
N6A NAD B . 7.56 10.65 -16.05
N1A NAD B . 9.34 10.10 -17.45
C2A NAD B . 10.29 9.17 -17.77
N3A NAD B . 10.46 7.98 -17.16
C4A NAD B . 9.62 7.67 -16.13
O3 NAD B . 9.18 -0.96 -13.34
PN NAD B . 9.06 -0.54 -11.81
O1N NAD B . 8.19 0.67 -11.69
O2N NAD B . 8.73 -1.75 -11.00
O5D NAD B . 10.57 -0.09 -11.48
C5D NAD B . 11.12 -0.25 -10.16
C4D NAD B . 10.50 0.78 -9.21
O4D NAD B . 9.15 0.33 -8.87
C3D NAD B . 11.21 0.81 -7.90
O3D NAD B . 10.90 2.01 -7.13
C2D NAD B . 10.66 -0.37 -7.22
O2D NAD B . 10.96 -0.30 -5.82
C1D NAD B . 9.21 -0.19 -7.52
N1N NAD B . 8.42 -1.44 -7.36
C2N NAD B . 8.92 -2.71 -7.66
C3N NAD B . 8.08 -3.86 -7.45
C7N NAD B . 8.54 -5.30 -7.76
O7N NAD B . 7.78 -6.26 -7.60
N7N NAD B . 9.77 -5.44 -8.19
C4N NAD B . 6.77 -3.64 -6.95
C5N NAD B . 6.35 -2.36 -6.68
C6N NAD B . 7.16 -1.31 -6.89
H51A NAD B . 8.68 2.71 -14.58
H52A NAD B . 8.77 2.03 -16.21
H4B NAD B . 11.10 2.66 -16.39
H3B NAD B . 11.30 2.77 -13.70
HO3A NAD B . 13.09 3.24 -15.36
H2B NAD B . 9.63 4.55 -13.55
HO2A NAD B . 12.32 5.59 -13.61
H1B NAD B . 11.42 5.80 -15.61
H8A NAD B . 7.98 6.36 -13.66
H61A NAD B . 7.44 11.53 -16.50
H62A NAD B . 6.95 10.43 -15.29
H2A NAD B . 10.95 9.37 -18.59
H51N NAD B . 12.19 -0.07 -10.22
H52N NAD B . 11.00 -1.25 -9.78
H4D NAD B . 10.56 1.74 -9.74
H3D NAD B . 12.30 0.82 -8.03
HO3N NAD B . 10.45 1.71 -6.28
H2D NAD B . 11.11 -1.25 -7.69
HO2N NAD B . 10.69 -1.20 -5.45
H1D NAD B . 8.80 0.50 -6.78
H2N NAD B . 9.94 -2.81 -8.04
H71N NAD B . 10.39 -4.66 -8.29
H72N NAD B . 10.14 -6.35 -8.41
H4N NAD B . 6.09 -4.47 -6.72
H5N NAD B . 5.38 -2.07 -6.28
H6N NAD B . 6.71 -0.36 -6.63
N GLY A 1 -0.85 -10.21 33.27
CA GLY A 1 0.22 -10.16 32.29
C GLY A 1 -0.30 -9.82 30.94
N SER A 2 0.48 -9.11 30.16
CA SER A 2 0.11 -8.74 28.82
C SER A 2 0.03 -9.99 27.93
N HIS A 3 -1.17 -10.41 27.64
CA HIS A 3 -1.37 -11.61 26.84
C HIS A 3 -2.23 -11.33 25.63
N MET A 4 -2.41 -10.06 25.31
CA MET A 4 -3.26 -9.64 24.21
C MET A 4 -2.69 -10.10 22.87
N VAL A 5 -1.36 -10.03 22.75
CA VAL A 5 -0.68 -10.44 21.53
C VAL A 5 -0.81 -11.95 21.34
N LYS A 6 -0.89 -12.66 22.45
CA LYS A 6 -1.08 -14.11 22.45
C LYS A 6 -2.45 -14.45 21.88
N VAL A 7 -3.43 -13.69 22.28
CA VAL A 7 -4.80 -13.82 21.81
C VAL A 7 -4.87 -13.41 20.33
N SER A 8 -3.94 -12.57 19.90
CA SER A 8 -3.90 -12.10 18.52
C SER A 8 -3.30 -13.15 17.62
N LYS A 9 -2.23 -13.76 18.06
CA LYS A 9 -1.59 -14.81 17.31
C LYS A 9 -2.48 -16.05 17.33
N PHE A 10 -3.13 -16.25 18.45
CA PHE A 10 -4.05 -17.34 18.59
C PHE A 10 -5.28 -17.04 17.74
N LEU A 11 -5.61 -15.77 17.55
CA LEU A 11 -6.72 -15.38 16.69
C LEU A 11 -6.39 -15.72 15.26
N SER A 12 -5.15 -15.43 14.88
CA SER A 12 -4.62 -15.72 13.55
C SER A 12 -4.64 -17.25 13.32
N LEU A 13 -4.70 -17.99 14.40
CA LEU A 13 -4.85 -19.40 14.33
C LEU A 13 -6.35 -19.80 14.30
N VAL A 14 -7.13 -19.28 15.24
CA VAL A 14 -8.50 -19.72 15.45
C VAL A 14 -9.44 -19.47 14.27
N LEU A 15 -9.63 -18.25 13.84
CA LEU A 15 -10.61 -18.00 12.77
C LEU A 15 -10.03 -18.21 11.41
N ARG A 16 -8.78 -18.60 11.38
CA ARG A 16 -8.08 -18.74 10.14
C ARG A 16 -7.77 -20.20 9.83
N HIS A 17 -7.65 -21.04 10.85
CA HIS A 17 -7.23 -22.43 10.64
C HIS A 17 -8.28 -23.46 10.98
N ASN A 18 -8.82 -23.40 12.16
CA ASN A 18 -9.64 -24.53 12.65
C ASN A 18 -10.61 -24.07 13.75
N PRO A 19 -11.41 -22.97 13.47
CA PRO A 19 -12.21 -22.18 14.48
C PRO A 19 -12.94 -22.99 15.56
N ALA A 20 -13.31 -24.19 15.23
CA ALA A 20 -13.99 -25.10 16.08
C ALA A 20 -13.27 -25.43 17.41
N LEU A 21 -12.00 -24.98 17.59
CA LEU A 21 -11.25 -25.18 18.70
C LEU A 21 -11.84 -24.43 19.87
N ILE A 22 -12.18 -23.17 19.67
CA ILE A 22 -12.74 -22.39 20.74
C ILE A 22 -14.23 -22.52 20.62
N GLY A 23 -14.64 -23.06 19.49
CA GLY A 23 -16.02 -23.16 19.14
C GLY A 23 -16.45 -21.97 18.32
N LEU A 24 -15.54 -21.43 17.51
CA LEU A 24 -15.82 -20.33 16.70
C LEU A 24 -16.52 -20.78 15.43
N ASP A 25 -17.44 -19.98 14.99
CA ASP A 25 -18.29 -20.29 13.86
C ASP A 25 -17.94 -19.37 12.74
N LEU A 26 -17.72 -19.89 11.57
CA LEU A 26 -17.29 -19.05 10.47
C LEU A 26 -18.30 -19.00 9.36
N ASP A 27 -18.43 -17.82 8.80
CA ASP A 27 -19.32 -17.56 7.68
C ASP A 27 -18.57 -17.97 6.42
N ALA A 28 -19.23 -17.97 5.32
CA ALA A 28 -18.64 -18.38 4.07
C ALA A 28 -17.87 -17.22 3.48
N ASN A 29 -18.31 -16.02 3.84
CA ASN A 29 -17.68 -14.80 3.44
C ASN A 29 -16.43 -14.55 4.31
N GLY A 30 -16.23 -15.40 5.32
CA GLY A 30 -15.03 -15.36 6.12
C GLY A 30 -15.13 -14.55 7.40
N TRP A 31 -16.32 -14.39 7.91
CA TRP A 31 -16.50 -13.62 9.13
C TRP A 31 -16.76 -14.51 10.30
N ALA A 32 -16.15 -14.20 11.40
CA ALA A 32 -16.38 -14.87 12.62
C ALA A 32 -17.07 -13.90 13.53
N PRO A 33 -18.05 -14.33 14.31
CA PRO A 33 -18.71 -13.42 15.18
C PRO A 33 -17.81 -13.14 16.36
N VAL A 34 -17.38 -11.90 16.47
CA VAL A 34 -16.53 -11.46 17.54
C VAL A 34 -17.08 -11.76 18.89
N LYS A 35 -18.38 -11.57 19.08
CA LYS A 35 -19.02 -11.88 20.37
C LYS A 35 -18.73 -13.33 20.79
N GLU A 36 -18.78 -14.21 19.83
CA GLU A 36 -18.51 -15.57 20.03
C GLU A 36 -17.03 -15.80 20.13
N LEU A 37 -16.27 -14.96 19.51
CA LEU A 37 -14.86 -15.13 19.42
C LEU A 37 -14.19 -14.90 20.74
N LEU A 38 -14.60 -13.86 21.48
CA LEU A 38 -13.91 -13.58 22.66
C LEU A 38 -14.47 -14.51 23.71
N ALA A 39 -15.81 -14.77 23.62
CA ALA A 39 -16.47 -15.63 24.60
C ALA A 39 -15.93 -17.04 24.55
N LYS A 40 -15.86 -17.56 23.37
CA LYS A 40 -15.42 -18.92 23.14
C LYS A 40 -13.92 -19.08 23.40
N MET A 41 -13.11 -18.10 23.01
CA MET A 41 -11.68 -18.20 23.24
C MET A 41 -11.34 -17.91 24.69
N LYS A 42 -12.26 -17.21 25.35
CA LYS A 42 -12.21 -17.00 26.79
C LYS A 42 -12.19 -18.35 27.46
N ALA A 43 -13.12 -19.21 27.05
CA ALA A 43 -13.22 -20.59 27.53
C ALA A 43 -11.97 -21.39 27.17
N LYS A 44 -11.35 -21.03 26.04
CA LYS A 44 -10.11 -21.63 25.58
C LYS A 44 -8.89 -21.09 26.39
N GLY A 45 -9.15 -20.32 27.42
CA GLY A 45 -8.10 -19.83 28.29
C GLY A 45 -7.48 -18.53 27.82
N HIS A 46 -8.30 -17.58 27.43
CA HIS A 46 -7.75 -16.27 27.01
C HIS A 46 -8.23 -15.08 27.82
N GLY A 47 -9.46 -15.13 28.31
CA GLY A 47 -10.00 -14.09 29.20
C GLY A 47 -9.92 -12.67 28.69
N ILE A 48 -10.44 -12.43 27.52
CA ILE A 48 -10.49 -11.10 26.98
C ILE A 48 -11.94 -10.69 26.85
N SER A 49 -12.24 -9.42 26.99
CA SER A 49 -13.56 -8.96 26.74
C SER A 49 -13.63 -8.48 25.29
N MET A 50 -14.78 -8.01 24.86
CA MET A 50 -15.01 -7.64 23.47
C MET A 50 -14.02 -6.55 23.04
N GLU A 51 -13.71 -5.63 23.95
CA GLU A 51 -12.82 -4.56 23.62
C GLU A 51 -11.35 -4.96 23.66
N GLU A 52 -11.06 -6.04 24.37
CA GLU A 52 -9.72 -6.59 24.35
C GLU A 52 -9.48 -7.12 22.97
N LEU A 53 -10.43 -7.91 22.46
CA LEU A 53 -10.32 -8.44 21.12
C LEU A 53 -10.33 -7.30 20.10
N LYS A 54 -11.08 -6.25 20.41
CA LYS A 54 -11.12 -5.02 19.59
C LYS A 54 -9.69 -4.48 19.41
N HIS A 55 -8.85 -4.70 20.42
CA HIS A 55 -7.47 -4.30 20.35
C HIS A 55 -6.63 -5.27 19.52
N ILE A 56 -6.94 -6.58 19.58
CA ILE A 56 -6.29 -7.57 18.72
C ILE A 56 -6.54 -7.18 17.25
N VAL A 57 -7.78 -6.99 16.93
CA VAL A 57 -8.14 -6.62 15.60
C VAL A 57 -7.61 -5.21 15.26
N GLU A 58 -7.32 -4.40 16.26
CA GLU A 58 -6.70 -3.10 16.05
C GLU A 58 -5.21 -3.28 15.70
N THR A 59 -4.65 -4.44 16.03
CA THR A 59 -3.29 -4.74 15.66
C THR A 59 -3.25 -5.45 14.30
N ASN A 60 -4.44 -5.57 13.71
CA ASN A 60 -4.62 -6.08 12.32
C ASN A 60 -3.62 -5.51 11.29
N SER A 61 -3.07 -4.33 11.54
CA SER A 61 -2.18 -3.59 10.63
C SER A 61 -1.06 -4.47 10.00
N LYS A 62 -0.68 -5.54 10.68
CA LYS A 62 0.35 -6.46 10.20
C LYS A 62 -0.22 -7.52 9.24
N LYS A 63 -1.36 -7.20 8.60
CA LYS A 63 -2.02 -8.08 7.61
C LYS A 63 -2.68 -9.25 8.29
N ARG A 64 -3.54 -8.93 9.23
CA ARG A 64 -4.16 -9.96 10.00
C ARG A 64 -5.70 -9.89 10.06
N PHE A 65 -6.29 -8.73 10.30
CA PHE A 65 -7.73 -8.71 10.67
C PHE A 65 -8.50 -7.48 10.14
N ALA A 66 -9.79 -7.46 10.42
CA ALA A 66 -10.70 -6.39 10.08
C ALA A 66 -11.92 -6.59 10.93
N PHE A 67 -12.67 -5.55 11.16
CA PHE A 67 -13.73 -5.60 12.15
C PHE A 67 -14.95 -4.86 11.60
N SER A 68 -16.13 -5.26 12.03
CA SER A 68 -17.35 -4.63 11.57
C SER A 68 -17.72 -3.38 12.42
N GLU A 69 -18.88 -2.78 12.15
CA GLU A 69 -19.31 -1.53 12.78
C GLU A 69 -19.59 -1.65 14.28
N ASN A 70 -20.31 -2.68 14.69
CA ASN A 70 -20.56 -2.89 16.14
C ASN A 70 -19.36 -3.54 16.74
N PHE A 71 -18.45 -3.95 15.85
CA PHE A 71 -17.26 -4.71 16.17
C PHE A 71 -17.73 -6.12 16.51
N GLU A 72 -18.79 -6.52 15.85
CA GLU A 72 -19.48 -7.76 16.17
C GLU A 72 -18.93 -8.93 15.35
N LYS A 73 -18.20 -8.66 14.29
CA LYS A 73 -17.70 -9.69 13.46
C LYS A 73 -16.31 -9.31 13.01
N ILE A 74 -15.43 -10.27 13.00
CA ILE A 74 -14.08 -10.06 12.53
C ILE A 74 -13.80 -10.97 11.33
N ARG A 75 -12.90 -10.54 10.48
CA ARG A 75 -12.43 -11.34 9.39
C ARG A 75 -10.93 -11.31 9.47
N ALA A 76 -10.29 -12.43 9.32
CA ALA A 76 -8.88 -12.43 9.28
C ALA A 76 -8.46 -12.38 7.81
N ASN A 77 -7.96 -11.25 7.40
CA ASN A 77 -7.52 -11.07 6.03
C ASN A 77 -6.08 -11.35 5.96
N GLN A 78 -5.70 -12.29 5.16
CA GLN A 78 -4.36 -12.73 5.16
C GLN A 78 -4.12 -13.49 3.88
N GLY A 79 -2.89 -13.49 3.44
CA GLY A 79 -2.52 -14.18 2.23
C GLY A 79 -2.62 -13.24 1.05
N HIS A 80 -3.75 -12.62 0.93
CA HIS A 80 -4.02 -11.68 -0.13
C HIS A 80 -4.66 -10.46 0.48
N SER A 81 -4.45 -9.34 -0.14
CA SER A 81 -5.00 -8.11 0.31
C SER A 81 -6.49 -8.07 -0.03
N VAL A 82 -7.30 -8.07 1.00
CA VAL A 82 -8.72 -8.06 0.85
C VAL A 82 -9.21 -6.64 0.66
N GLU A 83 -9.08 -5.81 1.69
CA GLU A 83 -9.54 -4.44 1.59
C GLU A 83 -8.88 -3.45 2.59
N VAL A 84 -7.93 -3.90 3.34
CA VAL A 84 -7.21 -3.05 4.21
C VAL A 84 -6.15 -2.38 3.42
N ASP A 85 -5.52 -3.20 2.73
CA ASP A 85 -4.28 -2.94 2.09
C ASP A 85 -4.36 -3.42 0.65
N LEU A 86 -5.55 -3.31 0.08
CA LEU A 86 -5.87 -3.92 -1.20
C LEU A 86 -5.32 -3.16 -2.40
N GLY A 87 -4.78 -2.01 -2.13
CA GLY A 87 -4.21 -1.19 -3.15
C GLY A 87 -3.04 -0.47 -2.59
N TYR A 88 -3.24 0.09 -1.43
CA TYR A 88 -2.17 0.73 -0.72
C TYR A 88 -2.26 0.35 0.73
N GLU A 89 -1.14 0.21 1.34
CA GLU A 89 -1.03 -0.16 2.71
C GLU A 89 -0.75 1.14 3.45
N LYS A 90 -1.74 1.65 4.14
CA LYS A 90 -1.58 2.90 4.82
C LYS A 90 -0.79 2.69 6.09
N GLN A 91 0.42 3.14 6.06
CA GLN A 91 1.36 2.97 7.13
C GLN A 91 2.00 4.31 7.40
N VAL A 92 2.94 4.36 8.31
CA VAL A 92 3.63 5.60 8.67
C VAL A 92 4.27 6.26 7.43
N PRO A 93 3.91 7.54 7.13
CA PRO A 93 4.36 8.21 5.93
C PRO A 93 5.74 8.84 6.10
N PRO A 94 6.69 8.48 5.26
CA PRO A 94 7.98 9.11 5.24
C PRO A 94 7.91 10.35 4.36
N ALA A 95 8.63 11.35 4.71
CA ALA A 95 8.60 12.56 3.94
C ALA A 95 9.62 12.46 2.83
N VAL A 96 10.78 11.95 3.18
CA VAL A 96 11.83 11.72 2.20
C VAL A 96 11.86 10.26 1.81
N LEU A 97 11.73 10.00 0.54
CA LEU A 97 11.77 8.62 0.06
C LEU A 97 12.37 8.54 -1.33
N PHE A 98 12.78 7.38 -1.77
CA PHE A 98 13.55 7.33 -3.00
C PHE A 98 13.01 6.37 -4.04
N HIS A 99 13.27 6.73 -5.25
CA HIS A 99 12.91 5.97 -6.41
C HIS A 99 14.14 5.85 -7.28
N GLY A 100 14.49 4.65 -7.62
CA GLY A 100 15.62 4.45 -8.50
C GLY A 100 15.21 4.58 -9.95
N THR A 101 16.07 5.14 -10.73
CA THR A 101 15.80 5.35 -12.11
C THR A 101 17.13 5.31 -12.91
N ALA A 102 17.08 5.66 -14.16
CA ALA A 102 18.21 5.54 -15.08
C ALA A 102 18.59 6.92 -15.60
N GLU A 103 19.72 7.05 -16.36
CA GLU A 103 20.22 8.38 -16.80
C GLU A 103 19.56 9.08 -18.01
N LYS A 104 19.18 8.38 -19.05
CA LYS A 104 18.43 9.04 -20.15
C LYS A 104 17.03 9.27 -19.63
N ASN A 105 16.68 8.34 -18.82
CA ASN A 105 15.44 8.30 -18.14
C ASN A 105 15.49 9.39 -17.06
N PHE A 106 16.71 9.79 -16.68
CA PHE A 106 16.96 10.84 -15.69
C PHE A 106 16.56 12.16 -16.24
N ASP A 107 16.98 12.42 -17.46
CA ASP A 107 16.60 13.65 -18.14
C ASP A 107 15.10 13.81 -18.12
N LEU A 108 14.40 12.78 -18.57
CA LEU A 108 12.93 12.85 -18.60
C LEU A 108 12.29 12.88 -17.17
N ILE A 109 12.88 12.17 -16.24
CA ILE A 109 12.31 12.04 -14.89
C ILE A 109 12.63 13.23 -14.02
N LEU A 110 13.68 13.95 -14.32
CA LEU A 110 13.94 15.16 -13.60
C LEU A 110 13.18 16.32 -14.24
N LYS A 111 12.73 16.09 -15.47
CA LYS A 111 11.90 17.02 -16.19
C LYS A 111 10.47 16.95 -15.69
N ASP A 112 9.92 15.76 -15.70
CA ASP A 112 8.51 15.53 -15.40
C ASP A 112 8.29 15.01 -13.98
N GLY A 113 9.14 14.14 -13.53
CA GLY A 113 9.00 13.56 -12.22
C GLY A 113 8.47 12.16 -12.31
N ILE A 114 8.38 11.49 -11.20
CA ILE A 114 7.80 10.17 -11.23
C ILE A 114 6.32 10.42 -11.18
N LYS A 115 5.66 10.19 -12.26
CA LYS A 115 4.29 10.58 -12.35
C LYS A 115 3.44 9.45 -12.87
N LYS A 116 3.67 9.04 -14.09
CA LYS A 116 3.02 7.88 -14.65
C LYS A 116 3.87 7.34 -15.77
N MET A 117 3.66 6.09 -16.11
CA MET A 117 4.47 5.39 -17.12
C MET A 117 3.90 4.01 -17.35
N SER A 118 3.68 3.30 -16.27
CA SER A 118 3.15 1.95 -16.34
C SER A 118 2.22 1.70 -15.15
N ARG A 119 1.85 2.77 -14.47
CA ARG A 119 1.09 2.70 -13.23
C ARG A 119 0.25 3.96 -13.15
N HIS A 120 -0.84 3.93 -12.39
CA HIS A 120 -1.67 5.12 -12.22
C HIS A 120 -1.19 5.94 -11.05
N HIS A 121 -0.45 5.30 -10.17
CA HIS A 121 0.19 5.97 -9.05
C HIS A 121 1.61 5.49 -9.01
N VAL A 122 2.52 6.31 -8.57
CA VAL A 122 3.91 5.94 -8.68
C VAL A 122 4.47 5.30 -7.46
N HIS A 123 4.89 4.10 -7.66
CA HIS A 123 5.46 3.29 -6.64
C HIS A 123 6.96 3.49 -6.71
N LEU A 124 7.62 3.38 -5.61
CA LEU A 124 9.02 3.58 -5.57
C LEU A 124 9.77 2.60 -4.69
N SER A 125 11.07 2.81 -4.62
CA SER A 125 12.02 1.91 -4.04
C SER A 125 11.96 1.85 -2.51
N GLN A 126 12.86 1.06 -1.95
CA GLN A 126 12.90 0.72 -0.53
C GLN A 126 14.33 0.36 -0.10
N ASP A 127 15.03 -0.34 -0.98
CA ASP A 127 16.43 -0.66 -0.83
C ASP A 127 17.15 0.12 -1.90
N ILE A 128 18.32 0.64 -1.58
CA ILE A 128 19.08 1.46 -2.53
C ILE A 128 19.52 0.62 -3.73
N THR A 129 19.81 -0.63 -3.46
CA THR A 129 20.23 -1.54 -4.48
C THR A 129 19.09 -1.91 -5.43
N THR A 130 17.87 -2.02 -4.92
CA THR A 130 16.75 -2.36 -5.76
C THR A 130 16.39 -1.13 -6.62
N ALA A 131 16.62 0.05 -6.04
CA ALA A 131 16.43 1.31 -6.73
C ALA A 131 17.35 1.37 -7.91
N ARG A 132 18.59 1.04 -7.66
CA ARG A 132 19.57 1.02 -8.72
C ARG A 132 19.28 -0.07 -9.74
N LYS A 133 18.85 -1.22 -9.25
CA LYS A 133 18.50 -2.38 -10.10
C LYS A 133 17.45 -2.05 -11.16
N VAL A 134 16.44 -1.28 -10.78
CA VAL A 134 15.41 -0.90 -11.73
C VAL A 134 15.94 0.16 -12.71
N GLY A 135 16.83 1.04 -12.23
CA GLY A 135 17.44 2.00 -13.12
C GLY A 135 18.34 1.31 -14.13
N MET A 136 18.94 0.24 -13.67
CA MET A 136 19.83 -0.61 -14.46
C MET A 136 19.10 -1.31 -15.58
N ARG A 137 17.78 -1.33 -15.50
CA ARG A 137 16.98 -1.91 -16.57
C ARG A 137 17.10 -1.02 -17.80
N HIS A 138 17.13 0.29 -17.58
CA HIS A 138 17.21 1.22 -18.71
C HIS A 138 18.66 1.56 -19.00
N GLY A 139 19.51 1.47 -18.00
CA GLY A 139 20.91 1.66 -18.22
C GLY A 139 21.62 2.05 -16.95
N LYS A 140 22.32 3.14 -17.00
CA LYS A 140 23.00 3.69 -15.86
C LYS A 140 21.98 4.17 -14.82
N PRO A 141 22.04 3.68 -13.58
CA PRO A 141 21.10 4.07 -12.57
C PRO A 141 21.49 5.34 -11.78
N VAL A 142 20.48 6.10 -11.44
CA VAL A 142 20.56 7.28 -10.60
C VAL A 142 19.41 7.18 -9.60
N VAL A 143 19.68 7.32 -8.35
CA VAL A 143 18.66 7.24 -7.37
C VAL A 143 18.13 8.63 -7.11
N LEU A 144 16.83 8.77 -7.17
CA LEU A 144 16.19 10.04 -6.98
C LEU A 144 15.37 10.05 -5.71
N SER A 145 15.86 10.74 -4.71
CA SER A 145 15.18 10.80 -3.44
C SER A 145 14.34 12.07 -3.38
N VAL A 146 13.06 11.92 -3.20
CA VAL A 146 12.22 13.06 -3.05
C VAL A 146 12.47 13.70 -1.72
N ASP A 147 12.78 14.96 -1.79
CA ASP A 147 13.19 15.74 -0.67
C ASP A 147 11.99 16.12 0.17
N ALA A 148 12.02 15.57 1.38
CA ALA A 148 10.97 15.63 2.39
C ALA A 148 10.32 16.97 2.49
N LYS A 149 11.13 17.96 2.49
CA LYS A 149 10.75 19.34 2.77
C LYS A 149 9.64 19.79 1.84
N GLY A 150 9.87 19.66 0.58
CA GLY A 150 8.91 20.11 -0.39
C GLY A 150 7.86 19.08 -0.63
N MET A 151 8.19 17.86 -0.27
CA MET A 151 7.35 16.72 -0.52
C MET A 151 6.17 16.75 0.45
N ALA A 152 6.51 16.87 1.73
CA ALA A 152 5.53 16.97 2.78
C ALA A 152 4.74 18.27 2.65
N ASP A 153 5.46 19.34 2.27
CA ASP A 153 4.87 20.69 2.09
C ASP A 153 3.82 20.69 0.99
N GLY A 154 3.98 19.77 0.04
CA GLY A 154 3.07 19.66 -1.08
C GLY A 154 1.71 19.10 -0.68
N GLY A 155 1.60 18.61 0.55
CA GLY A 155 0.35 18.12 1.04
C GLY A 155 0.07 16.70 0.63
N PHE A 156 1.11 15.96 0.40
CA PHE A 156 0.99 14.59 -0.02
C PHE A 156 0.98 13.66 1.19
N ASP A 157 0.18 12.62 1.12
CA ASP A 157 0.11 11.58 2.14
C ASP A 157 0.76 10.36 1.55
N PHE A 158 1.62 9.70 2.28
CA PHE A 158 2.41 8.65 1.68
C PHE A 158 2.08 7.31 2.33
N TYR A 159 2.24 6.24 1.57
CA TYR A 159 1.87 4.88 2.00
C TYR A 159 2.80 3.87 1.36
N LEU A 160 2.61 2.60 1.66
CA LEU A 160 3.42 1.52 1.07
C LEU A 160 2.55 0.62 0.24
N SER A 161 3.11 0.02 -0.77
CA SER A 161 2.39 -0.91 -1.57
C SER A 161 2.79 -2.35 -1.17
N ASN A 162 2.17 -3.31 -1.82
CA ASN A 162 2.25 -4.77 -1.50
C ASN A 162 3.66 -5.33 -1.25
N ASN A 163 4.65 -4.85 -1.97
CA ASN A 163 6.04 -5.34 -1.82
C ASN A 163 6.71 -4.83 -0.55
N GLY A 164 6.10 -3.88 0.11
CA GLY A 164 6.81 -3.20 1.15
C GLY A 164 7.63 -2.12 0.47
N VAL A 165 7.08 -1.69 -0.64
CA VAL A 165 7.62 -0.65 -1.46
C VAL A 165 6.89 0.57 -1.08
N TRP A 166 7.41 1.67 -1.36
CA TRP A 166 6.79 2.85 -0.92
C TRP A 166 5.99 3.44 -2.09
N LEU A 167 5.02 4.25 -1.80
CA LEU A 167 4.11 4.75 -2.82
C LEU A 167 3.75 6.21 -2.58
N ILE A 168 3.71 6.97 -3.66
CA ILE A 168 3.31 8.33 -3.62
C ILE A 168 2.34 8.59 -4.76
N ASP A 169 1.37 9.46 -4.53
CA ASP A 169 0.33 9.78 -5.49
C ASP A 169 0.97 10.30 -6.75
N PHE A 170 1.92 11.21 -6.59
CA PHE A 170 2.69 11.73 -7.73
C PHE A 170 3.78 12.65 -7.24
N VAL A 171 4.95 12.47 -7.78
CA VAL A 171 6.07 13.32 -7.46
C VAL A 171 6.57 14.15 -8.61
N PRO A 172 6.18 15.42 -8.67
CA PRO A 172 6.80 16.35 -9.59
C PRO A 172 8.30 16.40 -9.25
N ALA A 173 9.15 16.34 -10.26
CA ALA A 173 10.59 16.21 -10.08
C ALA A 173 11.21 17.38 -9.39
N GLU A 174 10.47 18.43 -9.30
CA GLU A 174 10.90 19.61 -8.60
C GLU A 174 11.04 19.32 -7.09
N PHE A 175 10.37 18.27 -6.63
CA PHE A 175 10.47 17.83 -5.25
C PHE A 175 11.52 16.72 -5.15
N ILE A 176 11.80 16.09 -6.28
CA ILE A 176 12.80 15.10 -6.37
C ILE A 176 14.17 15.74 -6.24
N LYS A 177 14.98 15.20 -5.39
CA LYS A 177 16.27 15.67 -5.25
C LYS A 177 17.23 14.57 -5.62
N VAL A 178 17.82 14.77 -6.72
CA VAL A 178 18.88 13.92 -7.24
C VAL A 178 20.04 13.93 -6.26
PA NAD B . 8.62 -0.06 -14.21
O1A NAD B . 8.06 0.02 -15.58
O2A NAD B . 9.42 -1.26 -13.84
O5B NAD B . 9.52 1.25 -13.94
C5B NAD B . 9.21 2.48 -14.63
C4B NAD B . 10.49 3.07 -15.24
O4B NAD B . 10.17 4.33 -15.91
C3B NAD B . 11.49 3.45 -14.18
O3B NAD B . 12.88 3.53 -14.67
C2B NAD B . 11.01 4.77 -13.78
O2B NAD B . 12.04 5.45 -13.05
C1B NAD B . 10.73 5.39 -15.10
N9A NAD B . 9.75 6.54 -15.00
C8A NAD B . 8.57 6.62 -14.25
N7A NAD B . 7.95 7.81 -14.51
C5A NAD B . 8.74 8.39 -15.37
C6A NAD B . 8.44 9.64 -15.89
N6A NAD B . 7.33 10.28 -15.56
N1A NAD B . 9.35 10.18 -16.79
C2A NAD B . 10.47 9.42 -17.07
N3A NAD B . 10.74 8.19 -16.56
C4A NAD B . 9.83 7.67 -15.68
O3 NAD B . 7.42 0.11 -13.17
PN NAD B . 7.05 -0.46 -11.71
O1N NAD B . 5.63 -0.17 -11.43
O2N NAD B . 7.54 -1.85 -11.56
O5D NAD B . 7.91 0.50 -10.74
C5D NAD B . 9.21 0.11 -10.34
C4D NAD B . 9.73 1.11 -9.31
O4D NAD B . 8.94 1.03 -8.13
C3D NAD B . 11.08 0.77 -8.85
O3D NAD B . 11.70 1.83 -8.11
C2D NAD B . 10.84 -0.40 -7.98
O2D NAD B . 11.93 -0.53 -7.05
C1D NAD B . 9.53 -0.02 -7.30
N1N NAD B . 8.55 -1.16 -7.22
C2N NAD B . 8.83 -2.46 -7.68
C3N NAD B . 7.79 -3.46 -7.60
C7N NAD B . 7.99 -4.92 -8.09
O7N NAD B . 7.07 -5.74 -8.06
N7N NAD B . 9.18 -5.22 -8.53
C4N NAD B . 6.54 -3.09 -7.08
C5N NAD B . 6.35 -1.80 -6.63
C6N NAD B . 7.34 -0.88 -6.71
H51A NAD B . 8.77 3.20 -13.96
H52A NAD B . 8.51 2.25 -15.43
H4B NAD B . 10.88 2.33 -15.95
H3B NAD B . 11.46 2.69 -13.38
HO3A NAD B . 13.03 4.06 -15.51
H2B NAD B . 10.12 4.62 -13.18
HO2A NAD B . 12.89 5.39 -13.58
H1B NAD B . 11.68 5.76 -15.50
H8A NAD B . 8.21 5.89 -13.53
H61A NAD B . 7.10 11.19 -15.91
H62A NAD B . 6.72 9.85 -14.91
H2A NAD B . 11.25 9.81 -17.74
H51N NAD B . 9.88 0.06 -11.19
H52N NAD B . 9.18 -0.89 -9.92
H4D NAD B . 9.70 2.08 -9.82
H3D NAD B . 11.74 0.56 -9.69
HO3N NAD B . 12.59 1.43 -7.87
H2D NAD B . 10.76 -1.26 -8.65
HO2N NAD B . 11.77 -1.39 -6.55
H1D NAD B . 9.65 0.25 -6.25
H2N NAD B . 9.81 -2.69 -8.09
H71N NAD B . 9.91 -4.53 -8.46
H72N NAD B . 9.39 -6.11 -8.91
H4N NAD B . 5.75 -3.81 -6.96
H5N NAD B . 5.45 -1.41 -6.17
H6N NAD B . 7.06 0.09 -6.31
N GLY A 1 -24.22 -26.21 14.36
CA GLY A 1 -22.82 -26.21 14.74
C GLY A 1 -22.34 -24.83 15.06
N SER A 2 -22.52 -24.41 16.28
CA SER A 2 -22.07 -23.10 16.67
C SER A 2 -20.64 -23.21 17.16
N HIS A 3 -19.74 -23.22 16.22
CA HIS A 3 -18.33 -23.25 16.51
C HIS A 3 -17.69 -22.05 15.91
N MET A 4 -17.27 -21.16 16.77
CA MET A 4 -16.65 -19.88 16.45
C MET A 4 -15.59 -19.99 15.33
N VAL A 5 -14.69 -20.94 15.47
CA VAL A 5 -13.62 -21.12 14.49
C VAL A 5 -14.14 -21.55 13.13
N LYS A 6 -15.23 -22.30 13.14
CA LYS A 6 -15.82 -22.81 11.92
C LYS A 6 -16.50 -21.65 11.22
N VAL A 7 -17.17 -20.81 11.99
CA VAL A 7 -17.83 -19.61 11.47
C VAL A 7 -16.77 -18.68 10.90
N SER A 8 -15.58 -18.71 11.48
CA SER A 8 -14.50 -17.83 11.07
C SER A 8 -13.94 -18.27 9.72
N LYS A 9 -13.73 -19.56 9.57
CA LYS A 9 -13.21 -20.12 8.34
C LYS A 9 -14.30 -20.03 7.26
N PHE A 10 -15.53 -20.33 7.67
CA PHE A 10 -16.67 -20.31 6.78
C PHE A 10 -16.90 -18.90 6.29
N LEU A 11 -16.68 -17.92 7.16
CA LEU A 11 -16.79 -16.51 6.82
C LEU A 11 -15.78 -16.20 5.75
N SER A 12 -14.55 -16.59 6.00
CA SER A 12 -13.44 -16.39 5.08
C SER A 12 -13.75 -17.00 3.71
N LEU A 13 -14.65 -17.95 3.67
CA LEU A 13 -15.07 -18.48 2.43
C LEU A 13 -16.27 -17.68 1.90
N VAL A 14 -17.25 -17.40 2.75
CA VAL A 14 -18.48 -16.85 2.27
C VAL A 14 -18.43 -15.34 1.94
N LEU A 15 -17.70 -14.53 2.67
CA LEU A 15 -17.72 -13.11 2.28
C LEU A 15 -16.52 -12.77 1.44
N ARG A 16 -15.52 -13.63 1.49
CA ARG A 16 -14.28 -13.39 0.80
C ARG A 16 -14.25 -14.09 -0.56
N HIS A 17 -14.77 -15.29 -0.62
CA HIS A 17 -14.68 -16.09 -1.85
C HIS A 17 -16.01 -16.21 -2.58
N ASN A 18 -16.99 -16.65 -1.87
CA ASN A 18 -18.27 -17.02 -2.45
C ASN A 18 -19.38 -16.83 -1.42
N PRO A 19 -20.22 -15.82 -1.62
CA PRO A 19 -21.27 -15.47 -0.66
C PRO A 19 -22.52 -16.29 -0.80
N ALA A 20 -22.64 -16.94 -1.93
CA ALA A 20 -23.80 -17.69 -2.34
C ALA A 20 -24.22 -18.82 -1.42
N LEU A 21 -23.38 -19.15 -0.43
CA LEU A 21 -23.70 -20.21 0.51
C LEU A 21 -24.85 -19.77 1.29
N ILE A 22 -24.68 -18.64 1.90
CA ILE A 22 -25.66 -18.19 2.80
C ILE A 22 -26.47 -17.13 2.07
N GLY A 23 -25.94 -16.72 0.93
CA GLY A 23 -26.55 -15.65 0.19
C GLY A 23 -26.14 -14.34 0.79
N LEU A 24 -24.83 -14.15 1.00
CA LEU A 24 -24.35 -12.98 1.53
C LEU A 24 -24.23 -11.90 0.45
N ASP A 25 -24.26 -10.68 0.87
CA ASP A 25 -24.26 -9.54 -0.02
C ASP A 25 -22.95 -8.83 0.11
N LEU A 26 -22.30 -8.59 -0.99
CA LEU A 26 -21.00 -7.97 -0.94
C LEU A 26 -20.96 -6.65 -1.64
N ASP A 27 -20.28 -5.74 -1.02
CA ASP A 27 -20.03 -4.41 -1.53
C ASP A 27 -18.84 -4.49 -2.50
N ALA A 28 -18.44 -3.37 -3.02
CA ALA A 28 -17.34 -3.32 -3.97
C ALA A 28 -16.04 -3.24 -3.20
N ASN A 29 -16.11 -2.63 -2.02
CA ASN A 29 -15.00 -2.50 -1.13
C ASN A 29 -14.80 -3.80 -0.34
N GLY A 30 -15.82 -4.65 -0.35
CA GLY A 30 -15.73 -5.94 0.32
C GLY A 30 -16.51 -6.04 1.61
N TRP A 31 -17.47 -5.15 1.80
CA TRP A 31 -18.32 -5.18 2.98
C TRP A 31 -19.49 -6.10 2.78
N ALA A 32 -19.88 -6.75 3.81
CA ALA A 32 -21.01 -7.60 3.84
C ALA A 32 -21.84 -7.18 5.02
N PRO A 33 -23.16 -7.18 4.91
CA PRO A 33 -23.97 -6.81 6.02
C PRO A 33 -24.00 -7.96 7.00
N VAL A 34 -23.44 -7.73 8.16
CA VAL A 34 -23.40 -8.67 9.22
C VAL A 34 -24.73 -9.23 9.55
N LYS A 35 -25.75 -8.40 9.55
CA LYS A 35 -27.09 -8.78 9.79
C LYS A 35 -27.49 -9.98 8.91
N GLU A 36 -27.12 -9.94 7.65
CA GLU A 36 -27.38 -10.97 6.73
C GLU A 36 -26.38 -12.09 6.89
N LEU A 37 -25.26 -11.77 7.44
CA LEU A 37 -24.19 -12.68 7.54
C LEU A 37 -24.45 -13.68 8.63
N LEU A 38 -24.91 -13.24 9.80
CA LEU A 38 -25.02 -14.13 10.85
C LEU A 38 -26.33 -14.86 10.66
N ALA A 39 -27.38 -14.11 10.19
CA ALA A 39 -28.73 -14.67 10.04
C ALA A 39 -28.75 -15.77 9.00
N LYS A 40 -28.14 -15.49 7.89
CA LYS A 40 -28.11 -16.44 6.78
C LYS A 40 -27.18 -17.61 7.07
N MET A 41 -26.04 -17.35 7.68
CA MET A 41 -25.14 -18.44 7.95
C MET A 41 -25.64 -19.24 9.16
N LYS A 42 -26.47 -18.60 9.96
CA LYS A 42 -27.21 -19.22 11.06
C LYS A 42 -28.00 -20.39 10.52
N ALA A 43 -28.82 -20.10 9.50
CA ALA A 43 -29.64 -21.10 8.82
C ALA A 43 -28.77 -22.12 8.09
N LYS A 44 -27.54 -21.70 7.81
CA LYS A 44 -26.53 -22.55 7.19
C LYS A 44 -25.93 -23.55 8.24
N GLY A 45 -26.50 -23.58 9.43
CA GLY A 45 -26.11 -24.54 10.43
C GLY A 45 -25.14 -23.99 11.44
N HIS A 46 -25.13 -22.69 11.64
CA HIS A 46 -24.21 -22.12 12.62
C HIS A 46 -24.87 -21.82 13.93
N GLY A 47 -25.85 -20.95 13.93
CA GLY A 47 -26.50 -20.63 15.18
C GLY A 47 -25.69 -19.66 16.00
N ILE A 48 -25.34 -18.54 15.40
CA ILE A 48 -24.63 -17.51 16.08
C ILE A 48 -25.44 -16.23 15.96
N SER A 49 -25.49 -15.45 17.00
CA SER A 49 -26.12 -14.17 16.96
C SER A 49 -25.06 -13.13 16.60
N MET A 50 -25.46 -11.86 16.54
CA MET A 50 -24.60 -10.77 16.14
C MET A 50 -23.26 -10.78 16.87
N GLU A 51 -23.31 -10.86 18.17
CA GLU A 51 -22.14 -10.77 18.99
C GLU A 51 -21.24 -12.01 18.86
N GLU A 52 -21.80 -13.12 18.41
CA GLU A 52 -21.00 -14.30 18.17
C GLU A 52 -20.12 -14.03 16.99
N LEU A 53 -20.73 -13.55 15.89
CA LEU A 53 -19.96 -13.21 14.72
C LEU A 53 -19.01 -12.03 15.08
N LYS A 54 -19.45 -11.18 15.98
CA LYS A 54 -18.65 -10.06 16.46
C LYS A 54 -17.36 -10.58 17.11
N HIS A 55 -17.42 -11.78 17.63
CA HIS A 55 -16.25 -12.45 18.18
C HIS A 55 -15.37 -12.99 17.05
N ILE A 56 -15.98 -13.49 15.97
CA ILE A 56 -15.23 -13.91 14.79
C ILE A 56 -14.44 -12.68 14.24
N VAL A 57 -15.14 -11.62 14.03
CA VAL A 57 -14.53 -10.43 13.52
C VAL A 57 -13.57 -9.86 14.59
N GLU A 58 -13.79 -10.20 15.85
CA GLU A 58 -12.90 -9.78 16.92
C GLU A 58 -11.57 -10.51 16.80
N THR A 59 -11.58 -11.70 16.18
CA THR A 59 -10.36 -12.44 15.99
C THR A 59 -9.68 -12.02 14.70
N ASN A 60 -10.25 -10.97 14.08
CA ASN A 60 -9.61 -10.26 12.92
C ASN A 60 -8.11 -9.90 13.13
N SER A 61 -7.59 -9.97 14.37
CA SER A 61 -6.23 -9.54 14.73
C SER A 61 -5.13 -10.14 13.82
N LYS A 62 -5.41 -11.26 13.19
CA LYS A 62 -4.46 -11.90 12.30
C LYS A 62 -4.56 -11.26 10.87
N LYS A 63 -5.25 -10.13 10.80
CA LYS A 63 -5.51 -9.40 9.56
C LYS A 63 -6.43 -10.15 8.64
N ARG A 64 -7.57 -10.47 9.20
CA ARG A 64 -8.56 -11.25 8.49
C ARG A 64 -9.89 -10.49 8.28
N PHE A 65 -10.29 -9.64 9.24
CA PHE A 65 -11.65 -9.03 9.22
C PHE A 65 -11.66 -7.59 9.79
N ALA A 66 -12.81 -6.95 9.76
CA ALA A 66 -12.99 -5.59 10.22
C ALA A 66 -14.48 -5.36 10.39
N PHE A 67 -14.85 -4.44 11.23
CA PHE A 67 -16.25 -4.30 11.58
C PHE A 67 -16.66 -2.81 11.60
N SER A 68 -17.82 -2.53 11.03
CA SER A 68 -18.34 -1.18 10.88
C SER A 68 -18.87 -0.60 12.24
N GLU A 69 -19.41 0.63 12.19
CA GLU A 69 -19.84 1.43 13.37
C GLU A 69 -20.86 0.71 14.26
N ASN A 70 -21.96 0.27 13.66
CA ASN A 70 -23.03 -0.43 14.43
C ASN A 70 -22.62 -1.86 14.62
N PHE A 71 -21.54 -2.23 13.92
CA PHE A 71 -21.04 -3.58 13.88
C PHE A 71 -21.99 -4.45 13.05
N GLU A 72 -22.76 -3.79 12.19
CA GLU A 72 -23.75 -4.43 11.35
C GLU A 72 -23.18 -4.73 9.96
N LYS A 73 -21.93 -4.40 9.75
CA LYS A 73 -21.27 -4.67 8.50
C LYS A 73 -19.86 -5.09 8.78
N ILE A 74 -19.46 -6.14 8.15
CA ILE A 74 -18.12 -6.62 8.26
C ILE A 74 -17.43 -6.48 6.92
N ARG A 75 -16.16 -6.44 6.95
CA ARG A 75 -15.37 -6.44 5.78
C ARG A 75 -14.25 -7.38 6.06
N ALA A 76 -14.01 -8.29 5.18
CA ALA A 76 -12.85 -9.11 5.31
C ALA A 76 -11.68 -8.22 4.93
N ASN A 77 -10.56 -8.37 5.58
CA ASN A 77 -9.43 -7.47 5.31
C ASN A 77 -8.90 -7.70 3.92
N GLN A 78 -8.94 -6.66 3.13
CA GLN A 78 -8.56 -6.75 1.73
C GLN A 78 -8.10 -5.39 1.21
N GLY A 79 -7.04 -4.90 1.82
CA GLY A 79 -6.45 -3.65 1.40
C GLY A 79 -5.60 -3.86 0.19
N HIS A 80 -5.16 -5.10 0.03
CA HIS A 80 -4.36 -5.53 -1.10
C HIS A 80 -5.19 -5.52 -2.38
N SER A 81 -4.62 -4.90 -3.39
CA SER A 81 -5.20 -4.79 -4.71
C SER A 81 -6.62 -4.21 -4.70
N VAL A 82 -6.72 -2.94 -4.41
CA VAL A 82 -7.97 -2.26 -4.50
C VAL A 82 -8.05 -1.59 -5.86
N GLU A 83 -7.06 -0.78 -6.12
CA GLU A 83 -6.91 -0.14 -7.41
C GLU A 83 -6.21 -1.11 -8.33
N VAL A 84 -5.02 -1.39 -7.96
CA VAL A 84 -4.14 -2.38 -8.56
C VAL A 84 -3.42 -3.08 -7.45
N ASP A 85 -3.03 -2.25 -6.53
CA ASP A 85 -2.43 -2.49 -5.22
C ASP A 85 -1.63 -1.26 -4.92
N LEU A 86 -2.27 -0.28 -4.36
CA LEU A 86 -1.67 0.99 -4.19
C LEU A 86 -1.28 1.30 -2.76
N GLY A 87 -1.68 0.50 -1.80
CA GLY A 87 -1.23 0.73 -0.47
C GLY A 87 -2.27 1.24 0.48
N TYR A 88 -3.47 0.69 0.39
CA TYR A 88 -4.49 1.03 1.36
C TYR A 88 -4.29 0.20 2.61
N GLU A 89 -3.62 0.79 3.58
CA GLU A 89 -3.26 0.12 4.81
C GLU A 89 -2.97 1.16 5.89
N LYS A 90 -2.16 2.14 5.50
CA LYS A 90 -1.69 3.21 6.37
C LYS A 90 -0.62 2.73 7.31
N GLN A 91 0.59 2.90 6.88
CA GLN A 91 1.76 2.50 7.62
C GLN A 91 2.55 3.75 7.89
N VAL A 92 3.72 3.62 8.48
CA VAL A 92 4.56 4.76 8.71
C VAL A 92 5.00 5.39 7.36
N PRO A 93 4.61 6.64 7.12
CA PRO A 93 4.87 7.31 5.86
C PRO A 93 6.30 7.84 5.76
N PRO A 94 7.02 7.52 4.69
CA PRO A 94 8.32 8.08 4.45
C PRO A 94 8.19 9.48 3.90
N ALA A 95 8.97 10.38 4.43
CA ALA A 95 8.92 11.74 3.97
C ALA A 95 9.82 11.85 2.76
N VAL A 96 10.95 11.19 2.85
CA VAL A 96 11.90 11.13 1.77
C VAL A 96 11.84 9.77 1.14
N LEU A 97 11.64 9.75 -0.15
CA LEU A 97 11.48 8.48 -0.84
C LEU A 97 12.35 8.35 -2.07
N PHE A 98 13.12 7.28 -2.08
CA PHE A 98 14.09 6.97 -3.13
C PHE A 98 13.35 6.52 -4.37
N HIS A 99 13.99 6.56 -5.50
CA HIS A 99 13.39 6.08 -6.71
C HIS A 99 14.44 5.64 -7.69
N GLY A 100 14.25 4.47 -8.22
CA GLY A 100 15.15 3.91 -9.19
C GLY A 100 14.82 4.35 -10.57
N THR A 101 15.81 4.74 -11.30
CA THR A 101 15.65 5.21 -12.64
C THR A 101 16.96 5.06 -13.42
N ALA A 102 16.89 5.33 -14.71
CA ALA A 102 17.97 5.17 -15.65
C ALA A 102 18.40 6.55 -16.13
N GLU A 103 19.50 6.64 -16.90
CA GLU A 103 20.06 7.94 -17.32
C GLU A 103 19.41 8.67 -18.52
N LYS A 104 18.99 7.98 -19.55
CA LYS A 104 18.23 8.68 -20.63
C LYS A 104 16.83 8.90 -20.12
N ASN A 105 16.49 8.01 -19.26
CA ASN A 105 15.28 8.00 -18.52
C ASN A 105 15.39 9.11 -17.47
N PHE A 106 16.64 9.50 -17.15
CA PHE A 106 16.94 10.55 -16.20
C PHE A 106 16.56 11.87 -16.75
N ASP A 107 16.97 12.13 -17.97
CA ASP A 107 16.62 13.38 -18.64
C ASP A 107 15.14 13.55 -18.63
N LEU A 108 14.45 12.52 -19.04
CA LEU A 108 13.01 12.56 -19.09
C LEU A 108 12.37 12.74 -17.68
N ILE A 109 12.86 11.97 -16.73
CA ILE A 109 12.30 11.93 -15.37
C ILE A 109 12.62 13.16 -14.57
N LEU A 110 13.74 13.78 -14.82
CA LEU A 110 14.04 14.97 -14.14
C LEU A 110 13.43 16.17 -14.83
N LYS A 111 12.99 15.95 -16.04
CA LYS A 111 12.36 16.96 -16.82
C LYS A 111 10.90 17.12 -16.42
N ASP A 112 10.15 16.03 -16.32
CA ASP A 112 8.75 16.16 -15.90
C ASP A 112 8.48 15.60 -14.50
N GLY A 113 9.14 14.51 -14.14
CA GLY A 113 8.93 13.91 -12.83
C GLY A 113 8.17 12.60 -12.90
N ILE A 114 8.15 11.88 -11.79
CA ILE A 114 7.43 10.63 -11.74
C ILE A 114 5.99 10.99 -11.55
N LYS A 115 5.22 10.76 -12.54
CA LYS A 115 3.84 11.19 -12.51
C LYS A 115 2.95 10.04 -12.75
N LYS A 116 3.11 9.42 -13.89
CA LYS A 116 2.33 8.29 -14.25
C LYS A 116 3.13 7.34 -15.10
N MET A 117 3.41 7.74 -16.35
CA MET A 117 4.11 6.88 -17.32
C MET A 117 3.29 5.58 -17.44
N SER A 118 1.97 5.80 -17.49
CA SER A 118 0.94 4.78 -17.58
C SER A 118 0.79 4.05 -16.26
N ARG A 119 0.30 4.78 -15.29
CA ARG A 119 0.13 4.34 -13.93
C ARG A 119 -0.96 5.25 -13.38
N HIS A 120 -1.54 4.92 -12.25
CA HIS A 120 -2.54 5.82 -11.70
C HIS A 120 -1.90 6.68 -10.61
N HIS A 121 -1.09 6.06 -9.79
CA HIS A 121 -0.28 6.77 -8.81
C HIS A 121 1.12 6.23 -9.04
N VAL A 122 2.14 6.85 -8.54
CA VAL A 122 3.47 6.37 -8.81
C VAL A 122 4.21 5.83 -7.61
N HIS A 123 4.89 4.74 -7.84
CA HIS A 123 5.64 4.05 -6.83
C HIS A 123 7.12 4.32 -6.92
N LEU A 124 7.66 4.74 -5.82
CA LEU A 124 9.05 5.00 -5.65
C LEU A 124 9.69 3.82 -4.89
N SER A 125 10.97 3.88 -4.72
CA SER A 125 11.73 2.78 -4.21
C SER A 125 11.88 2.84 -2.69
N GLN A 126 11.87 1.67 -2.08
CA GLN A 126 11.89 1.51 -0.64
C GLN A 126 13.31 1.64 -0.08
N ASP A 127 14.30 1.37 -0.91
CA ASP A 127 15.69 1.46 -0.50
C ASP A 127 16.50 2.01 -1.64
N ILE A 128 17.53 2.75 -1.30
CA ILE A 128 18.43 3.35 -2.29
C ILE A 128 19.15 2.27 -3.12
N THR A 129 19.48 1.20 -2.44
CA THR A 129 20.17 0.07 -3.00
C THR A 129 19.36 -0.59 -4.12
N THR A 130 18.12 -0.89 -3.84
CA THR A 130 17.25 -1.50 -4.79
C THR A 130 16.89 -0.49 -5.91
N ALA A 131 16.80 0.79 -5.53
CA ALA A 131 16.50 1.86 -6.48
C ALA A 131 17.52 1.88 -7.60
N ARG A 132 18.75 1.90 -7.22
CA ARG A 132 19.83 1.95 -8.20
C ARG A 132 19.94 0.64 -8.98
N LYS A 133 19.63 -0.45 -8.31
CA LYS A 133 19.69 -1.77 -8.91
C LYS A 133 18.58 -1.96 -9.95
N VAL A 134 17.42 -1.36 -9.74
CA VAL A 134 16.33 -1.48 -10.70
C VAL A 134 16.47 -0.48 -11.85
N GLY A 135 17.21 0.60 -11.60
CA GLY A 135 17.47 1.58 -12.65
C GLY A 135 18.33 0.96 -13.71
N MET A 136 19.22 0.08 -13.26
CA MET A 136 20.14 -0.75 -14.10
C MET A 136 19.38 -1.49 -15.21
N ARG A 137 18.11 -1.78 -14.97
CA ARG A 137 17.28 -2.55 -15.90
C ARG A 137 16.91 -1.70 -17.13
N HIS A 138 16.95 -0.40 -16.99
CA HIS A 138 16.62 0.49 -18.10
C HIS A 138 17.86 1.00 -18.78
N GLY A 139 18.94 1.04 -18.04
CA GLY A 139 20.20 1.42 -18.58
C GLY A 139 21.10 1.77 -17.46
N LYS A 140 21.96 2.73 -17.68
CA LYS A 140 22.81 3.23 -16.63
C LYS A 140 21.91 3.92 -15.61
N PRO A 141 22.00 3.58 -14.33
CA PRO A 141 21.07 4.05 -13.32
C PRO A 141 21.42 5.40 -12.67
N VAL A 142 20.41 5.96 -12.06
CA VAL A 142 20.49 7.17 -11.27
C VAL A 142 19.43 7.03 -10.17
N VAL A 143 19.75 7.42 -8.97
CA VAL A 143 18.83 7.35 -7.89
C VAL A 143 18.18 8.72 -7.75
N LEU A 144 16.88 8.75 -7.66
CA LEU A 144 16.17 10.00 -7.48
C LEU A 144 15.30 9.95 -6.24
N SER A 145 15.73 10.57 -5.19
CA SER A 145 15.00 10.54 -3.93
C SER A 145 14.31 11.86 -3.67
N VAL A 146 13.00 11.85 -3.53
CA VAL A 146 12.28 13.09 -3.29
C VAL A 146 12.53 13.62 -1.90
N ASP A 147 12.67 14.92 -1.85
CA ASP A 147 12.98 15.67 -0.65
C ASP A 147 11.86 15.66 0.35
N ALA A 148 12.14 15.06 1.49
CA ALA A 148 11.23 14.89 2.60
C ALA A 148 10.38 16.12 2.87
N LYS A 149 11.03 17.24 3.06
CA LYS A 149 10.36 18.44 3.53
C LYS A 149 9.45 18.99 2.48
N GLY A 150 9.83 18.79 1.23
CA GLY A 150 9.04 19.26 0.14
C GLY A 150 7.72 18.53 0.06
N MET A 151 7.76 17.23 0.31
CA MET A 151 6.56 16.43 0.23
C MET A 151 5.76 16.37 1.51
N ALA A 152 6.43 16.16 2.62
CA ALA A 152 5.77 16.01 3.90
C ALA A 152 5.02 17.27 4.30
N ASP A 153 5.63 18.43 4.06
CA ASP A 153 5.01 19.71 4.42
C ASP A 153 3.76 19.98 3.59
N GLY A 154 3.67 19.33 2.45
CA GLY A 154 2.54 19.49 1.57
C GLY A 154 1.33 18.70 2.06
N GLY A 155 1.50 17.97 3.16
CA GLY A 155 0.41 17.23 3.74
C GLY A 155 0.15 15.95 2.99
N PHE A 156 1.15 15.48 2.27
CA PHE A 156 1.07 14.26 1.49
C PHE A 156 0.88 13.04 2.36
N ASP A 157 0.09 12.14 1.87
CA ASP A 157 -0.10 10.83 2.47
C ASP A 157 0.51 9.85 1.53
N PHE A 158 1.50 9.14 1.98
CA PHE A 158 2.20 8.27 1.09
C PHE A 158 1.72 6.86 1.37
N TYR A 159 1.57 6.08 0.35
CA TYR A 159 0.97 4.76 0.47
C TYR A 159 2.04 3.71 0.28
N LEU A 160 1.85 2.52 0.81
CA LEU A 160 2.81 1.45 0.59
C LEU A 160 2.11 0.19 0.13
N SER A 161 2.41 -0.25 -1.09
CA SER A 161 1.85 -1.48 -1.65
C SER A 161 2.38 -2.71 -0.86
N ASN A 162 1.90 -3.91 -1.19
CA ASN A 162 2.20 -5.14 -0.40
C ASN A 162 3.71 -5.43 -0.20
N ASN A 163 4.55 -5.04 -1.16
CA ASN A 163 6.01 -5.29 -1.04
C ASN A 163 6.69 -4.29 -0.12
N GLY A 164 5.99 -3.25 0.26
CA GLY A 164 6.56 -2.24 1.11
C GLY A 164 7.24 -1.15 0.33
N VAL A 165 6.78 -0.96 -0.89
CA VAL A 165 7.27 0.10 -1.75
C VAL A 165 6.64 1.42 -1.35
N TRP A 166 7.27 2.51 -1.71
CA TRP A 166 6.82 3.80 -1.23
C TRP A 166 6.12 4.57 -2.35
N LEU A 167 4.84 4.73 -2.25
CA LEU A 167 4.06 5.41 -3.26
C LEU A 167 3.73 6.81 -2.86
N ILE A 168 3.52 7.60 -3.86
CA ILE A 168 3.12 8.95 -3.72
C ILE A 168 2.17 9.21 -4.86
N ASP A 169 1.25 10.13 -4.71
CA ASP A 169 0.33 10.38 -5.79
C ASP A 169 1.06 10.96 -6.97
N PHE A 170 2.00 11.87 -6.69
CA PHE A 170 2.73 12.50 -7.79
C PHE A 170 3.97 13.20 -7.29
N VAL A 171 5.07 12.97 -7.95
CA VAL A 171 6.28 13.66 -7.65
C VAL A 171 6.84 14.44 -8.81
N PRO A 172 6.61 15.75 -8.84
CA PRO A 172 7.26 16.62 -9.79
C PRO A 172 8.76 16.55 -9.50
N ALA A 173 9.57 16.52 -10.53
CA ALA A 173 10.99 16.27 -10.39
C ALA A 173 11.72 17.38 -9.69
N GLU A 174 11.09 18.49 -9.60
CA GLU A 174 11.59 19.63 -8.89
C GLU A 174 11.60 19.36 -7.35
N PHE A 175 10.84 18.34 -6.94
CA PHE A 175 10.85 17.89 -5.56
C PHE A 175 11.75 16.66 -5.45
N ILE A 176 12.00 16.02 -6.59
CA ILE A 176 12.88 14.90 -6.69
C ILE A 176 14.30 15.37 -6.49
N LYS A 177 15.07 14.64 -5.73
CA LYS A 177 16.39 15.00 -5.51
C LYS A 177 17.34 14.00 -6.02
N VAL A 178 17.91 14.42 -7.07
CA VAL A 178 18.95 13.71 -7.78
C VAL A 178 20.19 13.68 -6.92
PA NAD B . 8.10 0.84 -12.51
O1A NAD B . 8.42 1.23 -11.12
O2A NAD B . 6.75 1.19 -13.03
O5B NAD B . 9.20 1.50 -13.47
C5B NAD B . 8.83 2.56 -14.35
C4B NAD B . 10.07 3.02 -15.14
O4B NAD B . 9.72 4.20 -15.90
C3B NAD B . 11.16 3.46 -14.20
O3B NAD B . 12.51 3.40 -14.81
C2B NAD B . 10.78 4.85 -13.94
O2B NAD B . 11.91 5.53 -13.37
C1B NAD B . 10.47 5.29 -15.32
N9A NAD B . 9.72 6.59 -15.35
C8A NAD B . 8.64 7.05 -14.58
N7A NAD B . 8.40 8.35 -14.91
C5A NAD B . 9.28 8.61 -15.81
C6A NAD B . 9.36 9.86 -16.42
N6A NAD B . 8.57 10.84 -16.09
N1A NAD B . 10.34 10.02 -17.36
C2A NAD B . 11.14 8.95 -17.63
N3A NAD B . 11.04 7.75 -17.04
C4A NAD B . 10.08 7.58 -16.11
O3 NAD B . 8.35 -0.73 -12.70
PN NAD B . 8.67 -2.00 -11.77
O1N NAD B . 7.89 -1.88 -10.51
O2N NAD B . 8.50 -3.24 -12.59
O5D NAD B . 10.26 -1.82 -11.47
C5D NAD B . 10.83 -1.93 -10.13
C4D NAD B . 10.69 -0.60 -9.35
O4D NAD B . 9.31 -0.47 -8.90
C3D NAD B . 11.48 -0.63 -8.09
O3D NAD B . 11.65 0.67 -7.50
C2D NAD B . 10.65 -1.45 -7.21
O2D NAD B . 11.07 -1.28 -5.85
C1D NAD B . 9.30 -0.85 -7.48
N1N NAD B . 8.18 -1.80 -7.19
C2N NAD B . 8.36 -3.18 -7.14
C3N NAD B . 7.26 -4.03 -6.82
C7N NAD B . 7.40 -5.56 -6.86
O7N NAD B . 6.41 -6.28 -6.70
N7N NAD B . 8.59 -6.05 -7.12
C4N NAD B . 6.03 -3.43 -6.54
C5N NAD B . 5.91 -2.05 -6.59
C6N NAD B . 6.98 -1.27 -6.92
H51A NAD B . 8.45 3.40 -13.77
H52A NAD B . 8.07 2.21 -15.04
H4B NAD B . 10.35 2.19 -15.79
H3B NAD B . 11.16 2.82 -13.31
HO3A NAD B . 12.63 3.87 -15.68
H2B NAD B . 9.91 4.86 -13.28
HO2A NAD B . 12.72 5.10 -13.77
H1B NAD B . 11.44 5.44 -15.80
H8A NAD B . 8.04 6.53 -13.83
H61A NAD B . 8.64 11.74 -16.52
H62A NAD B . 7.88 10.67 -15.38
H2A NAD B . 11.97 9.06 -18.31
H51N NAD B . 11.88 -2.15 -10.24
H52N NAD B . 10.40 -2.76 -9.58
H4D NAD B . 11.02 0.18 -10.05
H3D NAD B . 12.48 -1.00 -8.25
HO3N NAD B . 12.09 0.44 -6.62
H2D NAD B . 10.75 -2.47 -7.55
HO2N NAD B . 10.51 -1.93 -5.33
H1D NAD B . 9.15 -0.01 -6.81
H2N NAD B . 9.34 -3.60 -7.30
H71N NAD B . 9.38 -5.44 -7.27
H72N NAD B . 8.75 -7.03 -7.14
H4N NAD B . 5.15 -4.02 -6.26
H5N NAD B . 5.03 -1.47 -6.35
H6N NAD B . 6.79 -0.21 -6.92
N GLY A 1 -11.58 21.02 12.04
CA GLY A 1 -12.99 21.18 12.42
C GLY A 1 -13.55 19.91 12.98
N SER A 2 -14.02 19.96 14.22
CA SER A 2 -14.54 18.80 14.95
C SER A 2 -15.78 18.23 14.25
N HIS A 3 -16.57 19.10 13.66
CA HIS A 3 -17.75 18.67 12.94
C HIS A 3 -17.36 17.98 11.63
N MET A 4 -16.39 18.58 10.93
CA MET A 4 -15.91 18.01 9.65
C MET A 4 -15.27 16.64 9.85
N VAL A 5 -14.38 16.53 10.83
CA VAL A 5 -13.67 15.26 11.10
C VAL A 5 -14.61 14.16 11.52
N LYS A 6 -15.74 14.55 12.03
CA LYS A 6 -16.77 13.65 12.46
C LYS A 6 -17.42 13.00 11.25
N VAL A 7 -17.82 13.82 10.31
CA VAL A 7 -18.46 13.36 9.09
C VAL A 7 -17.45 12.62 8.22
N SER A 8 -16.17 12.94 8.36
CA SER A 8 -15.16 12.36 7.48
C SER A 8 -14.78 10.95 7.89
N LYS A 9 -14.55 10.74 9.17
CA LYS A 9 -14.27 9.40 9.65
C LYS A 9 -15.53 8.55 9.55
N PHE A 10 -16.67 9.20 9.70
CA PHE A 10 -17.92 8.52 9.61
C PHE A 10 -18.21 8.21 8.14
N LEU A 11 -17.61 8.96 7.22
CA LEU A 11 -17.74 8.70 5.82
C LEU A 11 -17.08 7.38 5.50
N SER A 12 -15.80 7.27 5.89
CA SER A 12 -15.06 6.04 5.74
C SER A 12 -15.74 4.87 6.48
N LEU A 13 -16.62 5.18 7.40
CA LEU A 13 -17.42 4.18 8.02
C LEU A 13 -18.64 3.86 7.10
N VAL A 14 -19.33 4.89 6.65
CA VAL A 14 -20.56 4.71 5.93
C VAL A 14 -20.43 4.12 4.53
N LEU A 15 -19.69 4.75 3.63
CA LEU A 15 -19.68 4.25 2.24
C LEU A 15 -18.70 3.11 2.07
N ARG A 16 -18.05 2.75 3.15
CA ARG A 16 -17.06 1.73 3.11
C ARG A 16 -17.50 0.46 3.87
N HIS A 17 -18.20 0.61 4.98
CA HIS A 17 -18.45 -0.56 5.82
C HIS A 17 -19.87 -1.08 5.83
N ASN A 18 -20.83 -0.23 6.09
CA ASN A 18 -22.20 -0.72 6.28
C ASN A 18 -23.23 0.33 5.83
N PRO A 19 -23.10 0.84 4.55
CA PRO A 19 -23.78 2.07 4.03
C PRO A 19 -25.25 2.26 4.42
N ALA A 20 -25.97 1.18 4.55
CA ALA A 20 -27.35 1.16 4.94
C ALA A 20 -27.67 1.86 6.29
N LEU A 21 -26.64 2.29 7.06
CA LEU A 21 -26.80 2.95 8.24
C LEU A 21 -27.46 4.26 7.99
N ILE A 22 -26.96 5.01 7.02
CA ILE A 22 -27.56 6.27 6.74
C ILE A 22 -28.56 6.03 5.62
N GLY A 23 -28.43 4.86 5.02
CA GLY A 23 -29.21 4.48 3.89
C GLY A 23 -28.52 4.83 2.60
N LEU A 24 -27.19 4.62 2.56
CA LEU A 24 -26.43 4.92 1.43
C LEU A 24 -26.36 3.75 0.44
N ASP A 25 -26.20 4.07 -0.82
CA ASP A 25 -26.13 3.11 -1.92
C ASP A 25 -24.75 3.09 -2.47
N LEU A 26 -24.21 1.93 -2.69
CA LEU A 26 -22.85 1.81 -3.14
C LEU A 26 -22.73 1.08 -4.46
N ASP A 27 -21.80 1.56 -5.24
CA ASP A 27 -21.45 0.98 -6.53
C ASP A 27 -20.33 -0.05 -6.29
N ALA A 28 -19.81 -0.63 -7.33
CA ALA A 28 -18.76 -1.62 -7.22
C ALA A 28 -17.41 -0.95 -7.15
N ASN A 29 -17.32 0.23 -7.75
CA ASN A 29 -16.13 1.02 -7.72
C ASN A 29 -16.08 1.87 -6.46
N GLY A 30 -17.04 1.69 -5.59
CA GLY A 30 -17.05 2.39 -4.33
C GLY A 30 -17.65 3.77 -4.44
N TRP A 31 -18.56 3.93 -5.38
CA TRP A 31 -19.24 5.21 -5.55
C TRP A 31 -20.48 5.23 -4.70
N ALA A 32 -20.77 6.36 -4.16
CA ALA A 32 -21.97 6.61 -3.45
C ALA A 32 -22.51 7.91 -3.95
N PRO A 33 -23.84 8.05 -4.09
CA PRO A 33 -24.37 9.28 -4.54
C PRO A 33 -24.30 10.27 -3.41
N VAL A 34 -23.51 11.30 -3.59
CA VAL A 34 -23.33 12.33 -2.60
C VAL A 34 -24.61 12.95 -2.16
N LYS A 35 -25.49 13.20 -3.10
CA LYS A 35 -26.76 13.75 -2.84
C LYS A 35 -27.51 12.94 -1.75
N GLU A 36 -27.39 11.64 -1.82
CA GLU A 36 -27.95 10.78 -0.85
C GLU A 36 -27.06 10.75 0.38
N LEU A 37 -25.80 10.93 0.18
CA LEU A 37 -24.84 10.76 1.22
C LEU A 37 -24.99 11.83 2.26
N LEU A 38 -25.21 13.07 1.86
CA LEU A 38 -25.26 14.09 2.81
C LEU A 38 -26.67 14.08 3.38
N ALA A 39 -27.67 13.81 2.48
CA ALA A 39 -29.08 13.82 2.91
C ALA A 39 -29.34 12.75 3.96
N LYS A 40 -28.88 11.58 3.65
CA LYS A 40 -29.06 10.41 4.50
C LYS A 40 -28.25 10.51 5.79
N MET A 41 -27.01 10.99 5.70
CA MET A 41 -26.19 11.07 6.89
C MET A 41 -26.56 12.29 7.72
N LYS A 42 -27.21 13.26 7.09
CA LYS A 42 -27.78 14.41 7.80
C LYS A 42 -28.78 13.89 8.81
N ALA A 43 -29.67 13.03 8.33
CA ALA A 43 -30.67 12.36 9.16
C ALA A 43 -30.01 11.44 10.19
N LYS A 44 -28.81 10.96 9.87
CA LYS A 44 -27.99 10.16 10.78
C LYS A 44 -27.32 11.08 11.84
N GLY A 45 -27.59 12.35 11.77
CA GLY A 45 -27.08 13.28 12.73
C GLY A 45 -25.77 13.86 12.30
N HIS A 46 -25.73 14.38 11.10
CA HIS A 46 -24.50 15.02 10.65
C HIS A 46 -24.61 16.48 10.26
N GLY A 47 -25.80 16.93 9.84
CA GLY A 47 -26.00 18.36 9.48
C GLY A 47 -25.05 18.92 8.49
N ILE A 48 -24.84 18.22 7.42
CA ILE A 48 -24.03 18.69 6.37
C ILE A 48 -24.85 18.91 5.14
N SER A 49 -24.57 19.97 4.46
CA SER A 49 -25.14 20.23 3.18
C SER A 49 -24.20 19.64 2.13
N MET A 50 -24.55 19.74 0.84
CA MET A 50 -23.79 19.07 -0.23
C MET A 50 -22.32 19.50 -0.15
N GLU A 51 -22.11 20.79 -0.07
CA GLU A 51 -20.77 21.32 -0.03
C GLU A 51 -20.08 21.13 1.32
N GLU A 52 -20.82 20.87 2.38
CA GLU A 52 -20.18 20.57 3.65
C GLU A 52 -19.50 19.22 3.51
N LEU A 53 -20.22 18.24 2.95
CA LEU A 53 -19.64 16.94 2.68
C LEU A 53 -18.50 17.13 1.66
N LYS A 54 -18.68 18.06 0.72
CA LYS A 54 -17.64 18.39 -0.24
C LYS A 54 -16.36 18.77 0.47
N HIS A 55 -16.47 19.33 1.65
CA HIS A 55 -15.29 19.67 2.44
C HIS A 55 -14.65 18.40 2.99
N ILE A 56 -15.48 17.46 3.41
CA ILE A 56 -14.99 16.14 3.82
C ILE A 56 -14.21 15.48 2.65
N VAL A 57 -14.85 15.41 1.53
CA VAL A 57 -14.23 14.82 0.38
C VAL A 57 -13.06 15.72 -0.11
N GLU A 58 -13.07 16.97 0.25
CA GLU A 58 -12.00 17.86 -0.10
C GLU A 58 -10.82 17.65 0.85
N THR A 59 -11.07 16.90 1.94
CA THR A 59 -9.98 16.52 2.81
C THR A 59 -9.50 15.12 2.42
N ASN A 60 -10.08 14.64 1.30
CA ASN A 60 -9.63 13.41 0.57
C ASN A 60 -8.12 13.29 0.37
N SER A 61 -7.35 14.36 0.60
CA SER A 61 -5.90 14.49 0.38
C SER A 61 -5.03 13.28 0.88
N LYS A 62 -5.62 12.40 1.66
CA LYS A 62 -4.96 11.15 2.03
C LYS A 62 -5.10 10.12 0.89
N LYS A 63 -5.68 10.58 -0.24
CA LYS A 63 -5.96 9.78 -1.42
C LYS A 63 -6.99 8.74 -1.07
N ARG A 64 -7.91 9.15 -0.21
CA ARG A 64 -8.87 8.27 0.39
C ARG A 64 -10.27 8.55 -0.15
N PHE A 65 -10.44 9.61 -0.91
CA PHE A 65 -11.74 9.99 -1.47
C PHE A 65 -11.54 10.73 -2.79
N ALA A 66 -12.62 10.97 -3.50
CA ALA A 66 -12.65 11.71 -4.74
C ALA A 66 -14.08 12.02 -5.03
N PHE A 67 -14.33 12.98 -5.86
CA PHE A 67 -15.65 13.51 -6.03
C PHE A 67 -15.90 13.77 -7.51
N SER A 68 -17.11 13.50 -7.97
CA SER A 68 -17.49 13.71 -9.36
C SER A 68 -17.61 15.22 -9.72
N GLU A 69 -17.96 15.54 -10.97
CA GLU A 69 -17.98 16.93 -11.46
C GLU A 69 -19.04 17.80 -10.80
N ASN A 70 -20.27 17.31 -10.72
CA ASN A 70 -21.36 18.06 -10.05
C ASN A 70 -21.21 17.89 -8.56
N PHE A 71 -20.24 17.04 -8.20
CA PHE A 71 -19.96 16.66 -6.83
C PHE A 71 -21.12 15.77 -6.37
N GLU A 72 -21.66 15.08 -7.36
CA GLU A 72 -22.85 14.27 -7.27
C GLU A 72 -22.57 12.91 -6.68
N LYS A 73 -21.36 12.44 -6.85
CA LYS A 73 -21.01 11.14 -6.42
C LYS A 73 -19.61 11.16 -5.87
N ILE A 74 -19.43 10.48 -4.77
CA ILE A 74 -18.15 10.35 -4.15
C ILE A 74 -17.69 8.92 -4.27
N ARG A 75 -16.41 8.72 -4.26
CA ARG A 75 -15.89 7.40 -4.18
C ARG A 75 -14.80 7.40 -3.14
N ALA A 76 -14.84 6.43 -2.27
CA ALA A 76 -13.82 6.27 -1.29
C ALA A 76 -12.69 5.47 -1.92
N ASN A 77 -11.56 6.09 -2.04
CA ASN A 77 -10.40 5.54 -2.67
C ASN A 77 -9.50 4.78 -1.73
N GLN A 78 -9.28 3.54 -2.05
CA GLN A 78 -8.28 2.70 -1.41
C GLN A 78 -7.78 1.83 -2.52
N GLY A 79 -8.68 1.00 -2.98
CA GLY A 79 -8.39 0.08 -4.00
C GLY A 79 -9.39 -1.03 -3.99
N HIS A 80 -10.14 -1.11 -5.03
CA HIS A 80 -11.17 -2.11 -5.17
C HIS A 80 -10.66 -3.26 -5.99
N SER A 81 -11.54 -4.18 -6.32
CA SER A 81 -11.17 -5.39 -7.05
C SER A 81 -10.94 -5.12 -8.55
N VAL A 82 -10.11 -4.16 -8.80
CA VAL A 82 -9.72 -3.76 -10.10
C VAL A 82 -8.25 -4.09 -10.26
N GLU A 83 -7.50 -3.72 -9.22
CA GLU A 83 -6.06 -3.95 -9.06
C GLU A 83 -5.18 -2.82 -9.63
N VAL A 84 -5.82 -1.85 -10.25
CA VAL A 84 -5.13 -0.63 -10.70
C VAL A 84 -4.95 0.29 -9.48
N ASP A 85 -5.69 -0.11 -8.49
CA ASP A 85 -5.83 0.39 -7.19
C ASP A 85 -6.32 -0.83 -6.53
N LEU A 86 -5.43 -1.58 -6.00
CA LEU A 86 -5.75 -2.87 -5.47
C LEU A 86 -6.08 -2.85 -3.98
N GLY A 87 -5.67 -1.81 -3.29
CA GLY A 87 -5.97 -1.70 -1.88
C GLY A 87 -5.20 -0.59 -1.22
N TYR A 88 -3.92 -0.48 -1.59
CA TYR A 88 -2.95 0.51 -1.03
C TYR A 88 -3.05 0.65 0.48
N GLU A 89 -2.27 -0.12 1.18
CA GLU A 89 -2.29 -0.13 2.61
C GLU A 89 -1.69 1.18 3.16
N LYS A 90 -2.54 1.97 3.80
CA LYS A 90 -2.14 3.21 4.40
C LYS A 90 -1.36 2.88 5.65
N GLN A 91 -0.11 3.26 5.64
CA GLN A 91 0.83 2.95 6.68
C GLN A 91 1.53 4.21 7.10
N VAL A 92 2.50 4.09 7.99
CA VAL A 92 3.29 5.21 8.42
C VAL A 92 4.00 5.86 7.22
N PRO A 93 3.75 7.13 6.97
CA PRO A 93 4.31 7.82 5.84
C PRO A 93 5.78 8.24 6.06
N PRO A 94 6.65 7.99 5.08
CA PRO A 94 8.04 8.46 5.10
C PRO A 94 8.09 9.96 4.84
N ALA A 95 9.23 10.53 4.94
CA ALA A 95 9.36 11.89 4.59
C ALA A 95 10.04 11.99 3.24
N VAL A 96 11.23 11.43 3.17
CA VAL A 96 12.05 11.41 1.96
C VAL A 96 11.98 10.03 1.38
N LEU A 97 11.83 9.95 0.10
CA LEU A 97 11.72 8.65 -0.53
C LEU A 97 12.55 8.55 -1.77
N PHE A 98 13.32 7.47 -1.82
CA PHE A 98 14.25 7.18 -2.88
C PHE A 98 13.51 6.66 -4.08
N HIS A 99 14.15 6.62 -5.20
CA HIS A 99 13.58 6.01 -6.38
C HIS A 99 14.66 5.77 -7.39
N GLY A 100 14.75 4.55 -7.84
CA GLY A 100 15.71 4.21 -8.82
C GLY A 100 15.16 4.42 -10.19
N THR A 101 15.96 4.99 -11.04
CA THR A 101 15.60 5.20 -12.38
C THR A 101 16.89 5.17 -13.22
N ALA A 102 16.81 5.48 -14.49
CA ALA A 102 17.95 5.32 -15.37
C ALA A 102 18.14 6.57 -16.18
N GLU A 103 19.35 6.78 -16.67
CA GLU A 103 19.80 8.04 -17.24
C GLU A 103 19.07 8.61 -18.49
N LYS A 104 18.66 7.81 -19.43
CA LYS A 104 17.94 8.41 -20.57
C LYS A 104 16.53 8.74 -20.21
N ASN A 105 15.94 7.91 -19.42
CA ASN A 105 14.64 8.21 -18.96
C ASN A 105 14.77 9.15 -17.75
N PHE A 106 16.03 9.48 -17.40
CA PHE A 106 16.35 10.45 -16.38
C PHE A 106 16.12 11.83 -16.92
N ASP A 107 16.62 12.11 -18.11
CA ASP A 107 16.35 13.42 -18.69
C ASP A 107 14.85 13.57 -18.85
N LEU A 108 14.19 12.47 -19.22
CA LEU A 108 12.73 12.48 -19.27
C LEU A 108 12.08 12.77 -17.85
N ILE A 109 12.49 12.01 -16.85
CA ILE A 109 11.92 12.04 -15.47
C ILE A 109 12.27 13.30 -14.71
N LEU A 110 13.38 13.89 -15.01
CA LEU A 110 13.71 15.08 -14.33
C LEU A 110 13.07 16.28 -15.01
N LYS A 111 12.64 16.12 -16.25
CA LYS A 111 11.92 17.12 -16.92
C LYS A 111 10.47 17.24 -16.42
N ASP A 112 9.78 16.11 -16.23
CA ASP A 112 8.39 16.19 -15.75
C ASP A 112 8.13 15.59 -14.37
N GLY A 113 8.75 14.49 -14.05
CA GLY A 113 8.56 13.90 -12.73
C GLY A 113 7.92 12.55 -12.78
N ILE A 114 7.87 11.86 -11.66
CA ILE A 114 7.25 10.56 -11.64
C ILE A 114 5.77 10.81 -11.53
N LYS A 115 5.04 10.47 -12.56
CA LYS A 115 3.61 10.76 -12.57
C LYS A 115 2.82 9.58 -13.04
N LYS A 116 3.26 8.98 -14.13
CA LYS A 116 2.69 7.78 -14.63
C LYS A 116 3.54 7.22 -15.73
N MET A 117 3.88 5.98 -15.62
CA MET A 117 4.47 5.29 -16.74
C MET A 117 3.38 4.41 -17.34
N SER A 118 2.33 4.24 -16.56
CA SER A 118 1.17 3.51 -16.95
C SER A 118 0.03 3.89 -16.03
N ARG A 119 0.18 3.61 -14.76
CA ARG A 119 -0.80 3.92 -13.76
C ARG A 119 -0.47 5.25 -13.11
N HIS A 120 -1.50 6.01 -12.78
CA HIS A 120 -1.34 7.38 -12.25
C HIS A 120 -1.07 7.38 -10.73
N HIS A 121 -0.31 6.41 -10.32
CA HIS A 121 0.14 6.25 -8.96
C HIS A 121 1.56 5.78 -9.08
N VAL A 122 2.50 6.58 -8.63
CA VAL A 122 3.89 6.27 -8.87
C VAL A 122 4.60 5.72 -7.68
N HIS A 123 5.33 4.69 -7.93
CA HIS A 123 5.94 3.91 -6.90
C HIS A 123 7.42 4.29 -6.75
N LEU A 124 7.79 4.74 -5.58
CA LEU A 124 9.16 5.09 -5.28
C LEU A 124 9.82 3.98 -4.43
N SER A 125 11.11 4.02 -4.34
CA SER A 125 11.90 2.98 -3.75
C SER A 125 12.04 3.17 -2.24
N GLN A 126 12.11 2.06 -1.56
CA GLN A 126 12.17 2.03 -0.11
C GLN A 126 13.62 1.90 0.36
N ASP A 127 14.48 1.39 -0.51
CA ASP A 127 15.87 1.18 -0.19
C ASP A 127 16.70 1.49 -1.42
N ILE A 128 17.92 1.91 -1.18
CA ILE A 128 18.87 2.27 -2.21
C ILE A 128 19.23 1.07 -3.12
N THR A 129 19.37 -0.11 -2.53
CA THR A 129 19.80 -1.28 -3.27
C THR A 129 18.79 -1.70 -4.36
N THR A 130 17.53 -1.79 -4.00
CA THR A 130 16.50 -2.16 -4.95
C THR A 130 16.31 -1.06 -5.99
N ALA A 131 16.47 0.19 -5.52
CA ALA A 131 16.37 1.37 -6.35
C ALA A 131 17.36 1.31 -7.49
N ARG A 132 18.61 1.18 -7.12
CA ARG A 132 19.71 1.18 -8.09
C ARG A 132 19.68 -0.06 -8.96
N LYS A 133 19.20 -1.17 -8.41
CA LYS A 133 19.13 -2.44 -9.13
C LYS A 133 18.28 -2.29 -10.41
N VAL A 134 17.11 -1.66 -10.26
CA VAL A 134 16.22 -1.46 -11.40
C VAL A 134 16.78 -0.38 -12.35
N GLY A 135 17.51 0.57 -11.78
CA GLY A 135 18.16 1.59 -12.57
C GLY A 135 19.19 0.98 -13.51
N MET A 136 19.98 0.04 -12.93
CA MET A 136 21.01 -0.72 -13.66
C MET A 136 20.39 -1.55 -14.79
N ARG A 137 19.11 -1.82 -14.68
CA ARG A 137 18.42 -2.64 -15.64
C ARG A 137 18.05 -1.83 -16.89
N HIS A 138 17.69 -0.56 -16.72
CA HIS A 138 17.31 0.25 -17.88
C HIS A 138 18.53 0.81 -18.57
N GLY A 139 19.59 1.00 -17.81
CA GLY A 139 20.83 1.40 -18.39
C GLY A 139 21.76 1.92 -17.34
N LYS A 140 21.96 3.19 -17.35
CA LYS A 140 22.82 3.84 -16.40
C LYS A 140 21.94 4.35 -15.26
N PRO A 141 22.14 3.87 -14.04
CA PRO A 141 21.27 4.22 -12.92
C PRO A 141 21.48 5.63 -12.36
N VAL A 142 20.39 6.20 -11.92
CA VAL A 142 20.36 7.47 -11.25
C VAL A 142 19.31 7.35 -10.14
N VAL A 143 19.65 7.79 -8.97
CA VAL A 143 18.80 7.73 -7.85
C VAL A 143 18.11 9.07 -7.68
N LEU A 144 16.81 9.04 -7.61
CA LEU A 144 16.01 10.21 -7.44
C LEU A 144 15.22 10.12 -6.15
N SER A 145 15.65 10.86 -5.16
CA SER A 145 14.99 10.85 -3.87
C SER A 145 14.21 12.14 -3.69
N VAL A 146 12.93 12.08 -3.45
CA VAL A 146 12.18 13.30 -3.23
C VAL A 146 12.42 13.85 -1.87
N ASP A 147 12.45 15.16 -1.82
CA ASP A 147 12.75 15.93 -0.63
C ASP A 147 11.69 15.81 0.42
N ALA A 148 12.09 15.24 1.53
CA ALA A 148 11.27 14.97 2.69
C ALA A 148 10.36 16.12 3.02
N LYS A 149 10.95 17.25 3.19
CA LYS A 149 10.28 18.40 3.72
C LYS A 149 9.37 19.01 2.70
N GLY A 150 9.71 18.83 1.44
CA GLY A 150 8.91 19.32 0.39
C GLY A 150 7.61 18.56 0.30
N MET A 151 7.68 17.26 0.55
CA MET A 151 6.51 16.43 0.47
C MET A 151 5.73 16.37 1.76
N ALA A 152 6.45 16.20 2.86
CA ALA A 152 5.85 16.09 4.16
C ALA A 152 5.11 17.37 4.53
N ASP A 153 5.73 18.52 4.30
CA ASP A 153 5.06 19.79 4.59
C ASP A 153 4.24 20.25 3.41
N GLY A 154 4.30 19.48 2.34
CA GLY A 154 3.53 19.77 1.15
C GLY A 154 2.14 19.17 1.24
N GLY A 155 1.91 18.42 2.31
CA GLY A 155 0.61 17.83 2.56
C GLY A 155 0.49 16.44 1.99
N PHE A 156 1.61 15.80 1.77
CA PHE A 156 1.60 14.46 1.24
C PHE A 156 1.77 13.41 2.31
N ASP A 157 0.83 12.52 2.36
CA ASP A 157 0.98 11.27 3.10
C ASP A 157 1.19 10.23 2.04
N PHE A 158 2.05 9.30 2.28
CA PHE A 158 2.42 8.35 1.27
C PHE A 158 1.95 7.01 1.72
N TYR A 159 1.61 6.17 0.80
CA TYR A 159 1.11 4.86 1.10
C TYR A 159 1.95 3.84 0.39
N LEU A 160 1.98 2.64 0.87
CA LEU A 160 2.86 1.67 0.28
C LEU A 160 2.13 0.71 -0.60
N SER A 161 2.77 0.31 -1.66
CA SER A 161 2.19 -0.63 -2.56
C SER A 161 2.44 -2.04 -2.01
N ASN A 162 1.87 -3.04 -2.67
CA ASN A 162 1.96 -4.45 -2.23
C ASN A 162 3.43 -4.93 -2.13
N ASN A 163 4.29 -4.33 -2.92
CA ASN A 163 5.71 -4.66 -2.94
C ASN A 163 6.46 -4.10 -1.70
N GLY A 164 5.81 -3.23 -0.94
CA GLY A 164 6.45 -2.62 0.22
C GLY A 164 7.27 -1.41 -0.16
N VAL A 165 6.87 -0.79 -1.22
CA VAL A 165 7.51 0.40 -1.75
C VAL A 165 6.73 1.63 -1.34
N TRP A 166 7.37 2.76 -1.33
CA TRP A 166 6.73 3.98 -0.92
C TRP A 166 6.10 4.64 -2.13
N LEU A 167 4.80 4.72 -2.16
CA LEU A 167 4.13 5.25 -3.30
C LEU A 167 3.60 6.65 -2.99
N ILE A 168 3.92 7.56 -3.86
CA ILE A 168 3.41 8.90 -3.79
C ILE A 168 2.48 9.08 -4.96
N ASP A 169 1.39 9.75 -4.73
CA ASP A 169 0.35 9.84 -5.73
C ASP A 169 0.82 10.65 -6.94
N PHE A 170 1.71 11.63 -6.70
CA PHE A 170 2.26 12.44 -7.78
C PHE A 170 3.47 13.24 -7.32
N VAL A 171 4.61 12.95 -7.90
CA VAL A 171 5.82 13.71 -7.67
C VAL A 171 6.24 14.54 -8.86
N PRO A 172 6.06 15.84 -8.79
CA PRO A 172 6.67 16.74 -9.74
C PRO A 172 8.18 16.64 -9.53
N ALA A 173 8.94 16.64 -10.61
CA ALA A 173 10.37 16.43 -10.55
C ALA A 173 11.11 17.53 -9.83
N GLU A 174 10.44 18.62 -9.63
CA GLU A 174 11.00 19.72 -8.88
C GLU A 174 11.25 19.30 -7.41
N PHE A 175 10.45 18.37 -6.90
CA PHE A 175 10.65 17.84 -5.57
C PHE A 175 11.60 16.67 -5.59
N ILE A 176 11.80 16.12 -6.77
CA ILE A 176 12.74 15.07 -6.96
C ILE A 176 14.13 15.58 -6.76
N LYS A 177 14.91 14.86 -6.00
CA LYS A 177 16.24 15.22 -5.80
C LYS A 177 17.16 14.22 -6.30
N VAL A 178 17.72 14.64 -7.34
CA VAL A 178 18.72 13.91 -8.08
C VAL A 178 20.00 13.90 -7.26
PA NAD B . 8.56 0.04 -13.71
O1A NAD B . 7.49 0.06 -14.74
O2A NAD B . 9.26 -1.23 -13.45
O5B NAD B . 9.67 1.15 -14.11
C5B NAD B . 9.24 2.37 -14.74
C4B NAD B . 10.45 3.14 -15.28
O4B NAD B . 9.99 4.37 -15.91
C3B NAD B . 11.36 3.60 -14.16
O3B NAD B . 12.75 3.89 -14.63
C2B NAD B . 10.75 4.89 -13.79
O2B NAD B . 11.67 5.65 -13.01
C1B NAD B . 10.55 5.44 -15.14
N9A NAD B . 9.67 6.67 -15.17
C8A NAD B . 8.57 7.01 -14.36
N7A NAD B . 8.14 8.26 -14.74
C5A NAD B . 8.94 8.59 -15.69
C6A NAD B . 8.82 9.81 -16.36
N6A NAD B . 7.91 10.68 -16.05
N1A NAD B . 9.73 10.07 -17.36
C2A NAD B . 10.65 9.10 -17.62
N3A NAD B . 10.76 7.92 -16.98
C4A NAD B . 9.87 7.67 -15.98
O3 NAD B . 7.96 0.61 -12.35
PN NAD B . 8.13 0.31 -10.79
O1N NAD B . 6.96 0.88 -10.06
O2N NAD B . 8.46 -1.13 -10.59
O5D NAD B . 9.43 1.19 -10.40
C5D NAD B . 10.64 0.53 -10.00
C4D NAD B . 11.44 1.47 -9.12
O4D NAD B . 10.70 1.78 -7.92
C3D NAD B . 12.69 0.86 -8.63
O3D NAD B . 13.62 1.83 -8.19
C2D NAD B . 12.24 -0.01 -7.47
O2D NAD B . 13.20 0.03 -6.41
C1D NAD B . 10.91 0.62 -7.02
N1N NAD B . 9.74 -0.32 -7.10
C2N NAD B . 9.89 -1.69 -7.37
C3N NAD B . 8.77 -2.51 -7.53
C7N NAD B . 8.92 -3.98 -7.97
O7N NAD B . 7.92 -4.67 -8.21
N7N NAD B . 10.15 -4.42 -8.09
C4N NAD B . 7.50 -1.96 -7.38
C5N NAD B . 7.40 -0.61 -7.09
C6N NAD B . 8.51 0.17 -6.96
H51A NAD B . 8.68 2.99 -14.04
H52A NAD B . 8.61 2.09 -15.58
H4B NAD B . 10.95 2.51 -16.00
H3B NAD B . 11.42 2.85 -13.37
HO3A NAD B . 13.10 3.24 -15.29
H2B NAD B . 9.80 4.70 -13.27
HO2A NAD B . 12.52 5.65 -13.54
H1B NAD B . 11.54 5.72 -15.51
H8A NAD B . 8.12 6.43 -13.56
H61A NAD B . 7.82 11.56 -16.51
H62A NAD B . 7.26 10.49 -15.31
H2A NAD B . 11.41 9.30 -18.38
H51N NAD B . 11.21 0.20 -10.87
H52N NAD B . 10.38 -0.37 -9.46
H4D NAD B . 11.64 2.34 -9.76
H3D NAD B . 13.21 0.31 -9.42
HO3N NAD B . 14.50 1.34 -8.17
H2D NAD B . 12.14 -1.05 -7.79
HO2N NAD B . 12.93 -0.66 -5.73
H1D NAD B . 10.84 0.91 -5.97
H2N NAD B . 10.89 -2.12 -7.41
H71N NAD B . 10.94 -3.86 -7.86
H72N NAD B . 10.31 -5.36 -8.41
H4N NAD B . 6.60 -2.54 -7.50
H5N NAD B . 6.49 -0.06 -6.91
H6N NAD B . 8.31 1.22 -6.72
N GLY A 1 -0.30 -42.39 11.05
CA GLY A 1 -1.43 -41.89 10.27
C GLY A 1 -1.06 -40.64 9.54
N SER A 2 -1.99 -40.11 8.80
CA SER A 2 -1.76 -38.94 8.02
C SER A 2 -1.89 -37.68 8.89
N HIS A 3 -0.84 -36.89 8.89
CA HIS A 3 -0.79 -35.65 9.66
C HIS A 3 -0.56 -34.48 8.75
N MET A 4 -0.84 -34.67 7.48
CA MET A 4 -0.59 -33.64 6.46
C MET A 4 -1.42 -32.39 6.79
N VAL A 5 -2.65 -32.63 7.22
CA VAL A 5 -3.57 -31.57 7.62
C VAL A 5 -3.10 -30.83 8.87
N LYS A 6 -2.36 -31.53 9.68
CA LYS A 6 -1.86 -30.99 10.93
C LYS A 6 -0.76 -30.01 10.66
N VAL A 7 0.16 -30.41 9.80
CA VAL A 7 1.28 -29.57 9.39
C VAL A 7 0.73 -28.35 8.66
N SER A 8 -0.40 -28.52 8.01
CA SER A 8 -1.00 -27.43 7.26
C SER A 8 -1.54 -26.35 8.21
N LYS A 9 -2.35 -26.75 9.20
CA LYS A 9 -2.87 -25.78 10.16
C LYS A 9 -1.73 -25.27 11.04
N PHE A 10 -0.77 -26.15 11.30
CA PHE A 10 0.44 -25.83 12.00
C PHE A 10 1.10 -24.66 11.36
N LEU A 11 1.36 -24.79 10.06
CA LEU A 11 2.09 -23.80 9.36
C LEU A 11 1.43 -22.45 9.43
N SER A 12 0.13 -22.39 9.23
CA SER A 12 -0.64 -21.15 9.36
C SER A 12 -0.40 -20.49 10.75
N LEU A 13 -0.23 -21.30 11.78
CA LEU A 13 0.00 -20.80 13.11
C LEU A 13 1.47 -20.48 13.38
N VAL A 14 2.39 -21.27 12.85
CA VAL A 14 3.78 -21.11 13.19
C VAL A 14 4.36 -19.83 12.59
N LEU A 15 3.92 -19.42 11.42
CA LEU A 15 4.54 -18.24 10.83
C LEU A 15 3.68 -16.97 11.02
N ARG A 16 2.48 -17.14 11.52
CA ARG A 16 1.61 -15.99 11.73
C ARG A 16 1.34 -15.71 13.20
N HIS A 17 1.31 -16.75 14.02
CA HIS A 17 0.83 -16.61 15.38
C HIS A 17 1.88 -16.70 16.48
N ASN A 18 2.67 -17.74 16.48
CA ASN A 18 3.55 -17.96 17.64
C ASN A 18 4.83 -18.74 17.27
N PRO A 19 5.58 -18.28 16.21
CA PRO A 19 6.72 -19.03 15.57
C PRO A 19 7.67 -19.76 16.50
N ALA A 20 7.87 -19.21 17.68
CA ALA A 20 8.71 -19.77 18.69
C ALA A 20 8.33 -21.19 19.15
N LEU A 21 7.18 -21.74 18.69
CA LEU A 21 6.81 -23.03 18.97
C LEU A 21 7.84 -23.96 18.45
N ILE A 22 8.26 -23.75 17.23
CA ILE A 22 9.26 -24.60 16.68
C ILE A 22 10.56 -23.85 16.70
N GLY A 23 10.44 -22.55 16.91
CA GLY A 23 11.55 -21.68 16.84
C GLY A 23 11.70 -21.10 15.44
N LEU A 24 10.57 -20.76 14.80
CA LEU A 24 10.59 -20.23 13.52
C LEU A 24 10.90 -18.74 13.61
N ASP A 25 11.55 -18.23 12.60
CA ASP A 25 12.06 -16.86 12.58
C ASP A 25 11.29 -16.05 11.58
N LEU A 26 10.64 -15.04 12.00
CA LEU A 26 9.87 -14.26 11.08
C LEU A 26 10.55 -12.99 10.65
N ASP A 27 10.57 -12.81 9.37
CA ASP A 27 11.23 -11.69 8.73
C ASP A 27 10.33 -10.48 8.85
N ALA A 28 10.84 -9.35 8.50
CA ALA A 28 10.09 -8.10 8.57
C ALA A 28 9.10 -8.05 7.44
N ASN A 29 9.48 -8.70 6.34
CA ASN A 29 8.67 -8.77 5.17
C ASN A 29 7.51 -9.78 5.37
N GLY A 30 7.60 -10.56 6.44
CA GLY A 30 6.54 -11.49 6.78
C GLY A 30 6.79 -12.90 6.30
N TRP A 31 8.03 -13.23 6.10
CA TRP A 31 8.40 -14.54 5.60
C TRP A 31 9.08 -15.32 6.68
N ALA A 32 9.04 -16.60 6.57
CA ALA A 32 9.71 -17.47 7.48
C ALA A 32 10.63 -18.35 6.69
N PRO A 33 11.84 -18.65 7.19
CA PRO A 33 12.74 -19.47 6.46
C PRO A 33 12.27 -20.90 6.53
N VAL A 34 11.92 -21.43 5.40
CA VAL A 34 11.54 -22.78 5.24
C VAL A 34 12.54 -23.71 5.81
N LYS A 35 13.82 -23.41 5.62
CA LYS A 35 14.92 -24.20 6.19
C LYS A 35 14.71 -24.41 7.69
N GLU A 36 14.31 -23.34 8.37
CA GLU A 36 14.07 -23.36 9.80
C GLU A 36 12.80 -24.13 10.07
N LEU A 37 11.90 -24.03 9.14
CA LEU A 37 10.56 -24.49 9.29
C LEU A 37 10.44 -25.98 9.19
N LEU A 38 11.16 -26.63 8.29
CA LEU A 38 10.95 -27.99 8.16
C LEU A 38 11.82 -28.65 9.23
N ALA A 39 13.02 -28.07 9.46
CA ALA A 39 13.98 -28.61 10.43
C ALA A 39 13.44 -28.55 11.84
N LYS A 40 12.93 -27.41 12.19
CA LYS A 40 12.43 -27.22 13.53
C LYS A 40 11.04 -27.81 13.75
N MET A 41 10.23 -27.93 12.72
CA MET A 41 8.92 -28.55 12.91
C MET A 41 9.09 -30.08 12.88
N LYS A 42 10.20 -30.50 12.28
CA LYS A 42 10.68 -31.88 12.35
C LYS A 42 10.85 -32.23 13.82
N ALA A 43 11.57 -31.35 14.52
CA ALA A 43 11.78 -31.46 15.95
C ALA A 43 10.47 -31.27 16.72
N LYS A 44 9.54 -30.50 16.16
CA LYS A 44 8.26 -30.28 16.79
C LYS A 44 7.33 -31.49 16.64
N GLY A 45 7.75 -32.50 15.89
CA GLY A 45 7.00 -33.73 15.92
C GLY A 45 6.58 -34.28 14.59
N HIS A 46 6.73 -33.57 13.49
CA HIS A 46 6.27 -34.18 12.24
C HIS A 46 7.38 -34.75 11.39
N GLY A 47 8.35 -33.95 10.99
CA GLY A 47 9.36 -34.53 10.12
C GLY A 47 9.14 -34.27 8.68
N ILE A 48 9.07 -33.02 8.28
CA ILE A 48 8.93 -32.72 6.91
C ILE A 48 10.30 -32.29 6.38
N SER A 49 10.59 -32.69 5.18
CA SER A 49 11.79 -32.31 4.50
C SER A 49 11.49 -31.03 3.74
N MET A 50 12.47 -30.52 2.99
CA MET A 50 12.27 -29.28 2.27
C MET A 50 11.15 -29.51 1.24
N GLU A 51 11.17 -30.70 0.64
CA GLU A 51 10.15 -31.06 -0.31
C GLU A 51 8.85 -31.52 0.33
N GLU A 52 8.88 -31.95 1.59
CA GLU A 52 7.63 -32.24 2.25
C GLU A 52 6.92 -30.96 2.43
N LEU A 53 7.63 -29.95 2.98
CA LEU A 53 7.03 -28.66 3.16
C LEU A 53 6.61 -28.10 1.79
N LYS A 54 7.39 -28.38 0.76
CA LYS A 54 7.03 -27.99 -0.60
C LYS A 54 5.63 -28.49 -0.94
N HIS A 55 5.27 -29.65 -0.47
CA HIS A 55 3.94 -30.20 -0.70
C HIS A 55 2.90 -29.38 0.03
N ILE A 56 3.21 -29.00 1.27
CA ILE A 56 2.33 -28.15 2.07
C ILE A 56 2.12 -26.79 1.34
N VAL A 57 3.20 -26.17 1.02
CA VAL A 57 3.19 -24.88 0.43
C VAL A 57 2.67 -24.93 -1.03
N GLU A 58 2.72 -26.08 -1.66
CA GLU A 58 2.18 -26.19 -2.99
C GLU A 58 0.68 -26.49 -2.93
N THR A 59 0.20 -26.85 -1.73
CA THR A 59 -1.22 -27.01 -1.54
C THR A 59 -1.83 -25.68 -1.13
N ASN A 60 -0.97 -24.66 -1.09
CA ASN A 60 -1.32 -23.22 -0.92
C ASN A 60 -2.50 -22.72 -1.78
N SER A 61 -2.93 -23.52 -2.77
CA SER A 61 -3.96 -23.21 -3.79
C SER A 61 -5.23 -22.51 -3.26
N LYS A 62 -5.50 -22.61 -1.98
CA LYS A 62 -6.64 -21.95 -1.36
C LYS A 62 -6.26 -20.52 -0.91
N LYS A 63 -5.24 -19.92 -1.54
CA LYS A 63 -4.72 -18.60 -1.14
C LYS A 63 -4.19 -18.68 0.28
N ARG A 64 -3.29 -19.60 0.50
CA ARG A 64 -2.87 -19.88 1.85
C ARG A 64 -1.34 -19.75 2.08
N PHE A 65 -0.52 -20.03 1.08
CA PHE A 65 0.97 -20.05 1.26
C PHE A 65 1.70 -19.61 -0.01
N ALA A 66 3.02 -19.52 0.07
CA ALA A 66 3.86 -19.15 -1.03
C ALA A 66 5.27 -19.51 -0.67
N PHE A 67 6.08 -19.71 -1.65
CA PHE A 67 7.40 -20.24 -1.45
C PHE A 67 8.39 -19.39 -2.27
N SER A 68 9.46 -18.96 -1.61
CA SER A 68 10.47 -18.08 -2.19
C SER A 68 11.29 -18.74 -3.35
N GLU A 69 12.29 -18.01 -3.83
CA GLU A 69 13.12 -18.37 -4.98
C GLU A 69 13.86 -19.70 -4.76
N ASN A 70 14.61 -19.81 -3.66
CA ASN A 70 15.33 -21.07 -3.33
C ASN A 70 14.35 -22.06 -2.76
N PHE A 71 13.12 -21.58 -2.54
CA PHE A 71 12.06 -22.27 -1.82
C PHE A 71 12.49 -22.27 -0.35
N GLU A 72 13.23 -21.21 -0.03
CA GLU A 72 13.90 -21.02 1.25
C GLU A 72 13.03 -20.35 2.25
N LYS A 73 11.94 -19.76 1.82
CA LYS A 73 11.13 -19.01 2.68
C LYS A 73 9.70 -19.18 2.27
N ILE A 74 8.87 -19.32 3.23
CA ILE A 74 7.47 -19.41 3.02
C ILE A 74 6.76 -18.18 3.61
N ARG A 75 5.62 -17.88 3.08
CA ARG A 75 4.77 -16.87 3.63
C ARG A 75 3.37 -17.39 3.50
N ALA A 76 2.58 -17.13 4.47
CA ALA A 76 1.21 -17.50 4.44
C ALA A 76 0.45 -16.38 3.80
N ASN A 77 -0.04 -16.62 2.62
CA ASN A 77 -0.73 -15.61 1.85
C ASN A 77 -2.08 -15.25 2.35
N GLN A 78 -2.18 -14.01 2.68
CA GLN A 78 -3.40 -13.33 2.94
C GLN A 78 -3.34 -12.09 2.05
N GLY A 79 -2.55 -12.23 0.98
CA GLY A 79 -2.23 -11.11 0.14
C GLY A 79 -1.31 -10.23 0.92
N HIS A 80 -1.82 -9.14 1.35
CA HIS A 80 -1.18 -8.28 2.28
C HIS A 80 -2.32 -7.50 2.93
N SER A 81 -3.05 -8.22 3.76
CA SER A 81 -4.26 -7.72 4.38
C SER A 81 -3.99 -6.67 5.44
N VAL A 82 -4.02 -5.43 5.02
CA VAL A 82 -3.95 -4.33 5.94
C VAL A 82 -5.36 -4.10 6.40
N GLU A 83 -6.25 -4.11 5.44
CA GLU A 83 -7.64 -3.97 5.68
C GLU A 83 -8.35 -5.19 5.16
N VAL A 84 -8.58 -5.16 3.91
CA VAL A 84 -9.28 -6.23 3.20
C VAL A 84 -8.46 -6.83 2.09
N ASP A 85 -7.26 -6.34 2.00
CA ASP A 85 -6.27 -6.68 0.97
C ASP A 85 -6.61 -5.94 -0.29
N LEU A 86 -6.18 -4.72 -0.32
CA LEU A 86 -6.45 -3.81 -1.37
C LEU A 86 -5.22 -3.51 -2.21
N GLY A 87 -4.07 -3.92 -1.72
CA GLY A 87 -2.86 -3.81 -2.51
C GLY A 87 -1.87 -2.81 -1.98
N TYR A 88 -2.23 -2.14 -0.91
CA TYR A 88 -1.35 -1.17 -0.31
C TYR A 88 -1.62 -1.02 1.17
N GLU A 89 -0.85 -0.17 1.80
CA GLU A 89 -0.92 0.10 3.21
C GLU A 89 -0.74 1.58 3.50
N LYS A 90 -1.57 2.09 4.40
CA LYS A 90 -1.42 3.44 4.95
C LYS A 90 -0.06 3.47 5.64
N GLN A 91 0.63 4.56 5.60
CA GLN A 91 1.95 4.57 6.13
C GLN A 91 2.22 5.87 6.86
N VAL A 92 3.28 5.88 7.63
CA VAL A 92 3.79 7.07 8.25
C VAL A 92 4.36 7.96 7.13
N PRO A 93 4.41 9.27 7.29
CA PRO A 93 4.88 10.13 6.23
C PRO A 93 6.41 10.15 6.13
N PRO A 94 6.96 9.79 4.96
CA PRO A 94 8.38 9.90 4.72
C PRO A 94 8.77 11.34 4.42
N ALA A 95 9.91 11.71 4.91
CA ALA A 95 10.42 13.07 4.78
C ALA A 95 11.28 13.19 3.56
N VAL A 96 11.63 12.06 3.06
CA VAL A 96 12.35 11.90 1.81
C VAL A 96 12.28 10.47 1.38
N LEU A 97 11.85 10.27 0.17
CA LEU A 97 11.68 8.97 -0.37
C LEU A 97 12.55 8.75 -1.59
N PHE A 98 13.37 7.70 -1.52
CA PHE A 98 14.38 7.38 -2.52
C PHE A 98 13.73 6.69 -3.70
N HIS A 99 14.36 6.70 -4.85
CA HIS A 99 13.84 5.97 -5.99
C HIS A 99 14.93 5.70 -7.02
N GLY A 100 15.01 4.46 -7.46
CA GLY A 100 15.94 4.10 -8.50
C GLY A 100 15.32 4.31 -9.86
N THR A 101 16.09 4.83 -10.78
CA THR A 101 15.63 5.10 -12.11
C THR A 101 16.86 5.04 -13.06
N ALA A 102 16.71 5.44 -14.31
CA ALA A 102 17.77 5.30 -15.30
C ALA A 102 18.02 6.63 -15.98
N GLU A 103 19.16 6.78 -16.68
CA GLU A 103 19.58 8.07 -17.20
C GLU A 103 18.86 8.68 -18.42
N LYS A 104 18.39 7.92 -19.37
CA LYS A 104 17.67 8.61 -20.45
C LYS A 104 16.30 9.04 -19.95
N ASN A 105 15.71 8.18 -19.17
CA ASN A 105 14.46 8.56 -18.61
C ASN A 105 14.72 9.45 -17.41
N PHE A 106 16.02 9.68 -17.09
CA PHE A 106 16.43 10.67 -16.08
C PHE A 106 16.13 12.02 -16.60
N ASP A 107 16.52 12.25 -17.85
CA ASP A 107 16.19 13.50 -18.54
C ASP A 107 14.70 13.71 -18.40
N LEU A 108 13.96 12.68 -18.78
CA LEU A 108 12.50 12.73 -18.70
C LEU A 108 11.96 12.95 -17.26
N ILE A 109 12.45 12.20 -16.30
CA ILE A 109 11.96 12.23 -14.88
C ILE A 109 12.39 13.48 -14.15
N LEU A 110 13.46 14.11 -14.58
CA LEU A 110 13.87 15.32 -13.93
C LEU A 110 13.10 16.50 -14.53
N LYS A 111 12.51 16.29 -15.68
CA LYS A 111 11.67 17.26 -16.28
C LYS A 111 10.20 17.07 -15.85
N ASP A 112 9.73 15.85 -15.92
CA ASP A 112 8.32 15.51 -15.72
C ASP A 112 7.98 15.22 -14.26
N GLY A 113 8.86 14.55 -13.56
CA GLY A 113 8.61 14.21 -12.18
C GLY A 113 8.29 12.75 -12.03
N ILE A 114 8.17 12.27 -10.81
CA ILE A 114 7.83 10.88 -10.61
C ILE A 114 6.34 10.82 -10.56
N LYS A 115 5.72 10.32 -11.60
CA LYS A 115 4.28 10.21 -11.62
C LYS A 115 3.78 9.14 -12.56
N LYS A 116 3.92 9.32 -13.85
CA LYS A 116 3.41 8.33 -14.76
C LYS A 116 4.20 8.31 -16.05
N MET A 117 3.81 7.41 -16.92
CA MET A 117 4.45 7.18 -18.21
C MET A 117 3.56 6.25 -19.00
N SER A 118 3.33 5.10 -18.42
CA SER A 118 2.47 4.08 -18.98
C SER A 118 1.80 3.32 -17.84
N ARG A 119 1.84 3.92 -16.67
CA ARG A 119 1.28 3.35 -15.46
C ARG A 119 0.38 4.39 -14.80
N HIS A 120 -0.25 3.99 -13.72
CA HIS A 120 -1.08 4.89 -12.89
C HIS A 120 -0.16 5.69 -11.92
N HIS A 121 -0.66 6.10 -10.72
CA HIS A 121 0.19 6.86 -9.77
C HIS A 121 1.45 6.07 -9.39
N VAL A 122 2.44 6.74 -8.84
CA VAL A 122 3.75 6.16 -8.89
C VAL A 122 4.27 5.68 -7.54
N HIS A 123 5.28 4.87 -7.63
CA HIS A 123 5.92 4.27 -6.52
C HIS A 123 7.43 4.51 -6.54
N LEU A 124 7.94 4.95 -5.42
CA LEU A 124 9.34 5.21 -5.20
C LEU A 124 9.95 3.99 -4.51
N SER A 125 11.22 4.03 -4.29
CA SER A 125 11.92 2.87 -3.86
C SER A 125 12.10 2.82 -2.35
N GLN A 126 12.18 1.63 -1.89
CA GLN A 126 12.25 1.29 -0.49
C GLN A 126 13.69 1.11 -0.01
N ASP A 127 14.52 0.55 -0.86
CA ASP A 127 15.90 0.27 -0.54
C ASP A 127 16.75 0.53 -1.76
N ILE A 128 17.91 1.09 -1.55
CA ILE A 128 18.85 1.46 -2.60
C ILE A 128 19.24 0.27 -3.49
N THR A 129 19.41 -0.91 -2.87
CA THR A 129 19.90 -2.09 -3.55
C THR A 129 19.07 -2.46 -4.79
N THR A 130 17.80 -2.75 -4.60
CA THR A 130 16.94 -3.13 -5.71
C THR A 130 16.55 -1.91 -6.57
N ALA A 131 16.53 -0.73 -5.94
CA ALA A 131 16.21 0.52 -6.64
C ALA A 131 17.18 0.75 -7.78
N ARG A 132 18.44 0.74 -7.44
CA ARG A 132 19.50 0.95 -8.39
C ARG A 132 19.69 -0.29 -9.26
N LYS A 133 19.42 -1.45 -8.69
CA LYS A 133 19.62 -2.73 -9.37
C LYS A 133 18.71 -2.83 -10.59
N VAL A 134 17.50 -2.32 -10.47
CA VAL A 134 16.59 -2.33 -11.60
C VAL A 134 16.88 -1.14 -12.52
N GLY A 135 17.25 0.00 -11.94
CA GLY A 135 17.58 1.19 -12.72
C GLY A 135 18.70 0.94 -13.71
N MET A 136 19.75 0.26 -13.25
CA MET A 136 20.93 -0.06 -14.06
C MET A 136 20.57 -0.99 -15.23
N ARG A 137 19.44 -1.68 -15.14
CA ARG A 137 19.03 -2.62 -16.18
C ARG A 137 18.55 -1.90 -17.41
N HIS A 138 18.24 -0.61 -17.29
CA HIS A 138 17.74 0.11 -18.46
C HIS A 138 18.90 0.74 -19.22
N GLY A 139 19.97 1.04 -18.49
CA GLY A 139 21.16 1.55 -19.08
C GLY A 139 22.08 2.02 -18.01
N LYS A 140 22.04 3.28 -17.76
CA LYS A 140 22.81 3.91 -16.72
C LYS A 140 21.87 4.22 -15.56
N PRO A 141 22.20 3.83 -14.33
CA PRO A 141 21.34 4.09 -13.18
C PRO A 141 21.57 5.47 -12.54
N VAL A 142 20.53 6.01 -11.99
CA VAL A 142 20.57 7.25 -11.24
C VAL A 142 19.55 7.12 -10.13
N VAL A 143 19.81 7.71 -9.00
CA VAL A 143 18.86 7.65 -7.93
C VAL A 143 18.24 9.00 -7.68
N LEU A 144 16.95 9.00 -7.58
CA LEU A 144 16.19 10.19 -7.41
C LEU A 144 15.35 10.10 -6.16
N SER A 145 15.76 10.78 -5.17
CA SER A 145 15.08 10.79 -3.92
C SER A 145 14.36 12.11 -3.76
N VAL A 146 13.06 12.10 -3.63
CA VAL A 146 12.36 13.35 -3.45
C VAL A 146 12.62 13.88 -2.05
N ASP A 147 12.97 15.14 -1.98
CA ASP A 147 13.17 15.79 -0.71
C ASP A 147 11.82 16.17 -0.18
N ALA A 148 11.21 15.17 0.38
CA ALA A 148 9.89 15.18 0.85
C ALA A 148 9.58 16.17 1.94
N LYS A 149 10.60 16.79 2.54
CA LYS A 149 10.35 17.88 3.49
C LYS A 149 9.36 18.87 2.86
N GLY A 150 9.60 19.21 1.59
CA GLY A 150 8.72 20.09 0.84
C GLY A 150 7.48 19.38 0.37
N MET A 151 7.55 18.07 0.35
CA MET A 151 6.48 17.24 -0.15
C MET A 151 5.43 16.98 0.93
N ALA A 152 5.87 16.50 2.08
CA ALA A 152 5.00 16.23 3.20
C ALA A 152 4.37 17.51 3.71
N ASP A 153 5.16 18.59 3.71
CA ASP A 153 4.65 19.92 4.09
C ASP A 153 3.52 20.39 3.17
N GLY A 154 3.49 19.86 1.96
CA GLY A 154 2.49 20.22 0.98
C GLY A 154 1.15 19.51 1.20
N GLY A 155 0.93 18.99 2.40
CA GLY A 155 -0.32 18.35 2.72
C GLY A 155 -0.46 17.02 2.07
N PHE A 156 0.64 16.39 1.81
CA PHE A 156 0.66 15.17 1.11
C PHE A 156 0.63 13.99 2.06
N ASP A 157 -0.11 12.97 1.70
CA ASP A 157 -0.19 11.73 2.47
C ASP A 157 0.39 10.64 1.60
N PHE A 158 1.14 9.73 2.17
CA PHE A 158 1.83 8.76 1.34
C PHE A 158 1.47 7.37 1.80
N TYR A 159 1.61 6.42 0.92
CA TYR A 159 1.29 5.03 1.22
C TYR A 159 2.41 4.17 0.74
N LEU A 160 2.35 2.93 1.07
CA LEU A 160 3.23 1.94 0.50
C LEU A 160 2.38 0.88 -0.06
N SER A 161 2.80 0.25 -1.09
CA SER A 161 2.02 -0.80 -1.63
C SER A 161 2.38 -2.14 -0.98
N ASN A 162 1.67 -3.18 -1.34
CA ASN A 162 1.79 -4.53 -0.75
C ASN A 162 3.19 -5.15 -0.90
N ASN A 163 4.05 -4.55 -1.70
CA ASN A 163 5.42 -5.05 -1.88
C ASN A 163 6.38 -4.32 -0.90
N GLY A 164 5.85 -3.38 -0.12
CA GLY A 164 6.71 -2.61 0.80
C GLY A 164 7.38 -1.48 0.07
N VAL A 165 6.69 -1.03 -0.93
CA VAL A 165 7.24 -0.04 -1.86
C VAL A 165 6.67 1.30 -1.57
N TRP A 166 7.49 2.30 -1.64
CA TRP A 166 7.09 3.62 -1.22
C TRP A 166 6.21 4.20 -2.31
N LEU A 167 5.16 4.91 -1.99
CA LEU A 167 4.26 5.38 -3.03
C LEU A 167 3.78 6.79 -2.79
N ILE A 168 3.65 7.51 -3.88
CA ILE A 168 3.23 8.87 -3.84
C ILE A 168 2.30 9.15 -5.02
N ASP A 169 1.35 9.99 -4.78
CA ASP A 169 0.41 10.35 -5.80
C ASP A 169 1.06 11.23 -6.85
N PHE A 170 1.86 12.21 -6.41
CA PHE A 170 2.40 13.18 -7.37
C PHE A 170 3.61 13.96 -6.83
N VAL A 171 4.76 13.72 -7.42
CA VAL A 171 5.94 14.54 -7.19
C VAL A 171 6.44 15.20 -8.44
N PRO A 172 6.37 16.51 -8.51
CA PRO A 172 7.04 17.23 -9.55
C PRO A 172 8.54 17.12 -9.28
N ALA A 173 9.32 17.07 -10.32
CA ALA A 173 10.75 16.81 -10.24
C ALA A 173 11.53 17.86 -9.53
N GLU A 174 10.93 18.97 -9.31
CA GLU A 174 11.53 20.02 -8.55
C GLU A 174 11.74 19.55 -7.09
N PHE A 175 10.90 18.60 -6.65
CA PHE A 175 11.02 18.01 -5.34
C PHE A 175 11.96 16.82 -5.40
N ILE A 176 12.15 16.27 -6.59
CA ILE A 176 13.06 15.20 -6.82
C ILE A 176 14.46 15.68 -6.61
N LYS A 177 15.21 14.94 -5.86
CA LYS A 177 16.54 15.24 -5.67
C LYS A 177 17.41 14.20 -6.17
N VAL A 178 18.07 14.58 -7.17
CA VAL A 178 19.05 13.77 -7.84
C VAL A 178 20.27 13.56 -6.94
PA NAD B . 8.22 0.82 -12.99
O1A NAD B . 7.43 1.83 -12.24
O2A NAD B . 7.54 0.03 -14.05
O5B NAD B . 9.47 1.57 -13.65
C5B NAD B . 9.23 2.76 -14.42
C4B NAD B . 10.55 3.37 -14.89
O4B NAD B . 10.26 4.66 -15.51
C3B NAD B . 11.44 3.71 -13.73
O3B NAD B . 12.82 3.94 -14.13
C2B NAD B . 10.85 4.98 -13.27
O2B NAD B . 11.78 5.61 -12.38
C1B NAD B . 10.72 5.69 -14.57
N9A NAD B . 9.74 6.82 -14.50
C8A NAD B . 8.62 6.95 -13.69
N7A NAD B . 7.98 8.13 -13.99
C5A NAD B . 8.73 8.65 -14.92
C6A NAD B . 8.41 9.88 -15.50
N6A NAD B . 7.35 10.54 -15.14
N1A NAD B . 9.26 10.35 -16.46
C2A NAD B . 10.34 9.57 -16.78
N3A NAD B . 10.65 8.37 -16.22
C4A NAD B . 9.79 7.90 -15.25
O3 NAD B . 8.91 -0.16 -11.92
PN NAD B . 9.06 -1.74 -11.73
O1N NAD B . 8.36 -2.15 -10.49
O2N NAD B . 8.71 -2.43 -13.01
O5D NAD B . 10.67 -1.93 -11.50
C5D NAD B . 11.29 -1.91 -10.18
C4D NAD B . 11.31 -0.49 -9.59
O4D NAD B . 9.99 -0.17 -9.09
C3D NAD B . 12.19 -0.41 -8.37
O3D NAD B . 12.51 0.96 -8.02
C2D NAD B . 11.37 -1.06 -7.33
O2D NAD B . 11.84 -0.70 -6.01
C1D NAD B . 9.98 -0.50 -7.64
N1N NAD B . 8.88 -1.51 -7.35
C2N NAD B . 9.11 -2.89 -7.47
C3N NAD B . 8.03 -3.79 -7.30
C7N NAD B . 8.27 -5.33 -7.42
O7N NAD B . 7.32 -6.11 -7.29
N7N NAD B . 9.51 -5.73 -7.65
C4N NAD B . 6.74 -3.28 -7.04
C5N NAD B . 6.57 -1.91 -6.92
C6N NAD B . 7.61 -1.06 -7.07
H51A NAD B . 8.69 3.48 -13.79
H52A NAD B . 8.61 2.51 -15.28
H4B NAD B . 10.98 2.68 -15.61
H3B NAD B . 11.42 2.89 -13.00
HO3A NAD B . 13.02 3.51 -15.02
H2B NAD B . 9.90 4.75 -12.80
HO2A NAD B . 12.65 5.60 -12.89
H1B NAD B . 11.70 6.06 -14.84
H8A NAD B . 8.31 6.25 -12.92
H61A NAD B . 7.11 11.42 -15.54
H62A NAD B . 6.76 10.16 -14.43
H2A NAD B . 11.05 9.96 -17.52
H51N NAD B . 12.31 -2.23 -10.33
H52N NAD B . 10.83 -2.63 -9.51
H4D NAD B . 11.66 0.14 -10.41
H3D NAD B . 13.15 -0.89 -8.55
HO3N NAD B . 13.12 1.30 -8.74
H2D NAD B . 11.46 -2.12 -7.51
HO2N NAD B . 12.73 -1.13 -5.89
H1D NAD B . 9.76 0.34 -6.98
H2N NAD B . 10.10 -3.26 -7.66
H71N NAD B . 10.27 -5.08 -7.77
H72N NAD B . 9.71 -6.70 -7.72
H4N NAD B . 5.87 -3.93 -6.95
H5N NAD B . 5.64 -1.40 -6.67
H6N NAD B . 7.33 -0.02 -6.96
N GLY A 1 -40.38 1.20 -2.82
CA GLY A 1 -39.77 2.38 -2.21
C GLY A 1 -38.28 2.28 -2.27
N SER A 2 -37.58 3.24 -1.69
CA SER A 2 -36.14 3.25 -1.73
C SER A 2 -35.56 3.41 -0.32
N HIS A 3 -34.99 2.34 0.20
CA HIS A 3 -34.29 2.41 1.48
C HIS A 3 -32.81 2.51 1.21
N MET A 4 -32.37 3.74 0.97
CA MET A 4 -31.01 4.06 0.54
C MET A 4 -29.90 3.34 1.31
N VAL A 5 -29.88 3.48 2.63
CA VAL A 5 -28.80 2.87 3.44
C VAL A 5 -28.77 1.36 3.37
N LYS A 6 -29.94 0.79 3.18
CA LYS A 6 -30.08 -0.63 3.08
C LYS A 6 -29.50 -1.09 1.75
N VAL A 7 -29.80 -0.35 0.70
CA VAL A 7 -29.27 -0.57 -0.65
C VAL A 7 -27.75 -0.34 -0.62
N SER A 8 -27.29 0.49 0.30
CA SER A 8 -25.87 0.80 0.41
C SER A 8 -25.10 -0.41 0.95
N LYS A 9 -25.60 -1.00 2.03
CA LYS A 9 -24.94 -2.15 2.61
C LYS A 9 -25.19 -3.37 1.74
N PHE A 10 -26.34 -3.38 1.10
CA PHE A 10 -26.71 -4.45 0.22
C PHE A 10 -25.89 -4.38 -1.05
N LEU A 11 -25.42 -3.19 -1.38
CA LEU A 11 -24.55 -2.99 -2.51
C LEU A 11 -23.21 -3.61 -2.18
N SER A 12 -22.81 -3.42 -0.91
CA SER A 12 -21.59 -3.98 -0.39
C SER A 12 -21.70 -5.52 -0.38
N LEU A 13 -22.93 -5.99 -0.40
CA LEU A 13 -23.19 -7.40 -0.48
C LEU A 13 -23.20 -7.84 -1.96
N VAL A 14 -23.96 -7.16 -2.80
CA VAL A 14 -24.21 -7.65 -4.12
C VAL A 14 -23.01 -7.68 -5.07
N LEU A 15 -22.31 -6.59 -5.27
CA LEU A 15 -21.21 -6.64 -6.27
C LEU A 15 -19.90 -7.09 -5.65
N ARG A 16 -19.94 -7.35 -4.38
CA ARG A 16 -18.77 -7.72 -3.61
C ARG A 16 -18.83 -9.19 -3.14
N HIS A 17 -20.00 -9.68 -2.81
CA HIS A 17 -20.10 -11.03 -2.23
C HIS A 17 -20.58 -12.11 -3.19
N ASN A 18 -21.70 -11.90 -3.85
CA ASN A 18 -22.35 -13.01 -4.58
C ASN A 18 -23.37 -12.47 -5.62
N PRO A 19 -22.92 -11.58 -6.55
CA PRO A 19 -23.79 -10.71 -7.44
C PRO A 19 -25.04 -11.35 -8.04
N ALA A 20 -24.98 -12.64 -8.29
CA ALA A 20 -26.03 -13.39 -8.88
C ALA A 20 -27.36 -13.38 -8.09
N LEU A 21 -27.36 -12.83 -6.87
CA LEU A 21 -28.47 -12.73 -6.07
C LEU A 21 -29.50 -11.87 -6.70
N ILE A 22 -29.10 -10.71 -7.19
CA ILE A 22 -30.06 -9.85 -7.80
C ILE A 22 -30.02 -10.15 -9.28
N GLY A 23 -28.98 -10.87 -9.65
CA GLY A 23 -28.69 -11.14 -11.00
C GLY A 23 -27.72 -10.12 -11.55
N LEU A 24 -26.77 -9.67 -10.70
CA LEU A 24 -25.82 -8.75 -11.10
C LEU A 24 -24.69 -9.47 -11.82
N ASP A 25 -24.16 -8.81 -12.80
CA ASP A 25 -23.17 -9.37 -13.68
C ASP A 25 -21.87 -8.69 -13.43
N LEU A 26 -20.88 -9.42 -13.09
CA LEU A 26 -19.60 -8.83 -12.81
C LEU A 26 -18.66 -9.02 -13.94
N ASP A 27 -17.93 -8.00 -14.21
CA ASP A 27 -16.98 -8.00 -15.29
C ASP A 27 -15.68 -8.62 -14.78
N ALA A 28 -14.76 -8.79 -15.67
CA ALA A 28 -13.49 -9.38 -15.37
C ALA A 28 -12.61 -8.31 -14.76
N ASN A 29 -12.85 -7.07 -15.17
CA ASN A 29 -12.12 -5.95 -14.67
C ASN A 29 -12.55 -5.60 -13.23
N GLY A 30 -13.72 -6.10 -12.85
CA GLY A 30 -14.22 -5.89 -11.50
C GLY A 30 -15.34 -4.86 -11.40
N TRP A 31 -16.03 -4.63 -12.50
CA TRP A 31 -17.10 -3.65 -12.52
C TRP A 31 -18.43 -4.34 -12.66
N ALA A 32 -19.46 -3.68 -12.25
CA ALA A 32 -20.80 -4.15 -12.40
C ALA A 32 -21.58 -3.11 -13.15
N PRO A 33 -22.45 -3.50 -14.09
CA PRO A 33 -23.21 -2.54 -14.80
C PRO A 33 -24.32 -2.04 -13.92
N VAL A 34 -24.28 -0.79 -13.62
CA VAL A 34 -25.28 -0.15 -12.82
C VAL A 34 -26.66 -0.37 -13.33
N LYS A 35 -26.84 -0.35 -14.66
CA LYS A 35 -28.14 -0.65 -15.28
C LYS A 35 -28.70 -1.96 -14.73
N GLU A 36 -27.83 -2.96 -14.65
CA GLU A 36 -28.18 -4.27 -14.15
C GLU A 36 -28.45 -4.14 -12.67
N LEU A 37 -27.67 -3.32 -12.03
CA LEU A 37 -27.59 -3.27 -10.61
C LEU A 37 -28.81 -2.67 -9.98
N LEU A 38 -29.38 -1.62 -10.56
CA LEU A 38 -30.45 -1.04 -9.91
C LEU A 38 -31.67 -1.83 -10.31
N ALA A 39 -31.73 -2.26 -11.60
CA ALA A 39 -32.90 -2.97 -12.12
C ALA A 39 -33.07 -4.30 -11.43
N LYS A 40 -32.00 -5.01 -11.34
CA LYS A 40 -32.00 -6.33 -10.74
C LYS A 40 -32.25 -6.29 -9.25
N MET A 41 -31.67 -5.33 -8.53
CA MET A 41 -31.91 -5.28 -7.11
C MET A 41 -33.25 -4.65 -6.81
N LYS A 42 -33.75 -3.89 -7.76
CA LYS A 42 -35.08 -3.32 -7.70
C LYS A 42 -36.08 -4.46 -7.57
N ALA A 43 -35.87 -5.46 -8.41
CA ALA A 43 -36.65 -6.69 -8.38
C ALA A 43 -36.36 -7.48 -7.09
N LYS A 44 -35.13 -7.35 -6.56
CA LYS A 44 -34.73 -7.94 -5.27
C LYS A 44 -35.31 -7.10 -4.09
N GLY A 45 -36.23 -6.20 -4.40
CA GLY A 45 -36.92 -5.44 -3.39
C GLY A 45 -36.14 -4.24 -2.91
N HIS A 46 -35.60 -3.47 -3.83
CA HIS A 46 -34.87 -2.26 -3.42
C HIS A 46 -35.44 -0.98 -4.00
N GLY A 47 -36.18 -1.10 -5.10
CA GLY A 47 -36.95 0.02 -5.68
C GLY A 47 -36.16 1.29 -5.96
N ILE A 48 -35.01 1.18 -6.56
CA ILE A 48 -34.21 2.33 -6.84
C ILE A 48 -34.07 2.56 -8.35
N SER A 49 -34.03 3.81 -8.76
CA SER A 49 -33.78 4.16 -10.15
C SER A 49 -32.26 4.34 -10.31
N MET A 50 -31.77 4.70 -11.52
CA MET A 50 -30.33 4.81 -11.76
C MET A 50 -29.74 5.83 -10.81
N GLU A 51 -30.44 6.96 -10.67
CA GLU A 51 -30.00 8.03 -9.81
C GLU A 51 -30.10 7.72 -8.31
N GLU A 52 -30.92 6.75 -7.94
CA GLU A 52 -31.00 6.35 -6.56
C GLU A 52 -29.74 5.63 -6.21
N LEU A 53 -29.36 4.63 -7.02
CA LEU A 53 -28.14 3.91 -6.77
C LEU A 53 -26.96 4.88 -6.90
N LYS A 54 -27.08 5.80 -7.83
CA LYS A 54 -26.12 6.87 -8.04
C LYS A 54 -25.89 7.63 -6.73
N HIS A 55 -26.92 7.71 -5.91
CA HIS A 55 -26.82 8.37 -4.63
C HIS A 55 -26.12 7.43 -3.60
N ILE A 56 -26.35 6.12 -3.69
CA ILE A 56 -25.62 5.16 -2.86
C ILE A 56 -24.11 5.27 -3.19
N VAL A 57 -23.81 5.18 -4.44
CA VAL A 57 -22.45 5.27 -4.86
C VAL A 57 -21.92 6.71 -4.63
N GLU A 58 -22.82 7.67 -4.54
CA GLU A 58 -22.48 9.06 -4.21
C GLU A 58 -21.94 9.09 -2.78
N THR A 59 -22.41 8.16 -1.96
CA THR A 59 -21.97 8.10 -0.58
C THR A 59 -20.75 7.21 -0.42
N ASN A 60 -20.22 6.74 -1.56
CA ASN A 60 -18.91 6.00 -1.66
C ASN A 60 -17.74 6.62 -0.85
N SER A 61 -17.89 7.85 -0.33
CA SER A 61 -16.84 8.74 0.22
C SER A 61 -15.76 8.06 1.13
N LYS A 62 -16.07 6.95 1.77
CA LYS A 62 -15.05 6.22 2.57
C LYS A 62 -14.19 5.32 1.67
N LYS A 63 -14.38 5.52 0.39
CA LYS A 63 -13.73 4.83 -0.69
C LYS A 63 -14.10 3.35 -0.73
N ARG A 64 -15.40 3.13 -0.75
CA ARG A 64 -15.94 1.78 -0.83
C ARG A 64 -16.65 1.55 -2.16
N PHE A 65 -16.83 2.62 -2.95
CA PHE A 65 -17.53 2.52 -4.26
C PHE A 65 -16.96 3.56 -5.21
N ALA A 66 -17.41 3.52 -6.47
CA ALA A 66 -17.03 4.44 -7.52
C ALA A 66 -17.94 4.20 -8.67
N PHE A 67 -18.03 5.12 -9.56
CA PHE A 67 -19.00 5.07 -10.62
C PHE A 67 -18.38 5.61 -11.88
N SER A 68 -18.78 5.10 -13.03
CA SER A 68 -18.22 5.54 -14.30
C SER A 68 -18.80 6.90 -14.75
N GLU A 69 -18.37 7.37 -15.92
CA GLU A 69 -18.73 8.68 -16.44
C GLU A 69 -20.23 8.82 -16.76
N ASN A 70 -20.81 7.79 -17.38
CA ASN A 70 -22.26 7.76 -17.68
C ASN A 70 -22.99 7.44 -16.40
N PHE A 71 -22.21 6.95 -15.45
CA PHE A 71 -22.66 6.45 -14.16
C PHE A 71 -23.30 5.09 -14.39
N GLU A 72 -22.86 4.39 -15.44
CA GLU A 72 -23.51 3.15 -15.81
C GLU A 72 -22.78 1.93 -15.29
N LYS A 73 -21.65 2.10 -14.69
CA LYS A 73 -20.95 1.00 -14.14
C LYS A 73 -20.38 1.41 -12.83
N ILE A 74 -20.56 0.59 -11.87
CA ILE A 74 -20.03 0.82 -10.56
C ILE A 74 -18.91 -0.17 -10.28
N ARG A 75 -18.05 0.19 -9.39
CA ARG A 75 -17.02 -0.65 -8.92
C ARG A 75 -16.97 -0.40 -7.44
N ALA A 76 -16.99 -1.43 -6.68
CA ALA A 76 -16.90 -1.27 -5.28
C ALA A 76 -15.43 -1.21 -4.97
N ASN A 77 -15.01 -0.16 -4.35
CA ASN A 77 -13.63 -0.03 -4.00
C ASN A 77 -13.36 -0.82 -2.76
N GLN A 78 -12.23 -1.46 -2.73
CA GLN A 78 -11.93 -2.40 -1.69
C GLN A 78 -11.30 -1.72 -0.49
N GLY A 79 -11.37 -0.41 -0.45
CA GLY A 79 -10.80 0.34 0.63
C GLY A 79 -9.47 0.93 0.27
N HIS A 80 -8.53 0.06 -0.13
CA HIS A 80 -7.19 0.53 -0.51
C HIS A 80 -7.17 1.04 -1.94
N SER A 81 -8.29 0.89 -2.60
CA SER A 81 -8.42 1.26 -3.96
C SER A 81 -8.60 2.78 -4.09
N VAL A 82 -7.53 3.49 -3.84
CA VAL A 82 -7.52 4.93 -3.95
C VAL A 82 -7.59 5.30 -5.41
N GLU A 83 -6.91 4.52 -6.20
CA GLU A 83 -6.99 4.63 -7.62
C GLU A 83 -7.74 3.42 -8.12
N VAL A 84 -7.04 2.37 -8.20
CA VAL A 84 -7.52 1.11 -8.54
C VAL A 84 -6.83 0.10 -7.64
N ASP A 85 -5.66 -0.24 -8.02
CA ASP A 85 -4.84 -1.22 -7.33
C ASP A 85 -3.52 -1.36 -8.08
N LEU A 86 -2.67 -0.41 -7.89
CA LEU A 86 -1.42 -0.35 -8.56
C LEU A 86 -0.30 0.01 -7.60
N GLY A 87 -0.65 0.06 -6.34
CA GLY A 87 0.31 0.43 -5.35
C GLY A 87 -0.30 1.20 -4.21
N TYR A 88 -1.58 1.16 -4.13
CA TYR A 88 -2.28 1.85 -3.11
C TYR A 88 -2.74 0.92 -2.02
N GLU A 89 -2.15 1.11 -0.89
CA GLU A 89 -2.47 0.41 0.32
C GLU A 89 -2.27 1.42 1.40
N LYS A 90 -3.26 1.64 2.22
CA LYS A 90 -3.18 2.70 3.21
C LYS A 90 -2.24 2.27 4.33
N GLN A 91 -1.00 2.73 4.25
CA GLN A 91 0.05 2.31 5.17
C GLN A 91 0.92 3.47 5.54
N VAL A 92 1.97 3.20 6.32
CA VAL A 92 2.89 4.23 6.80
C VAL A 92 3.52 5.08 5.67
N PRO A 93 3.30 6.39 5.73
CA PRO A 93 3.81 7.33 4.75
C PRO A 93 5.26 7.78 5.03
N PRO A 94 6.12 7.85 4.02
CA PRO A 94 7.44 8.40 4.19
C PRO A 94 7.41 9.92 4.00
N ALA A 95 8.45 10.57 4.39
CA ALA A 95 8.56 11.98 4.15
C ALA A 95 9.50 12.19 2.99
N VAL A 96 10.67 11.58 3.09
CA VAL A 96 11.65 11.62 2.04
C VAL A 96 11.62 10.29 1.33
N LEU A 97 11.48 10.31 0.05
CA LEU A 97 11.37 9.06 -0.67
C LEU A 97 12.34 8.92 -1.84
N PHE A 98 13.19 7.88 -1.75
CA PHE A 98 14.31 7.65 -2.67
C PHE A 98 14.03 6.51 -3.65
N HIS A 99 13.99 6.82 -4.89
CA HIS A 99 13.70 5.86 -5.91
C HIS A 99 14.88 5.67 -6.83
N GLY A 100 15.25 4.43 -7.05
CA GLY A 100 16.26 4.13 -8.02
C GLY A 100 15.62 4.10 -9.38
N THR A 101 16.11 4.91 -10.26
CA THR A 101 15.57 5.03 -11.57
C THR A 101 16.76 4.99 -12.59
N ALA A 102 16.56 5.39 -13.85
CA ALA A 102 17.59 5.18 -14.87
C ALA A 102 17.87 6.50 -15.55
N GLU A 103 18.95 6.59 -16.33
CA GLU A 103 19.40 7.87 -16.87
C GLU A 103 18.69 8.47 -18.10
N LYS A 104 18.18 7.68 -19.02
CA LYS A 104 17.43 8.27 -20.14
C LYS A 104 16.08 8.72 -19.60
N ASN A 105 15.55 7.91 -18.71
CA ASN A 105 14.33 8.29 -18.11
C ASN A 105 14.61 9.32 -17.04
N PHE A 106 15.89 9.48 -16.65
CA PHE A 106 16.32 10.51 -15.70
C PHE A 106 16.04 11.85 -16.28
N ASP A 107 16.41 11.99 -17.53
CA ASP A 107 16.19 13.22 -18.24
C ASP A 107 14.71 13.52 -18.21
N LEU A 108 13.91 12.52 -18.53
CA LEU A 108 12.45 12.69 -18.51
C LEU A 108 11.84 12.89 -17.08
N ILE A 109 12.35 12.18 -16.09
CA ILE A 109 11.84 12.22 -14.70
C ILE A 109 12.24 13.48 -14.01
N LEU A 110 13.36 14.06 -14.38
CA LEU A 110 13.75 15.31 -13.79
C LEU A 110 13.11 16.48 -14.57
N LYS A 111 12.67 16.16 -15.77
CA LYS A 111 11.99 17.11 -16.64
C LYS A 111 10.54 17.34 -16.20
N ASP A 112 9.87 16.30 -15.75
CA ASP A 112 8.45 16.42 -15.42
C ASP A 112 8.13 15.99 -13.99
N GLY A 113 8.77 14.94 -13.54
CA GLY A 113 8.48 14.39 -12.23
C GLY A 113 7.75 13.08 -12.37
N ILE A 114 7.53 12.35 -11.31
CA ILE A 114 6.77 11.14 -11.43
C ILE A 114 5.36 11.19 -10.92
N LYS A 115 4.55 10.38 -11.55
CA LYS A 115 3.10 10.31 -11.31
C LYS A 115 2.50 9.35 -12.29
N LYS A 116 2.95 9.45 -13.51
CA LYS A 116 2.44 8.64 -14.58
C LYS A 116 3.47 8.58 -15.68
N MET A 117 3.74 7.40 -16.17
CA MET A 117 4.62 7.29 -17.32
C MET A 117 3.72 7.15 -18.52
N SER A 118 3.26 5.95 -18.76
CA SER A 118 2.26 5.70 -19.75
C SER A 118 0.93 5.69 -19.00
N ARG A 119 1.00 5.13 -17.80
CA ARG A 119 -0.07 5.01 -16.82
C ARG A 119 0.67 4.79 -15.50
N HIS A 120 -0.08 4.50 -14.43
CA HIS A 120 0.46 3.96 -13.17
C HIS A 120 1.26 4.99 -12.33
N HIS A 121 0.74 5.29 -11.12
CA HIS A 121 1.43 6.22 -10.18
C HIS A 121 2.76 5.64 -9.71
N VAL A 122 3.64 6.44 -9.12
CA VAL A 122 5.01 5.96 -9.05
C VAL A 122 5.51 5.70 -7.65
N HIS A 123 6.33 4.67 -7.54
CA HIS A 123 6.81 4.18 -6.29
C HIS A 123 8.21 4.67 -6.00
N LEU A 124 8.40 5.20 -4.83
CA LEU A 124 9.67 5.74 -4.39
C LEU A 124 9.98 5.05 -3.08
N SER A 125 11.24 5.03 -2.69
CA SER A 125 11.70 4.33 -1.50
C SER A 125 11.46 2.83 -1.57
N GLN A 126 12.52 2.11 -1.51
CA GLN A 126 12.50 0.70 -1.55
C GLN A 126 13.90 0.22 -1.35
N ASP A 127 14.13 -1.05 -1.60
CA ASP A 127 15.45 -1.62 -1.52
C ASP A 127 16.36 -0.90 -2.50
N ILE A 128 17.32 -0.18 -1.96
CA ILE A 128 18.20 0.68 -2.71
C ILE A 128 18.92 -0.04 -3.87
N THR A 129 19.43 -1.21 -3.61
CA THR A 129 20.20 -1.90 -4.59
C THR A 129 19.32 -2.59 -5.63
N THR A 130 18.17 -3.10 -5.23
CA THR A 130 17.24 -3.68 -6.18
C THR A 130 16.71 -2.60 -7.13
N ALA A 131 16.39 -1.44 -6.57
CA ALA A 131 15.92 -0.29 -7.34
C ALA A 131 16.97 0.12 -8.35
N ARG A 132 18.16 0.31 -7.84
CA ARG A 132 19.35 0.65 -8.63
C ARG A 132 19.56 -0.39 -9.77
N LYS A 133 19.45 -1.67 -9.43
CA LYS A 133 19.60 -2.75 -10.42
C LYS A 133 18.55 -2.67 -11.53
N VAL A 134 17.32 -2.37 -11.15
CA VAL A 134 16.25 -2.26 -12.14
C VAL A 134 16.47 -1.02 -13.03
N GLY A 135 17.03 0.03 -12.44
CA GLY A 135 17.37 1.20 -13.21
C GLY A 135 18.49 0.88 -14.18
N MET A 136 19.42 0.06 -13.72
CA MET A 136 20.58 -0.38 -14.48
C MET A 136 20.15 -1.29 -15.66
N ARG A 137 18.91 -1.78 -15.61
CA ARG A 137 18.35 -2.57 -16.72
C ARG A 137 18.18 -1.67 -17.95
N HIS A 138 18.08 -0.37 -17.72
CA HIS A 138 17.88 0.57 -18.83
C HIS A 138 19.21 1.17 -19.25
N GLY A 139 20.15 1.23 -18.33
CA GLY A 139 21.45 1.75 -18.62
C GLY A 139 22.19 2.04 -17.34
N LYS A 140 22.43 3.29 -17.07
CA LYS A 140 23.08 3.65 -15.82
C LYS A 140 22.02 4.21 -14.88
N PRO A 141 21.95 3.69 -13.66
CA PRO A 141 20.93 4.11 -12.69
C PRO A 141 21.29 5.39 -11.91
N VAL A 142 20.26 6.10 -11.52
CA VAL A 142 20.38 7.33 -10.75
C VAL A 142 19.33 7.28 -9.64
N VAL A 143 19.69 7.65 -8.44
CA VAL A 143 18.72 7.65 -7.37
C VAL A 143 18.10 9.03 -7.20
N LEU A 144 16.80 9.06 -7.05
CA LEU A 144 16.04 10.29 -6.94
C LEU A 144 15.25 10.33 -5.65
N SER A 145 15.70 11.09 -4.70
CA SER A 145 15.04 11.17 -3.42
C SER A 145 14.29 12.48 -3.26
N VAL A 146 12.98 12.43 -3.22
CA VAL A 146 12.20 13.64 -3.03
C VAL A 146 12.38 14.17 -1.64
N ASP A 147 12.50 15.45 -1.55
CA ASP A 147 12.74 16.16 -0.32
C ASP A 147 11.53 16.13 0.59
N ALA A 148 11.71 15.48 1.74
CA ALA A 148 10.69 15.33 2.78
C ALA A 148 9.88 16.60 3.00
N LYS A 149 10.59 17.66 3.26
CA LYS A 149 10.03 18.98 3.56
C LYS A 149 9.14 19.46 2.42
N GLY A 150 9.60 19.25 1.21
CA GLY A 150 8.88 19.66 0.05
C GLY A 150 7.61 18.88 -0.16
N MET A 151 7.63 17.62 0.22
CA MET A 151 6.46 16.78 0.00
C MET A 151 5.48 16.93 1.13
N ALA A 152 6.01 17.05 2.34
CA ALA A 152 5.20 17.25 3.55
C ALA A 152 4.38 18.52 3.44
N ASP A 153 4.99 19.57 2.89
CA ASP A 153 4.31 20.86 2.68
C ASP A 153 3.25 20.73 1.60
N GLY A 154 3.47 19.77 0.71
CA GLY A 154 2.56 19.53 -0.38
C GLY A 154 1.23 18.97 0.08
N GLY A 155 1.22 18.37 1.26
CA GLY A 155 -0.02 17.83 1.80
C GLY A 155 -0.40 16.55 1.12
N PHE A 156 0.59 15.85 0.61
CA PHE A 156 0.36 14.61 -0.07
C PHE A 156 0.12 13.52 0.94
N ASP A 157 -0.61 12.53 0.55
CA ASP A 157 -0.83 11.39 1.40
C ASP A 157 -0.04 10.26 0.79
N PHE A 158 0.85 9.69 1.53
CA PHE A 158 1.78 8.76 0.97
C PHE A 158 1.48 7.40 1.54
N TYR A 159 1.91 6.37 0.86
CA TYR A 159 1.63 5.01 1.28
C TYR A 159 2.80 4.15 0.93
N LEU A 160 2.72 2.89 1.26
CA LEU A 160 3.62 1.92 0.70
C LEU A 160 2.78 0.77 0.18
N SER A 161 3.24 0.14 -0.84
CA SER A 161 2.51 -0.89 -1.48
C SER A 161 2.88 -2.27 -0.92
N ASN A 162 2.35 -3.30 -1.56
CA ASN A 162 2.49 -4.70 -1.15
C ASN A 162 3.95 -5.15 -0.99
N ASN A 163 4.83 -4.68 -1.85
CA ASN A 163 6.25 -5.11 -1.80
C ASN A 163 7.10 -4.29 -0.84
N GLY A 164 6.48 -3.45 -0.04
CA GLY A 164 7.25 -2.59 0.86
C GLY A 164 7.96 -1.53 0.07
N VAL A 165 7.35 -1.19 -1.02
CA VAL A 165 7.79 -0.12 -1.86
C VAL A 165 6.92 1.04 -1.53
N TRP A 166 7.44 2.20 -1.39
CA TRP A 166 6.63 3.28 -0.94
C TRP A 166 6.03 3.95 -2.20
N LEU A 167 4.99 4.72 -2.06
CA LEU A 167 4.27 5.22 -3.24
C LEU A 167 3.83 6.67 -3.05
N ILE A 168 3.87 7.43 -4.14
CA ILE A 168 3.40 8.79 -4.15
C ILE A 168 2.57 9.03 -5.43
N ASP A 169 1.51 9.78 -5.23
CA ASP A 169 0.61 10.18 -6.30
C ASP A 169 1.29 11.14 -7.22
N PHE A 170 2.04 12.09 -6.66
CA PHE A 170 2.61 13.13 -7.49
C PHE A 170 3.83 13.78 -6.89
N VAL A 171 4.93 13.61 -7.57
CA VAL A 171 6.14 14.32 -7.28
C VAL A 171 6.59 15.15 -8.43
N PRO A 172 6.44 16.47 -8.35
CA PRO A 172 7.07 17.34 -9.31
C PRO A 172 8.58 17.15 -9.15
N ALA A 173 9.30 17.13 -10.24
CA ALA A 173 10.70 16.81 -10.21
C ALA A 173 11.53 17.85 -9.52
N GLU A 174 10.97 19.00 -9.37
CA GLU A 174 11.61 20.05 -8.62
C GLU A 174 11.71 19.64 -7.14
N PHE A 175 10.80 18.77 -6.71
CA PHE A 175 10.81 18.25 -5.37
C PHE A 175 11.65 17.00 -5.31
N ILE A 176 11.87 16.40 -6.47
CA ILE A 176 12.73 15.29 -6.62
C ILE A 176 14.14 15.75 -6.43
N LYS A 177 14.88 15.05 -5.63
CA LYS A 177 16.20 15.41 -5.43
C LYS A 177 17.12 14.38 -5.87
N VAL A 178 17.71 14.72 -6.92
CA VAL A 178 18.75 13.92 -7.52
C VAL A 178 19.94 13.91 -6.58
PA NAD B . 7.58 0.73 -13.78
O1A NAD B . 6.58 1.66 -13.17
O2A NAD B . 7.26 0.11 -15.10
O5B NAD B . 8.98 1.54 -13.95
C5B NAD B . 8.98 2.77 -14.69
C4B NAD B . 10.40 3.38 -14.78
O4B NAD B . 10.31 4.64 -15.48
C3B NAD B . 10.94 3.75 -13.43
O3B NAD B . 12.39 4.03 -13.47
C2B NAD B . 10.23 5.01 -13.16
O2B NAD B . 10.89 5.71 -12.09
C1B NAD B . 10.39 5.70 -14.48
N9A NAD B . 9.35 6.74 -14.73
C8A NAD B . 8.02 6.81 -14.28
N7A NAD B . 7.41 7.87 -14.89
C5A NAD B . 8.33 8.40 -15.61
C6A NAD B . 8.09 9.54 -16.37
N6A NAD B . 6.91 10.12 -16.39
N1A NAD B . 9.15 10.03 -17.10
C2A NAD B . 10.34 9.34 -17.01
N3A NAD B . 10.56 8.25 -16.26
C4A NAD B . 9.52 7.76 -15.55
O3 NAD B . 7.94 -0.42 -12.75
PN NAD B . 8.51 -0.49 -11.26
O1N NAD B . 8.38 0.86 -10.62
O2N NAD B . 7.93 -1.67 -10.57
O5D NAD B . 10.07 -0.78 -11.52
C5D NAD B . 10.90 -1.32 -10.49
C4D NAD B . 11.21 -0.24 -9.48
O4D NAD B . 10.03 -0.01 -8.66
C3D NAD B . 12.24 -0.67 -8.51
O3D NAD B . 12.70 0.42 -7.70
C2D NAD B . 11.50 -1.62 -7.67
O2D NAD B . 12.21 -1.84 -6.46
C1D NAD B . 10.18 -0.88 -7.47
N1N NAD B . 8.99 -1.80 -7.36
C2N NAD B . 9.09 -3.19 -7.46
C3N NAD B . 7.92 -4.00 -7.32
C7N NAD B . 7.97 -5.55 -7.50
O7N NAD B . 6.94 -6.21 -7.46
N7N NAD B . 9.15 -6.08 -7.72
C4N NAD B . 6.71 -3.37 -7.05
C5N NAD B . 6.67 -2.00 -6.93
C6N NAD B . 7.78 -1.24 -7.10
H51A NAD B . 8.30 3.49 -14.22
H52A NAD B . 8.62 2.56 -15.69
H4B NAD B . 11.00 2.67 -15.34
H3B NAD B . 10.77 2.94 -12.71
HO3A NAD B . 12.86 3.41 -14.13
H2B NAD B . 9.20 4.75 -12.91
HO2A NAD B . 11.81 5.93 -12.46
H1B NAD B . 11.38 6.17 -14.47
H8A NAD B . 7.57 6.30 -13.44
H61A NAD B . 6.71 10.94 -16.93
H62A NAD B . 6.15 9.73 -15.85
H2A NAD B . 11.22 9.71 -17.54
H51N NAD B . 11.82 -1.69 -10.92
H52N NAD B . 10.43 -2.18 -10.02
H4D NAD B . 11.53 0.61 -10.07
H3D NAD B . 13.12 -1.09 -9.00
HO3N NAD B . 13.08 -0.02 -6.88
H2D NAD B . 11.40 -2.53 -8.27
HO2N NAD B . 11.76 -2.54 -5.91
H1D NAD B . 10.17 -0.33 -6.54
H2N NAD B . 10.07 -3.61 -7.62
H71N NAD B . 9.96 -5.51 -7.71
H72N NAD B . 9.22 -7.06 -7.89
H4N NAD B . 5.78 -3.94 -6.92
H5N NAD B . 5.80 -1.41 -6.67
H6N NAD B . 7.62 -0.17 -6.96
N GLY A 1 -9.61 -19.26 -30.78
CA GLY A 1 -8.46 -20.06 -30.36
C GLY A 1 -8.15 -19.74 -28.94
N SER A 2 -7.39 -20.58 -28.27
CA SER A 2 -7.08 -20.32 -26.90
C SER A 2 -5.97 -19.28 -26.75
N HIS A 3 -6.37 -18.05 -26.73
CA HIS A 3 -5.48 -16.93 -26.48
C HIS A 3 -6.01 -16.20 -25.26
N MET A 4 -6.95 -16.87 -24.60
CA MET A 4 -7.70 -16.39 -23.44
C MET A 4 -6.80 -15.77 -22.38
N VAL A 5 -5.84 -16.55 -21.92
CA VAL A 5 -4.94 -16.12 -20.86
C VAL A 5 -4.03 -14.98 -21.36
N LYS A 6 -3.66 -15.04 -22.63
CA LYS A 6 -2.79 -14.04 -23.21
C LYS A 6 -3.49 -12.70 -23.32
N VAL A 7 -4.74 -12.72 -23.72
CA VAL A 7 -5.53 -11.49 -23.80
C VAL A 7 -5.74 -10.94 -22.40
N SER A 8 -5.74 -11.82 -21.40
CA SER A 8 -5.92 -11.37 -20.02
C SER A 8 -4.67 -10.59 -19.54
N LYS A 9 -3.51 -11.16 -19.81
CA LYS A 9 -2.23 -10.54 -19.46
C LYS A 9 -2.01 -9.30 -20.30
N PHE A 10 -2.31 -9.42 -21.57
CA PHE A 10 -2.09 -8.36 -22.50
C PHE A 10 -3.06 -7.23 -22.27
N LEU A 11 -4.27 -7.54 -21.79
CA LEU A 11 -5.24 -6.51 -21.45
C LEU A 11 -4.68 -5.68 -20.34
N SER A 12 -4.19 -6.38 -19.32
CA SER A 12 -3.54 -5.80 -18.16
C SER A 12 -2.34 -4.93 -18.58
N LEU A 13 -1.82 -5.17 -19.75
CA LEU A 13 -0.80 -4.34 -20.31
C LEU A 13 -1.42 -3.18 -21.13
N VAL A 14 -2.34 -3.49 -22.03
CA VAL A 14 -2.81 -2.55 -23.01
C VAL A 14 -3.60 -1.36 -22.49
N LEU A 15 -4.72 -1.57 -21.83
CA LEU A 15 -5.56 -0.40 -21.43
C LEU A 15 -5.08 0.16 -20.12
N ARG A 16 -4.05 -0.45 -19.63
CA ARG A 16 -3.54 -0.18 -18.33
C ARG A 16 -2.16 0.51 -18.38
N HIS A 17 -1.42 0.38 -19.47
CA HIS A 17 -0.04 0.93 -19.50
C HIS A 17 0.23 1.86 -20.68
N ASN A 18 -0.02 1.41 -21.88
CA ASN A 18 0.40 2.16 -23.08
C ASN A 18 -0.54 1.88 -24.26
N PRO A 19 -1.89 2.05 -24.06
CA PRO A 19 -2.99 1.53 -24.97
C PRO A 19 -2.77 1.68 -26.48
N ALA A 20 -2.02 2.68 -26.86
CA ALA A 20 -1.70 2.98 -28.22
C ALA A 20 -0.99 1.84 -29.00
N LEU A 21 -0.59 0.75 -28.31
CA LEU A 21 0.00 -0.34 -28.91
C LEU A 21 -0.97 -0.99 -29.82
N ILE A 22 -2.19 -1.23 -29.35
CA ILE A 22 -3.15 -1.83 -30.22
C ILE A 22 -3.92 -0.70 -30.85
N GLY A 23 -3.75 0.47 -30.28
CA GLY A 23 -4.47 1.64 -30.69
C GLY A 23 -5.74 1.81 -29.90
N LEU A 24 -5.68 1.49 -28.61
CA LEU A 24 -6.78 1.60 -27.77
C LEU A 24 -6.95 3.02 -27.25
N ASP A 25 -8.16 3.38 -26.98
CA ASP A 25 -8.54 4.71 -26.55
C ASP A 25 -8.96 4.67 -25.11
N LEU A 26 -8.35 5.50 -24.31
CA LEU A 26 -8.61 5.53 -22.88
C LEU A 26 -9.00 6.91 -22.47
N ASP A 27 -9.80 7.01 -21.45
CA ASP A 27 -10.19 8.29 -20.90
C ASP A 27 -9.41 8.51 -19.63
N ALA A 28 -9.94 9.33 -18.80
CA ALA A 28 -9.32 9.69 -17.54
C ALA A 28 -9.66 8.67 -16.44
N ASN A 29 -10.88 8.15 -16.45
CA ASN A 29 -11.37 7.25 -15.43
C ASN A 29 -10.86 5.81 -15.63
N GLY A 30 -10.39 5.51 -16.84
CA GLY A 30 -9.75 4.23 -17.09
C GLY A 30 -10.61 3.27 -17.91
N TRP A 31 -11.51 3.81 -18.71
CA TRP A 31 -12.40 3.03 -19.54
C TRP A 31 -11.89 3.02 -20.96
N ALA A 32 -12.11 1.93 -21.62
CA ALA A 32 -11.74 1.76 -22.99
C ALA A 32 -12.91 1.16 -23.73
N PRO A 33 -13.12 1.49 -25.00
CA PRO A 33 -14.19 0.92 -25.74
C PRO A 33 -13.81 -0.48 -26.15
N VAL A 34 -14.54 -1.45 -25.65
CA VAL A 34 -14.30 -2.84 -25.95
C VAL A 34 -14.23 -3.13 -27.39
N LYS A 35 -15.13 -2.57 -28.16
CA LYS A 35 -15.16 -2.70 -29.57
C LYS A 35 -13.78 -2.38 -30.20
N GLU A 36 -13.10 -1.38 -29.64
CA GLU A 36 -11.80 -1.00 -30.08
C GLU A 36 -10.78 -1.96 -29.52
N LEU A 37 -11.08 -2.49 -28.38
CA LEU A 37 -10.16 -3.27 -27.64
C LEU A 37 -9.95 -4.62 -28.25
N LEU A 38 -11.02 -5.28 -28.70
CA LEU A 38 -10.85 -6.55 -29.18
C LEU A 38 -10.41 -6.41 -30.61
N ALA A 39 -10.97 -5.39 -31.33
CA ALA A 39 -10.66 -5.18 -32.75
C ALA A 39 -9.20 -4.83 -32.94
N LYS A 40 -8.76 -3.89 -32.16
CA LYS A 40 -7.41 -3.39 -32.26
C LYS A 40 -6.39 -4.39 -31.72
N MET A 41 -6.72 -5.14 -30.67
CA MET A 41 -5.76 -6.12 -30.21
C MET A 41 -5.81 -7.37 -31.06
N LYS A 42 -6.93 -7.56 -31.75
CA LYS A 42 -7.07 -8.65 -32.72
C LYS A 42 -5.97 -8.49 -33.74
N ALA A 43 -5.89 -7.29 -34.29
CA ALA A 43 -4.84 -6.89 -35.22
C ALA A 43 -3.46 -7.07 -34.60
N LYS A 44 -3.37 -6.82 -33.29
CA LYS A 44 -2.12 -6.98 -32.54
C LYS A 44 -1.83 -8.48 -32.23
N GLY A 45 -2.59 -9.37 -32.83
CA GLY A 45 -2.31 -10.78 -32.71
C GLY A 45 -3.06 -11.48 -31.58
N HIS A 46 -4.35 -11.24 -31.47
CA HIS A 46 -5.13 -11.95 -30.44
C HIS A 46 -6.26 -12.82 -31.00
N GLY A 47 -7.04 -12.28 -31.92
CA GLY A 47 -8.10 -13.08 -32.54
C GLY A 47 -9.22 -13.44 -31.60
N ILE A 48 -9.79 -12.47 -30.96
CA ILE A 48 -10.90 -12.68 -30.09
C ILE A 48 -12.06 -11.85 -30.57
N SER A 49 -13.25 -12.32 -30.38
CA SER A 49 -14.41 -11.54 -30.68
C SER A 49 -14.89 -10.90 -29.37
N MET A 50 -16.01 -10.22 -29.45
CA MET A 50 -16.59 -9.46 -28.35
C MET A 50 -16.73 -10.33 -27.10
N GLU A 51 -17.21 -11.53 -27.28
CA GLU A 51 -17.52 -12.37 -26.15
C GLU A 51 -16.29 -13.03 -25.58
N GLU A 52 -15.25 -13.11 -26.36
CA GLU A 52 -14.01 -13.66 -25.90
C GLU A 52 -13.44 -12.73 -24.89
N LEU A 53 -13.32 -11.46 -25.24
CA LEU A 53 -12.82 -10.47 -24.34
C LEU A 53 -13.78 -10.37 -23.12
N LYS A 54 -15.06 -10.57 -23.38
CA LYS A 54 -16.07 -10.56 -22.31
C LYS A 54 -15.75 -11.63 -21.26
N HIS A 55 -15.11 -12.69 -21.68
CA HIS A 55 -14.68 -13.72 -20.75
C HIS A 55 -13.46 -13.25 -19.96
N ILE A 56 -12.54 -12.53 -20.62
CA ILE A 56 -11.40 -11.92 -19.92
C ILE A 56 -11.90 -10.95 -18.83
N VAL A 57 -12.77 -10.07 -19.22
CA VAL A 57 -13.31 -9.14 -18.30
C VAL A 57 -14.19 -9.84 -17.24
N GLU A 58 -14.70 -11.02 -17.56
CA GLU A 58 -15.45 -11.83 -16.61
C GLU A 58 -14.48 -12.41 -15.57
N THR A 59 -13.20 -12.49 -15.93
CA THR A 59 -12.19 -12.97 -15.01
C THR A 59 -11.56 -11.81 -14.23
N ASN A 60 -12.17 -10.64 -14.40
CA ASN A 60 -11.93 -9.38 -13.60
C ASN A 60 -11.86 -9.56 -12.06
N SER A 61 -12.22 -10.73 -11.54
CA SER A 61 -12.48 -11.04 -10.12
C SER A 61 -11.48 -10.43 -9.07
N LYS A 62 -10.23 -10.16 -9.45
CA LYS A 62 -9.27 -9.51 -8.55
C LYS A 62 -9.40 -7.98 -8.61
N LYS A 63 -10.58 -7.50 -9.05
CA LYS A 63 -10.91 -6.06 -9.18
C LYS A 63 -10.04 -5.41 -10.22
N ARG A 64 -9.74 -6.16 -11.25
CA ARG A 64 -8.85 -5.72 -12.28
C ARG A 64 -9.61 -5.14 -13.49
N PHE A 65 -10.83 -5.62 -13.75
CA PHE A 65 -11.59 -5.18 -14.93
C PHE A 65 -13.05 -4.97 -14.56
N ALA A 66 -13.85 -4.53 -15.53
CA ALA A 66 -15.26 -4.26 -15.40
C ALA A 66 -15.80 -4.04 -16.78
N PHE A 67 -17.09 -4.10 -16.94
CA PHE A 67 -17.67 -4.05 -18.26
C PHE A 67 -19.01 -3.32 -18.18
N SER A 68 -19.35 -2.55 -19.21
CA SER A 68 -20.57 -1.75 -19.23
C SER A 68 -21.85 -2.61 -19.41
N GLU A 69 -23.01 -1.94 -19.49
CA GLU A 69 -24.31 -2.63 -19.58
C GLU A 69 -24.49 -3.43 -20.89
N ASN A 70 -24.02 -2.90 -22.02
CA ASN A 70 -24.07 -3.65 -23.30
C ASN A 70 -22.84 -4.51 -23.39
N PHE A 71 -21.91 -4.25 -22.46
CA PHE A 71 -20.61 -4.90 -22.39
C PHE A 71 -19.71 -4.37 -23.52
N GLU A 72 -19.94 -3.13 -23.89
CA GLU A 72 -19.22 -2.51 -25.01
C GLU A 72 -18.04 -1.67 -24.56
N LYS A 73 -17.89 -1.45 -23.28
CA LYS A 73 -16.81 -0.68 -22.73
C LYS A 73 -16.28 -1.39 -21.52
N ILE A 74 -14.99 -1.49 -21.43
CA ILE A 74 -14.35 -2.11 -20.32
C ILE A 74 -13.63 -1.06 -19.49
N ARG A 75 -13.47 -1.33 -18.25
CA ARG A 75 -12.68 -0.52 -17.41
C ARG A 75 -11.73 -1.42 -16.71
N ALA A 76 -10.50 -1.09 -16.73
CA ALA A 76 -9.59 -1.75 -15.89
C ALA A 76 -9.71 -0.96 -14.60
N ASN A 77 -10.25 -1.58 -13.57
CA ASN A 77 -10.58 -0.88 -12.33
C ASN A 77 -9.43 -0.13 -11.72
N GLN A 78 -9.70 1.11 -11.40
CA GLN A 78 -8.74 2.00 -10.82
C GLN A 78 -9.25 2.42 -9.46
N GLY A 79 -8.81 1.74 -8.43
CA GLY A 79 -9.21 2.08 -7.10
C GLY A 79 -8.07 1.89 -6.13
N HIS A 80 -7.64 0.67 -5.99
CA HIS A 80 -6.54 0.29 -5.12
C HIS A 80 -5.49 -0.36 -6.00
N SER A 81 -5.55 0.04 -7.23
CA SER A 81 -4.82 -0.51 -8.31
C SER A 81 -3.33 -0.19 -8.29
N VAL A 82 -2.58 -1.06 -7.70
CA VAL A 82 -1.15 -1.03 -7.82
C VAL A 82 -0.84 -1.96 -8.97
N GLU A 83 -1.18 -3.18 -8.74
CA GLU A 83 -1.06 -4.27 -9.67
C GLU A 83 -2.38 -4.47 -10.32
N VAL A 84 -3.25 -5.03 -9.57
CA VAL A 84 -4.61 -5.18 -9.97
C VAL A 84 -5.51 -4.23 -9.24
N ASP A 85 -5.60 -4.46 -7.98
CA ASP A 85 -6.39 -3.73 -6.99
C ASP A 85 -6.28 -4.51 -5.73
N LEU A 86 -5.22 -4.29 -4.99
CA LEU A 86 -4.96 -5.06 -3.84
C LEU A 86 -5.23 -4.32 -2.56
N GLY A 87 -5.13 -3.01 -2.59
CA GLY A 87 -5.54 -2.27 -1.44
C GLY A 87 -4.97 -0.90 -1.30
N TYR A 88 -3.70 -0.74 -1.66
CA TYR A 88 -2.91 0.47 -1.25
C TYR A 88 -2.88 0.50 0.28
N GLU A 89 -1.81 0.04 0.87
CA GLU A 89 -1.72 -0.04 2.31
C GLU A 89 -1.41 1.33 2.88
N LYS A 90 -2.42 2.01 3.38
CA LYS A 90 -2.22 3.28 4.01
C LYS A 90 -1.63 3.06 5.38
N GLN A 91 -0.39 3.41 5.52
CA GLN A 91 0.35 3.20 6.74
C GLN A 91 1.21 4.41 6.92
N VAL A 92 2.05 4.40 7.96
CA VAL A 92 2.97 5.51 8.28
C VAL A 92 3.72 6.03 7.02
N PRO A 93 3.38 7.25 6.59
CA PRO A 93 3.91 7.80 5.36
C PRO A 93 5.30 8.43 5.53
N PRO A 94 6.26 8.02 4.71
CA PRO A 94 7.59 8.61 4.71
C PRO A 94 7.56 9.98 4.01
N ALA A 95 8.58 10.75 4.23
CA ALA A 95 8.69 12.05 3.61
C ALA A 95 9.70 12.01 2.47
N VAL A 96 10.83 11.41 2.73
CA VAL A 96 11.86 11.25 1.72
C VAL A 96 11.70 9.90 1.08
N LEU A 97 11.67 9.85 -0.23
CA LEU A 97 11.44 8.57 -0.90
C LEU A 97 12.65 8.21 -1.74
N PHE A 98 12.83 6.92 -2.00
CA PHE A 98 13.98 6.45 -2.77
C PHE A 98 13.51 5.77 -4.07
N HIS A 99 13.87 6.36 -5.18
CA HIS A 99 13.52 5.84 -6.48
C HIS A 99 14.77 5.67 -7.34
N GLY A 100 14.82 4.61 -8.11
CA GLY A 100 15.93 4.41 -9.02
C GLY A 100 15.46 4.55 -10.42
N THR A 101 16.27 5.10 -11.26
CA THR A 101 15.92 5.30 -12.63
C THR A 101 17.20 5.25 -13.49
N ALA A 102 17.11 5.58 -14.74
CA ALA A 102 18.21 5.46 -15.66
C ALA A 102 18.43 6.80 -16.31
N GLU A 103 19.59 7.01 -16.92
CA GLU A 103 20.02 8.36 -17.34
C GLU A 103 19.30 9.03 -18.55
N LYS A 104 18.83 8.31 -19.53
CA LYS A 104 18.18 9.01 -20.65
C LYS A 104 16.74 9.31 -20.26
N ASN A 105 16.14 8.36 -19.57
CA ASN A 105 14.84 8.60 -19.10
C ASN A 105 14.94 9.45 -17.84
N PHE A 106 16.20 9.67 -17.38
CA PHE A 106 16.51 10.61 -16.30
C PHE A 106 16.21 11.98 -16.74
N ASP A 107 16.63 12.30 -17.96
CA ASP A 107 16.31 13.59 -18.54
C ASP A 107 14.80 13.76 -18.51
N LEU A 108 14.10 12.76 -19.02
CA LEU A 108 12.61 12.79 -18.99
C LEU A 108 11.99 12.89 -17.55
N ILE A 109 12.52 12.10 -16.64
CA ILE A 109 12.00 11.98 -15.27
C ILE A 109 12.37 13.16 -14.41
N LEU A 110 13.47 13.81 -14.70
CA LEU A 110 13.82 14.94 -13.95
C LEU A 110 13.15 16.20 -14.50
N LYS A 111 12.62 16.10 -15.68
CA LYS A 111 11.88 17.14 -16.22
C LYS A 111 10.50 17.25 -15.56
N ASP A 112 9.74 16.16 -15.57
CA ASP A 112 8.36 16.24 -15.06
C ASP A 112 8.19 15.52 -13.72
N GLY A 113 8.86 14.41 -13.55
CA GLY A 113 8.72 13.66 -12.32
C GLY A 113 8.29 12.26 -12.56
N ILE A 114 8.21 11.50 -11.50
CA ILE A 114 7.78 10.13 -11.60
C ILE A 114 6.28 10.20 -11.56
N LYS A 115 5.67 9.78 -12.60
CA LYS A 115 4.25 9.93 -12.74
C LYS A 115 3.71 8.75 -13.50
N LYS A 116 2.54 8.95 -14.09
CA LYS A 116 1.91 7.97 -14.95
C LYS A 116 2.90 7.60 -16.07
N MET A 117 3.09 6.32 -16.25
CA MET A 117 4.02 5.75 -17.21
C MET A 117 3.73 4.26 -17.29
N SER A 118 3.90 3.58 -16.18
CA SER A 118 3.61 2.19 -16.07
C SER A 118 2.17 2.06 -15.61
N ARG A 119 1.78 2.98 -14.76
CA ARG A 119 0.45 3.03 -14.19
C ARG A 119 0.22 4.43 -13.63
N HIS A 120 -1.02 4.80 -13.37
CA HIS A 120 -1.38 6.16 -12.96
C HIS A 120 -0.79 6.62 -11.61
N HIS A 121 -0.89 5.81 -10.57
CA HIS A 121 -0.29 6.17 -9.30
C HIS A 121 1.14 5.70 -9.30
N VAL A 122 2.01 6.37 -8.58
CA VAL A 122 3.40 6.09 -8.78
C VAL A 122 4.05 5.42 -7.58
N HIS A 123 5.02 4.57 -7.86
CA HIS A 123 5.68 3.77 -6.86
C HIS A 123 7.19 3.83 -6.97
N LEU A 124 7.84 3.69 -5.85
CA LEU A 124 9.27 3.63 -5.76
C LEU A 124 9.70 2.60 -4.73
N SER A 125 10.98 2.57 -4.43
CA SER A 125 11.52 1.51 -3.66
C SER A 125 11.51 1.81 -2.16
N GLN A 126 12.08 0.91 -1.41
CA GLN A 126 12.12 0.97 0.02
C GLN A 126 13.43 1.60 0.40
N ASP A 127 14.47 1.12 -0.26
CA ASP A 127 15.82 1.51 -0.01
C ASP A 127 16.46 1.88 -1.32
N ILE A 128 17.44 2.75 -1.26
CA ILE A 128 18.16 3.24 -2.42
C ILE A 128 18.79 2.09 -3.26
N THR A 129 19.25 1.04 -2.60
CA THR A 129 19.88 -0.09 -3.29
C THR A 129 18.92 -0.82 -4.25
N THR A 130 17.76 -1.22 -3.76
CA THR A 130 16.78 -1.92 -4.58
C THR A 130 16.24 -0.98 -5.70
N ALA A 131 16.24 0.30 -5.39
CA ALA A 131 15.83 1.33 -6.32
C ALA A 131 16.78 1.36 -7.49
N ARG A 132 18.05 1.48 -7.19
CA ARG A 132 19.09 1.57 -8.22
C ARG A 132 19.26 0.24 -8.94
N LYS A 133 18.91 -0.84 -8.24
CA LYS A 133 18.91 -2.18 -8.79
C LYS A 133 18.05 -2.25 -10.05
N VAL A 134 16.85 -1.69 -10.01
CA VAL A 134 16.03 -1.70 -11.23
C VAL A 134 16.45 -0.59 -12.21
N GLY A 135 17.00 0.50 -11.69
CA GLY A 135 17.41 1.62 -12.52
C GLY A 135 18.44 1.23 -13.59
N MET A 136 19.36 0.36 -13.20
CA MET A 136 20.44 -0.10 -14.10
C MET A 136 19.90 -0.90 -15.29
N ARG A 137 18.66 -1.35 -15.22
CA ARG A 137 18.06 -2.14 -16.29
C ARG A 137 17.78 -1.29 -17.54
N HIS A 138 17.74 0.01 -17.40
CA HIS A 138 17.44 0.87 -18.54
C HIS A 138 18.70 1.59 -19.03
N GLY A 139 19.71 1.63 -18.18
CA GLY A 139 20.97 2.24 -18.52
C GLY A 139 21.81 2.36 -17.27
N LYS A 140 22.40 3.50 -17.06
CA LYS A 140 23.11 3.74 -15.83
C LYS A 140 22.15 4.22 -14.78
N PRO A 141 22.18 3.63 -13.59
CA PRO A 141 21.24 3.94 -12.53
C PRO A 141 21.52 5.25 -11.80
N VAL A 142 20.65 6.20 -12.01
CA VAL A 142 20.66 7.43 -11.28
C VAL A 142 19.59 7.33 -10.21
N VAL A 143 19.93 7.64 -9.02
CA VAL A 143 18.97 7.59 -7.96
C VAL A 143 18.28 8.92 -7.77
N LEU A 144 17.01 8.88 -7.53
CA LEU A 144 16.21 10.04 -7.34
C LEU A 144 15.45 9.93 -6.06
N SER A 145 15.90 10.63 -5.07
CA SER A 145 15.25 10.62 -3.79
C SER A 145 14.53 11.93 -3.61
N VAL A 146 13.23 11.89 -3.40
CA VAL A 146 12.52 13.13 -3.16
C VAL A 146 12.87 13.63 -1.79
N ASP A 147 13.37 14.84 -1.72
CA ASP A 147 13.76 15.42 -0.48
C ASP A 147 12.56 15.78 0.36
N ALA A 148 12.50 15.13 1.51
CA ALA A 148 11.39 15.09 2.47
C ALA A 148 10.67 16.41 2.69
N LYS A 149 11.40 17.47 2.65
CA LYS A 149 10.88 18.80 2.97
C LYS A 149 9.78 19.20 2.03
N GLY A 150 10.02 19.03 0.75
CA GLY A 150 9.04 19.41 -0.24
C GLY A 150 7.84 18.50 -0.23
N MET A 151 8.05 17.30 0.28
CA MET A 151 6.99 16.30 0.33
C MET A 151 6.09 16.50 1.50
N ALA A 152 6.68 16.57 2.68
CA ALA A 152 5.94 16.78 3.91
C ALA A 152 5.18 18.11 3.86
N ASP A 153 5.85 19.14 3.36
CA ASP A 153 5.24 20.47 3.19
C ASP A 153 4.20 20.46 2.09
N GLY A 154 4.44 19.64 1.08
CA GLY A 154 3.58 19.58 -0.08
C GLY A 154 2.24 18.98 0.22
N GLY A 155 2.14 18.24 1.30
CA GLY A 155 0.88 17.68 1.70
C GLY A 155 0.47 16.51 0.83
N PHE A 156 1.46 15.82 0.28
CA PHE A 156 1.20 14.66 -0.57
C PHE A 156 0.72 13.50 0.28
N ASP A 157 0.15 12.51 -0.34
CA ASP A 157 -0.35 11.37 0.39
C ASP A 157 0.44 10.15 -0.02
N PHE A 158 1.08 9.54 0.94
CA PHE A 158 1.96 8.44 0.67
C PHE A 158 1.34 7.18 1.22
N TYR A 159 1.64 6.09 0.62
CA TYR A 159 1.04 4.82 0.93
C TYR A 159 2.00 3.74 0.49
N LEU A 160 1.85 2.55 1.00
CA LEU A 160 2.76 1.47 0.63
C LEU A 160 2.00 0.33 0.01
N SER A 161 2.62 -0.36 -0.89
CA SER A 161 1.99 -1.49 -1.50
C SER A 161 2.53 -2.82 -0.96
N ASN A 162 2.10 -3.89 -1.61
CA ASN A 162 2.41 -5.30 -1.29
C ASN A 162 3.90 -5.60 -0.99
N ASN A 163 4.80 -4.88 -1.65
CA ASN A 163 6.25 -5.14 -1.44
C ASN A 163 6.79 -4.41 -0.23
N GLY A 164 5.96 -3.60 0.39
CA GLY A 164 6.46 -2.73 1.42
C GLY A 164 7.19 -1.60 0.74
N VAL A 165 6.74 -1.32 -0.46
CA VAL A 165 7.31 -0.30 -1.31
C VAL A 165 6.66 0.98 -1.02
N TRP A 166 7.32 2.04 -1.35
CA TRP A 166 6.83 3.31 -1.00
C TRP A 166 6.15 3.92 -2.21
N LEU A 167 5.01 4.49 -2.01
CA LEU A 167 4.27 5.10 -3.08
C LEU A 167 3.83 6.48 -2.70
N ILE A 168 3.51 7.24 -3.70
CA ILE A 168 3.07 8.60 -3.57
C ILE A 168 2.07 8.84 -4.69
N ASP A 169 1.16 9.77 -4.48
CA ASP A 169 0.17 10.07 -5.50
C ASP A 169 0.83 10.63 -6.74
N PHE A 170 1.82 11.48 -6.56
CA PHE A 170 2.63 11.96 -7.67
C PHE A 170 3.87 12.66 -7.17
N VAL A 171 4.97 12.34 -7.76
CA VAL A 171 6.22 12.98 -7.45
C VAL A 171 6.68 13.93 -8.53
N PRO A 172 6.47 15.22 -8.36
CA PRO A 172 7.01 16.21 -9.26
C PRO A 172 8.53 16.22 -9.11
N ALA A 173 9.26 16.28 -10.21
CA ALA A 173 10.70 16.19 -10.17
C ALA A 173 11.33 17.39 -9.54
N GLU A 174 10.57 18.42 -9.43
CA GLU A 174 11.00 19.61 -8.77
C GLU A 174 11.19 19.33 -7.25
N PHE A 175 10.56 18.27 -6.75
CA PHE A 175 10.73 17.84 -5.38
C PHE A 175 11.69 16.66 -5.31
N ILE A 176 11.96 16.07 -6.47
CA ILE A 176 12.89 15.02 -6.58
C ILE A 176 14.29 15.58 -6.45
N LYS A 177 15.10 14.92 -5.69
CA LYS A 177 16.41 15.32 -5.56
C LYS A 177 17.35 14.24 -6.03
N VAL A 178 17.88 14.53 -7.12
CA VAL A 178 18.87 13.72 -7.82
C VAL A 178 20.15 13.65 -6.98
PA NAD B . 9.99 -0.17 -13.74
O1A NAD B . 9.08 -0.55 -14.87
O2A NAD B . 11.46 -0.31 -13.94
O5B NAD B . 9.68 1.38 -13.34
C5B NAD B . 9.41 2.38 -14.36
C4B NAD B . 10.71 2.76 -15.13
O4B NAD B . 10.41 3.89 -16.02
C3B NAD B . 11.76 3.28 -14.21
O3B NAD B . 13.12 3.30 -14.80
C2B NAD B . 11.30 4.65 -13.98
O2B NAD B . 12.33 5.42 -13.39
C1B NAD B . 10.97 5.09 -15.38
N9A NAD B . 9.99 6.22 -15.39
C8A NAD B . 8.88 6.41 -14.54
N7A NAD B . 8.31 7.63 -14.83
C5A NAD B . 9.06 8.12 -15.77
C6A NAD B . 8.80 9.37 -16.33
N6A NAD B . 7.80 10.12 -15.93
N1A NAD B . 9.64 9.79 -17.33
C2A NAD B . 10.66 8.96 -17.69
N3A NAD B . 10.90 7.74 -17.14
C4A NAD B . 10.07 7.30 -16.14
O3 NAD B . 9.53 -0.98 -12.42
PN NAD B . 9.86 -0.93 -10.84
O1N NAD B . 10.44 0.40 -10.51
O2N NAD B . 8.64 -1.36 -10.11
O5D NAD B . 11.01 -2.07 -10.65
C5D NAD B . 11.28 -2.73 -9.36
C4D NAD B . 11.66 -1.69 -8.29
O4D NAD B . 10.49 -0.91 -7.93
C3D NAD B . 12.10 -2.31 -7.01
O3D NAD B . 12.85 -1.39 -6.19
C2D NAD B . 10.83 -2.68 -6.36
O2D NAD B . 11.01 -2.86 -4.95
C1D NAD B . 9.96 -1.48 -6.69
N1N NAD B . 8.52 -1.88 -6.88
C2N NAD B . 8.19 -3.05 -7.50
C3N NAD B . 6.83 -3.45 -7.63
C7N NAD B . 6.44 -4.81 -8.29
O7N NAD B . 5.25 -5.15 -8.37
N7N NAD B . 7.42 -5.54 -8.74
C4N NAD B . 5.84 -2.61 -7.13
C5N NAD B . 6.22 -1.43 -6.49
C6N NAD B . 7.54 -1.09 -6.39
H51A NAD B . 9.00 3.26 -13.88
H52A NAD B . 8.68 1.97 -15.07
H4B NAD B . 11.01 1.88 -15.70
H3B NAD B . 11.80 2.66 -13.30
HO3A NAD B . 13.18 3.60 -15.76
H2B NAD B . 10.41 4.59 -13.34
HO2A NAD B . 13.18 5.23 -13.91
H1B NAD B . 11.90 5.41 -15.82
H8A NAD B . 8.54 5.72 -13.77
H61A NAD B . 7.66 11.02 -16.35
H62A NAD B . 7.20 9.80 -15.20
H2A NAD B . 11.34 9.33 -18.45
H51N NAD B . 12.12 -3.40 -9.52
H52N NAD B . 10.44 -3.35 -9.08
H4D NAD B . 12.45 -1.11 -8.74
H3D NAD B . 12.78 -3.15 -7.19
HO3N NAD B . 13.71 -1.23 -6.68
H2D NAD B . 10.51 -3.60 -6.85
HO2N NAD B . 11.49 -3.73 -4.80
H1D NAD B . 9.95 -0.79 -5.84
H2N NAD B . 9.05 -3.62 -7.84
H71N NAD B . 8.37 -5.25 -8.65
H72N NAD B . 7.25 -6.42 -9.17
H4N NAD B . 4.78 -2.85 -7.20
H5N NAD B . 5.57 -0.70 -6.03
H6N NAD B . 7.75 -0.17 -5.86
N GLY A 1 -12.84 17.63 28.52
CA GLY A 1 -11.49 18.12 28.22
C GLY A 1 -11.20 17.98 26.77
N SER A 2 -9.94 18.08 26.41
CA SER A 2 -9.53 17.92 25.05
C SER A 2 -8.38 16.92 24.99
N HIS A 3 -8.72 15.71 24.66
CA HIS A 3 -7.75 14.63 24.54
C HIS A 3 -7.82 14.09 23.14
N MET A 4 -8.60 14.80 22.34
CA MET A 4 -8.99 14.46 20.98
C MET A 4 -7.87 13.86 20.14
N VAL A 5 -6.79 14.60 20.01
CA VAL A 5 -5.69 14.21 19.15
C VAL A 5 -5.08 12.86 19.58
N LYS A 6 -4.92 12.67 20.88
CA LYS A 6 -4.30 11.45 21.35
C LYS A 6 -5.26 10.27 21.28
N VAL A 7 -6.53 10.51 21.47
CA VAL A 7 -7.54 9.47 21.34
C VAL A 7 -7.59 9.00 19.88
N SER A 8 -7.41 9.94 18.97
CA SER A 8 -7.50 9.64 17.53
C SER A 8 -6.39 8.67 17.10
N LYS A 9 -5.15 9.00 17.48
CA LYS A 9 -4.00 8.15 17.13
C LYS A 9 -4.08 6.85 17.93
N PHE A 10 -4.71 6.93 19.08
CA PHE A 10 -4.84 5.80 19.93
C PHE A 10 -5.84 4.83 19.35
N LEU A 11 -6.84 5.33 18.63
CA LEU A 11 -7.78 4.47 17.93
C LEU A 11 -7.07 3.66 16.87
N SER A 12 -6.25 4.34 16.10
CA SER A 12 -5.44 3.71 15.09
C SER A 12 -4.50 2.65 15.72
N LEU A 13 -4.26 2.78 17.02
CA LEU A 13 -3.52 1.76 17.73
C LEU A 13 -4.46 0.65 18.26
N VAL A 14 -5.50 1.04 19.00
CA VAL A 14 -6.32 0.11 19.75
C VAL A 14 -7.14 -0.88 18.91
N LEU A 15 -8.02 -0.40 18.05
CA LEU A 15 -8.90 -1.34 17.31
C LEU A 15 -8.21 -1.92 16.10
N ARG A 16 -7.04 -1.45 15.87
CA ARG A 16 -6.26 -1.83 14.73
C ARG A 16 -5.16 -2.84 15.09
N HIS A 17 -4.51 -2.65 16.22
CA HIS A 17 -3.33 -3.47 16.56
C HIS A 17 -3.57 -4.52 17.63
N ASN A 18 -4.10 -4.14 18.76
CA ASN A 18 -4.07 -5.02 19.93
C ASN A 18 -5.16 -4.68 20.94
N PRO A 19 -6.45 -4.63 20.48
CA PRO A 19 -7.62 -4.02 21.21
C PRO A 19 -7.72 -4.30 22.71
N ALA A 20 -7.25 -5.44 23.13
CA ALA A 20 -7.27 -5.86 24.50
C ALA A 20 -6.56 -4.93 25.50
N LEU A 21 -5.85 -3.89 25.02
CA LEU A 21 -5.21 -2.98 25.81
C LEU A 21 -6.22 -2.22 26.62
N ILE A 22 -7.25 -1.71 25.98
CA ILE A 22 -8.25 -0.96 26.70
C ILE A 22 -9.31 -1.95 27.11
N GLY A 23 -9.20 -3.12 26.51
CA GLY A 23 -10.16 -4.15 26.66
C GLY A 23 -11.20 -4.06 25.58
N LEU A 24 -10.77 -3.66 24.36
CA LEU A 24 -11.63 -3.55 23.28
C LEU A 24 -11.87 -4.90 22.62
N ASP A 25 -13.05 -5.06 22.10
CA ASP A 25 -13.53 -6.28 21.49
C ASP A 25 -13.69 -6.01 20.03
N LEU A 26 -13.26 -6.91 19.21
CA LEU A 26 -13.35 -6.72 17.78
C LEU A 26 -14.18 -7.79 17.13
N ASP A 27 -15.01 -7.38 16.24
CA ASP A 27 -15.91 -8.26 15.52
C ASP A 27 -15.26 -8.83 14.29
N ALA A 28 -15.93 -9.79 13.68
CA ALA A 28 -15.42 -10.50 12.52
C ALA A 28 -15.19 -9.57 11.33
N ASN A 29 -16.07 -8.60 11.16
CA ASN A 29 -15.97 -7.69 10.09
C ASN A 29 -15.08 -6.48 10.45
N GLY A 30 -14.45 -6.54 11.62
CA GLY A 30 -13.50 -5.54 12.02
C GLY A 30 -14.10 -4.36 12.72
N TRP A 31 -15.22 -4.57 13.36
CA TRP A 31 -15.88 -3.49 14.06
C TRP A 31 -15.66 -3.67 15.54
N ALA A 32 -15.49 -2.59 16.21
CA ALA A 32 -15.33 -2.59 17.63
C ALA A 32 -16.51 -1.88 18.20
N PRO A 33 -17.04 -2.30 19.35
CA PRO A 33 -18.15 -1.62 19.91
C PRO A 33 -17.68 -0.34 20.50
N VAL A 34 -18.13 0.73 19.93
CA VAL A 34 -17.83 2.05 20.35
C VAL A 34 -18.07 2.28 21.80
N LYS A 35 -19.18 1.81 22.33
CA LYS A 35 -19.46 1.96 23.69
C LYS A 35 -18.39 1.32 24.60
N GLU A 36 -17.76 0.27 24.10
CA GLU A 36 -16.66 -0.34 24.79
C GLU A 36 -15.42 0.49 24.56
N LEU A 37 -15.38 1.14 23.45
CA LEU A 37 -14.22 1.82 23.00
C LEU A 37 -13.99 3.07 23.80
N LEU A 38 -15.03 3.83 24.11
CA LEU A 38 -14.80 5.03 24.78
C LEU A 38 -14.68 4.70 26.24
N ALA A 39 -15.54 3.77 26.73
CA ALA A 39 -15.57 3.44 28.17
C ALA A 39 -14.29 2.77 28.59
N LYS A 40 -13.88 1.81 27.82
CA LYS A 40 -12.68 1.06 28.12
C LYS A 40 -11.41 1.88 27.90
N MET A 41 -11.35 2.74 26.87
CA MET A 41 -10.15 3.56 26.71
C MET A 41 -10.16 4.72 27.69
N LYS A 42 -11.34 5.05 28.17
CA LYS A 42 -11.51 6.02 29.25
C LYS A 42 -10.73 5.54 30.46
N ALA A 43 -10.90 4.27 30.78
CA ALA A 43 -10.15 3.63 31.85
C ALA A 43 -8.65 3.56 31.49
N LYS A 44 -8.36 3.48 30.19
CA LYS A 44 -6.99 3.52 29.68
C LYS A 44 -6.48 5.00 29.62
N GLY A 45 -7.24 5.91 30.20
CA GLY A 45 -6.82 7.29 30.31
C GLY A 45 -7.13 8.14 29.10
N HIS A 46 -8.39 8.18 28.67
CA HIS A 46 -8.76 9.04 27.52
C HIS A 46 -9.87 10.03 27.80
N GLY A 47 -10.76 9.68 28.72
CA GLY A 47 -11.85 10.58 29.14
C GLY A 47 -12.70 11.12 28.03
N ILE A 48 -13.23 10.25 27.22
CA ILE A 48 -14.14 10.64 26.21
C ILE A 48 -15.45 9.94 26.40
N SER A 49 -16.50 10.59 26.07
CA SER A 49 -17.78 10.02 26.06
C SER A 49 -18.10 9.62 24.60
N MET A 50 -19.29 9.08 24.35
CA MET A 50 -19.63 8.51 23.05
C MET A 50 -19.49 9.55 21.95
N GLU A 51 -19.97 10.75 22.22
CA GLU A 51 -19.97 11.81 21.24
C GLU A 51 -18.59 12.41 20.93
N GLU A 52 -17.69 12.39 21.88
CA GLU A 52 -16.37 12.85 21.57
C GLU A 52 -15.62 11.82 20.80
N LEU A 53 -15.81 10.53 21.11
CA LEU A 53 -15.26 9.49 20.25
C LEU A 53 -15.90 9.63 18.85
N LYS A 54 -17.17 9.97 18.84
CA LYS A 54 -17.91 10.22 17.62
C LYS A 54 -17.23 11.32 16.81
N HIS A 55 -16.56 12.20 17.49
CA HIS A 55 -15.81 13.24 16.83
C HIS A 55 -14.47 12.69 16.28
N ILE A 56 -13.86 11.70 16.98
CA ILE A 56 -12.70 10.99 16.45
C ILE A 56 -13.10 10.28 15.15
N VAL A 57 -14.15 9.51 15.24
CA VAL A 57 -14.60 8.83 14.07
C VAL A 57 -15.11 9.84 13.03
N GLU A 58 -15.47 11.03 13.46
CA GLU A 58 -15.85 12.10 12.56
C GLU A 58 -14.63 12.64 11.80
N THR A 59 -13.44 12.42 12.35
CA THR A 59 -12.24 12.80 11.63
C THR A 59 -11.80 11.66 10.71
N ASN A 60 -12.67 10.62 10.64
CA ASN A 60 -12.55 9.52 9.63
C ASN A 60 -12.28 9.99 8.19
N SER A 61 -12.45 11.29 7.88
CA SER A 61 -12.35 11.88 6.52
C SER A 61 -11.06 11.47 5.76
N LYS A 62 -10.07 11.01 6.49
CA LYS A 62 -8.82 10.51 5.92
C LYS A 62 -8.93 9.00 5.57
N LYS A 63 -10.17 8.50 5.53
CA LYS A 63 -10.51 7.10 5.27
C LYS A 63 -9.87 6.20 6.30
N ARG A 64 -10.01 6.60 7.54
CA ARG A 64 -9.44 5.85 8.62
C ARG A 64 -10.51 5.18 9.47
N PHE A 65 -11.72 5.74 9.50
CA PHE A 65 -12.73 5.23 10.44
C PHE A 65 -14.12 5.21 9.80
N ALA A 66 -15.07 4.62 10.51
CA ALA A 66 -16.46 4.55 10.10
C ALA A 66 -17.25 4.18 11.31
N PHE A 67 -18.50 4.52 11.31
CA PHE A 67 -19.31 4.40 12.49
C PHE A 67 -20.67 3.82 12.09
N SER A 68 -21.17 2.89 12.86
CA SER A 68 -22.40 2.18 12.55
C SER A 68 -23.70 2.99 12.84
N GLU A 69 -24.84 2.28 12.76
CA GLU A 69 -26.21 2.83 12.88
C GLU A 69 -26.45 3.62 14.17
N ASN A 70 -26.19 3.00 15.31
CA ASN A 70 -26.42 3.68 16.63
C ASN A 70 -25.22 4.51 16.95
N PHE A 71 -24.17 4.34 16.11
CA PHE A 71 -22.84 4.90 16.32
C PHE A 71 -22.14 4.08 17.40
N GLU A 72 -22.65 2.87 17.61
CA GLU A 72 -22.23 2.00 18.69
C GLU A 72 -21.10 1.06 18.24
N LYS A 73 -20.71 1.12 16.99
CA LYS A 73 -19.61 0.32 16.50
C LYS A 73 -18.81 1.14 15.53
N ILE A 74 -17.52 1.07 15.66
CA ILE A 74 -16.59 1.74 14.78
C ILE A 74 -15.68 0.73 14.08
N ARG A 75 -15.22 1.07 12.92
CA ARG A 75 -14.23 0.30 12.23
C ARG A 75 -13.18 1.21 11.71
N ALA A 76 -11.94 0.87 11.94
CA ALA A 76 -10.87 1.58 11.39
C ALA A 76 -10.58 0.95 10.04
N ASN A 77 -10.95 1.63 9.02
CA ASN A 77 -10.83 1.12 7.68
C ASN A 77 -9.55 1.51 6.99
N GLN A 78 -9.27 0.80 5.95
CA GLN A 78 -8.17 1.05 5.08
C GLN A 78 -8.78 1.30 3.73
N GLY A 79 -8.66 2.51 3.24
CA GLY A 79 -9.33 2.91 2.00
C GLY A 79 -8.70 2.33 0.74
N HIS A 80 -8.79 1.01 0.57
CA HIS A 80 -8.24 0.28 -0.60
C HIS A 80 -8.93 0.67 -1.88
N SER A 81 -10.24 0.79 -1.81
CA SER A 81 -11.05 1.04 -2.98
C SER A 81 -10.98 2.50 -3.44
N VAL A 82 -9.84 2.84 -3.99
CA VAL A 82 -9.59 4.12 -4.59
C VAL A 82 -9.88 3.98 -6.05
N GLU A 83 -9.21 3.04 -6.64
CA GLU A 83 -9.39 2.66 -7.99
C GLU A 83 -9.79 1.23 -7.99
N VAL A 84 -8.82 0.42 -7.87
CA VAL A 84 -8.97 -0.98 -7.75
C VAL A 84 -8.44 -1.49 -6.45
N ASP A 85 -7.17 -1.56 -6.42
CA ASP A 85 -6.36 -2.04 -5.31
C ASP A 85 -4.94 -1.92 -5.75
N LEU A 86 -4.39 -0.77 -5.53
CA LEU A 86 -3.07 -0.45 -5.96
C LEU A 86 -2.10 -0.10 -4.81
N GLY A 87 -2.60 -0.05 -3.60
CA GLY A 87 -1.70 0.20 -2.47
C GLY A 87 -2.14 1.33 -1.56
N TYR A 88 -3.24 1.94 -1.88
CA TYR A 88 -3.74 3.01 -1.07
C TYR A 88 -4.49 2.49 0.14
N GLU A 89 -3.81 2.48 1.27
CA GLU A 89 -4.45 2.13 2.53
C GLU A 89 -4.29 3.27 3.52
N LYS A 90 -3.54 4.27 3.07
CA LYS A 90 -3.03 5.37 3.89
C LYS A 90 -2.25 4.81 5.08
N GLN A 91 -0.98 4.62 4.86
CA GLN A 91 -0.10 4.00 5.81
C GLN A 91 0.85 5.02 6.36
N VAL A 92 1.79 4.56 7.18
CA VAL A 92 2.80 5.42 7.78
C VAL A 92 3.58 6.21 6.72
N PRO A 93 3.43 7.52 6.72
CA PRO A 93 4.09 8.37 5.78
C PRO A 93 5.54 8.70 6.17
N PRO A 94 6.51 8.38 5.30
CA PRO A 94 7.89 8.79 5.47
C PRO A 94 8.05 10.22 4.98
N ALA A 95 9.19 10.82 5.17
CA ALA A 95 9.35 12.17 4.70
C ALA A 95 10.07 12.17 3.37
N VAL A 96 11.21 11.53 3.37
CA VAL A 96 12.04 11.40 2.18
C VAL A 96 11.87 10.03 1.62
N LEU A 97 11.64 9.95 0.34
CA LEU A 97 11.47 8.67 -0.28
C LEU A 97 12.36 8.48 -1.49
N PHE A 98 13.18 7.45 -1.39
CA PHE A 98 14.20 7.10 -2.37
C PHE A 98 13.55 6.51 -3.60
N HIS A 99 14.25 6.53 -4.71
CA HIS A 99 13.81 5.89 -5.91
C HIS A 99 15.00 5.81 -6.88
N GLY A 100 14.96 4.89 -7.79
CA GLY A 100 16.03 4.78 -8.74
C GLY A 100 15.50 4.79 -10.13
N THR A 101 16.31 5.17 -11.06
CA THR A 101 15.94 5.25 -12.41
C THR A 101 17.22 5.17 -13.29
N ALA A 102 17.10 5.46 -14.57
CA ALA A 102 18.19 5.31 -15.51
C ALA A 102 18.33 6.58 -16.30
N GLU A 103 19.51 6.82 -16.86
CA GLU A 103 19.88 8.10 -17.48
C GLU A 103 19.08 8.61 -18.70
N LYS A 104 18.64 7.78 -19.62
CA LYS A 104 17.90 8.34 -20.78
C LYS A 104 16.51 8.78 -20.32
N ASN A 105 15.95 7.98 -19.49
CA ASN A 105 14.68 8.28 -18.97
C ASN A 105 14.86 9.15 -17.72
N PHE A 106 16.12 9.50 -17.42
CA PHE A 106 16.48 10.45 -16.37
C PHE A 106 16.17 11.81 -16.88
N ASP A 107 16.57 12.04 -18.11
CA ASP A 107 16.27 13.28 -18.80
C ASP A 107 14.77 13.46 -18.75
N LEU A 108 14.06 12.41 -19.14
CA LEU A 108 12.60 12.46 -19.08
C LEU A 108 12.03 12.62 -17.64
N ILE A 109 12.56 11.86 -16.70
CA ILE A 109 12.08 11.84 -15.31
C ILE A 109 12.38 13.13 -14.57
N LEU A 110 13.43 13.82 -14.95
CA LEU A 110 13.73 15.03 -14.27
C LEU A 110 12.98 16.22 -14.86
N LYS A 111 12.52 16.11 -16.11
CA LYS A 111 11.77 17.17 -16.68
C LYS A 111 10.25 16.94 -16.54
N ASP A 112 9.85 15.72 -16.20
CA ASP A 112 8.43 15.39 -16.07
C ASP A 112 8.06 14.95 -14.65
N GLY A 113 8.92 14.18 -14.03
CA GLY A 113 8.65 13.67 -12.72
C GLY A 113 8.22 12.24 -12.78
N ILE A 114 7.99 11.62 -11.66
CA ILE A 114 7.49 10.28 -11.70
C ILE A 114 6.00 10.44 -11.82
N LYS A 115 5.49 10.14 -13.00
CA LYS A 115 4.09 10.29 -13.29
C LYS A 115 3.71 9.48 -14.54
N LYS A 116 3.89 10.08 -15.72
CA LYS A 116 3.43 9.44 -16.94
C LYS A 116 4.43 8.44 -17.46
N MET A 117 4.23 7.21 -17.04
CA MET A 117 5.04 6.08 -17.40
C MET A 117 4.39 4.81 -16.88
N SER A 118 4.17 4.79 -15.59
CA SER A 118 3.67 3.62 -14.94
C SER A 118 2.16 3.71 -14.69
N ARG A 119 1.76 4.56 -13.75
CA ARG A 119 0.38 4.70 -13.34
C ARG A 119 0.18 6.17 -13.04
N HIS A 120 -1.01 6.56 -12.63
CA HIS A 120 -1.23 7.95 -12.26
C HIS A 120 -0.69 8.18 -10.85
N HIS A 121 -0.71 7.14 -10.05
CA HIS A 121 -0.09 7.18 -8.74
C HIS A 121 1.20 6.42 -8.87
N VAL A 122 2.26 7.00 -8.40
CA VAL A 122 3.56 6.46 -8.72
C VAL A 122 4.30 5.87 -7.56
N HIS A 123 5.24 5.01 -7.91
CA HIS A 123 6.01 4.26 -6.94
C HIS A 123 7.39 4.81 -6.76
N LEU A 124 7.78 4.90 -5.52
CA LEU A 124 9.10 5.22 -5.15
C LEU A 124 9.67 3.99 -4.45
N SER A 125 10.90 4.01 -4.12
CA SER A 125 11.57 2.83 -3.70
C SER A 125 11.84 2.80 -2.21
N GLN A 126 11.68 1.63 -1.65
CA GLN A 126 11.87 1.34 -0.25
C GLN A 126 13.33 1.51 0.19
N ASP A 127 14.26 1.09 -0.64
CA ASP A 127 15.66 1.19 -0.32
C ASP A 127 16.42 1.62 -1.54
N ILE A 128 17.46 2.38 -1.31
CA ILE A 128 18.28 2.95 -2.37
C ILE A 128 18.97 1.86 -3.25
N THR A 129 19.40 0.76 -2.64
CA THR A 129 20.09 -0.27 -3.37
C THR A 129 19.22 -0.93 -4.44
N THR A 130 18.02 -1.37 -4.06
CA THR A 130 17.08 -1.98 -4.98
C THR A 130 16.64 -0.95 -6.04
N ALA A 131 16.47 0.29 -5.59
CA ALA A 131 16.09 1.39 -6.45
C ALA A 131 17.07 1.55 -7.61
N ARG A 132 18.31 1.68 -7.26
CA ARG A 132 19.37 1.91 -8.23
C ARG A 132 19.66 0.65 -9.05
N LYS A 133 19.49 -0.50 -8.44
CA LYS A 133 19.77 -1.77 -9.10
C LYS A 133 18.78 -2.04 -10.24
N VAL A 134 17.53 -1.61 -10.06
CA VAL A 134 16.55 -1.74 -11.13
C VAL A 134 16.77 -0.62 -12.16
N GLY A 135 17.34 0.49 -11.71
CA GLY A 135 17.69 1.57 -12.61
C GLY A 135 18.72 1.11 -13.62
N MET A 136 19.65 0.28 -13.14
CA MET A 136 20.72 -0.32 -13.95
C MET A 136 20.14 -1.17 -15.09
N ARG A 137 18.92 -1.64 -14.90
CA ARG A 137 18.26 -2.46 -15.89
C ARG A 137 17.73 -1.64 -17.07
N HIS A 138 17.64 -0.33 -16.91
CA HIS A 138 17.19 0.52 -18.01
C HIS A 138 18.39 1.18 -18.69
N GLY A 139 19.46 1.33 -17.95
CA GLY A 139 20.67 1.91 -18.48
C GLY A 139 21.56 2.26 -17.35
N LYS A 140 22.37 3.27 -17.50
CA LYS A 140 23.20 3.73 -16.42
C LYS A 140 22.25 4.28 -15.34
N PRO A 141 22.30 3.74 -14.13
CA PRO A 141 21.39 4.12 -13.07
C PRO A 141 21.74 5.43 -12.36
N VAL A 142 20.71 6.11 -11.95
CA VAL A 142 20.78 7.36 -11.24
C VAL A 142 19.75 7.30 -10.09
N VAL A 143 20.15 7.70 -8.91
CA VAL A 143 19.27 7.67 -7.77
C VAL A 143 18.49 8.97 -7.70
N LEU A 144 17.20 8.86 -7.52
CA LEU A 144 16.33 10.00 -7.39
C LEU A 144 15.44 9.84 -6.16
N SER A 145 15.78 10.50 -5.10
CA SER A 145 15.01 10.45 -3.88
C SER A 145 14.28 11.77 -3.69
N VAL A 146 12.99 11.76 -3.41
CA VAL A 146 12.31 13.02 -3.18
C VAL A 146 12.68 13.58 -1.84
N ASP A 147 12.91 14.85 -1.85
CA ASP A 147 13.36 15.59 -0.71
C ASP A 147 12.24 15.80 0.27
N ALA A 148 12.42 15.24 1.44
CA ALA A 148 11.45 15.16 2.53
C ALA A 148 10.63 16.41 2.74
N LYS A 149 11.31 17.52 2.81
CA LYS A 149 10.72 18.79 3.23
C LYS A 149 9.59 19.25 2.34
N GLY A 150 9.69 18.99 1.05
CA GLY A 150 8.66 19.44 0.14
C GLY A 150 7.44 18.60 0.23
N MET A 151 7.62 17.34 0.47
CA MET A 151 6.52 16.42 0.51
C MET A 151 5.84 16.41 1.86
N ALA A 152 6.64 16.48 2.91
CA ALA A 152 6.12 16.53 4.26
C ALA A 152 5.36 17.84 4.49
N ASP A 153 5.96 18.95 4.08
CA ASP A 153 5.34 20.29 4.25
C ASP A 153 4.15 20.44 3.33
N GLY A 154 4.19 19.72 2.21
CA GLY A 154 3.10 19.74 1.26
C GLY A 154 1.86 19.03 1.79
N GLY A 155 2.02 18.31 2.90
CA GLY A 155 0.91 17.64 3.52
C GLY A 155 0.60 16.33 2.85
N PHE A 156 1.56 15.80 2.12
CA PHE A 156 1.38 14.56 1.39
C PHE A 156 1.31 13.37 2.31
N ASP A 157 0.37 12.51 2.03
CA ASP A 157 0.30 11.23 2.68
C ASP A 157 0.83 10.25 1.70
N PHE A 158 1.63 9.34 2.13
CA PHE A 158 2.23 8.42 1.21
C PHE A 158 1.66 7.05 1.44
N TYR A 159 1.85 6.15 0.52
CA TYR A 159 1.19 4.88 0.57
C TYR A 159 2.17 3.80 0.25
N LEU A 160 1.85 2.57 0.56
CA LEU A 160 2.69 1.46 0.19
C LEU A 160 1.85 0.38 -0.46
N SER A 161 2.28 -0.13 -1.59
CA SER A 161 1.57 -1.25 -2.19
C SER A 161 1.89 -2.53 -1.38
N ASN A 162 1.19 -3.63 -1.64
CA ASN A 162 1.34 -4.91 -0.88
C ASN A 162 2.79 -5.43 -0.86
N ASN A 163 3.55 -5.05 -1.87
CA ASN A 163 4.95 -5.45 -2.01
C ASN A 163 5.84 -4.70 -1.00
N GLY A 164 5.27 -3.69 -0.34
CA GLY A 164 6.01 -2.89 0.60
C GLY A 164 6.76 -1.80 -0.10
N VAL A 165 6.22 -1.37 -1.19
CA VAL A 165 6.85 -0.37 -2.02
C VAL A 165 6.21 0.94 -1.77
N TRP A 166 6.93 1.99 -1.98
CA TRP A 166 6.45 3.28 -1.63
C TRP A 166 5.67 3.91 -2.77
N LEU A 167 4.72 4.73 -2.42
CA LEU A 167 3.80 5.41 -3.33
C LEU A 167 3.59 6.84 -2.91
N ILE A 168 3.22 7.64 -3.85
CA ILE A 168 2.89 9.02 -3.65
C ILE A 168 1.82 9.40 -4.65
N ASP A 169 1.00 10.40 -4.32
CA ASP A 169 -0.07 10.84 -5.22
C ASP A 169 0.51 11.26 -6.54
N PHE A 170 1.65 11.96 -6.47
CA PHE A 170 2.38 12.39 -7.66
C PHE A 170 3.67 13.07 -7.24
N VAL A 171 4.74 12.83 -7.98
CA VAL A 171 6.00 13.49 -7.72
C VAL A 171 6.51 14.33 -8.86
N PRO A 172 6.38 15.64 -8.78
CA PRO A 172 7.03 16.53 -9.70
C PRO A 172 8.53 16.39 -9.45
N ALA A 173 9.31 16.35 -10.50
CA ALA A 173 10.73 16.08 -10.41
C ALA A 173 11.50 17.14 -9.69
N GLU A 174 10.90 18.27 -9.51
CA GLU A 174 11.53 19.32 -8.79
C GLU A 174 11.62 18.96 -7.29
N PHE A 175 10.74 18.08 -6.83
CA PHE A 175 10.81 17.57 -5.47
C PHE A 175 11.77 16.40 -5.43
N ILE A 176 11.99 15.81 -6.60
CA ILE A 176 12.92 14.74 -6.74
C ILE A 176 14.30 15.29 -6.61
N LYS A 177 15.10 14.62 -5.85
CA LYS A 177 16.40 15.03 -5.70
C LYS A 177 17.36 14.06 -6.20
N VAL A 178 17.92 14.46 -7.24
CA VAL A 178 18.98 13.75 -7.93
C VAL A 178 20.25 13.78 -7.05
PA NAD B . 8.37 0.46 -13.68
O1A NAD B . 7.26 1.00 -14.50
O2A NAD B . 8.70 -0.98 -13.81
O5B NAD B . 9.70 1.32 -14.02
C5B NAD B . 9.59 2.58 -14.72
C4B NAD B . 10.99 3.18 -14.98
O4B NAD B . 10.86 4.44 -15.66
C3B NAD B . 11.70 3.50 -13.71
O3B NAD B . 13.13 3.72 -13.93
C2B NAD B . 11.06 4.80 -13.35
O2B NAD B . 11.84 5.44 -12.35
C1B NAD B . 11.11 5.50 -14.67
N9A NAD B . 10.08 6.59 -14.82
C8A NAD B . 8.92 6.80 -14.09
N7A NAD B . 8.27 7.89 -14.60
C5A NAD B . 9.02 8.27 -15.59
C6A NAD B . 8.68 9.37 -16.38
N6A NAD B . 7.58 10.04 -16.16
N1A NAD B . 9.55 9.71 -17.39
C2A NAD B . 10.66 8.92 -17.54
N3A NAD B . 10.98 7.85 -16.77
C4A NAD B . 10.12 7.52 -15.75
O3 NAD B . 8.11 0.80 -12.14
PN NAD B . 8.47 0.14 -10.73
O1N NAD B . 8.30 1.19 -9.68
O2N NAD B . 7.74 -1.13 -10.58
O5D NAD B . 10.05 -0.19 -10.91
C5D NAD B . 10.80 -0.94 -9.92
C4D NAD B . 11.28 -0.01 -8.82
O4D NAD B . 10.17 0.30 -7.97
C3D NAD B . 12.26 -0.66 -7.89
O3D NAD B . 12.91 0.30 -7.04
C2D NAD B . 11.42 -1.55 -7.10
O2D NAD B . 12.06 -1.83 -5.84
C1D NAD B . 10.13 -0.74 -6.93
N1N NAD B . 8.90 -1.60 -7.09
C2N NAD B . 8.99 -3.00 -7.21
C3N NAD B . 7.82 -3.78 -7.28
C7N NAD B . 7.89 -5.32 -7.37
O7N NAD B . 6.86 -6.00 -7.41
N7N NAD B . 9.10 -5.85 -7.39
C4N NAD B . 6.58 -3.14 -7.24
C5N NAD B . 6.54 -1.75 -7.12
C6N NAD B . 7.69 -1.01 -7.05
H51A NAD B . 8.99 3.28 -14.14
H52A NAD B . 9.11 2.39 -15.67
H4B NAD B . 11.51 2.45 -15.60
H3B NAD B . 11.56 2.70 -12.99
HO3A NAD B . 13.43 3.41 -14.84
H2B NAD B . 10.04 4.57 -13.02
HO2A NAD B . 12.78 5.43 -12.72
H1B NAD B . 12.10 5.94 -14.71
H8A NAD B . 8.58 6.20 -13.24
H61A NAD B . 7.30 10.84 -16.69
H62A NAD B . 6.99 9.77 -15.40
H2A NAD B . 11.36 9.17 -18.33
H51N NAD B . 11.66 -1.41 -10.41
H52N NAD B . 10.21 -1.76 -9.52
H4D NAD B . 11.71 0.84 -9.35
H3D NAD B . 13.05 -1.15 -8.44
HO3N NAD B . 13.45 0.86 -7.68
H2D NAD B . 11.30 -2.44 -7.71
HO2N NAD B . 12.59 -1.02 -5.62
H1D NAD B . 9.96 -0.34 -5.93
H2N NAD B . 9.96 -3.48 -7.19
H71N NAD B . 9.93 -5.30 -7.33
H72N NAD B . 9.19 -6.84 -7.45
H4N NAD B . 5.65 -3.70 -7.30
H5N NAD B . 5.66 -1.16 -7.00
H6N NAD B . 7.56 0.05 -6.93
N GLY A 1 -16.88 26.68 12.75
CA GLY A 1 -15.49 26.26 12.71
C GLY A 1 -14.69 27.08 11.72
N SER A 2 -14.01 28.09 12.20
CA SER A 2 -13.22 28.98 11.35
C SER A 2 -11.95 28.28 10.84
N HIS A 3 -11.52 27.25 11.54
CA HIS A 3 -10.32 26.51 11.18
C HIS A 3 -10.66 25.06 10.95
N MET A 4 -11.93 24.81 10.61
CA MET A 4 -12.47 23.44 10.48
C MET A 4 -11.71 22.60 9.46
N VAL A 5 -11.28 23.20 8.36
CA VAL A 5 -10.56 22.47 7.33
C VAL A 5 -9.22 21.95 7.86
N LYS A 6 -8.55 22.75 8.68
CA LYS A 6 -7.29 22.30 9.25
C LYS A 6 -7.55 21.21 10.27
N VAL A 7 -8.66 21.35 11.00
CA VAL A 7 -9.10 20.35 11.97
C VAL A 7 -9.43 19.05 11.24
N SER A 8 -9.85 19.17 9.99
CA SER A 8 -10.19 18.00 9.18
C SER A 8 -8.92 17.22 8.81
N LYS A 9 -7.92 17.95 8.32
CA LYS A 9 -6.63 17.38 7.97
C LYS A 9 -5.96 16.82 9.22
N PHE A 10 -6.04 17.58 10.27
CA PHE A 10 -5.42 17.25 11.53
C PHE A 10 -6.15 16.08 12.17
N LEU A 11 -7.43 15.93 11.86
CA LEU A 11 -8.22 14.82 12.35
C LEU A 11 -7.73 13.56 11.70
N SER A 12 -7.49 13.65 10.40
CA SER A 12 -6.99 12.54 9.61
C SER A 12 -5.64 12.09 10.17
N LEU A 13 -4.95 13.02 10.80
CA LEU A 13 -3.70 12.74 11.40
C LEU A 13 -3.89 12.21 12.83
N VAL A 14 -4.70 12.87 13.63
CA VAL A 14 -4.80 12.56 15.04
C VAL A 14 -5.31 11.16 15.36
N LEU A 15 -6.50 10.80 14.92
CA LEU A 15 -7.04 9.50 15.33
C LEU A 15 -6.52 8.36 14.47
N ARG A 16 -5.76 8.70 13.47
CA ARG A 16 -5.26 7.70 12.54
C ARG A 16 -3.73 7.50 12.62
N HIS A 17 -2.98 8.46 13.17
CA HIS A 17 -1.51 8.35 13.17
C HIS A 17 -0.89 8.22 14.54
N ASN A 18 -1.18 9.13 15.43
CA ASN A 18 -0.46 9.18 16.71
C ASN A 18 -1.30 9.89 17.77
N PRO A 19 -2.56 9.40 18.00
CA PRO A 19 -3.66 10.12 18.75
C PRO A 19 -3.25 10.87 20.03
N ALA A 20 -2.26 10.35 20.71
CA ALA A 20 -1.72 10.89 21.92
C ALA A 20 -1.20 12.34 21.81
N LEU A 21 -1.15 12.93 20.58
CA LEU A 21 -0.73 14.21 20.36
C LEU A 21 -1.66 15.18 21.02
N ILE A 22 -2.96 14.98 20.84
CA ILE A 22 -3.89 15.86 21.45
C ILE A 22 -4.30 15.24 22.77
N GLY A 23 -3.92 13.99 22.89
CA GLY A 23 -4.31 13.18 24.00
C GLY A 23 -5.57 12.41 23.69
N LEU A 24 -5.72 11.98 22.43
CA LEU A 24 -6.83 11.25 22.02
C LEU A 24 -6.66 9.76 22.34
N ASP A 25 -7.75 9.13 22.67
CA ASP A 25 -7.77 7.74 23.11
C ASP A 25 -8.42 6.89 22.04
N LEU A 26 -7.75 5.85 21.64
CA LEU A 26 -8.22 4.99 20.56
C LEU A 26 -8.29 3.55 21.00
N ASP A 27 -9.21 2.82 20.41
CA ASP A 27 -9.37 1.41 20.70
C ASP A 27 -8.78 0.61 19.57
N ALA A 28 -9.24 -0.58 19.46
CA ALA A 28 -8.79 -1.52 18.46
C ALA A 28 -9.45 -1.26 17.10
N ASN A 29 -10.71 -0.87 17.10
CA ASN A 29 -11.47 -0.70 15.91
C ASN A 29 -11.23 0.67 15.28
N GLY A 30 -10.75 1.60 16.05
CA GLY A 30 -10.42 2.90 15.51
C GLY A 30 -11.45 3.96 15.85
N TRP A 31 -12.15 3.77 16.94
CA TRP A 31 -13.14 4.72 17.40
C TRP A 31 -12.56 5.59 18.48
N ALA A 32 -12.64 6.86 18.28
CA ALA A 32 -12.16 7.82 19.21
C ALA A 32 -13.33 8.53 19.84
N PRO A 33 -13.27 8.86 21.13
CA PRO A 33 -14.33 9.56 21.76
C PRO A 33 -14.28 11.01 21.32
N VAL A 34 -15.30 11.45 20.64
CA VAL A 34 -15.38 12.80 20.18
C VAL A 34 -15.20 13.80 21.27
N LYS A 35 -15.79 13.55 22.44
CA LYS A 35 -15.64 14.44 23.59
C LYS A 35 -14.15 14.71 23.88
N GLU A 36 -13.37 13.64 23.79
CA GLU A 36 -11.94 13.71 23.99
C GLU A 36 -11.34 14.49 22.85
N LEU A 37 -11.86 14.24 21.68
CA LEU A 37 -11.28 14.67 20.45
C LEU A 37 -11.36 16.15 20.27
N LEU A 38 -12.50 16.77 20.56
CA LEU A 38 -12.62 18.12 20.25
C LEU A 38 -11.94 18.87 21.37
N ALA A 39 -12.10 18.36 22.62
CA ALA A 39 -11.54 19.02 23.78
C ALA A 39 -10.03 19.03 23.71
N LYS A 40 -9.49 17.89 23.44
CA LYS A 40 -8.05 17.70 23.40
C LYS A 40 -7.41 18.42 22.21
N MET A 41 -8.03 18.38 21.04
CA MET A 41 -7.45 19.04 19.89
C MET A 41 -7.68 20.53 19.97
N LYS A 42 -8.68 20.92 20.76
CA LYS A 42 -8.92 22.30 21.11
C LYS A 42 -7.70 22.83 21.82
N ALA A 43 -7.24 22.06 22.81
CA ALA A 43 -6.02 22.37 23.56
C ALA A 43 -4.79 22.33 22.66
N LYS A 44 -4.85 21.50 21.61
CA LYS A 44 -3.80 21.42 20.60
C LYS A 44 -3.90 22.62 19.61
N GLY A 45 -4.79 23.54 19.91
CA GLY A 45 -4.90 24.75 19.16
C GLY A 45 -5.86 24.67 18.02
N HIS A 46 -7.08 24.23 18.27
CA HIS A 46 -8.09 24.24 17.21
C HIS A 46 -9.35 25.05 17.52
N GLY A 47 -9.84 24.95 18.75
CA GLY A 47 -11.05 25.72 19.13
C GLY A 47 -12.31 25.27 18.47
N ILE A 48 -12.59 24.01 18.58
CA ILE A 48 -13.79 23.48 18.05
C ILE A 48 -14.64 22.90 19.17
N SER A 49 -15.92 23.12 19.10
CA SER A 49 -16.86 22.52 20.00
C SER A 49 -17.30 21.20 19.37
N MET A 50 -18.19 20.47 20.06
CA MET A 50 -18.67 19.19 19.59
C MET A 50 -19.20 19.29 18.17
N GLU A 51 -20.02 20.30 17.95
CA GLU A 51 -20.67 20.47 16.67
C GLU A 51 -19.71 20.96 15.60
N GLU A 52 -18.60 21.56 16.03
CA GLU A 52 -17.64 22.00 15.07
C GLU A 52 -16.95 20.80 14.49
N LEU A 53 -16.52 19.89 15.35
CA LEU A 53 -15.91 18.66 14.89
C LEU A 53 -16.96 17.85 14.11
N LYS A 54 -18.21 17.97 14.53
CA LYS A 54 -19.33 17.33 13.84
C LYS A 54 -19.39 17.80 12.38
N HIS A 55 -18.94 19.02 12.14
CA HIS A 55 -18.84 19.57 10.80
C HIS A 55 -17.70 18.88 10.04
N ILE A 56 -16.58 18.66 10.74
CA ILE A 56 -15.45 17.94 10.16
C ILE A 56 -15.86 16.50 9.77
N VAL A 57 -16.44 15.80 10.69
CA VAL A 57 -16.85 14.45 10.43
C VAL A 57 -17.99 14.43 9.38
N GLU A 58 -18.72 15.54 9.25
CA GLU A 58 -19.75 15.67 8.23
C GLU A 58 -19.07 15.80 6.86
N THR A 59 -17.83 16.28 6.85
CA THR A 59 -17.10 16.43 5.62
C THR A 59 -16.31 15.16 5.31
N ASN A 60 -16.58 14.11 6.12
CA ASN A 60 -16.12 12.69 5.89
C ASN A 60 -16.27 12.16 4.45
N SER A 61 -16.97 12.90 3.57
CA SER A 61 -17.51 12.52 2.24
C SER A 61 -16.61 11.68 1.28
N LYS A 62 -15.35 11.47 1.59
CA LYS A 62 -14.53 10.53 0.83
C LYS A 62 -14.59 9.16 1.53
N LYS A 63 -15.51 9.07 2.48
CA LYS A 63 -15.78 7.92 3.32
C LYS A 63 -14.57 7.59 4.17
N ARG A 64 -14.11 8.59 4.89
CA ARG A 64 -12.96 8.44 5.74
C ARG A 64 -13.26 8.75 7.21
N PHE A 65 -14.50 9.11 7.51
CA PHE A 65 -14.92 9.41 8.90
C PHE A 65 -16.34 8.96 9.08
N ALA A 66 -16.79 8.92 10.32
CA ALA A 66 -18.11 8.49 10.69
C ALA A 66 -18.31 8.87 12.11
N PHE A 67 -19.52 8.98 12.54
CA PHE A 67 -19.84 9.48 13.83
C PHE A 67 -20.95 8.59 14.43
N SER A 68 -20.84 8.27 15.70
CA SER A 68 -21.81 7.41 16.39
C SER A 68 -23.19 8.07 16.60
N GLU A 69 -24.11 7.34 17.25
CA GLU A 69 -25.51 7.75 17.42
C GLU A 69 -25.67 9.10 18.14
N ASN A 70 -25.01 9.27 19.26
CA ASN A 70 -25.07 10.54 20.02
C ASN A 70 -24.19 11.56 19.36
N PHE A 71 -23.36 11.07 18.43
CA PHE A 71 -22.30 11.83 17.77
C PHE A 71 -21.15 12.00 18.78
N GLU A 72 -21.07 11.02 19.68
CA GLU A 72 -20.13 11.02 20.81
C GLU A 72 -18.80 10.36 20.46
N LYS A 73 -18.74 9.66 19.35
CA LYS A 73 -17.58 8.94 18.97
C LYS A 73 -17.42 9.06 17.50
N ILE A 74 -16.21 9.25 17.08
CA ILE A 74 -15.90 9.29 15.69
C ILE A 74 -14.98 8.14 15.34
N ARG A 75 -14.99 7.77 14.12
CA ARG A 75 -14.09 6.82 13.62
C ARG A 75 -13.63 7.32 12.31
N ALA A 76 -12.37 7.32 12.11
CA ALA A 76 -11.86 7.56 10.84
C ALA A 76 -11.88 6.18 10.23
N ASN A 77 -12.75 5.96 9.28
CA ASN A 77 -12.86 4.64 8.74
C ASN A 77 -11.98 4.45 7.54
N GLN A 78 -11.07 3.52 7.69
CA GLN A 78 -10.14 3.04 6.70
C GLN A 78 -9.15 2.19 7.46
N GLY A 79 -8.16 1.69 6.79
CA GLY A 79 -7.16 0.91 7.45
C GLY A 79 -5.99 0.74 6.55
N HIS A 80 -6.18 -0.06 5.54
CA HIS A 80 -5.21 -0.30 4.48
C HIS A 80 -5.78 -1.23 3.44
N SER A 81 -5.84 -0.72 2.23
CA SER A 81 -6.37 -1.39 1.06
C SER A 81 -7.84 -1.74 1.15
N VAL A 82 -8.58 -1.10 0.30
CA VAL A 82 -10.00 -1.28 0.18
C VAL A 82 -10.31 -2.65 -0.38
N GLU A 83 -9.49 -3.05 -1.32
CA GLU A 83 -9.63 -4.30 -1.97
C GLU A 83 -8.83 -5.35 -1.24
N VAL A 84 -7.61 -5.42 -1.59
CA VAL A 84 -6.61 -6.32 -0.95
C VAL A 84 -5.28 -5.66 -0.81
N ASP A 85 -4.89 -5.08 -1.89
CA ASP A 85 -3.74 -4.21 -2.05
C ASP A 85 -3.59 -3.85 -3.47
N LEU A 86 -4.19 -2.79 -3.77
CA LEU A 86 -4.12 -2.19 -5.04
C LEU A 86 -3.11 -1.05 -4.98
N GLY A 87 -2.38 -1.02 -3.87
CA GLY A 87 -1.40 -0.03 -3.62
C GLY A 87 -2.01 0.99 -2.77
N TYR A 88 -2.53 0.54 -1.65
CA TYR A 88 -3.31 1.40 -0.81
C TYR A 88 -3.07 1.07 0.68
N GLU A 89 -1.90 0.53 0.99
CA GLU A 89 -1.56 0.30 2.38
C GLU A 89 -1.12 1.62 2.99
N LYS A 90 -2.09 2.38 3.44
CA LYS A 90 -1.87 3.67 4.04
C LYS A 90 -1.27 3.48 5.43
N GLN A 91 0.03 3.45 5.46
CA GLN A 91 0.80 3.20 6.65
C GLN A 91 1.56 4.46 7.04
N VAL A 92 2.39 4.35 8.06
CA VAL A 92 3.23 5.45 8.50
C VAL A 92 4.23 5.86 7.37
N PRO A 93 4.01 7.05 6.79
CA PRO A 93 4.77 7.53 5.65
C PRO A 93 6.08 8.27 5.99
N PRO A 94 7.17 7.97 5.28
CA PRO A 94 8.39 8.77 5.35
C PRO A 94 8.21 10.01 4.46
N ALA A 95 9.03 11.00 4.66
CA ALA A 95 8.92 12.21 3.89
C ALA A 95 9.98 12.28 2.81
N VAL A 96 11.20 11.99 3.18
CA VAL A 96 12.30 11.99 2.21
C VAL A 96 12.55 10.59 1.74
N LEU A 97 12.47 10.37 0.46
CA LEU A 97 12.67 9.00 -0.01
C LEU A 97 13.33 8.90 -1.35
N PHE A 98 13.69 7.67 -1.72
CA PHE A 98 14.47 7.40 -2.91
C PHE A 98 13.65 6.62 -3.95
N HIS A 99 13.85 6.96 -5.18
CA HIS A 99 13.25 6.25 -6.30
C HIS A 99 14.34 6.02 -7.36
N GLY A 100 14.65 4.77 -7.61
CA GLY A 100 15.62 4.41 -8.62
C GLY A 100 15.09 4.59 -10.03
N THR A 101 15.95 4.99 -10.92
CA THR A 101 15.62 5.22 -12.29
C THR A 101 16.90 5.12 -13.14
N ALA A 102 16.85 5.54 -14.38
CA ALA A 102 17.97 5.37 -15.30
C ALA A 102 18.25 6.70 -15.97
N GLU A 103 19.43 6.83 -16.59
CA GLU A 103 19.92 8.12 -17.08
C GLU A 103 19.32 8.76 -18.35
N LYS A 104 18.86 7.99 -19.32
CA LYS A 104 18.30 8.67 -20.51
C LYS A 104 16.91 9.16 -20.15
N ASN A 105 16.25 8.35 -19.39
CA ASN A 105 14.98 8.72 -18.94
C ASN A 105 15.16 9.53 -17.68
N PHE A 106 16.42 9.78 -17.28
CA PHE A 106 16.74 10.69 -16.19
C PHE A 106 16.50 12.06 -16.66
N ASP A 107 17.00 12.32 -17.86
CA ASP A 107 16.78 13.59 -18.53
C ASP A 107 15.28 13.83 -18.54
N LEU A 108 14.57 12.85 -19.03
CA LEU A 108 13.11 12.94 -19.08
C LEU A 108 12.42 13.03 -17.66
N ILE A 109 12.90 12.27 -16.70
CA ILE A 109 12.32 12.18 -15.35
C ILE A 109 12.62 13.40 -14.52
N LEU A 110 13.68 14.09 -14.81
CA LEU A 110 13.97 15.26 -14.06
C LEU A 110 13.20 16.45 -14.65
N LYS A 111 12.84 16.33 -15.91
CA LYS A 111 12.03 17.29 -16.56
C LYS A 111 10.59 17.28 -16.03
N ASP A 112 10.01 16.11 -15.83
CA ASP A 112 8.60 16.07 -15.40
C ASP A 112 8.42 15.48 -13.99
N GLY A 113 9.14 14.44 -13.70
CA GLY A 113 9.01 13.81 -12.42
C GLY A 113 8.43 12.44 -12.53
N ILE A 114 8.36 11.76 -11.42
CA ILE A 114 7.82 10.44 -11.40
C ILE A 114 6.31 10.56 -11.26
N LYS A 115 5.67 10.66 -12.40
CA LYS A 115 4.23 10.67 -12.53
C LYS A 115 3.83 10.31 -13.96
N LYS A 116 4.79 9.77 -14.67
CA LYS A 116 4.59 9.30 -16.02
C LYS A 116 4.84 7.82 -15.99
N MET A 117 4.02 7.07 -16.74
CA MET A 117 4.06 5.59 -16.75
C MET A 117 3.60 5.01 -15.40
N SER A 118 2.96 5.87 -14.63
CA SER A 118 2.37 5.57 -13.36
C SER A 118 1.28 6.62 -13.13
N ARG A 119 0.04 6.23 -13.35
CA ARG A 119 -1.08 7.15 -13.29
C ARG A 119 -1.48 7.57 -11.90
N HIS A 120 -0.82 8.64 -11.41
CA HIS A 120 -1.14 9.29 -10.12
C HIS A 120 -1.02 8.30 -8.95
N HIS A 121 -0.21 7.31 -9.16
CA HIS A 121 -0.04 6.26 -8.22
C HIS A 121 1.35 5.71 -8.42
N VAL A 122 2.31 6.41 -7.88
CA VAL A 122 3.71 6.14 -8.16
C VAL A 122 4.35 5.33 -7.04
N HIS A 123 5.16 4.37 -7.42
CA HIS A 123 5.84 3.53 -6.46
C HIS A 123 7.31 3.90 -6.40
N LEU A 124 7.92 3.79 -5.24
CA LEU A 124 9.29 4.18 -5.06
C LEU A 124 10.04 3.05 -4.45
N SER A 125 11.33 3.17 -4.53
CA SER A 125 12.20 2.15 -4.13
C SER A 125 12.68 2.34 -2.69
N GLN A 126 12.00 1.66 -1.84
CA GLN A 126 12.27 1.51 -0.42
C GLN A 126 13.70 0.96 -0.21
N ASP A 127 14.13 0.12 -1.13
CA ASP A 127 15.46 -0.45 -1.12
C ASP A 127 16.30 0.33 -2.07
N ILE A 128 17.43 0.79 -1.62
CA ILE A 128 18.34 1.57 -2.45
C ILE A 128 19.02 0.62 -3.46
N THR A 129 19.25 -0.61 -3.02
CA THR A 129 19.84 -1.62 -3.84
C THR A 129 18.93 -1.96 -5.03
N THR A 130 17.70 -2.38 -4.74
CA THR A 130 16.75 -2.75 -5.77
C THR A 130 16.47 -1.55 -6.72
N ALA A 131 16.52 -0.33 -6.16
CA ALA A 131 16.33 0.92 -6.91
C ALA A 131 17.32 1.00 -8.05
N ARG A 132 18.55 0.81 -7.68
CA ARG A 132 19.67 0.91 -8.58
C ARG A 132 19.69 -0.29 -9.53
N LYS A 133 19.35 -1.43 -8.96
CA LYS A 133 19.30 -2.72 -9.65
C LYS A 133 18.35 -2.68 -10.86
N VAL A 134 17.13 -2.21 -10.65
CA VAL A 134 16.17 -2.18 -11.75
C VAL A 134 16.42 -0.97 -12.67
N GLY A 135 16.99 0.10 -12.12
CA GLY A 135 17.36 1.25 -12.92
C GLY A 135 18.42 0.87 -13.95
N MET A 136 19.34 0.00 -13.53
CA MET A 136 20.44 -0.52 -14.36
C MET A 136 19.91 -1.25 -15.61
N ARG A 137 18.67 -1.69 -15.56
CA ARG A 137 18.10 -2.41 -16.68
C ARG A 137 17.60 -1.44 -17.77
N HIS A 138 17.40 -0.17 -17.39
CA HIS A 138 16.90 0.83 -18.36
C HIS A 138 18.03 1.68 -18.91
N GLY A 139 19.14 1.68 -18.22
CA GLY A 139 20.29 2.42 -18.62
C GLY A 139 21.24 2.45 -17.47
N LYS A 140 22.12 3.41 -17.41
CA LYS A 140 22.95 3.50 -16.23
C LYS A 140 22.10 4.18 -15.15
N PRO A 141 22.02 3.59 -13.95
CA PRO A 141 21.09 4.04 -12.93
C PRO A 141 21.46 5.34 -12.22
N VAL A 142 20.42 6.00 -11.73
CA VAL A 142 20.48 7.21 -10.95
C VAL A 142 19.35 7.14 -9.93
N VAL A 143 19.62 7.44 -8.70
CA VAL A 143 18.61 7.42 -7.70
C VAL A 143 18.06 8.83 -7.50
N LEU A 144 16.76 8.96 -7.39
CA LEU A 144 16.14 10.24 -7.24
C LEU A 144 15.44 10.37 -5.90
N SER A 145 16.05 11.12 -5.02
CA SER A 145 15.53 11.31 -3.68
C SER A 145 14.68 12.58 -3.55
N VAL A 146 13.46 12.44 -3.11
CA VAL A 146 12.58 13.59 -2.93
C VAL A 146 12.76 14.22 -1.56
N ASP A 147 12.73 15.55 -1.59
CA ASP A 147 12.90 16.44 -0.43
C ASP A 147 11.74 16.34 0.53
N ALA A 148 12.03 15.85 1.75
CA ALA A 148 11.04 15.63 2.81
C ALA A 148 10.09 16.79 2.96
N LYS A 149 10.67 17.95 3.17
CA LYS A 149 9.95 19.18 3.43
C LYS A 149 9.02 19.52 2.28
N GLY A 150 9.50 19.27 1.08
CA GLY A 150 8.75 19.57 -0.08
C GLY A 150 7.52 18.74 -0.19
N MET A 151 7.66 17.46 0.10
CA MET A 151 6.57 16.54 -0.06
C MET A 151 5.60 16.73 1.07
N ALA A 152 6.15 16.77 2.28
CA ALA A 152 5.38 16.93 3.51
C ALA A 152 4.55 18.22 3.49
N ASP A 153 5.16 19.35 3.14
CA ASP A 153 4.46 20.65 3.13
C ASP A 153 3.37 20.65 2.06
N GLY A 154 3.55 19.82 1.06
CA GLY A 154 2.59 19.72 -0.02
C GLY A 154 1.29 19.05 0.41
N GLY A 155 1.30 18.44 1.60
CA GLY A 155 0.09 17.81 2.10
C GLY A 155 -0.18 16.53 1.38
N PHE A 156 0.88 15.92 0.89
CA PHE A 156 0.81 14.74 0.09
C PHE A 156 0.27 13.54 0.88
N ASP A 157 -0.28 12.61 0.18
CA ASP A 157 -0.64 11.36 0.81
C ASP A 157 0.42 10.37 0.39
N PHE A 158 0.62 9.35 1.15
CA PHE A 158 1.67 8.43 0.90
C PHE A 158 1.22 7.05 1.37
N TYR A 159 1.53 6.06 0.59
CA TYR A 159 1.11 4.71 0.86
C TYR A 159 2.27 3.78 0.68
N LEU A 160 2.05 2.57 1.01
CA LEU A 160 2.94 1.49 0.74
C LEU A 160 2.10 0.42 0.10
N SER A 161 2.67 -0.39 -0.73
CA SER A 161 1.92 -1.49 -1.26
C SER A 161 2.34 -2.76 -0.50
N ASN A 162 1.72 -3.90 -0.79
CA ASN A 162 2.03 -5.20 -0.12
C ASN A 162 3.52 -5.61 -0.27
N ASN A 163 4.21 -4.97 -1.20
CA ASN A 163 5.64 -5.20 -1.38
C ASN A 163 6.42 -4.58 -0.23
N GLY A 164 5.77 -3.72 0.51
CA GLY A 164 6.47 -2.92 1.50
C GLY A 164 7.19 -1.83 0.78
N VAL A 165 6.75 -1.61 -0.46
CA VAL A 165 7.35 -0.61 -1.28
C VAL A 165 6.81 0.69 -0.93
N TRP A 166 7.49 1.67 -1.30
CA TRP A 166 7.09 2.97 -1.04
C TRP A 166 6.14 3.42 -2.16
N LEU A 167 5.19 4.28 -1.87
CA LEU A 167 4.24 4.78 -2.89
C LEU A 167 3.84 6.22 -2.55
N ILE A 168 3.96 7.11 -3.49
CA ILE A 168 3.65 8.50 -3.28
C ILE A 168 2.58 8.94 -4.25
N ASP A 169 1.73 9.86 -3.79
CA ASP A 169 0.65 10.39 -4.61
C ASP A 169 1.18 11.13 -5.82
N PHE A 170 2.28 11.86 -5.63
CA PHE A 170 2.86 12.62 -6.74
C PHE A 170 4.28 13.05 -6.43
N VAL A 171 5.21 12.77 -7.33
CA VAL A 171 6.52 13.35 -7.21
C VAL A 171 6.94 14.13 -8.42
N PRO A 172 6.72 15.43 -8.43
CA PRO A 172 7.25 16.27 -9.48
C PRO A 172 8.75 16.39 -9.25
N ALA A 173 9.52 16.40 -10.31
CA ALA A 173 10.97 16.31 -10.18
C ALA A 173 11.61 17.51 -9.57
N GLU A 174 10.89 18.57 -9.49
CA GLU A 174 11.36 19.75 -8.84
C GLU A 174 11.48 19.51 -7.32
N PHE A 175 10.73 18.51 -6.83
CA PHE A 175 10.79 18.07 -5.44
C PHE A 175 11.89 17.00 -5.31
N ILE A 176 12.20 16.38 -6.42
CA ILE A 176 13.20 15.40 -6.53
C ILE A 176 14.57 16.07 -6.59
N LYS A 177 15.44 15.62 -5.76
CA LYS A 177 16.75 16.03 -5.85
C LYS A 177 17.61 14.84 -6.11
N VAL A 178 18.09 14.83 -7.28
CA VAL A 178 19.01 13.86 -7.80
C VAL A 178 20.23 13.78 -6.89
PA NAD B . 8.13 1.14 -13.65
O1A NAD B . 7.29 2.21 -13.06
O2A NAD B . 7.50 0.13 -14.54
O5B NAD B . 9.34 1.81 -14.46
C5B NAD B . 9.18 3.07 -15.11
C4B NAD B . 10.57 3.66 -15.34
O4B NAD B . 10.46 4.94 -16.02
C3B NAD B . 11.24 3.96 -14.03
O3B NAD B . 12.69 4.01 -14.15
C2B NAD B . 10.72 5.31 -13.73
O2B NAD B . 11.57 5.90 -12.76
C1B NAD B . 10.86 5.96 -15.06
N9A NAD B . 10.01 7.19 -15.21
C8A NAD B . 9.04 7.70 -14.34
N7A NAD B . 8.66 8.95 -14.80
C5A NAD B . 9.37 9.11 -15.87
C6A NAD B . 9.27 10.28 -16.64
N6A NAD B . 8.49 11.28 -16.32
N1A NAD B . 10.06 10.35 -17.77
C2A NAD B . 10.86 9.28 -18.03
N3A NAD B . 10.96 8.16 -17.28
C4A NAD B . 10.18 8.09 -16.16
O3 NAD B . 8.92 0.38 -12.49
PN NAD B . 9.79 0.77 -11.21
O1N NAD B . 11.24 0.64 -11.56
O2N NAD B . 9.32 2.07 -10.66
O5D NAD B . 9.39 -0.41 -10.19
C5D NAD B . 10.39 -1.23 -9.54
C4D NAD B . 11.11 -0.41 -8.44
O4D NAD B . 10.13 0.00 -7.49
C3D NAD B . 12.06 -1.26 -7.64
O3D NAD B . 12.89 -0.49 -6.75
C2D NAD B . 11.13 -2.09 -6.84
O2D NAD B . 11.77 -2.56 -5.64
C1D NAD B . 9.99 -1.10 -6.54
N1N NAD B . 8.64 -1.72 -6.70
C2N NAD B . 8.46 -3.08 -7.00
C3N NAD B . 7.13 -3.62 -7.07
C7N NAD B . 6.85 -5.10 -7.41
O7N NAD B . 5.69 -5.52 -7.50
N7N NAD B . 7.89 -5.86 -7.60
C4N NAD B . 6.06 -2.76 -6.83
C5N NAD B . 6.31 -1.43 -6.53
C6N NAD B . 7.58 -0.93 -6.48
H51A NAD B . 8.58 3.76 -14.51
H52A NAD B . 8.68 2.89 -16.07
H4B NAD B . 11.11 2.95 -15.95
H3B NAD B . 10.98 3.20 -13.28
HO3A NAD B . 13.01 3.87 -15.09
H2B NAD B . 9.69 5.21 -13.39
HO2A NAD B . 12.50 5.82 -13.14
H1B NAD B . 11.91 6.25 -15.09
H8A NAD B . 8.66 7.21 -13.46
H61A NAD B . 8.44 12.10 -16.88
H62A NAD B . 7.93 11.22 -15.49
H2A NAD B . 11.50 9.30 -18.91
H51N NAD B . 11.10 -1.63 -10.25
H52N NAD B . 9.88 -2.09 -9.11
H4D NAD B . 11.61 0.39 -8.97
H3D NAD B . 12.74 -1.83 -8.27
HO3N NAD B . 13.20 -1.15 -6.07
H2D NAD B . 10.85 -2.90 -7.50
HO2N NAD B . 11.12 -3.17 -5.19
H1D NAD B . 9.97 -0.78 -5.50
H2N NAD B . 9.34 -3.70 -7.13
H71N NAD B . 8.83 -5.51 -7.50
H72N NAD B . 7.78 -6.82 -7.84
H4N NAD B . 5.03 -3.11 -6.87
H5N NAD B . 5.57 -0.70 -6.26
H6N NAD B . 7.66 0.11 -6.23
N GLY A 1 -20.43 -26.34 -3.62
CA GLY A 1 -21.63 -25.64 -4.07
C GLY A 1 -21.31 -24.56 -5.07
N SER A 2 -21.49 -24.87 -6.34
CA SER A 2 -21.15 -23.99 -7.44
C SER A 2 -21.97 -22.69 -7.42
N HIS A 3 -23.16 -22.76 -6.85
CA HIS A 3 -24.01 -21.58 -6.78
C HIS A 3 -23.61 -20.71 -5.61
N MET A 4 -23.26 -21.32 -4.48
CA MET A 4 -22.94 -20.54 -3.28
C MET A 4 -21.60 -19.83 -3.40
N VAL A 5 -20.65 -20.41 -4.11
CA VAL A 5 -19.37 -19.76 -4.33
C VAL A 5 -19.53 -18.55 -5.23
N LYS A 6 -20.55 -18.62 -6.07
CA LYS A 6 -20.90 -17.55 -6.97
C LYS A 6 -21.43 -16.38 -6.18
N VAL A 7 -22.29 -16.68 -5.24
CA VAL A 7 -22.86 -15.70 -4.33
C VAL A 7 -21.74 -15.10 -3.48
N SER A 8 -20.73 -15.92 -3.20
CA SER A 8 -19.62 -15.51 -2.36
C SER A 8 -18.75 -14.49 -3.07
N LYS A 9 -18.41 -14.79 -4.30
CA LYS A 9 -17.60 -13.91 -5.10
C LYS A 9 -18.43 -12.66 -5.43
N PHE A 10 -19.72 -12.86 -5.56
CA PHE A 10 -20.62 -11.80 -5.86
C PHE A 10 -20.72 -10.87 -4.67
N LEU A 11 -20.62 -11.41 -3.44
CA LEU A 11 -20.56 -10.61 -2.23
C LEU A 11 -19.37 -9.69 -2.25
N SER A 12 -18.22 -10.25 -2.62
CA SER A 12 -16.98 -9.50 -2.77
C SER A 12 -17.16 -8.36 -3.78
N LEU A 13 -18.12 -8.49 -4.65
CA LEU A 13 -18.45 -7.41 -5.53
C LEU A 13 -19.49 -6.46 -4.91
N VAL A 14 -20.61 -7.02 -4.44
CA VAL A 14 -21.76 -6.23 -4.07
C VAL A 14 -21.57 -5.25 -2.91
N LEU A 15 -21.16 -5.72 -1.75
CA LEU A 15 -21.04 -4.78 -0.61
C LEU A 15 -19.73 -4.02 -0.62
N ARG A 16 -18.98 -4.20 -1.68
CA ARG A 16 -17.69 -3.59 -1.80
C ARG A 16 -17.65 -2.50 -2.85
N HIS A 17 -18.22 -2.77 -4.01
CA HIS A 17 -18.04 -1.88 -5.14
C HIS A 17 -19.24 -1.02 -5.49
N ASN A 18 -20.38 -1.62 -5.68
CA ASN A 18 -21.52 -0.86 -6.21
C ASN A 18 -22.84 -1.39 -5.66
N PRO A 19 -22.96 -1.53 -4.29
CA PRO A 19 -24.03 -2.32 -3.59
C PRO A 19 -25.45 -2.18 -4.14
N ALA A 20 -25.74 -1.02 -4.67
CA ALA A 20 -27.00 -0.69 -5.25
C ALA A 20 -27.44 -1.62 -6.42
N LEU A 21 -26.56 -2.54 -6.88
CA LEU A 21 -26.84 -3.43 -7.87
C LEU A 21 -27.94 -4.34 -7.44
N ILE A 22 -27.82 -4.89 -6.24
CA ILE A 22 -28.85 -5.76 -5.76
C ILE A 22 -29.81 -4.91 -4.99
N GLY A 23 -29.34 -3.71 -4.73
CA GLY A 23 -30.03 -2.77 -3.90
C GLY A 23 -29.56 -2.87 -2.46
N LEU A 24 -28.26 -3.11 -2.26
CA LEU A 24 -27.73 -3.21 -0.97
C LEU A 24 -27.40 -1.83 -0.40
N ASP A 25 -27.52 -1.71 0.88
CA ASP A 25 -27.35 -0.46 1.61
C ASP A 25 -26.11 -0.52 2.46
N LEU A 26 -25.25 0.44 2.34
CA LEU A 26 -24.01 0.45 3.09
C LEU A 26 -23.84 1.74 3.87
N ASP A 27 -22.93 1.74 4.80
CA ASP A 27 -22.64 2.91 5.58
C ASP A 27 -21.16 3.23 5.48
N ALA A 28 -20.72 3.99 6.42
CA ALA A 28 -19.35 4.46 6.48
C ALA A 28 -18.40 3.38 7.02
N ASN A 29 -18.85 2.60 8.00
CA ASN A 29 -18.04 1.58 8.64
C ASN A 29 -17.99 0.32 7.75
N GLY A 30 -18.95 0.20 6.86
CA GLY A 30 -18.91 -0.89 5.90
C GLY A 30 -19.82 -2.05 6.26
N TRP A 31 -20.90 -1.77 6.92
CA TRP A 31 -21.84 -2.79 7.31
C TRP A 31 -23.04 -2.76 6.41
N ALA A 32 -23.39 -3.91 5.91
CA ALA A 32 -24.54 -4.06 5.09
C ALA A 32 -25.53 -4.91 5.83
N PRO A 33 -26.82 -4.63 5.73
CA PRO A 33 -27.80 -5.43 6.37
C PRO A 33 -27.93 -6.72 5.61
N VAL A 34 -27.59 -7.82 6.23
CA VAL A 34 -27.71 -9.11 5.62
C VAL A 34 -29.10 -9.36 5.15
N LYS A 35 -30.07 -8.91 5.95
CA LYS A 35 -31.49 -8.94 5.60
C LYS A 35 -31.69 -8.42 4.17
N GLU A 36 -31.06 -7.29 3.89
CA GLU A 36 -31.14 -6.63 2.61
C GLU A 36 -30.36 -7.44 1.60
N LEU A 37 -29.30 -8.03 2.06
CA LEU A 37 -28.32 -8.62 1.22
C LEU A 37 -28.82 -9.87 0.58
N LEU A 38 -29.48 -10.75 1.32
CA LEU A 38 -29.84 -11.98 0.75
C LEU A 38 -31.09 -11.72 -0.04
N ALA A 39 -31.97 -10.84 0.52
CA ALA A 39 -33.24 -10.53 -0.11
C ALA A 39 -33.02 -9.90 -1.46
N LYS A 40 -32.21 -8.90 -1.47
CA LYS A 40 -31.90 -8.13 -2.65
C LYS A 40 -31.06 -8.92 -3.66
N MET A 41 -30.06 -9.66 -3.19
CA MET A 41 -29.25 -10.41 -4.14
C MET A 41 -29.99 -11.62 -4.64
N LYS A 42 -31.00 -12.05 -3.87
CA LYS A 42 -31.93 -13.08 -4.31
C LYS A 42 -32.59 -12.61 -5.60
N ALA A 43 -33.09 -11.38 -5.55
CA ALA A 43 -33.70 -10.73 -6.72
C ALA A 43 -32.69 -10.55 -7.86
N LYS A 44 -31.42 -10.43 -7.49
CA LYS A 44 -30.34 -10.31 -8.47
C LYS A 44 -29.96 -11.72 -9.01
N GLY A 45 -30.70 -12.73 -8.60
CA GLY A 45 -30.50 -14.08 -9.10
C GLY A 45 -29.54 -14.90 -8.29
N HIS A 46 -29.77 -15.02 -6.99
CA HIS A 46 -28.87 -15.85 -6.18
C HIS A 46 -29.52 -16.96 -5.38
N GLY A 47 -30.80 -16.80 -5.02
CA GLY A 47 -31.54 -17.85 -4.29
C GLY A 47 -30.88 -18.31 -3.02
N ILE A 48 -30.56 -17.39 -2.18
CA ILE A 48 -30.01 -17.69 -0.92
C ILE A 48 -30.90 -17.11 0.16
N SER A 49 -31.07 -17.86 1.20
CA SER A 49 -31.77 -17.40 2.35
C SER A 49 -30.76 -16.79 3.30
N MET A 50 -31.21 -16.36 4.49
CA MET A 50 -30.34 -15.71 5.43
C MET A 50 -29.22 -16.68 5.78
N GLU A 51 -29.60 -17.93 6.00
CA GLU A 51 -28.64 -18.94 6.36
C GLU A 51 -27.80 -19.43 5.20
N GLU A 52 -28.26 -19.22 3.98
CA GLU A 52 -27.43 -19.58 2.87
C GLU A 52 -26.32 -18.59 2.79
N LEU A 53 -26.66 -17.28 2.84
CA LEU A 53 -25.67 -16.24 2.81
C LEU A 53 -24.75 -16.40 4.04
N LYS A 54 -25.34 -16.77 5.14
CA LYS A 54 -24.65 -17.06 6.39
C LYS A 54 -23.51 -18.04 6.15
N HIS A 55 -23.73 -18.99 5.26
CA HIS A 55 -22.73 -19.96 4.93
C HIS A 55 -21.66 -19.31 4.00
N ILE A 56 -22.11 -18.42 3.07
CA ILE A 56 -21.20 -17.65 2.24
C ILE A 56 -20.20 -16.88 3.11
N VAL A 57 -20.72 -16.07 3.99
CA VAL A 57 -19.88 -15.22 4.81
C VAL A 57 -19.02 -16.07 5.77
N GLU A 58 -19.52 -17.26 6.16
CA GLU A 58 -18.81 -18.11 7.08
C GLU A 58 -17.65 -18.81 6.38
N THR A 59 -17.67 -18.81 5.07
CA THR A 59 -16.54 -19.36 4.36
C THR A 59 -15.55 -18.24 4.14
N ASN A 60 -16.05 -17.02 4.30
CA ASN A 60 -15.26 -15.84 4.15
C ASN A 60 -14.57 -15.41 5.45
N SER A 61 -14.97 -16.05 6.56
CA SER A 61 -14.43 -15.81 7.91
C SER A 61 -12.88 -15.92 8.00
N LYS A 62 -12.24 -16.37 6.93
CA LYS A 62 -10.78 -16.49 6.84
C LYS A 62 -10.16 -15.13 6.50
N LYS A 63 -10.92 -14.09 6.82
CA LYS A 63 -10.60 -12.70 6.65
C LYS A 63 -10.84 -12.11 5.28
N ARG A 64 -12.05 -12.29 4.81
CA ARG A 64 -12.54 -11.54 3.68
C ARG A 64 -13.86 -10.91 4.09
N PHE A 65 -14.57 -11.60 4.97
CA PHE A 65 -15.86 -11.14 5.48
C PHE A 65 -16.00 -11.50 6.95
N ALA A 66 -17.07 -11.04 7.55
CA ALA A 66 -17.39 -11.23 8.92
C ALA A 66 -18.86 -10.99 9.05
N PHE A 67 -19.42 -11.40 10.12
CA PHE A 67 -20.83 -11.39 10.28
C PHE A 67 -21.14 -11.00 11.73
N SER A 68 -22.35 -10.64 12.01
CA SER A 68 -22.72 -10.17 13.33
C SER A 68 -23.34 -11.27 14.19
N GLU A 69 -23.69 -10.89 15.41
CA GLU A 69 -24.31 -11.76 16.42
C GLU A 69 -25.59 -12.51 15.94
N ASN A 70 -26.56 -11.78 15.38
CA ASN A 70 -27.80 -12.44 14.87
C ASN A 70 -27.55 -12.86 13.45
N PHE A 71 -26.37 -12.49 12.95
CA PHE A 71 -25.94 -12.72 11.59
C PHE A 71 -26.76 -11.80 10.68
N GLU A 72 -27.20 -10.69 11.26
CA GLU A 72 -28.16 -9.80 10.63
C GLU A 72 -27.46 -8.75 9.75
N LYS A 73 -26.17 -8.58 9.93
CA LYS A 73 -25.43 -7.57 9.27
C LYS A 73 -24.06 -8.10 8.93
N ILE A 74 -23.63 -7.91 7.72
CA ILE A 74 -22.35 -8.39 7.28
C ILE A 74 -21.41 -7.21 7.07
N ARG A 75 -20.14 -7.50 7.10
CA ARG A 75 -19.12 -6.57 6.81
C ARG A 75 -18.03 -7.35 6.11
N ALA A 76 -17.58 -6.88 5.01
CA ALA A 76 -16.53 -7.54 4.30
C ALA A 76 -15.24 -6.90 4.74
N ASN A 77 -14.41 -7.62 5.46
CA ASN A 77 -13.18 -7.00 5.91
C ASN A 77 -12.12 -7.24 4.89
N GLN A 78 -11.64 -6.15 4.34
CA GLN A 78 -10.66 -6.11 3.25
C GLN A 78 -10.57 -4.67 2.76
N GLY A 79 -10.54 -3.75 3.72
CA GLY A 79 -10.50 -2.33 3.42
C GLY A 79 -9.16 -1.90 2.89
N HIS A 80 -8.89 -2.30 1.68
CA HIS A 80 -7.65 -2.00 1.02
C HIS A 80 -7.97 -1.36 -0.33
N SER A 81 -9.25 -1.18 -0.60
CA SER A 81 -9.68 -0.70 -1.87
C SER A 81 -9.90 0.81 -1.80
N VAL A 82 -8.81 1.54 -1.82
CA VAL A 82 -8.85 2.97 -1.80
C VAL A 82 -9.10 3.47 -3.22
N GLU A 83 -8.21 3.11 -4.11
CA GLU A 83 -8.36 3.48 -5.51
C GLU A 83 -9.26 2.46 -6.17
N VAL A 84 -8.71 1.30 -6.23
CA VAL A 84 -9.26 0.05 -6.82
C VAL A 84 -8.58 -1.14 -6.21
N ASP A 85 -7.38 -0.82 -5.79
CA ASP A 85 -6.41 -1.68 -5.16
C ASP A 85 -5.55 -2.37 -6.16
N LEU A 86 -4.47 -1.74 -6.37
CA LEU A 86 -3.40 -2.14 -7.23
C LEU A 86 -2.21 -2.49 -6.37
N GLY A 87 -2.45 -2.39 -5.10
CA GLY A 87 -1.45 -2.58 -4.10
C GLY A 87 -1.33 -1.31 -3.37
N TYR A 88 -2.44 -0.86 -2.85
CA TYR A 88 -2.52 0.42 -2.22
C TYR A 88 -2.59 0.23 -0.71
N GLU A 89 -1.46 0.31 -0.06
CA GLU A 89 -1.39 0.07 1.36
C GLU A 89 -0.96 1.35 2.09
N LYS A 90 -1.87 1.96 2.78
CA LYS A 90 -1.56 3.13 3.55
C LYS A 90 -0.92 2.70 4.88
N GLN A 91 0.37 2.89 4.96
CA GLN A 91 1.19 2.54 6.13
C GLN A 91 1.91 3.79 6.57
N VAL A 92 2.77 3.66 7.58
CA VAL A 92 3.58 4.78 8.07
C VAL A 92 4.28 5.51 6.92
N PRO A 93 3.85 6.75 6.65
CA PRO A 93 4.31 7.51 5.50
C PRO A 93 5.73 8.04 5.66
N PRO A 94 6.62 7.69 4.74
CA PRO A 94 7.96 8.23 4.73
C PRO A 94 7.94 9.63 4.14
N ALA A 95 8.75 10.51 4.66
CA ALA A 95 8.76 11.85 4.17
C ALA A 95 9.67 11.93 2.97
N VAL A 96 10.82 11.31 3.11
CA VAL A 96 11.80 11.25 2.02
C VAL A 96 11.75 9.88 1.41
N LEU A 97 11.59 9.84 0.13
CA LEU A 97 11.50 8.56 -0.55
C LEU A 97 12.24 8.56 -1.87
N PHE A 98 12.97 7.51 -2.11
CA PHE A 98 13.81 7.41 -3.29
C PHE A 98 13.38 6.31 -4.23
N HIS A 99 13.79 6.43 -5.44
CA HIS A 99 13.52 5.47 -6.49
C HIS A 99 14.67 5.50 -7.47
N GLY A 100 15.08 4.34 -7.91
CA GLY A 100 16.12 4.26 -8.88
C GLY A 100 15.55 4.39 -10.26
N THR A 101 16.22 5.10 -11.10
CA THR A 101 15.79 5.29 -12.44
C THR A 101 17.04 5.32 -13.34
N ALA A 102 16.86 5.63 -14.60
CA ALA A 102 17.92 5.54 -15.58
C ALA A 102 18.08 6.88 -16.27
N GLU A 103 19.16 7.06 -17.01
CA GLU A 103 19.54 8.39 -17.50
C GLU A 103 18.80 8.97 -18.73
N LYS A 104 18.42 8.19 -19.70
CA LYS A 104 17.68 8.79 -20.83
C LYS A 104 16.29 9.22 -20.35
N ASN A 105 15.75 8.41 -19.51
CA ASN A 105 14.51 8.72 -18.94
C ASN A 105 14.74 9.54 -17.68
N PHE A 106 16.01 9.91 -17.42
CA PHE A 106 16.36 10.82 -16.32
C PHE A 106 16.06 12.20 -16.76
N ASP A 107 16.42 12.49 -17.99
CA ASP A 107 16.06 13.75 -18.62
C ASP A 107 14.56 13.85 -18.57
N LEU A 108 13.91 12.77 -19.03
CA LEU A 108 12.45 12.71 -18.97
C LEU A 108 11.89 12.86 -17.52
N ILE A 109 12.48 12.17 -16.56
CA ILE A 109 11.97 12.08 -15.17
C ILE A 109 12.29 13.31 -14.36
N LEU A 110 13.32 14.03 -14.70
CA LEU A 110 13.62 15.20 -13.95
C LEU A 110 12.85 16.39 -14.48
N LYS A 111 12.34 16.25 -15.68
CA LYS A 111 11.51 17.23 -16.26
C LYS A 111 10.01 16.95 -16.01
N ASP A 112 9.60 15.69 -16.06
CA ASP A 112 8.18 15.32 -15.88
C ASP A 112 7.89 14.75 -14.50
N GLY A 113 8.87 14.16 -13.89
CA GLY A 113 8.65 13.56 -12.59
C GLY A 113 8.26 12.14 -12.71
N ILE A 114 7.97 11.49 -11.62
CA ILE A 114 7.51 10.15 -11.70
C ILE A 114 6.00 10.24 -11.76
N LYS A 115 5.46 10.06 -12.95
CA LYS A 115 4.03 10.10 -13.17
C LYS A 115 3.60 9.52 -14.50
N LYS A 116 3.76 10.26 -15.59
CA LYS A 116 3.21 9.83 -16.86
C LYS A 116 4.03 8.74 -17.51
N MET A 117 3.61 7.52 -17.22
CA MET A 117 4.17 6.25 -17.67
C MET A 117 3.57 5.16 -16.78
N SER A 118 3.08 5.59 -15.61
CA SER A 118 2.39 4.74 -14.68
C SER A 118 0.98 5.31 -14.50
N ARG A 119 -0.02 4.53 -14.85
CA ARG A 119 -1.40 5.02 -14.79
C ARG A 119 -1.92 5.08 -13.36
N HIS A 120 -1.80 3.98 -12.64
CA HIS A 120 -2.36 3.92 -11.29
C HIS A 120 -1.34 4.34 -10.25
N HIS A 121 -1.22 5.65 -10.05
CA HIS A 121 -0.30 6.26 -9.07
C HIS A 121 1.17 5.91 -9.32
N VAL A 122 2.07 6.37 -8.47
CA VAL A 122 3.48 6.09 -8.72
C VAL A 122 4.16 5.39 -7.57
N HIS A 123 5.24 4.69 -7.89
CA HIS A 123 5.92 3.85 -6.92
C HIS A 123 7.39 4.20 -6.87
N LEU A 124 7.91 4.31 -5.67
CA LEU A 124 9.29 4.59 -5.44
C LEU A 124 9.93 3.36 -4.77
N SER A 125 11.21 3.29 -4.72
CA SER A 125 11.88 2.09 -4.30
C SER A 125 12.32 2.19 -2.84
N GLN A 126 11.63 1.45 -1.99
CA GLN A 126 11.88 1.43 -0.54
C GLN A 126 13.32 1.12 -0.13
N ASP A 127 14.04 0.33 -0.91
CA ASP A 127 15.38 -0.02 -0.52
C ASP A 127 16.34 0.35 -1.61
N ILE A 128 17.51 0.80 -1.22
CA ILE A 128 18.53 1.29 -2.14
C ILE A 128 18.98 0.20 -3.11
N THR A 129 19.11 -1.04 -2.62
CA THR A 129 19.57 -2.13 -3.47
C THR A 129 18.61 -2.39 -4.63
N THR A 130 17.33 -2.36 -4.32
CA THR A 130 16.31 -2.61 -5.30
C THR A 130 16.14 -1.39 -6.23
N ALA A 131 16.44 -0.21 -5.71
CA ALA A 131 16.38 1.03 -6.47
C ALA A 131 17.48 1.04 -7.50
N ARG A 132 18.65 0.72 -7.02
CA ARG A 132 19.86 0.66 -7.82
C ARG A 132 19.71 -0.40 -8.91
N LYS A 133 19.08 -1.50 -8.54
CA LYS A 133 18.81 -2.63 -9.44
C LYS A 133 18.03 -2.17 -10.69
N VAL A 134 16.90 -1.50 -10.47
CA VAL A 134 16.07 -1.04 -11.57
C VAL A 134 16.71 0.12 -12.34
N GLY A 135 17.43 0.96 -11.64
CA GLY A 135 18.13 2.04 -12.30
C GLY A 135 19.13 1.50 -13.30
N MET A 136 19.92 0.52 -12.83
CA MET A 136 20.95 -0.13 -13.64
C MET A 136 20.33 -0.98 -14.75
N ARG A 137 19.05 -1.27 -14.62
CA ARG A 137 18.33 -2.06 -15.59
C ARG A 137 18.19 -1.31 -16.92
N HIS A 138 18.10 0.02 -16.87
CA HIS A 138 17.88 0.78 -18.10
C HIS A 138 19.06 1.70 -18.44
N GLY A 139 19.99 1.81 -17.53
CA GLY A 139 21.15 2.63 -17.74
C GLY A 139 21.92 2.71 -16.48
N LYS A 140 22.67 3.77 -16.29
CA LYS A 140 23.37 3.97 -15.04
C LYS A 140 22.35 4.36 -14.00
N PRO A 141 22.35 3.69 -12.84
CA PRO A 141 21.36 3.93 -11.81
C PRO A 141 21.49 5.32 -11.19
N VAL A 142 20.49 6.11 -11.42
CA VAL A 142 20.40 7.41 -10.81
C VAL A 142 19.29 7.35 -9.77
N VAL A 143 19.65 7.48 -8.52
CA VAL A 143 18.71 7.41 -7.46
C VAL A 143 18.08 8.77 -7.28
N LEU A 144 16.78 8.80 -7.27
CA LEU A 144 16.04 10.02 -7.12
C LEU A 144 15.29 10.02 -5.80
N SER A 145 15.76 10.78 -4.86
CA SER A 145 15.16 10.84 -3.56
C SER A 145 14.30 12.08 -3.45
N VAL A 146 13.00 11.94 -3.34
CA VAL A 146 12.17 13.10 -3.17
C VAL A 146 12.39 13.67 -1.81
N ASP A 147 12.61 14.95 -1.79
CA ASP A 147 12.96 15.68 -0.61
C ASP A 147 11.81 15.74 0.35
N ALA A 148 12.01 15.11 1.50
CA ALA A 148 11.04 15.02 2.58
C ALA A 148 10.45 16.35 2.88
N LYS A 149 11.32 17.31 3.00
CA LYS A 149 10.97 18.66 3.41
C LYS A 149 9.98 19.24 2.44
N GLY A 150 10.23 19.06 1.16
CA GLY A 150 9.38 19.58 0.14
C GLY A 150 8.08 18.84 0.06
N MET A 151 8.11 17.55 0.32
CA MET A 151 6.91 16.74 0.23
C MET A 151 6.01 16.98 1.41
N ALA A 152 6.61 17.05 2.56
CA ALA A 152 5.91 17.36 3.78
C ALA A 152 5.35 18.78 3.74
N ASP A 153 6.11 19.70 3.15
CA ASP A 153 5.71 21.11 3.03
C ASP A 153 4.62 21.24 1.97
N GLY A 154 4.65 20.34 1.00
CA GLY A 154 3.63 20.29 -0.02
C GLY A 154 2.35 19.62 0.49
N GLY A 155 2.49 18.83 1.55
CA GLY A 155 1.35 18.22 2.16
C GLY A 155 0.95 16.91 1.52
N PHE A 156 1.90 16.24 0.91
CA PHE A 156 1.64 14.98 0.23
C PHE A 156 1.45 13.86 1.24
N ASP A 157 0.64 12.89 0.88
CA ASP A 157 0.46 11.72 1.71
C ASP A 157 1.06 10.56 0.99
N PHE A 158 1.69 9.69 1.74
CA PHE A 158 2.50 8.65 1.14
C PHE A 158 1.98 7.31 1.59
N TYR A 159 2.19 6.31 0.79
CA TYR A 159 1.66 4.99 1.02
C TYR A 159 2.76 4.01 0.62
N LEU A 160 2.50 2.75 0.77
CA LEU A 160 3.39 1.72 0.30
C LEU A 160 2.59 0.72 -0.52
N SER A 161 3.19 0.11 -1.49
CA SER A 161 2.47 -0.89 -2.23
C SER A 161 2.63 -2.24 -1.52
N ASN A 162 1.95 -3.28 -2.01
CA ASN A 162 1.95 -4.62 -1.38
C ASN A 162 3.35 -5.21 -1.28
N ASN A 163 4.19 -4.85 -2.22
CA ASN A 163 5.57 -5.32 -2.25
C ASN A 163 6.44 -4.66 -1.15
N GLY A 164 5.91 -3.60 -0.55
CA GLY A 164 6.63 -2.88 0.49
C GLY A 164 7.37 -1.69 -0.05
N VAL A 165 7.17 -1.44 -1.32
CA VAL A 165 7.77 -0.31 -1.99
C VAL A 165 7.01 0.94 -1.59
N TRP A 166 7.61 2.07 -1.76
CA TRP A 166 6.93 3.29 -1.44
C TRP A 166 6.00 3.66 -2.60
N LEU A 167 4.96 4.35 -2.29
CA LEU A 167 4.00 4.78 -3.26
C LEU A 167 3.60 6.18 -2.89
N ILE A 168 3.53 7.04 -3.84
CA ILE A 168 3.16 8.40 -3.59
C ILE A 168 2.06 8.78 -4.54
N ASP A 169 1.24 9.71 -4.08
CA ASP A 169 0.14 10.27 -4.83
C ASP A 169 0.66 10.71 -6.18
N PHE A 170 1.67 11.57 -6.15
CA PHE A 170 2.32 12.08 -7.35
C PHE A 170 3.65 12.63 -6.98
N VAL A 171 4.65 12.36 -7.79
CA VAL A 171 5.93 12.97 -7.58
C VAL A 171 6.33 13.92 -8.66
N PRO A 172 6.12 15.22 -8.43
CA PRO A 172 6.62 16.22 -9.32
C PRO A 172 8.15 16.25 -9.19
N ALA A 173 8.83 16.33 -10.30
CA ALA A 173 10.27 16.21 -10.35
C ALA A 173 10.97 17.32 -9.64
N GLU A 174 10.31 18.43 -9.47
CA GLU A 174 10.86 19.53 -8.75
C GLU A 174 11.02 19.19 -7.26
N PHE A 175 10.30 18.19 -6.79
CA PHE A 175 10.47 17.72 -5.43
C PHE A 175 11.42 16.53 -5.42
N ILE A 176 11.61 15.93 -6.59
CA ILE A 176 12.57 14.88 -6.77
C ILE A 176 13.95 15.41 -6.62
N LYS A 177 14.74 14.78 -5.81
CA LYS A 177 16.07 15.18 -5.64
C LYS A 177 17.04 14.19 -6.05
N VAL A 178 17.62 14.52 -7.11
CA VAL A 178 18.70 13.75 -7.70
C VAL A 178 19.93 13.85 -6.79
PA NAD B . 7.61 1.31 -13.83
O1A NAD B . 7.15 2.47 -13.02
O2A NAD B . 6.71 0.84 -14.94
O5B NAD B . 9.03 1.70 -14.46
C5B NAD B . 9.12 2.87 -15.27
C4B NAD B . 10.58 3.30 -15.49
O4B NAD B . 10.58 4.58 -16.12
C3B NAD B . 11.31 3.53 -14.19
O3B NAD B . 12.75 3.74 -14.37
C2B NAD B . 10.72 4.81 -13.76
O2B NAD B . 11.55 5.40 -12.77
C1B NAD B . 10.73 5.59 -15.05
N9A NAD B . 9.62 6.61 -15.13
C8A NAD B . 8.35 6.58 -14.55
N7A NAD B . 7.65 7.68 -14.96
C5A NAD B . 8.49 8.31 -15.71
C6A NAD B . 8.15 9.51 -16.32
N6A NAD B . 6.95 10.04 -16.17
N1A NAD B . 9.11 10.11 -17.09
C2A NAD B . 10.32 9.47 -17.20
N3A NAD B . 10.64 8.29 -16.60
C4A NAD B . 9.69 7.71 -15.84
O3 NAD B . 7.96 0.09 -12.88
PN NAD B . 8.71 -0.09 -11.48
O1N NAD B . 9.18 1.24 -11.00
O2N NAD B . 7.86 -0.92 -10.57
O5D NAD B . 10.02 -0.97 -11.90
C5D NAD B . 10.52 -2.00 -11.02
C4D NAD B . 11.29 -1.39 -9.87
O4D NAD B . 10.42 -0.53 -9.07
C3D NAD B . 11.80 -2.47 -8.96
O3D NAD B . 13.17 -2.81 -9.18
C2D NAD B . 11.65 -1.87 -7.62
O2D NAD B . 12.78 -1.02 -7.33
C1D NAD B . 10.38 -1.07 -7.73
N1N NAD B . 9.09 -1.84 -7.51
C2N NAD B . 9.04 -3.23 -7.54
C3N NAD B . 7.80 -3.91 -7.39
C7N NAD B . 7.68 -5.45 -7.49
O7N NAD B . 6.58 -6.00 -7.40
N7N NAD B . 8.80 -6.12 -7.68
C4N NAD B . 6.64 -3.14 -7.18
C5N NAD B . 6.75 -1.76 -7.14
C6N NAD B . 7.95 -1.13 -7.31
H51A NAD B . 8.58 3.68 -14.77
H52A NAD B . 8.65 2.68 -16.24
H4B NAD B . 11.04 2.55 -16.13
H3B NAD B . 11.14 2.70 -13.50
HO3A NAD B . 13.10 3.39 -15.24
H2B NAD B . 9.70 4.60 -13.40
HO2A NAD B . 12.46 5.43 -13.19
H1B NAD B . 11.70 6.10 -15.11
H8A NAD B . 7.95 5.85 -13.86
H61A NAD B . 6.71 10.91 -16.60
H62A NAD B . 6.29 9.57 -15.60
H2A NAD B . 11.12 9.92 -17.77
H51N NAD B . 11.15 -2.72 -11.55
H52N NAD B . 9.68 -2.57 -10.63
H4D NAD B . 12.13 -0.86 -10.34
H3D NAD B . 11.19 -3.37 -9.04
HO3N NAD B . 13.25 -3.27 -10.07
H2D NAD B . 11.61 -2.58 -6.79
HO2N NAD B . 13.58 -1.53 -7.67
H1D NAD B . 10.33 -0.29 -6.96
H2N NAD B . 9.97 -3.76 -7.66
H71N NAD B . 9.70 -5.68 -7.77
H72N NAD B . 8.78 -7.12 -7.74
H4N NAD B . 5.66 -3.59 -7.05
H5N NAD B . 5.95 -1.07 -6.93
H6N NAD B . 7.90 -0.06 -7.23
N GLY A 1 -23.45 -9.66 30.79
CA GLY A 1 -22.96 -8.76 29.75
C GLY A 1 -23.26 -9.32 28.38
N SER A 2 -22.58 -8.84 27.37
CA SER A 2 -22.75 -9.33 26.02
C SER A 2 -21.74 -10.44 25.76
N HIS A 3 -22.19 -11.52 25.20
CA HIS A 3 -21.30 -12.63 24.93
C HIS A 3 -20.94 -12.69 23.46
N MET A 4 -21.60 -11.86 22.65
CA MET A 4 -21.31 -11.84 21.22
C MET A 4 -19.92 -11.32 20.97
N VAL A 5 -19.46 -10.39 21.81
CA VAL A 5 -18.14 -9.81 21.67
C VAL A 5 -17.05 -10.84 21.98
N LYS A 6 -17.44 -11.81 22.76
CA LYS A 6 -16.56 -12.89 23.16
C LYS A 6 -16.34 -13.81 21.98
N VAL A 7 -17.41 -14.11 21.30
CA VAL A 7 -17.38 -14.90 20.08
C VAL A 7 -16.70 -14.07 18.98
N SER A 8 -16.75 -12.74 19.10
CA SER A 8 -16.14 -11.87 18.08
C SER A 8 -14.61 -11.89 18.17
N LYS A 9 -14.10 -11.71 19.39
CA LYS A 9 -12.66 -11.74 19.62
C LYS A 9 -12.13 -13.15 19.41
N PHE A 10 -12.92 -14.14 19.80
CA PHE A 10 -12.51 -15.50 19.67
C PHE A 10 -12.62 -15.91 18.21
N LEU A 11 -13.52 -15.28 17.46
CA LEU A 11 -13.62 -15.52 16.03
C LEU A 11 -12.36 -15.02 15.40
N SER A 12 -11.99 -13.82 15.79
CA SER A 12 -10.77 -13.17 15.34
C SER A 12 -9.54 -13.99 15.74
N LEU A 13 -9.70 -14.86 16.69
CA LEU A 13 -8.66 -15.77 17.04
C LEU A 13 -8.77 -17.03 16.18
N VAL A 14 -9.97 -17.58 16.05
CA VAL A 14 -10.15 -18.88 15.47
C VAL A 14 -9.90 -18.97 13.95
N LEU A 15 -10.64 -18.24 13.13
CA LEU A 15 -10.47 -18.43 11.67
C LEU A 15 -9.32 -17.58 11.13
N ARG A 16 -8.72 -16.87 12.03
CA ARG A 16 -7.67 -15.93 11.71
C ARG A 16 -6.29 -16.48 12.11
N HIS A 17 -6.19 -17.12 13.28
CA HIS A 17 -4.87 -17.52 13.80
C HIS A 17 -4.57 -19.01 13.72
N ASN A 18 -5.44 -19.84 14.26
CA ASN A 18 -5.12 -21.27 14.41
C ASN A 18 -6.39 -22.14 14.41
N PRO A 19 -7.25 -22.02 13.35
CA PRO A 19 -8.66 -22.53 13.29
C PRO A 19 -8.93 -23.92 13.88
N ALA A 20 -7.93 -24.76 13.83
CA ALA A 20 -7.99 -26.09 14.33
C ALA A 20 -8.32 -26.22 15.83
N LEU A 21 -8.37 -25.10 16.59
CA LEU A 21 -8.69 -25.09 17.91
C LEU A 21 -10.10 -25.54 18.07
N ILE A 22 -11.02 -24.96 17.32
CA ILE A 22 -12.39 -25.37 17.44
C ILE A 22 -12.58 -26.47 16.43
N GLY A 23 -11.60 -26.57 15.54
CA GLY A 23 -11.66 -27.51 14.46
C GLY A 23 -12.27 -26.88 13.23
N LEU A 24 -11.95 -25.62 13.01
CA LEU A 24 -12.46 -24.93 11.92
C LEU A 24 -11.59 -25.17 10.68
N ASP A 25 -12.24 -25.26 9.55
CA ASP A 25 -11.61 -25.64 8.29
C ASP A 25 -11.54 -24.44 7.36
N LEU A 26 -10.34 -23.98 7.12
CA LEU A 26 -10.11 -22.78 6.32
C LEU A 26 -9.45 -23.10 5.00
N ASP A 27 -9.59 -22.20 4.06
CA ASP A 27 -8.98 -22.32 2.77
C ASP A 27 -7.91 -21.27 2.64
N ALA A 28 -7.56 -21.02 1.44
CA ALA A 28 -6.52 -20.08 1.09
C ALA A 28 -7.03 -18.64 1.10
N ASN A 29 -8.28 -18.44 0.73
CA ASN A 29 -8.83 -17.13 0.63
C ASN A 29 -9.39 -16.63 1.99
N GLY A 30 -9.62 -17.54 2.91
CA GLY A 30 -9.98 -17.17 4.26
C GLY A 30 -11.44 -17.40 4.60
N TRP A 31 -12.05 -18.36 3.96
CA TRP A 31 -13.43 -18.70 4.21
C TRP A 31 -13.54 -19.92 5.09
N ALA A 32 -14.39 -19.83 6.05
CA ALA A 32 -14.65 -20.89 6.96
C ALA A 32 -16.11 -21.20 6.93
N PRO A 33 -16.50 -22.46 7.07
CA PRO A 33 -17.88 -22.79 7.08
C PRO A 33 -18.46 -22.35 8.40
N VAL A 34 -19.39 -21.42 8.36
CA VAL A 34 -20.04 -20.94 9.55
C VAL A 34 -20.64 -22.05 10.32
N LYS A 35 -21.26 -22.99 9.61
CA LYS A 35 -21.84 -24.20 10.19
C LYS A 35 -20.81 -24.87 11.13
N GLU A 36 -19.57 -24.92 10.67
CA GLU A 36 -18.49 -25.49 11.42
C GLU A 36 -18.13 -24.58 12.55
N LEU A 37 -18.24 -23.31 12.29
CA LEU A 37 -17.72 -22.30 13.15
C LEU A 37 -18.51 -22.18 14.42
N LEU A 38 -19.84 -22.20 14.35
CA LEU A 38 -20.57 -21.96 15.53
C LEU A 38 -20.63 -23.27 16.27
N ALA A 39 -20.76 -24.39 15.50
CA ALA A 39 -20.86 -25.72 16.10
C ALA A 39 -19.59 -26.08 16.85
N LYS A 40 -18.50 -25.90 16.19
CA LYS A 40 -17.20 -26.23 16.74
C LYS A 40 -16.80 -25.29 17.88
N MET A 41 -17.05 -24.00 17.73
CA MET A 41 -16.67 -23.07 18.77
C MET A 41 -17.64 -23.19 19.94
N LYS A 42 -18.83 -23.73 19.67
CA LYS A 42 -19.80 -24.05 20.69
C LYS A 42 -19.18 -25.03 21.66
N ALA A 43 -18.63 -26.10 21.11
CA ALA A 43 -17.92 -27.14 21.87
C ALA A 43 -16.69 -26.57 22.59
N LYS A 44 -16.11 -25.52 22.00
CA LYS A 44 -14.98 -24.83 22.58
C LYS A 44 -15.45 -23.91 23.75
N GLY A 45 -16.76 -23.88 23.98
CA GLY A 45 -17.31 -23.18 25.12
C GLY A 45 -18.02 -21.87 24.78
N HIS A 46 -18.79 -21.84 23.71
CA HIS A 46 -19.51 -20.59 23.38
C HIS A 46 -21.04 -20.68 23.51
N GLY A 47 -21.67 -21.59 22.78
CA GLY A 47 -23.13 -21.74 22.88
C GLY A 47 -23.92 -20.77 22.04
N ILE A 48 -23.55 -20.66 20.78
CA ILE A 48 -24.25 -19.81 19.88
C ILE A 48 -24.83 -20.63 18.74
N SER A 49 -25.96 -20.22 18.23
CA SER A 49 -26.52 -20.82 17.07
C SER A 49 -26.17 -19.98 15.84
N MET A 50 -26.68 -20.34 14.65
CA MET A 50 -26.25 -19.73 13.40
C MET A 50 -26.42 -18.20 13.44
N GLU A 51 -27.57 -17.75 13.91
CA GLU A 51 -27.88 -16.34 13.92
C GLU A 51 -27.13 -15.55 14.99
N GLU A 52 -26.61 -16.22 15.99
CA GLU A 52 -25.79 -15.56 16.99
C GLU A 52 -24.50 -15.17 16.34
N LEU A 53 -23.82 -16.14 15.70
CA LEU A 53 -22.59 -15.84 15.02
C LEU A 53 -22.86 -14.86 13.87
N LYS A 54 -24.00 -15.03 13.24
CA LYS A 54 -24.48 -14.14 12.19
C LYS A 54 -24.49 -12.71 12.68
N HIS A 55 -24.73 -12.53 13.96
CA HIS A 55 -24.75 -11.22 14.54
C HIS A 55 -23.30 -10.72 14.74
N ILE A 56 -22.36 -11.62 15.10
CA ILE A 56 -20.94 -11.29 15.16
C ILE A 56 -20.46 -10.81 13.77
N VAL A 57 -20.73 -11.60 12.78
CA VAL A 57 -20.34 -11.27 11.47
C VAL A 57 -21.13 -10.03 10.97
N GLU A 58 -22.30 -9.77 11.55
CA GLU A 58 -23.07 -8.59 11.20
C GLU A 58 -22.37 -7.35 11.76
N THR A 59 -21.55 -7.55 12.79
CA THR A 59 -20.79 -6.46 13.36
C THR A 59 -19.43 -6.35 12.69
N ASN A 60 -19.27 -7.13 11.59
CA ASN A 60 -18.13 -7.05 10.62
C ASN A 60 -17.74 -5.61 10.20
N SER A 61 -18.60 -4.62 10.49
CA SER A 61 -18.54 -3.20 10.05
C SER A 61 -17.12 -2.55 10.13
N LYS A 62 -16.23 -3.09 10.94
CA LYS A 62 -14.87 -2.58 11.03
C LYS A 62 -13.98 -3.23 9.94
N LYS A 63 -14.64 -3.74 8.87
CA LYS A 63 -14.00 -4.44 7.75
C LYS A 63 -13.24 -5.65 8.30
N ARG A 64 -13.92 -6.30 9.22
CA ARG A 64 -13.34 -7.38 9.99
C ARG A 64 -13.82 -8.76 9.49
N PHE A 65 -15.10 -8.85 9.12
CA PHE A 65 -15.73 -10.14 8.74
C PHE A 65 -16.58 -9.96 7.49
N ALA A 66 -17.20 -11.06 7.04
CA ALA A 66 -18.04 -11.11 5.87
C ALA A 66 -18.76 -12.44 5.87
N PHE A 67 -19.86 -12.54 5.19
CA PHE A 67 -20.69 -13.73 5.29
C PHE A 67 -21.29 -14.05 3.90
N SER A 68 -21.47 -15.32 3.59
CA SER A 68 -21.96 -15.73 2.27
C SER A 68 -23.49 -15.59 2.13
N GLU A 69 -23.99 -16.04 0.97
CA GLU A 69 -25.42 -15.97 0.57
C GLU A 69 -26.38 -16.60 1.60
N ASN A 70 -26.14 -17.85 1.98
CA ASN A 70 -27.00 -18.55 2.96
C ASN A 70 -26.54 -18.23 4.36
N PHE A 71 -25.45 -17.47 4.42
CA PHE A 71 -24.74 -17.16 5.65
C PHE A 71 -24.08 -18.47 6.11
N GLU A 72 -23.65 -19.24 5.13
CA GLU A 72 -23.11 -20.55 5.35
C GLU A 72 -21.61 -20.49 5.60
N LYS A 73 -20.95 -19.48 5.11
CA LYS A 73 -19.55 -19.39 5.22
C LYS A 73 -19.19 -17.97 5.57
N ILE A 74 -18.27 -17.83 6.47
CA ILE A 74 -17.78 -16.55 6.86
C ILE A 74 -16.36 -16.38 6.34
N ARG A 75 -15.97 -15.18 6.18
CA ARG A 75 -14.66 -14.86 5.84
C ARG A 75 -14.27 -13.74 6.72
N ALA A 76 -13.17 -13.85 7.36
CA ALA A 76 -12.65 -12.76 8.06
C ALA A 76 -11.90 -11.98 7.01
N ASN A 77 -12.10 -10.70 6.93
CA ASN A 77 -11.47 -9.93 5.88
C ASN A 77 -9.96 -9.89 6.01
N GLN A 78 -9.33 -10.37 4.97
CA GLN A 78 -7.90 -10.56 4.89
C GLN A 78 -7.54 -10.69 3.42
N GLY A 79 -6.37 -11.18 3.14
CA GLY A 79 -5.93 -11.30 1.78
C GLY A 79 -5.31 -10.03 1.37
N HIS A 80 -6.05 -9.21 0.69
CA HIS A 80 -5.59 -7.91 0.36
C HIS A 80 -6.77 -7.04 0.06
N SER A 81 -7.42 -6.56 1.09
CA SER A 81 -8.56 -5.74 0.94
C SER A 81 -8.32 -4.42 1.66
N VAL A 82 -7.83 -3.47 0.91
CA VAL A 82 -7.66 -2.13 1.41
C VAL A 82 -8.96 -1.39 1.14
N GLU A 83 -9.53 -1.71 0.02
CA GLU A 83 -10.77 -1.18 -0.44
C GLU A 83 -11.25 -2.19 -1.42
N VAL A 84 -10.38 -2.43 -2.33
CA VAL A 84 -10.40 -3.48 -3.27
C VAL A 84 -9.01 -4.02 -3.40
N ASP A 85 -8.29 -3.34 -4.16
CA ASP A 85 -6.89 -3.53 -4.48
C ASP A 85 -6.58 -2.45 -5.47
N LEU A 86 -6.30 -1.31 -4.92
CA LEU A 86 -6.16 -0.12 -5.67
C LEU A 86 -4.73 0.33 -5.84
N GLY A 87 -3.82 -0.30 -5.17
CA GLY A 87 -2.42 -0.03 -5.41
C GLY A 87 -1.64 0.25 -4.17
N TYR A 88 -2.31 0.59 -3.13
CA TYR A 88 -1.64 0.90 -1.89
C TYR A 88 -2.40 0.36 -0.72
N GLU A 89 -1.68 0.07 0.33
CA GLU A 89 -2.25 -0.51 1.54
C GLU A 89 -2.60 0.59 2.53
N LYS A 90 -1.98 1.76 2.34
CA LYS A 90 -2.15 2.93 3.21
C LYS A 90 -1.65 2.64 4.63
N GLN A 91 -0.49 3.13 4.91
CA GLN A 91 0.21 2.89 6.17
C GLN A 91 0.85 4.17 6.57
N VAL A 92 1.60 4.15 7.65
CA VAL A 92 2.38 5.27 8.11
C VAL A 92 3.29 5.82 6.98
N PRO A 93 3.15 7.10 6.66
CA PRO A 93 3.84 7.70 5.53
C PRO A 93 5.31 8.08 5.83
N PRO A 94 6.24 7.67 4.96
CA PRO A 94 7.61 8.15 5.03
C PRO A 94 7.69 9.57 4.46
N ALA A 95 8.76 10.25 4.69
CA ALA A 95 8.89 11.60 4.22
C ALA A 95 9.77 11.68 2.98
N VAL A 96 10.93 11.07 3.06
CA VAL A 96 11.89 11.05 1.96
C VAL A 96 11.80 9.73 1.27
N LEU A 97 11.65 9.75 -0.03
CA LEU A 97 11.47 8.47 -0.74
C LEU A 97 12.57 8.31 -1.75
N PHE A 98 12.83 7.09 -2.16
CA PHE A 98 13.84 6.82 -3.15
C PHE A 98 13.16 6.34 -4.42
N HIS A 99 13.84 6.39 -5.52
CA HIS A 99 13.31 5.87 -6.75
C HIS A 99 14.43 5.58 -7.71
N GLY A 100 14.47 4.36 -8.21
CA GLY A 100 15.45 3.98 -9.17
C GLY A 100 15.05 4.37 -10.57
N THR A 101 15.96 4.96 -11.28
CA THR A 101 15.75 5.40 -12.62
C THR A 101 17.04 5.26 -13.44
N ALA A 102 16.95 5.58 -14.71
CA ALA A 102 18.03 5.41 -15.67
C ALA A 102 18.37 6.79 -16.20
N GLU A 103 19.46 6.97 -16.96
CA GLU A 103 19.88 8.33 -17.36
C GLU A 103 19.18 9.04 -18.54
N LYS A 104 18.70 8.34 -19.54
CA LYS A 104 17.90 9.08 -20.57
C LYS A 104 16.50 9.23 -20.01
N ASN A 105 16.24 8.29 -19.16
CA ASN A 105 15.04 8.21 -18.40
C ASN A 105 15.15 9.30 -17.33
N PHE A 106 16.39 9.71 -17.03
CA PHE A 106 16.71 10.75 -16.05
C PHE A 106 16.32 12.08 -16.56
N ASP A 107 16.66 12.33 -17.81
CA ASP A 107 16.32 13.58 -18.46
C ASP A 107 14.82 13.81 -18.37
N LEU A 108 14.05 12.82 -18.81
CA LEU A 108 12.59 12.96 -18.75
C LEU A 108 12.04 13.02 -17.30
N ILE A 109 12.61 12.23 -16.41
CA ILE A 109 12.12 12.10 -15.03
C ILE A 109 12.50 13.30 -14.17
N LEU A 110 13.58 13.98 -14.49
CA LEU A 110 13.94 15.14 -13.74
C LEU A 110 13.25 16.38 -14.28
N LYS A 111 12.85 16.33 -15.51
CA LYS A 111 12.18 17.40 -16.14
C LYS A 111 10.68 17.37 -15.82
N ASP A 112 10.14 16.21 -15.60
CA ASP A 112 8.70 16.10 -15.41
C ASP A 112 8.30 15.49 -14.05
N GLY A 113 9.00 14.48 -13.59
CA GLY A 113 8.68 13.88 -12.30
C GLY A 113 8.18 12.49 -12.43
N ILE A 114 8.20 11.73 -11.34
CA ILE A 114 7.71 10.37 -11.39
C ILE A 114 6.19 10.44 -11.38
N LYS A 115 5.65 10.14 -12.51
CA LYS A 115 4.25 10.32 -12.78
C LYS A 115 3.53 8.99 -12.95
N LYS A 116 2.28 9.09 -13.42
CA LYS A 116 1.43 7.97 -13.72
C LYS A 116 1.95 7.26 -15.00
N MET A 117 3.03 6.57 -14.84
CA MET A 117 3.63 5.75 -15.88
C MET A 117 4.20 4.54 -15.18
N SER A 118 3.59 4.25 -14.05
CA SER A 118 3.85 3.12 -13.22
C SER A 118 2.54 2.35 -13.16
N ARG A 119 1.51 3.06 -12.76
CA ARG A 119 0.13 2.63 -12.71
C ARG A 119 -0.61 3.92 -12.35
N HIS A 120 -1.86 3.89 -11.88
CA HIS A 120 -2.60 5.17 -11.64
C HIS A 120 -1.96 6.10 -10.58
N HIS A 121 -1.08 5.55 -9.77
CA HIS A 121 -0.23 6.31 -8.86
C HIS A 121 1.15 5.75 -8.99
N VAL A 122 2.14 6.36 -8.39
CA VAL A 122 3.48 5.93 -8.68
C VAL A 122 4.11 5.09 -7.58
N HIS A 123 4.71 3.98 -7.97
CA HIS A 123 5.40 3.09 -7.06
C HIS A 123 6.87 3.46 -7.06
N LEU A 124 7.49 3.42 -5.92
CA LEU A 124 8.87 3.78 -5.81
C LEU A 124 9.64 2.97 -4.76
N SER A 125 10.87 3.34 -4.62
CA SER A 125 11.81 2.61 -3.88
C SER A 125 11.86 3.03 -2.43
N GLN A 126 11.73 2.06 -1.61
CA GLN A 126 11.89 2.17 -0.18
C GLN A 126 13.39 2.26 0.17
N ASP A 127 14.21 1.63 -0.64
CA ASP A 127 15.64 1.56 -0.40
C ASP A 127 16.40 1.94 -1.65
N ILE A 128 17.55 2.55 -1.44
CA ILE A 128 18.39 3.03 -2.52
C ILE A 128 19.02 1.87 -3.32
N THR A 129 19.44 0.83 -2.63
CA THR A 129 20.09 -0.31 -3.23
C THR A 129 19.25 -1.01 -4.33
N THR A 130 18.00 -1.32 -4.03
CA THR A 130 17.16 -1.98 -4.99
C THR A 130 16.71 -0.98 -6.06
N ALA A 131 16.60 0.30 -5.65
CA ALA A 131 16.26 1.38 -6.58
C ALA A 131 17.27 1.43 -7.69
N ARG A 132 18.51 1.54 -7.30
CA ARG A 132 19.64 1.65 -8.20
C ARG A 132 19.72 0.41 -9.10
N LYS A 133 19.45 -0.74 -8.52
CA LYS A 133 19.55 -2.00 -9.24
C LYS A 133 18.44 -2.13 -10.31
N VAL A 134 17.31 -1.48 -10.10
CA VAL A 134 16.24 -1.53 -11.10
C VAL A 134 16.43 -0.45 -12.16
N GLY A 135 16.92 0.71 -11.76
CA GLY A 135 17.20 1.78 -12.71
C GLY A 135 18.27 1.34 -13.70
N MET A 136 19.19 0.55 -13.18
CA MET A 136 20.28 -0.08 -13.92
C MET A 136 19.75 -0.94 -15.09
N ARG A 137 18.53 -1.43 -14.95
CA ARG A 137 17.93 -2.28 -15.98
C ARG A 137 17.47 -1.44 -17.18
N HIS A 138 17.42 -0.13 -17.01
CA HIS A 138 16.99 0.74 -18.08
C HIS A 138 18.16 1.52 -18.66
N GLY A 139 19.24 1.58 -17.92
CA GLY A 139 20.42 2.26 -18.40
C GLY A 139 21.37 2.49 -17.28
N LYS A 140 22.09 3.56 -17.32
CA LYS A 140 22.95 3.92 -16.23
C LYS A 140 22.04 4.39 -15.10
N PRO A 141 22.14 3.78 -13.92
CA PRO A 141 21.25 4.06 -12.82
C PRO A 141 21.53 5.36 -12.10
N VAL A 142 20.47 6.06 -11.84
CA VAL A 142 20.45 7.26 -11.06
C VAL A 142 19.33 7.10 -10.06
N VAL A 143 19.57 7.48 -8.86
CA VAL A 143 18.60 7.39 -7.85
C VAL A 143 18.00 8.77 -7.66
N LEU A 144 16.71 8.83 -7.56
CA LEU A 144 16.02 10.06 -7.34
C LEU A 144 15.28 10.01 -6.04
N SER A 145 15.78 10.73 -5.08
CA SER A 145 15.20 10.73 -3.77
C SER A 145 14.43 12.02 -3.53
N VAL A 146 13.15 11.91 -3.34
CA VAL A 146 12.35 13.08 -3.08
C VAL A 146 12.60 13.60 -1.69
N ASP A 147 12.75 14.89 -1.64
CA ASP A 147 13.09 15.63 -0.44
C ASP A 147 11.95 15.59 0.55
N ALA A 148 12.21 14.97 1.70
CA ALA A 148 11.22 14.81 2.78
C ALA A 148 10.37 16.05 3.01
N LYS A 149 11.03 17.17 3.26
CA LYS A 149 10.35 18.42 3.58
C LYS A 149 9.63 18.94 2.38
N GLY A 150 10.19 18.69 1.22
CA GLY A 150 9.59 19.13 0.00
C GLY A 150 8.28 18.43 -0.26
N MET A 151 8.22 17.15 0.09
CA MET A 151 7.03 16.38 -0.20
C MET A 151 5.98 16.65 0.84
N ALA A 152 6.42 16.66 2.10
CA ALA A 152 5.55 16.91 3.23
C ALA A 152 4.88 18.28 3.12
N ASP A 153 5.69 19.31 2.87
CA ASP A 153 5.18 20.68 2.74
C ASP A 153 4.34 20.84 1.48
N GLY A 154 4.65 20.03 0.47
CA GLY A 154 3.89 20.05 -0.77
C GLY A 154 2.46 19.54 -0.58
N GLY A 155 2.25 18.81 0.51
CA GLY A 155 0.94 18.33 0.84
C GLY A 155 0.66 17.00 0.20
N PHE A 156 1.69 16.23 -0.06
CA PHE A 156 1.53 14.93 -0.66
C PHE A 156 1.37 13.87 0.41
N ASP A 157 0.54 12.88 0.14
CA ASP A 157 0.33 11.78 1.07
C ASP A 157 1.10 10.58 0.56
N PHE A 158 1.62 9.79 1.46
CA PHE A 158 2.51 8.70 1.09
C PHE A 158 1.94 7.39 1.57
N TYR A 159 2.22 6.33 0.85
CA TYR A 159 1.66 5.03 1.15
C TYR A 159 2.70 3.95 0.92
N LEU A 160 2.33 2.73 1.17
CA LEU A 160 3.11 1.59 0.79
C LEU A 160 2.20 0.64 0.06
N SER A 161 2.74 -0.08 -0.90
CA SER A 161 1.98 -1.05 -1.63
C SER A 161 2.20 -2.44 -1.05
N ASN A 162 1.67 -3.48 -1.70
CA ASN A 162 1.71 -4.86 -1.16
C ASN A 162 3.14 -5.38 -1.04
N ASN A 163 4.04 -4.85 -1.85
CA ASN A 163 5.45 -5.26 -1.79
C ASN A 163 6.14 -4.71 -0.56
N GLY A 164 5.47 -3.83 0.15
CA GLY A 164 6.14 -3.13 1.22
C GLY A 164 6.99 -2.06 0.63
N VAL A 165 6.65 -1.74 -0.61
CA VAL A 165 7.30 -0.73 -1.37
C VAL A 165 6.67 0.55 -1.07
N TRP A 166 7.34 1.58 -1.36
CA TRP A 166 6.85 2.84 -1.04
C TRP A 166 6.07 3.39 -2.25
N LEU A 167 5.04 4.15 -2.00
CA LEU A 167 4.23 4.72 -3.07
C LEU A 167 3.85 6.14 -2.71
N ILE A 168 3.83 7.00 -3.69
CA ILE A 168 3.43 8.37 -3.47
C ILE A 168 2.34 8.73 -4.43
N ASP A 169 1.47 9.61 -3.96
CA ASP A 169 0.38 10.14 -4.73
C ASP A 169 0.90 10.69 -6.04
N PHE A 170 1.91 11.55 -5.96
CA PHE A 170 2.52 12.15 -7.14
C PHE A 170 3.82 12.86 -6.75
N VAL A 171 4.87 12.64 -7.50
CA VAL A 171 6.13 13.31 -7.25
C VAL A 171 6.60 14.20 -8.38
N PRO A 172 6.43 15.51 -8.24
CA PRO A 172 7.00 16.46 -9.16
C PRO A 172 8.53 16.44 -8.97
N ALA A 173 9.26 16.52 -10.06
CA ALA A 173 10.70 16.37 -10.02
C ALA A 173 11.39 17.54 -9.39
N GLU A 174 10.69 18.61 -9.26
CA GLU A 174 11.21 19.79 -8.61
C GLU A 174 11.29 19.55 -7.09
N PHE A 175 10.65 18.48 -6.63
CA PHE A 175 10.72 18.05 -5.26
C PHE A 175 11.70 16.87 -5.14
N ILE A 176 11.99 16.25 -6.27
CA ILE A 176 12.96 15.20 -6.37
C ILE A 176 14.37 15.77 -6.23
N LYS A 177 15.20 15.09 -5.50
CA LYS A 177 16.55 15.44 -5.43
C LYS A 177 17.39 14.30 -5.94
N VAL A 178 18.00 14.57 -7.00
CA VAL A 178 18.97 13.69 -7.61
C VAL A 178 20.19 13.60 -6.70
PA NAD B . 8.61 1.54 -12.37
O1A NAD B . 9.38 2.69 -11.81
O2A NAD B . 7.15 1.49 -12.12
O5B NAD B . 8.84 1.52 -13.98
C5B NAD B . 8.72 2.72 -14.75
C4B NAD B . 10.06 3.06 -15.43
O4B NAD B . 9.90 4.31 -16.15
C3B NAD B . 11.14 3.32 -14.43
O3B NAD B . 12.50 3.20 -14.98
C2B NAD B . 10.85 4.71 -14.03
O2B NAD B . 11.99 5.25 -13.36
C1B NAD B . 10.60 5.32 -15.36
N9A NAD B . 9.80 6.59 -15.27
C8A NAD B . 8.72 6.89 -14.42
N7A NAD B . 8.32 8.19 -14.69
C5A NAD B . 9.14 8.57 -15.62
C6A NAD B . 9.07 9.85 -16.18
N6A NAD B . 8.19 10.74 -15.81
N1A NAD B . 9.98 10.15 -17.15
C2A NAD B . 10.86 9.16 -17.49
N3A NAD B . 10.92 7.94 -16.96
C4A NAD B . 10.02 7.64 -15.99
O3 NAD B . 9.30 0.19 -11.91
PN NAD B . 9.24 -0.76 -10.63
O1N NAD B . 7.89 -0.68 -10.01
O2N NAD B . 9.76 -2.11 -11.00
O5D NAD B . 10.29 -0.06 -9.62
C5D NAD B . 11.23 -0.87 -8.91
C4D NAD B . 11.79 -0.09 -7.72
O4D NAD B . 10.70 0.20 -6.85
C3D NAD B . 12.69 -0.91 -6.86
O3D NAD B . 13.34 -0.14 -5.84
C2D NAD B . 11.74 -1.86 -6.23
O2D NAD B . 12.28 -2.35 -4.99
C1D NAD B . 10.50 -0.99 -6.02
N1N NAD B . 9.24 -1.71 -6.42
C2N NAD B . 9.21 -3.07 -6.74
C3N NAD B . 7.96 -3.71 -7.02
C7N NAD B . 7.86 -5.22 -7.37
O7N NAD B . 6.78 -5.74 -7.63
N7N NAD B . 9.00 -5.89 -7.38
C4N NAD B . 6.80 -2.93 -6.95
C5N NAD B . 6.90 -1.59 -6.60
C6N NAD B . 8.11 -1.00 -6.37
H51A NAD B . 8.42 3.55 -14.11
H52A NAD B . 7.95 2.56 -15.51
H4B NAD B . 10.27 2.24 -16.12
H3B NAD B . 11.04 2.59 -13.60
HO3A NAD B . 12.70 3.72 -15.82
H2B NAD B . 9.97 4.69 -13.40
HO2A NAD B . 12.80 4.94 -13.88
H1B NAD B . 11.59 5.58 -15.76
H8A NAD B . 8.27 6.22 -13.70
H61A NAD B . 8.18 11.64 -16.23
H62A NAD B . 7.52 10.54 -15.09
H2A NAD B . 11.64 9.36 -18.22
H51N NAD B . 12.04 -1.22 -9.55
H52N NAD B . 10.71 -1.77 -8.58
H4D NAD B . 12.28 0.78 -8.15
H3D NAD B . 13.49 -1.38 -7.44
HO3N NAD B . 13.59 -0.80 -5.12
H2D NAD B . 11.61 -2.66 -6.96
HO2N NAD B . 11.63 -3.04 -4.64
H1D NAD B . 10.30 -0.75 -4.98
H2N NAD B . 10.13 -3.64 -6.74
H71N NAD B . 9.86 -5.45 -7.17
H72N NAD B . 8.99 -6.87 -7.58
H4N NAD B . 5.81 -3.37 -7.14
H5N NAD B . 6.07 -0.92 -6.46
H6N NAD B . 8.08 0.05 -6.09
N GLY A 1 13.34 -21.70 9.50
CA GLY A 1 12.64 -21.33 10.72
C GLY A 1 11.82 -20.09 10.50
N SER A 2 10.70 -19.99 11.17
CA SER A 2 9.83 -18.85 11.08
C SER A 2 9.12 -18.66 12.41
N HIS A 3 9.61 -17.77 13.23
CA HIS A 3 8.98 -17.49 14.51
C HIS A 3 7.80 -16.51 14.27
N MET A 4 7.06 -16.15 15.32
CA MET A 4 5.81 -15.32 15.23
C MET A 4 5.88 -14.12 14.25
N VAL A 5 6.88 -13.27 14.39
CA VAL A 5 7.02 -12.10 13.50
C VAL A 5 7.29 -12.54 12.05
N LYS A 6 7.99 -13.64 11.90
CA LYS A 6 8.29 -14.18 10.59
C LYS A 6 7.06 -14.76 9.95
N VAL A 7 6.22 -15.39 10.76
CA VAL A 7 4.91 -15.91 10.35
C VAL A 7 4.06 -14.74 9.85
N SER A 8 4.25 -13.60 10.48
CA SER A 8 3.51 -12.40 10.14
C SER A 8 3.96 -11.85 8.76
N LYS A 9 5.27 -11.81 8.54
CA LYS A 9 5.84 -11.38 7.26
C LYS A 9 5.50 -12.41 6.17
N PHE A 10 5.54 -13.65 6.58
CA PHE A 10 5.23 -14.78 5.73
C PHE A 10 3.78 -14.69 5.31
N LEU A 11 2.91 -14.23 6.21
CA LEU A 11 1.52 -14.01 5.92
C LEU A 11 1.35 -12.97 4.82
N SER A 12 2.14 -11.91 4.92
CA SER A 12 2.13 -10.84 3.93
C SER A 12 2.50 -11.38 2.54
N LEU A 13 3.28 -12.42 2.51
CA LEU A 13 3.59 -13.04 1.27
C LEU A 13 2.57 -14.12 0.89
N VAL A 14 2.00 -14.81 1.85
CA VAL A 14 1.14 -15.89 1.53
C VAL A 14 -0.24 -15.46 1.07
N LEU A 15 -0.96 -14.67 1.83
CA LEU A 15 -2.31 -14.33 1.36
C LEU A 15 -2.30 -13.08 0.52
N ARG A 16 -1.19 -12.42 0.52
CA ARG A 16 -1.11 -11.16 -0.15
C ARG A 16 -0.21 -11.23 -1.42
N HIS A 17 0.57 -12.29 -1.60
CA HIS A 17 1.46 -12.32 -2.77
C HIS A 17 1.39 -13.58 -3.63
N ASN A 18 1.53 -14.74 -3.05
CA ASN A 18 1.70 -15.96 -3.86
C ASN A 18 1.18 -17.21 -3.13
N PRO A 19 -0.11 -17.18 -2.66
CA PRO A 19 -0.70 -18.14 -1.66
C PRO A 19 -0.37 -19.62 -1.81
N ALA A 20 -0.13 -20.03 -3.02
CA ALA A 20 0.17 -21.38 -3.37
C ALA A 20 1.45 -21.95 -2.70
N LEU A 21 2.24 -21.10 -2.00
CA LEU A 21 3.37 -21.48 -1.34
C LEU A 21 3.04 -22.40 -0.22
N ILE A 22 2.00 -22.09 0.53
CA ILE A 22 1.63 -22.96 1.58
C ILE A 22 0.46 -23.76 1.11
N GLY A 23 -0.10 -23.28 0.01
CA GLY A 23 -1.30 -23.82 -0.49
C GLY A 23 -2.50 -23.09 0.08
N LEU A 24 -2.41 -21.77 0.21
CA LEU A 24 -3.47 -20.99 0.67
C LEU A 24 -4.41 -20.71 -0.48
N ASP A 25 -5.66 -20.62 -0.17
CA ASP A 25 -6.71 -20.49 -1.15
C ASP A 25 -7.29 -19.12 -1.07
N LEU A 26 -7.14 -18.36 -2.08
CA LEU A 26 -7.67 -17.03 -2.07
C LEU A 26 -8.91 -16.92 -2.90
N ASP A 27 -9.88 -16.28 -2.32
CA ASP A 27 -11.16 -16.03 -2.96
C ASP A 27 -11.01 -14.89 -3.94
N ALA A 28 -12.05 -14.55 -4.63
CA ALA A 28 -12.03 -13.51 -5.62
C ALA A 28 -12.05 -12.16 -4.94
N ASN A 29 -12.70 -12.11 -3.77
CA ASN A 29 -12.76 -10.92 -2.98
C ASN A 29 -11.48 -10.80 -2.15
N GLY A 30 -10.76 -11.89 -2.02
CA GLY A 30 -9.53 -11.88 -1.26
C GLY A 30 -9.67 -12.49 0.12
N TRP A 31 -10.55 -13.45 0.26
CA TRP A 31 -10.66 -14.19 1.51
C TRP A 31 -9.67 -15.34 1.49
N ALA A 32 -9.04 -15.58 2.59
CA ALA A 32 -8.22 -16.74 2.75
C ALA A 32 -8.72 -17.50 3.94
N PRO A 33 -8.96 -18.81 3.84
CA PRO A 33 -9.48 -19.55 4.94
C PRO A 33 -8.37 -19.79 5.92
N VAL A 34 -8.52 -19.22 7.09
CA VAL A 34 -7.60 -19.36 8.17
C VAL A 34 -7.20 -20.77 8.44
N LYS A 35 -8.16 -21.69 8.47
CA LYS A 35 -7.91 -23.06 8.66
C LYS A 35 -6.83 -23.60 7.71
N GLU A 36 -6.85 -23.12 6.48
CA GLU A 36 -5.86 -23.50 5.51
C GLU A 36 -4.59 -22.77 5.82
N LEU A 37 -4.73 -21.60 6.35
CA LEU A 37 -3.63 -20.72 6.53
C LEU A 37 -2.68 -21.21 7.58
N LEU A 38 -3.18 -21.69 8.71
CA LEU A 38 -2.30 -22.03 9.76
C LEU A 38 -1.79 -23.43 9.47
N ALA A 39 -2.68 -24.29 8.91
CA ALA A 39 -2.31 -25.68 8.63
C ALA A 39 -1.30 -25.77 7.50
N LYS A 40 -1.60 -25.14 6.43
CA LYS A 40 -0.77 -25.21 5.26
C LYS A 40 0.57 -24.50 5.52
N MET A 41 0.57 -23.45 6.35
CA MET A 41 1.81 -22.75 6.69
C MET A 41 2.52 -23.47 7.82
N LYS A 42 1.79 -24.30 8.55
CA LYS A 42 2.37 -25.20 9.56
C LYS A 42 3.46 -26.00 8.91
N ALA A 43 3.13 -26.58 7.77
CA ALA A 43 4.08 -27.40 7.04
C ALA A 43 5.14 -26.53 6.39
N LYS A 44 4.75 -25.34 6.05
CA LYS A 44 5.58 -24.45 5.33
C LYS A 44 6.33 -23.44 6.23
N GLY A 45 6.29 -23.61 7.55
CA GLY A 45 6.95 -22.63 8.38
C GLY A 45 7.01 -22.96 9.85
N HIS A 46 5.95 -22.65 10.59
CA HIS A 46 6.07 -22.77 12.05
C HIS A 46 5.22 -23.85 12.67
N GLY A 47 3.96 -23.94 12.31
CA GLY A 47 3.12 -24.88 13.03
C GLY A 47 2.35 -24.22 14.11
N ILE A 48 1.59 -23.24 13.72
CA ILE A 48 0.81 -22.49 14.62
C ILE A 48 -0.63 -22.98 14.51
N SER A 49 -1.33 -22.99 15.61
CA SER A 49 -2.71 -23.38 15.59
C SER A 49 -3.58 -22.15 15.28
N MET A 50 -4.91 -22.34 15.24
CA MET A 50 -5.83 -21.27 14.89
C MET A 50 -5.59 -20.01 15.71
N GLU A 51 -5.54 -20.17 17.03
CA GLU A 51 -5.40 -19.02 17.90
C GLU A 51 -4.02 -18.41 17.85
N GLU A 52 -3.04 -19.17 17.41
CA GLU A 52 -1.70 -18.66 17.24
C GLU A 52 -1.74 -17.65 16.13
N LEU A 53 -2.30 -18.07 14.99
CA LEU A 53 -2.44 -17.20 13.84
C LEU A 53 -3.38 -16.04 14.21
N LYS A 54 -4.32 -16.31 15.08
CA LYS A 54 -5.22 -15.31 15.58
C LYS A 54 -4.43 -14.18 16.25
N HIS A 55 -3.28 -14.52 16.84
CA HIS A 55 -2.41 -13.51 17.43
C HIS A 55 -1.65 -12.77 16.35
N ILE A 56 -1.31 -13.45 15.25
CA ILE A 56 -0.70 -12.77 14.11
C ILE A 56 -1.69 -11.73 13.55
N VAL A 57 -2.87 -12.17 13.27
CA VAL A 57 -3.87 -11.31 12.76
C VAL A 57 -4.29 -10.27 13.84
N GLU A 58 -4.05 -10.59 15.10
CA GLU A 58 -4.27 -9.66 16.22
C GLU A 58 -3.22 -8.54 16.16
N THR A 59 -2.07 -8.84 15.56
CA THR A 59 -1.03 -7.85 15.41
C THR A 59 -1.20 -7.11 14.08
N ASN A 60 -2.37 -7.32 13.44
CA ASN A 60 -2.86 -6.49 12.27
C ASN A 60 -2.66 -4.95 12.39
N SER A 61 -2.34 -4.46 13.58
CA SER A 61 -2.36 -3.06 14.00
C SER A 61 -1.82 -2.01 12.98
N LYS A 62 -0.76 -2.30 12.25
CA LYS A 62 -0.21 -1.33 11.29
C LYS A 62 -0.95 -1.39 9.94
N LYS A 63 -2.18 -1.90 10.00
CA LYS A 63 -3.07 -2.08 8.87
C LYS A 63 -2.57 -3.11 7.91
N ARG A 64 -2.32 -4.26 8.45
CA ARG A 64 -1.86 -5.37 7.66
C ARG A 64 -2.88 -6.51 7.58
N PHE A 65 -3.69 -6.72 8.63
CA PHE A 65 -4.59 -7.91 8.66
C PHE A 65 -5.97 -7.58 9.25
N ALA A 66 -6.84 -8.56 9.24
CA ALA A 66 -8.19 -8.49 9.72
C ALA A 66 -8.68 -9.91 9.77
N PHE A 67 -9.67 -10.17 10.55
CA PHE A 67 -10.10 -11.51 10.77
C PHE A 67 -11.61 -11.54 10.69
N SER A 68 -12.13 -12.55 10.06
CA SER A 68 -13.55 -12.69 9.82
C SER A 68 -14.31 -13.12 11.10
N GLU A 69 -15.63 -13.09 11.00
CA GLU A 69 -16.62 -13.41 12.05
C GLU A 69 -16.30 -14.63 12.96
N ASN A 70 -16.06 -15.80 12.37
CA ASN A 70 -15.74 -17.03 13.17
C ASN A 70 -14.29 -17.04 13.51
N PHE A 71 -13.56 -16.17 12.80
CA PHE A 71 -12.11 -16.11 12.80
C PHE A 71 -11.62 -17.23 11.86
N GLU A 72 -12.50 -17.59 10.92
CA GLU A 72 -12.29 -18.69 9.98
C GLU A 72 -11.57 -18.20 8.73
N LYS A 73 -11.57 -16.92 8.50
CA LYS A 73 -11.00 -16.40 7.32
C LYS A 73 -10.27 -15.16 7.66
N ILE A 74 -9.12 -15.00 7.11
CA ILE A 74 -8.36 -13.82 7.31
C ILE A 74 -8.44 -12.95 6.07
N ARG A 75 -8.23 -11.71 6.27
CA ARG A 75 -8.20 -10.72 5.26
C ARG A 75 -7.00 -9.91 5.54
N ALA A 76 -6.20 -9.68 4.57
CA ALA A 76 -5.13 -8.76 4.76
C ALA A 76 -5.75 -7.40 4.47
N ASN A 77 -5.35 -6.37 5.17
CA ASN A 77 -5.99 -5.06 4.97
C ASN A 77 -5.67 -4.55 3.60
N GLN A 78 -6.71 -4.34 2.83
CA GLN A 78 -6.60 -3.97 1.45
C GLN A 78 -7.99 -3.59 0.98
N GLY A 79 -8.11 -3.28 -0.29
CA GLY A 79 -9.40 -3.01 -0.87
C GLY A 79 -9.90 -1.64 -0.52
N HIS A 80 -8.99 -0.71 -0.38
CA HIS A 80 -9.33 0.65 -0.10
C HIS A 80 -9.68 1.28 -1.44
N SER A 81 -10.94 1.38 -1.71
CA SER A 81 -11.44 1.72 -3.01
C SER A 81 -11.38 3.19 -3.43
N VAL A 82 -10.17 3.66 -3.61
CA VAL A 82 -9.93 4.94 -4.25
C VAL A 82 -9.79 4.62 -5.73
N GLU A 83 -9.16 3.49 -5.95
CA GLU A 83 -9.05 2.87 -7.23
C GLU A 83 -9.76 1.56 -7.09
N VAL A 84 -9.05 0.64 -6.56
CA VAL A 84 -9.52 -0.69 -6.17
C VAL A 84 -8.83 -1.15 -4.92
N ASP A 85 -7.56 -0.94 -4.96
CA ASP A 85 -6.58 -1.28 -3.96
C ASP A 85 -5.26 -0.93 -4.57
N LEU A 86 -4.88 0.29 -4.39
CA LEU A 86 -3.72 0.77 -5.01
C LEU A 86 -2.52 0.95 -4.08
N GLY A 87 -2.72 0.79 -2.79
CA GLY A 87 -1.65 1.00 -1.85
C GLY A 87 -1.97 2.12 -0.92
N TYR A 88 -2.95 2.89 -1.31
CA TYR A 88 -3.42 4.00 -0.53
C TYR A 88 -4.32 3.44 0.54
N GLU A 89 -3.71 3.09 1.62
CA GLU A 89 -4.38 2.47 2.71
C GLU A 89 -4.13 3.25 4.00
N LYS A 90 -3.36 4.32 3.87
CA LYS A 90 -2.92 5.12 5.00
C LYS A 90 -2.11 4.31 6.00
N GLN A 91 -0.84 4.23 5.70
CA GLN A 91 0.12 3.51 6.49
C GLN A 91 1.14 4.48 6.99
N VAL A 92 2.15 3.99 7.67
CA VAL A 92 3.25 4.81 8.16
C VAL A 92 4.01 5.51 7.00
N PRO A 93 3.81 6.83 6.82
CA PRO A 93 4.37 7.55 5.71
C PRO A 93 5.80 8.04 5.93
N PRO A 94 6.69 7.79 4.98
CA PRO A 94 8.05 8.34 5.01
C PRO A 94 8.00 9.82 4.63
N ALA A 95 9.09 10.50 4.77
CA ALA A 95 9.13 11.90 4.39
C ALA A 95 9.85 12.02 3.07
N VAL A 96 11.04 11.47 3.02
CA VAL A 96 11.85 11.44 1.83
C VAL A 96 11.75 10.08 1.21
N LEU A 97 11.50 10.04 -0.05
CA LEU A 97 11.36 8.77 -0.73
C LEU A 97 12.25 8.66 -1.93
N PHE A 98 12.98 7.57 -1.96
CA PHE A 98 14.04 7.32 -2.91
C PHE A 98 13.48 6.62 -4.12
N HIS A 99 14.18 6.63 -5.21
CA HIS A 99 13.74 5.94 -6.42
C HIS A 99 14.91 5.76 -7.36
N GLY A 100 14.96 4.64 -8.04
CA GLY A 100 16.02 4.42 -8.99
C GLY A 100 15.54 4.60 -10.39
N THR A 101 16.39 5.11 -11.24
CA THR A 101 16.07 5.32 -12.61
C THR A 101 17.36 5.28 -13.45
N ALA A 102 17.26 5.57 -14.73
CA ALA A 102 18.38 5.47 -15.65
C ALA A 102 18.50 6.77 -16.39
N GLU A 103 19.59 6.98 -17.15
CA GLU A 103 19.90 8.32 -17.68
C GLU A 103 19.12 8.84 -18.91
N LYS A 104 18.66 7.99 -19.81
CA LYS A 104 17.94 8.55 -20.97
C LYS A 104 16.52 8.90 -20.53
N ASN A 105 16.00 8.04 -19.71
CA ASN A 105 14.71 8.27 -19.18
C ASN A 105 14.87 9.17 -17.96
N PHE A 106 16.12 9.54 -17.65
CA PHE A 106 16.43 10.52 -16.63
C PHE A 106 16.09 11.87 -17.15
N ASP A 107 16.49 12.10 -18.38
CA ASP A 107 16.17 13.34 -19.06
C ASP A 107 14.67 13.49 -19.04
N LEU A 108 13.99 12.41 -19.39
CA LEU A 108 12.54 12.39 -19.32
C LEU A 108 12.02 12.61 -17.87
N ILE A 109 12.55 11.87 -16.91
CA ILE A 109 12.07 11.86 -15.50
C ILE A 109 12.34 13.14 -14.78
N LEU A 110 13.34 13.87 -15.15
CA LEU A 110 13.60 15.09 -14.48
C LEU A 110 12.77 16.22 -15.11
N LYS A 111 12.39 16.05 -16.36
CA LYS A 111 11.57 16.98 -17.04
C LYS A 111 10.06 16.73 -16.76
N ASP A 112 9.70 15.48 -16.55
CA ASP A 112 8.29 15.09 -16.40
C ASP A 112 7.89 14.73 -14.96
N GLY A 113 8.79 14.11 -14.21
CA GLY A 113 8.46 13.68 -12.84
C GLY A 113 8.17 12.21 -12.80
N ILE A 114 8.01 11.64 -11.63
CA ILE A 114 7.72 10.22 -11.58
C ILE A 114 6.22 10.06 -11.48
N LYS A 115 5.67 9.25 -12.38
CA LYS A 115 4.26 8.83 -12.39
C LYS A 115 3.90 8.18 -13.69
N LYS A 116 4.11 8.93 -14.76
CA LYS A 116 3.71 8.55 -16.10
C LYS A 116 4.42 7.30 -16.63
N MET A 117 3.90 6.16 -16.20
CA MET A 117 4.30 4.78 -16.54
C MET A 117 3.26 3.84 -15.94
N SER A 118 2.89 4.11 -14.70
CA SER A 118 1.95 3.29 -13.99
C SER A 118 0.65 4.04 -13.71
N ARG A 119 -0.47 3.37 -13.84
CA ARG A 119 -1.77 3.96 -13.55
C ARG A 119 -2.13 3.70 -12.08
N HIS A 120 -1.44 2.74 -11.50
CA HIS A 120 -1.62 2.31 -10.11
C HIS A 120 -0.87 3.31 -9.18
N HIS A 121 -0.97 4.61 -9.51
CA HIS A 121 -0.31 5.73 -8.82
C HIS A 121 1.20 5.65 -8.98
N VAL A 122 1.96 6.48 -8.30
CA VAL A 122 3.37 6.47 -8.54
C VAL A 122 4.17 5.79 -7.44
N HIS A 123 5.11 4.97 -7.87
CA HIS A 123 5.91 4.18 -6.99
C HIS A 123 7.38 4.58 -6.95
N LEU A 124 7.86 4.75 -5.76
CA LEU A 124 9.23 5.04 -5.48
C LEU A 124 9.82 3.87 -4.67
N SER A 125 11.10 3.88 -4.50
CA SER A 125 11.83 2.81 -3.90
C SER A 125 12.00 3.05 -2.40
N GLN A 126 12.43 2.01 -1.71
CA GLN A 126 12.57 2.04 -0.28
C GLN A 126 14.04 2.05 0.06
N ASP A 127 14.73 1.04 -0.43
CA ASP A 127 16.13 0.89 -0.16
C ASP A 127 16.93 1.14 -1.42
N ILE A 128 18.19 1.49 -1.24
CA ILE A 128 19.10 1.76 -2.31
C ILE A 128 19.22 0.55 -3.25
N THR A 129 19.22 -0.65 -2.66
CA THR A 129 19.34 -1.90 -3.41
C THR A 129 18.37 -2.02 -4.59
N THR A 130 17.09 -1.82 -4.32
CA THR A 130 16.07 -1.96 -5.34
C THR A 130 16.08 -0.80 -6.32
N ALA A 131 16.33 0.39 -5.80
CA ALA A 131 16.42 1.60 -6.61
C ALA A 131 17.51 1.45 -7.64
N ARG A 132 18.63 1.06 -7.15
CA ARG A 132 19.85 0.87 -7.93
C ARG A 132 19.69 -0.30 -8.91
N LYS A 133 19.00 -1.33 -8.44
CA LYS A 133 18.80 -2.57 -9.19
C LYS A 133 18.01 -2.33 -10.49
N VAL A 134 17.01 -1.47 -10.43
CA VAL A 134 16.18 -1.19 -11.60
C VAL A 134 16.86 -0.18 -12.54
N GLY A 135 17.57 0.78 -11.96
CA GLY A 135 18.27 1.77 -12.76
C GLY A 135 19.35 1.14 -13.62
N MET A 136 20.06 0.20 -13.01
CA MET A 136 21.16 -0.54 -13.67
C MET A 136 20.64 -1.33 -14.89
N ARG A 137 19.35 -1.61 -14.91
CA ARG A 137 18.75 -2.36 -15.99
C ARG A 137 18.61 -1.54 -17.27
N HIS A 138 18.45 -0.24 -17.15
CA HIS A 138 18.34 0.58 -18.34
C HIS A 138 19.65 1.27 -18.66
N GLY A 139 20.47 1.47 -17.65
CA GLY A 139 21.76 2.04 -17.87
C GLY A 139 22.44 2.37 -16.57
N LYS A 140 22.68 3.64 -16.33
CA LYS A 140 23.32 4.07 -15.12
C LYS A 140 22.25 4.30 -14.08
N PRO A 141 22.36 3.69 -12.90
CA PRO A 141 21.38 3.89 -11.86
C PRO A 141 21.52 5.26 -11.20
N VAL A 142 20.70 6.17 -11.63
CA VAL A 142 20.63 7.48 -11.05
C VAL A 142 19.52 7.47 -9.99
N VAL A 143 19.89 7.77 -8.76
CA VAL A 143 19.02 7.73 -7.67
C VAL A 143 18.30 9.07 -7.53
N LEU A 144 17.01 9.04 -7.65
CA LEU A 144 16.19 10.22 -7.56
C LEU A 144 15.29 10.15 -6.34
N SER A 145 15.66 10.89 -5.30
CA SER A 145 14.93 10.89 -4.02
C SER A 145 14.14 12.21 -3.82
N VAL A 146 12.86 12.14 -3.50
CA VAL A 146 12.08 13.36 -3.28
C VAL A 146 12.28 13.91 -1.90
N ASP A 147 12.26 15.25 -1.84
CA ASP A 147 12.56 16.05 -0.66
C ASP A 147 11.52 15.92 0.42
N ALA A 148 11.97 15.34 1.53
CA ALA A 148 11.18 15.08 2.70
C ALA A 148 10.34 16.28 3.10
N LYS A 149 11.00 17.40 3.23
CA LYS A 149 10.39 18.60 3.77
C LYS A 149 9.30 19.12 2.85
N GLY A 150 9.59 19.08 1.56
CA GLY A 150 8.67 19.62 0.61
C GLY A 150 7.48 18.73 0.44
N MET A 151 7.69 17.47 0.70
CA MET A 151 6.65 16.49 0.54
C MET A 151 5.78 16.35 1.77
N ALA A 152 6.43 16.06 2.90
CA ALA A 152 5.74 15.79 4.16
C ALA A 152 4.96 16.98 4.65
N ASP A 153 5.60 18.14 4.67
CA ASP A 153 4.93 19.35 5.15
C ASP A 153 4.11 19.96 4.03
N GLY A 154 4.34 19.45 2.83
CA GLY A 154 3.64 19.91 1.65
C GLY A 154 2.20 19.45 1.59
N GLY A 155 1.85 18.50 2.45
CA GLY A 155 0.48 18.05 2.54
C GLY A 155 0.22 16.71 1.89
N PHE A 156 1.26 16.08 1.39
CA PHE A 156 1.11 14.77 0.77
C PHE A 156 0.96 13.66 1.80
N ASP A 157 0.08 12.74 1.51
CA ASP A 157 -0.08 11.55 2.33
C ASP A 157 0.55 10.41 1.59
N PHE A 158 1.59 9.85 2.14
CA PHE A 158 2.32 8.84 1.42
C PHE A 158 1.91 7.50 1.97
N TYR A 159 2.00 6.52 1.15
CA TYR A 159 1.49 5.22 1.46
C TYR A 159 2.40 4.17 0.90
N LEU A 160 2.11 2.93 1.18
CA LEU A 160 2.92 1.85 0.69
C LEU A 160 2.03 0.84 0.02
N SER A 161 2.49 0.28 -1.05
CA SER A 161 1.71 -0.70 -1.78
C SER A 161 2.02 -2.11 -1.24
N ASN A 162 1.53 -3.14 -1.93
CA ASN A 162 1.62 -4.53 -1.45
C ASN A 162 3.04 -5.05 -1.35
N ASN A 163 3.94 -4.45 -2.11
CA ASN A 163 5.32 -4.93 -2.12
C ASN A 163 6.13 -4.16 -1.06
N GLY A 164 5.44 -3.37 -0.25
CA GLY A 164 6.13 -2.54 0.74
C GLY A 164 6.87 -1.41 0.06
N VAL A 165 6.35 -1.00 -1.06
CA VAL A 165 6.98 0.03 -1.87
C VAL A 165 6.36 1.35 -1.57
N TRP A 166 7.13 2.40 -1.66
CA TRP A 166 6.68 3.69 -1.20
C TRP A 166 5.96 4.40 -2.32
N LEU A 167 4.74 4.77 -2.08
CA LEU A 167 3.96 5.40 -3.09
C LEU A 167 3.63 6.81 -2.68
N ILE A 168 3.35 7.60 -3.67
CA ILE A 168 2.94 8.96 -3.53
C ILE A 168 1.92 9.20 -4.63
N ASP A 169 1.09 10.21 -4.48
CA ASP A 169 0.09 10.46 -5.51
C ASP A 169 0.75 11.00 -6.75
N PHE A 170 1.76 11.85 -6.55
CA PHE A 170 2.46 12.44 -7.67
C PHE A 170 3.74 13.09 -7.22
N VAL A 171 4.82 12.76 -7.89
CA VAL A 171 6.08 13.40 -7.62
C VAL A 171 6.57 14.27 -8.75
N PRO A 172 6.46 15.59 -8.60
CA PRO A 172 7.08 16.51 -9.52
C PRO A 172 8.60 16.41 -9.35
N ALA A 173 9.32 16.41 -10.44
CA ALA A 173 10.75 16.17 -10.44
C ALA A 173 11.54 17.28 -9.80
N GLU A 174 10.90 18.38 -9.59
CA GLU A 174 11.51 19.49 -8.93
C GLU A 174 11.73 19.17 -7.44
N PHE A 175 10.96 18.22 -6.92
CA PHE A 175 11.12 17.75 -5.56
C PHE A 175 12.09 16.59 -5.54
N ILE A 176 12.35 16.05 -6.71
CA ILE A 176 13.30 15.00 -6.90
C ILE A 176 14.73 15.50 -6.76
N LYS A 177 15.52 14.77 -6.03
CA LYS A 177 16.89 15.05 -5.90
C LYS A 177 17.73 14.13 -6.58
N VAL A 178 18.26 14.68 -7.56
CA VAL A 178 19.23 14.06 -8.38
C VAL A 178 20.56 14.16 -7.66
PA NAD B . 10.80 -0.47 -14.83
O1A NAD B . 9.71 -0.75 -15.79
O2A NAD B . 12.19 -0.27 -15.36
O5B NAD B . 10.42 0.85 -13.97
C5B NAD B . 10.02 2.05 -14.65
C4B NAD B . 11.24 2.72 -15.30
O4B NAD B . 10.81 3.94 -15.96
C3B NAD B . 12.23 3.17 -14.28
O3B NAD B . 13.55 3.42 -14.86
C2B NAD B . 11.63 4.45 -13.85
O2B NAD B . 12.59 5.19 -13.12
C1B NAD B . 11.30 5.05 -15.16
N9A NAD B . 10.26 6.12 -15.06
C8A NAD B . 9.13 6.16 -14.24
N7A NAD B . 8.40 7.28 -14.56
C5A NAD B . 9.08 7.83 -15.52
C6A NAD B . 8.66 9.00 -16.13
N6A NAD B . 7.53 9.59 -15.80
N1A NAD B . 9.47 9.52 -17.12
C2A NAD B . 10.62 8.82 -17.41
N3A NAD B . 11.00 7.67 -16.82
C4A NAD B . 10.21 7.17 -15.84
O3 NAD B . 10.84 -1.61 -13.71
PN NAD B . 9.80 -2.26 -12.68
O1N NAD B . 8.50 -2.48 -13.36
O2N NAD B . 10.45 -3.42 -11.99
O5D NAD B . 9.63 -1.08 -11.59
C5D NAD B . 10.61 -0.88 -10.57
C4D NAD B . 10.31 0.42 -9.82
O4D NAD B . 9.05 0.28 -9.13
C3D NAD B . 11.29 0.67 -8.73
O3D NAD B . 11.17 2.02 -8.21
C2D NAD B . 10.85 -0.30 -7.70
O2D NAD B . 11.43 0.05 -6.43
C1D NAD B . 9.35 -0.11 -7.76
N1N NAD B . 8.56 -1.34 -7.42
C2N NAD B . 9.08 -2.63 -7.51
C3N NAD B . 8.20 -3.75 -7.26
C7N NAD B . 8.70 -5.22 -7.34
O7N NAD B . 7.93 -6.16 -7.16
N7N NAD B . 9.96 -5.39 -7.61
C4N NAD B . 6.85 -3.50 -6.93
C5N NAD B . 6.41 -2.18 -6.85
C6N NAD B . 7.25 -1.16 -7.08
H51A NAD B . 9.54 2.74 -13.95
H52A NAD B . 9.30 1.77 -15.43
H4B NAD B . 11.63 2.00 -16.02
H3B NAD B . 12.32 2.42 -13.50
HO3A NAD B . 13.52 3.62 -15.84
H2B NAD B . 10.74 4.21 -13.25
HO2A NAD B . 13.43 5.14 -13.65
H1B NAD B . 12.21 5.47 -15.56
H8A NAD B . 8.89 5.45 -13.45
H61A NAD B . 7.23 10.43 -16.24
H62A NAD B . 6.97 9.19 -15.08
H2A NAD B . 11.30 9.23 -18.15
H51N NAD B . 11.60 -0.84 -11.01
H52N NAD B . 10.61 -1.74 -9.90
H4D NAD B . 10.33 1.19 -10.59
H3D NAD B . 12.31 0.55 -9.06
HO3N NAD B . 11.54 1.95 -7.28
H2D NAD B . 11.19 -1.28 -8.05
HO2N NAD B . 11.22 -0.71 -5.81
H1D NAD B . 9.05 0.63 -7.01
H2N NAD B . 10.13 -2.76 -7.77
H71N NAD B . 10.57 -4.59 -7.68
H72N NAD B . 10.35 -6.30 -7.75
H4N NAD B . 6.15 -4.30 -6.74
H5N NAD B . 5.42 -1.85 -6.58
H6N NAD B . 6.77 -0.20 -6.98
N GLY A 1 -20.69 -9.43 28.33
CA GLY A 1 -20.72 -10.86 28.55
C GLY A 1 -20.33 -11.62 27.31
N SER A 2 -20.44 -12.95 27.38
CA SER A 2 -20.09 -13.86 26.29
C SER A 2 -20.85 -13.49 24.99
N HIS A 3 -22.10 -13.11 25.16
CA HIS A 3 -22.98 -12.67 24.08
C HIS A 3 -22.31 -11.59 23.20
N MET A 4 -21.93 -10.50 23.81
CA MET A 4 -21.39 -9.37 23.08
C MET A 4 -20.07 -9.69 22.40
N VAL A 5 -19.15 -10.25 23.17
CA VAL A 5 -17.81 -10.51 22.68
C VAL A 5 -17.76 -11.55 21.57
N LYS A 6 -18.70 -12.45 21.60
CA LYS A 6 -18.77 -13.51 20.62
C LYS A 6 -19.22 -12.97 19.29
N VAL A 7 -20.28 -12.18 19.31
CA VAL A 7 -20.81 -11.55 18.09
C VAL A 7 -19.77 -10.55 17.55
N SER A 8 -18.90 -10.06 18.43
CA SER A 8 -17.86 -9.13 18.01
C SER A 8 -16.80 -9.84 17.14
N LYS A 9 -16.30 -10.97 17.63
CA LYS A 9 -15.31 -11.73 16.89
C LYS A 9 -15.95 -12.42 15.71
N PHE A 10 -17.18 -12.84 15.90
CA PHE A 10 -17.93 -13.50 14.88
C PHE A 10 -18.27 -12.50 13.77
N LEU A 11 -18.37 -11.22 14.11
CA LEU A 11 -18.60 -10.19 13.13
C LEU A 11 -17.41 -10.12 12.20
N SER A 12 -16.22 -10.05 12.79
CA SER A 12 -14.99 -10.08 12.05
C SER A 12 -14.89 -11.36 11.19
N LEU A 13 -15.59 -12.38 11.55
CA LEU A 13 -15.63 -13.56 10.74
C LEU A 13 -16.70 -13.43 9.64
N VAL A 14 -17.83 -12.85 9.98
CA VAL A 14 -18.88 -12.78 9.05
C VAL A 14 -18.71 -11.74 7.93
N LEU A 15 -18.57 -10.46 8.26
CA LEU A 15 -18.47 -9.48 7.16
C LEU A 15 -17.04 -9.30 6.69
N ARG A 16 -16.14 -9.91 7.40
CA ARG A 16 -14.73 -9.79 7.09
C ARG A 16 -14.10 -11.13 6.58
N HIS A 17 -14.83 -12.24 6.63
CA HIS A 17 -14.24 -13.51 6.14
C HIS A 17 -15.08 -14.27 5.12
N ASN A 18 -16.31 -14.58 5.43
CA ASN A 18 -17.09 -15.46 4.53
C ASN A 18 -18.59 -15.26 4.70
N PRO A 19 -19.09 -13.99 4.51
CA PRO A 19 -20.44 -13.49 4.94
C PRO A 19 -21.62 -14.42 4.70
N ALA A 20 -21.55 -15.22 3.69
CA ALA A 20 -22.55 -16.16 3.30
C ALA A 20 -22.92 -17.20 4.39
N LEU A 21 -22.18 -17.24 5.52
CA LEU A 21 -22.45 -18.07 6.57
C LEU A 21 -23.76 -17.71 7.18
N ILE A 22 -23.94 -16.44 7.50
CA ILE A 22 -25.16 -16.04 8.08
C ILE A 22 -26.06 -15.63 6.94
N GLY A 23 -25.43 -15.48 5.79
CA GLY A 23 -26.11 -15.00 4.63
C GLY A 23 -26.01 -13.50 4.54
N LEU A 24 -24.83 -12.96 4.85
CA LEU A 24 -24.60 -11.59 4.80
C LEU A 24 -24.18 -11.12 3.41
N ASP A 25 -24.48 -9.88 3.12
CA ASP A 25 -24.26 -9.25 1.82
C ASP A 25 -23.16 -8.24 1.93
N LEU A 26 -22.11 -8.41 1.17
CA LEU A 26 -20.96 -7.54 1.27
C LEU A 26 -20.70 -6.72 0.05
N ASP A 27 -20.26 -5.51 0.29
CA ASP A 27 -19.80 -4.60 -0.75
C ASP A 27 -18.28 -4.71 -0.84
N ALA A 28 -17.73 -4.01 -1.77
CA ALA A 28 -16.31 -4.03 -2.06
C ALA A 28 -15.53 -3.25 -1.01
N ASN A 29 -16.12 -2.19 -0.49
CA ASN A 29 -15.49 -1.39 0.53
C ASN A 29 -15.57 -2.13 1.89
N GLY A 30 -16.47 -3.09 1.96
CA GLY A 30 -16.63 -3.86 3.16
C GLY A 30 -17.88 -3.49 3.91
N TRP A 31 -18.89 -3.04 3.18
CA TRP A 31 -20.17 -2.69 3.76
C TRP A 31 -21.06 -3.90 3.83
N ALA A 32 -21.78 -4.01 4.89
CA ALA A 32 -22.77 -5.02 5.07
C ALA A 32 -24.02 -4.36 5.62
N PRO A 33 -25.20 -4.73 5.19
CA PRO A 33 -26.39 -4.14 5.70
C PRO A 33 -26.68 -4.74 7.06
N VAL A 34 -26.64 -3.91 8.08
CA VAL A 34 -26.89 -4.32 9.42
C VAL A 34 -28.16 -5.07 9.60
N LYS A 35 -29.20 -4.66 8.88
CA LYS A 35 -30.51 -5.34 8.88
C LYS A 35 -30.33 -6.84 8.70
N GLU A 36 -29.54 -7.18 7.71
CA GLU A 36 -29.24 -8.51 7.39
C GLU A 36 -28.23 -9.07 8.35
N LEU A 37 -27.43 -8.25 8.91
CA LEU A 37 -26.36 -8.70 9.72
C LEU A 37 -26.86 -9.22 11.05
N LEU A 38 -27.82 -8.54 11.68
CA LEU A 38 -28.19 -8.97 12.94
C LEU A 38 -29.20 -10.09 12.75
N ALA A 39 -30.09 -9.93 11.73
CA ALA A 39 -31.16 -10.92 11.48
C ALA A 39 -30.56 -12.26 11.06
N LYS A 40 -29.67 -12.20 10.13
CA LYS A 40 -29.04 -13.39 9.60
C LYS A 40 -28.16 -14.08 10.63
N MET A 41 -27.40 -13.32 11.41
CA MET A 41 -26.52 -13.94 12.40
C MET A 41 -27.32 -14.37 13.61
N LYS A 42 -28.48 -13.77 13.77
CA LYS A 42 -29.45 -14.19 14.78
C LYS A 42 -29.83 -15.63 14.51
N ALA A 43 -30.17 -15.91 13.26
CA ALA A 43 -30.50 -17.26 12.80
C ALA A 43 -29.28 -18.18 12.82
N LYS A 44 -28.10 -17.56 12.75
CA LYS A 44 -26.84 -18.27 12.89
C LYS A 44 -26.53 -18.54 14.38
N GLY A 45 -27.46 -18.20 15.24
CA GLY A 45 -27.33 -18.51 16.64
C GLY A 45 -26.62 -17.43 17.42
N HIS A 46 -27.10 -16.21 17.31
CA HIS A 46 -26.52 -15.12 18.11
C HIS A 46 -27.53 -14.32 18.93
N GLY A 47 -28.69 -14.04 18.34
CA GLY A 47 -29.73 -13.30 19.08
C GLY A 47 -29.36 -11.90 19.40
N ILE A 48 -28.98 -11.16 18.40
CA ILE A 48 -28.71 -9.80 18.59
C ILE A 48 -29.72 -8.97 17.84
N SER A 49 -30.20 -7.96 18.46
CA SER A 49 -31.06 -7.01 17.84
C SER A 49 -30.18 -5.93 17.24
N MET A 50 -30.78 -4.95 16.58
CA MET A 50 -30.06 -3.90 15.90
C MET A 50 -29.11 -3.21 16.87
N GLU A 51 -29.61 -2.96 18.06
CA GLU A 51 -28.85 -2.27 19.06
C GLU A 51 -27.83 -3.16 19.79
N GLU A 52 -28.03 -4.47 19.73
CA GLU A 52 -27.02 -5.38 20.26
C GLU A 52 -25.81 -5.28 19.37
N LEU A 53 -26.03 -5.44 18.06
CA LEU A 53 -24.95 -5.32 17.12
C LEU A 53 -24.35 -3.90 17.20
N LYS A 54 -25.22 -2.93 17.46
CA LYS A 54 -24.80 -1.54 17.64
C LYS A 54 -23.74 -1.45 18.75
N HIS A 55 -23.83 -2.30 19.76
CA HIS A 55 -22.83 -2.33 20.84
C HIS A 55 -21.51 -2.87 20.28
N ILE A 56 -21.60 -3.93 19.47
CA ILE A 56 -20.42 -4.50 18.82
C ILE A 56 -19.72 -3.42 17.95
N VAL A 57 -20.48 -2.81 17.09
CA VAL A 57 -19.97 -1.81 16.23
C VAL A 57 -19.54 -0.56 17.05
N GLU A 58 -20.11 -0.37 18.24
CA GLU A 58 -19.70 0.71 19.13
C GLU A 58 -18.28 0.44 19.63
N THR A 59 -17.91 -0.83 19.70
CA THR A 59 -16.59 -1.17 20.16
C THR A 59 -15.59 -1.20 19.01
N ASN A 60 -16.07 -0.77 17.84
CA ASN A 60 -15.24 -0.51 16.61
C ASN A 60 -13.88 0.24 16.85
N SER A 61 -13.76 0.97 17.97
CA SER A 61 -12.65 1.91 18.26
C SER A 61 -11.19 1.39 18.04
N LYS A 62 -10.99 0.09 17.95
CA LYS A 62 -9.65 -0.44 17.70
C LYS A 62 -9.40 -0.58 16.17
N LYS A 63 -10.13 0.24 15.39
CA LYS A 63 -10.03 0.25 13.92
C LYS A 63 -10.61 -1.08 13.39
N ARG A 64 -11.84 -1.33 13.80
CA ARG A 64 -12.53 -2.57 13.49
C ARG A 64 -13.78 -2.35 12.62
N PHE A 65 -14.67 -1.46 13.06
CA PHE A 65 -16.02 -1.34 12.46
C PHE A 65 -16.45 0.12 12.30
N ALA A 66 -17.64 0.34 11.75
CA ALA A 66 -18.24 1.63 11.57
C ALA A 66 -19.68 1.42 11.24
N PHE A 67 -20.49 2.40 11.44
CA PHE A 67 -21.92 2.25 11.34
C PHE A 67 -22.50 3.49 10.66
N SER A 68 -23.38 3.29 9.70
CA SER A 68 -23.96 4.37 8.89
C SER A 68 -24.91 5.33 9.67
N GLU A 69 -25.58 6.22 8.91
CA GLU A 69 -26.42 7.29 9.47
C GLU A 69 -27.57 6.78 10.35
N ASN A 70 -28.38 5.88 9.81
CA ASN A 70 -29.47 5.24 10.59
C ASN A 70 -28.89 4.04 11.30
N PHE A 71 -27.58 3.85 11.08
CA PHE A 71 -26.82 2.78 11.67
C PHE A 71 -27.26 1.42 11.08
N GLU A 72 -27.84 1.46 9.88
CA GLU A 72 -28.40 0.27 9.28
C GLU A 72 -27.43 -0.43 8.36
N LYS A 73 -26.24 0.10 8.25
CA LYS A 73 -25.20 -0.50 7.48
C LYS A 73 -23.94 -0.40 8.28
N ILE A 74 -23.21 -1.47 8.34
CA ILE A 74 -21.96 -1.49 9.00
C ILE A 74 -20.86 -1.69 7.96
N ARG A 75 -19.69 -1.25 8.28
CA ARG A 75 -18.56 -1.49 7.47
C ARG A 75 -17.48 -1.86 8.41
N ALA A 76 -16.82 -2.93 8.13
CA ALA A 76 -15.72 -3.29 8.92
C ALA A 76 -14.51 -2.64 8.30
N ASN A 77 -13.97 -1.63 8.94
CA ASN A 77 -12.81 -0.99 8.40
C ASN A 77 -11.60 -1.63 8.96
N GLN A 78 -10.83 -2.18 8.08
CA GLN A 78 -9.70 -3.05 8.36
C GLN A 78 -8.92 -3.24 7.08
N GLY A 79 -9.65 -3.28 5.98
CA GLY A 79 -9.02 -3.42 4.70
C GLY A 79 -9.64 -4.52 3.88
N HIS A 80 -10.86 -4.30 3.42
CA HIS A 80 -11.50 -5.27 2.54
C HIS A 80 -10.84 -5.10 1.17
N SER A 81 -10.00 -6.02 0.86
CA SER A 81 -9.08 -5.93 -0.24
C SER A 81 -9.65 -6.03 -1.65
N VAL A 82 -10.30 -4.98 -2.05
CA VAL A 82 -10.66 -4.78 -3.40
C VAL A 82 -9.79 -3.66 -3.92
N GLU A 83 -9.96 -2.49 -3.29
CA GLU A 83 -9.08 -1.33 -3.55
C GLU A 83 -9.19 -0.25 -2.42
N VAL A 84 -9.69 -0.65 -1.26
CA VAL A 84 -9.67 0.26 -0.11
C VAL A 84 -8.34 0.04 0.63
N ASP A 85 -7.71 -1.03 0.23
CA ASP A 85 -6.45 -1.55 0.68
C ASP A 85 -6.36 -2.95 0.15
N LEU A 86 -5.60 -3.09 -0.94
CA LEU A 86 -5.33 -4.35 -1.64
C LEU A 86 -4.81 -5.39 -0.72
N GLY A 87 -4.26 -4.88 0.25
CA GLY A 87 -3.76 -5.65 1.36
C GLY A 87 -2.32 -5.43 1.55
N TYR A 88 -1.89 -4.26 1.20
CA TYR A 88 -0.49 -3.91 1.22
C TYR A 88 -0.29 -2.45 0.92
N GLU A 89 -1.29 -1.62 1.19
CA GLU A 89 -1.27 -0.25 0.77
C GLU A 89 -1.44 0.70 1.95
N LYS A 90 -2.55 0.56 2.69
CA LYS A 90 -2.80 1.41 3.86
C LYS A 90 -1.77 1.16 4.93
N GLN A 91 -0.83 2.08 5.05
CA GLN A 91 0.31 1.95 5.93
C GLN A 91 0.79 3.33 6.32
N VAL A 92 1.87 3.38 7.07
CA VAL A 92 2.44 4.61 7.51
C VAL A 92 3.23 5.29 6.37
N PRO A 93 3.05 6.59 6.20
CA PRO A 93 3.71 7.35 5.15
C PRO A 93 5.13 7.83 5.52
N PRO A 94 6.11 7.67 4.61
CA PRO A 94 7.43 8.24 4.80
C PRO A 94 7.46 9.71 4.33
N ALA A 95 8.53 10.39 4.61
CA ALA A 95 8.66 11.76 4.17
C ALA A 95 9.61 11.82 2.98
N VAL A 96 10.78 11.22 3.14
CA VAL A 96 11.76 11.14 2.06
C VAL A 96 11.64 9.81 1.38
N LEU A 97 11.61 9.81 0.07
CA LEU A 97 11.46 8.54 -0.64
C LEU A 97 12.33 8.43 -1.88
N PHE A 98 13.06 7.32 -1.97
CA PHE A 98 14.00 7.05 -3.07
C PHE A 98 13.25 6.49 -4.25
N HIS A 99 13.87 6.48 -5.40
CA HIS A 99 13.28 5.89 -6.60
C HIS A 99 14.35 5.69 -7.64
N GLY A 100 14.46 4.49 -8.11
CA GLY A 100 15.43 4.18 -9.10
C GLY A 100 14.90 4.41 -10.47
N THR A 101 15.74 4.85 -11.33
CA THR A 101 15.40 5.11 -12.68
C THR A 101 16.69 4.99 -13.52
N ALA A 102 16.64 5.34 -14.78
CA ALA A 102 17.76 5.14 -15.67
C ALA A 102 18.07 6.46 -16.31
N GLU A 103 19.29 6.62 -16.79
CA GLU A 103 19.78 7.93 -17.22
C GLU A 103 19.19 8.59 -18.48
N LYS A 104 18.71 7.85 -19.43
CA LYS A 104 18.14 8.52 -20.60
C LYS A 104 16.72 9.00 -20.25
N ASN A 105 16.03 8.17 -19.52
CA ASN A 105 14.74 8.54 -19.08
C ASN A 105 14.90 9.41 -17.85
N PHE A 106 16.14 9.54 -17.35
CA PHE A 106 16.50 10.45 -16.27
C PHE A 106 16.33 11.85 -16.75
N ASP A 107 16.87 12.11 -17.92
CA ASP A 107 16.75 13.41 -18.52
C ASP A 107 15.28 13.76 -18.61
N LEU A 108 14.49 12.79 -19.09
CA LEU A 108 13.03 13.00 -19.14
C LEU A 108 12.39 13.18 -17.71
N ILE A 109 12.69 12.28 -16.79
CA ILE A 109 12.09 12.22 -15.43
C ILE A 109 12.48 13.39 -14.57
N LEU A 110 13.61 14.00 -14.84
CA LEU A 110 13.97 15.14 -14.08
C LEU A 110 13.32 16.39 -14.64
N LYS A 111 12.98 16.35 -15.92
CA LYS A 111 12.28 17.40 -16.54
C LYS A 111 10.76 17.32 -16.25
N ASP A 112 10.24 16.12 -16.21
CA ASP A 112 8.79 15.90 -16.11
C ASP A 112 8.33 15.46 -14.69
N GLY A 113 9.08 14.60 -14.05
CA GLY A 113 8.71 14.11 -12.72
C GLY A 113 8.14 12.71 -12.77
N ILE A 114 7.99 12.07 -11.62
CA ILE A 114 7.39 10.74 -11.59
C ILE A 114 5.90 10.93 -11.52
N LYS A 115 5.24 10.50 -12.53
CA LYS A 115 3.82 10.73 -12.69
C LYS A 115 3.24 9.59 -13.51
N LYS A 116 2.02 9.73 -14.01
CA LYS A 116 1.38 8.63 -14.70
C LYS A 116 2.03 8.24 -16.03
N MET A 117 3.06 7.45 -15.92
CA MET A 117 3.68 6.78 -17.05
C MET A 117 3.04 5.39 -17.11
N SER A 118 2.36 5.10 -16.05
CA SER A 118 1.60 3.92 -15.84
C SER A 118 0.38 4.44 -15.08
N ARG A 119 -0.83 4.18 -15.57
CA ARG A 119 -2.04 4.75 -14.96
C ARG A 119 -2.35 4.22 -13.55
N HIS A 120 -1.85 4.97 -12.60
CA HIS A 120 -2.00 4.81 -11.16
C HIS A 120 -1.02 5.77 -10.54
N HIS A 121 -0.87 5.77 -9.25
CA HIS A 121 0.07 6.66 -8.62
C HIS A 121 1.45 6.04 -8.63
N VAL A 122 2.45 6.84 -8.37
CA VAL A 122 3.80 6.43 -8.64
C VAL A 122 4.47 5.68 -7.53
N HIS A 123 5.24 4.70 -7.95
CA HIS A 123 5.92 3.82 -7.05
C HIS A 123 7.36 4.27 -6.86
N LEU A 124 7.65 4.81 -5.72
CA LEU A 124 9.00 5.11 -5.35
C LEU A 124 9.47 3.95 -4.46
N SER A 125 10.58 4.05 -3.85
CA SER A 125 11.13 2.90 -3.18
C SER A 125 11.65 3.17 -1.79
N GLN A 126 11.91 2.07 -1.12
CA GLN A 126 12.31 2.03 0.26
C GLN A 126 13.78 2.40 0.43
N ASP A 127 14.65 1.90 -0.42
CA ASP A 127 16.05 2.14 -0.27
C ASP A 127 16.72 2.40 -1.58
N ILE A 128 17.84 3.09 -1.50
CA ILE A 128 18.62 3.50 -2.63
C ILE A 128 19.19 2.30 -3.40
N THR A 129 19.68 1.31 -2.68
CA THR A 129 20.34 0.17 -3.28
C THR A 129 19.43 -0.65 -4.20
N THR A 130 18.23 -0.96 -3.75
CA THR A 130 17.32 -1.76 -4.51
C THR A 130 16.73 -0.95 -5.67
N ALA A 131 16.49 0.32 -5.40
CA ALA A 131 15.96 1.25 -6.39
C ALA A 131 16.90 1.33 -7.58
N ARG A 132 18.13 1.53 -7.26
CA ARG A 132 19.18 1.65 -8.27
C ARG A 132 19.42 0.33 -8.98
N LYS A 133 19.32 -0.75 -8.23
CA LYS A 133 19.52 -2.10 -8.75
C LYS A 133 18.51 -2.42 -9.87
N VAL A 134 17.29 -1.94 -9.72
CA VAL A 134 16.31 -2.16 -10.75
C VAL A 134 16.36 -1.07 -11.83
N GLY A 135 16.85 0.11 -11.46
CA GLY A 135 17.00 1.21 -12.41
C GLY A 135 18.03 0.88 -13.47
N MET A 136 19.13 0.28 -13.04
CA MET A 136 20.23 -0.14 -13.93
C MET A 136 19.78 -1.18 -14.93
N ARG A 137 18.62 -1.79 -14.69
CA ARG A 137 18.08 -2.77 -15.61
C ARG A 137 17.65 -2.13 -16.93
N HIS A 138 17.50 -0.79 -16.95
CA HIS A 138 17.11 -0.12 -18.20
C HIS A 138 18.36 0.44 -18.90
N GLY A 139 19.39 0.73 -18.12
CA GLY A 139 20.65 1.17 -18.68
C GLY A 139 21.53 1.71 -17.58
N LYS A 140 22.03 2.89 -17.78
CA LYS A 140 22.82 3.59 -16.77
C LYS A 140 21.87 4.02 -15.65
N PRO A 141 22.11 3.62 -14.40
CA PRO A 141 21.19 3.92 -13.31
C PRO A 141 21.43 5.27 -12.62
N VAL A 142 20.37 5.76 -12.01
CA VAL A 142 20.37 6.98 -11.23
C VAL A 142 19.24 6.85 -10.20
N VAL A 143 19.40 7.44 -9.05
CA VAL A 143 18.36 7.43 -8.05
C VAL A 143 17.82 8.81 -7.81
N LEU A 144 16.54 8.87 -7.66
CA LEU A 144 15.82 10.08 -7.46
C LEU A 144 15.04 10.00 -6.16
N SER A 145 15.52 10.64 -5.16
CA SER A 145 14.91 10.61 -3.86
C SER A 145 14.23 11.95 -3.61
N VAL A 146 12.94 11.95 -3.34
CA VAL A 146 12.27 13.21 -3.06
C VAL A 146 12.57 13.69 -1.67
N ASP A 147 12.66 15.00 -1.58
CA ASP A 147 12.97 15.72 -0.36
C ASP A 147 11.84 15.63 0.63
N ALA A 148 12.12 14.98 1.77
CA ALA A 148 11.17 14.77 2.86
C ALA A 148 10.34 15.99 3.15
N LYS A 149 11.02 17.07 3.40
CA LYS A 149 10.42 18.31 3.84
C LYS A 149 9.47 18.82 2.80
N GLY A 150 9.86 18.74 1.54
CA GLY A 150 9.05 19.24 0.47
C GLY A 150 7.75 18.49 0.34
N MET A 151 7.79 17.19 0.57
CA MET A 151 6.60 16.38 0.43
C MET A 151 5.77 16.32 1.69
N ALA A 152 6.43 16.36 2.82
CA ALA A 152 5.73 16.44 4.10
C ALA A 152 4.94 17.75 4.14
N ASP A 153 5.61 18.83 3.80
CA ASP A 153 5.03 20.17 3.74
C ASP A 153 4.01 20.28 2.62
N GLY A 154 4.20 19.45 1.60
CA GLY A 154 3.29 19.43 0.46
C GLY A 154 1.90 18.96 0.82
N GLY A 155 1.76 18.33 1.96
CA GLY A 155 0.47 17.91 2.43
C GLY A 155 0.04 16.62 1.79
N PHE A 156 0.99 15.82 1.38
CA PHE A 156 0.70 14.55 0.79
C PHE A 156 0.53 13.48 1.84
N ASP A 157 -0.18 12.46 1.46
CA ASP A 157 -0.31 11.25 2.24
C ASP A 157 0.32 10.18 1.40
N PHE A 158 0.99 9.25 1.99
CA PHE A 158 1.77 8.32 1.21
C PHE A 158 1.37 6.93 1.67
N TYR A 159 1.61 5.98 0.84
CA TYR A 159 1.23 4.59 1.10
C TYR A 159 2.22 3.67 0.46
N LEU A 160 2.06 2.38 0.59
CA LEU A 160 3.06 1.47 0.07
C LEU A 160 2.43 0.45 -0.80
N SER A 161 3.16 -0.05 -1.74
CA SER A 161 2.69 -1.18 -2.49
C SER A 161 3.21 -2.49 -1.87
N ASN A 162 2.95 -3.60 -2.52
CA ASN A 162 3.23 -4.93 -2.00
C ASN A 162 4.73 -5.24 -1.91
N ASN A 163 5.53 -4.52 -2.64
CA ASN A 163 6.97 -4.76 -2.63
C ASN A 163 7.65 -3.95 -1.51
N GLY A 164 6.86 -3.23 -0.70
CA GLY A 164 7.44 -2.42 0.38
C GLY A 164 8.06 -1.17 -0.18
N VAL A 165 7.50 -0.73 -1.25
CA VAL A 165 7.94 0.43 -1.96
C VAL A 165 7.09 1.61 -1.54
N TRP A 166 7.66 2.78 -1.53
CA TRP A 166 7.01 3.94 -0.98
C TRP A 166 6.32 4.72 -2.09
N LEU A 167 5.04 4.86 -1.99
CA LEU A 167 4.26 5.52 -3.01
C LEU A 167 3.83 6.89 -2.61
N ILE A 168 3.66 7.67 -3.61
CA ILE A 168 3.18 9.00 -3.50
C ILE A 168 2.30 9.25 -4.69
N ASP A 169 1.28 10.07 -4.50
CA ASP A 169 0.38 10.40 -5.56
C ASP A 169 1.09 10.98 -6.74
N PHE A 170 1.88 12.01 -6.51
CA PHE A 170 2.59 12.70 -7.59
C PHE A 170 3.82 13.39 -7.08
N VAL A 171 4.93 13.04 -7.65
CA VAL A 171 6.16 13.75 -7.38
C VAL A 171 6.70 14.52 -8.55
N PRO A 172 6.43 15.81 -8.62
CA PRO A 172 7.09 16.67 -9.58
C PRO A 172 8.59 16.61 -9.29
N ALA A 173 9.38 16.67 -10.33
CA ALA A 173 10.81 16.46 -10.22
C ALA A 173 11.50 17.56 -9.47
N GLU A 174 10.83 18.64 -9.30
CA GLU A 174 11.34 19.73 -8.53
C GLU A 174 11.48 19.32 -7.05
N PHE A 175 10.69 18.33 -6.63
CA PHE A 175 10.78 17.77 -5.29
C PHE A 175 11.75 16.62 -5.28
N ILE A 176 11.98 16.06 -6.46
CA ILE A 176 12.88 14.99 -6.66
C ILE A 176 14.30 15.46 -6.52
N LYS A 177 15.07 14.75 -5.75
CA LYS A 177 16.41 15.03 -5.60
C LYS A 177 17.25 13.94 -6.09
N VAL A 178 17.85 14.27 -7.14
CA VAL A 178 18.83 13.42 -7.79
C VAL A 178 20.06 13.32 -6.89
PA NAD B . 8.07 0.52 -14.27
O1A NAD B . 6.90 1.41 -13.97
O2A NAD B . 7.89 -0.59 -15.25
O5B NAD B . 9.28 1.45 -14.79
C5B NAD B . 8.99 2.71 -15.40
C4B NAD B . 10.29 3.41 -15.81
O4B NAD B . 9.98 4.68 -16.44
C3B NAD B . 11.14 3.75 -14.61
O3B NAD B . 12.56 3.99 -14.98
C2B NAD B . 10.55 5.03 -14.19
O2B NAD B . 11.48 5.68 -13.33
C1B NAD B . 10.42 5.71 -15.50
N9A NAD B . 9.45 6.86 -15.46
C8A NAD B . 8.26 6.98 -14.72
N7A NAD B . 7.69 8.19 -15.00
C5A NAD B . 8.51 8.73 -15.86
C6A NAD B . 8.26 10.01 -16.40
N6A NAD B . 7.19 10.70 -16.08
N1A NAD B . 9.19 10.50 -17.29
C2A NAD B . 10.27 9.69 -17.57
N3A NAD B . 10.49 8.46 -17.05
C4A NAD B . 9.56 7.97 -16.16
O3 NAD B . 8.64 -0.07 -12.91
PN NAD B . 8.93 0.48 -11.44
O1N NAD B . 7.99 1.61 -11.13
O2N NAD B . 8.99 -0.67 -10.52
O5D NAD B . 10.42 1.12 -11.60
C5D NAD B . 11.41 0.91 -10.58
C4D NAD B . 11.20 1.90 -9.43
O4D NAD B . 9.96 1.56 -8.75
C3D NAD B . 12.24 1.75 -8.38
O3D NAD B . 12.22 2.85 -7.42
C2D NAD B . 11.81 0.52 -7.70
O2D NAD B . 12.48 0.38 -6.44
C1D NAD B . 10.33 0.76 -7.57
N1N NAD B . 9.54 -0.49 -7.52
C2N NAD B . 10.10 -1.74 -7.82
C3N NAD B . 9.32 -2.92 -7.70
C7N NAD B . 9.90 -4.32 -8.05
O7N NAD B . 9.20 -5.33 -7.94
N7N NAD B . 11.15 -4.34 -8.44
C4N NAD B . 7.98 -2.79 -7.27
C5N NAD B . 7.47 -1.54 -7.00
C6N NAD B . 8.24 -0.43 -7.12
H51A NAD B . 8.43 3.35 -14.71
H52A NAD B . 8.39 2.53 -16.29
H4B NAD B . 10.78 2.75 -16.52
H3B NAD B . 11.10 2.96 -13.86
HO3A NAD B . 12.80 3.58 -15.87
H2B NAD B . 9.61 4.82 -13.70
HO2A NAD B . 12.36 5.65 -13.81
H1B NAD B . 11.40 6.09 -15.77
H8A NAD B . 7.87 6.25 -14.02
H61A NAD B . 7.01 11.61 -16.45
H62A NAD B . 6.54 10.31 -15.42
H2A NAD B . 11.03 10.06 -18.25
H51N NAD B . 12.42 1.02 -10.98
H52N NAD B . 11.35 -0.11 -10.21
H4D NAD B . 11.21 2.88 -9.90
H3D NAD B . 13.24 1.74 -8.80
HO3N NAD B . 12.59 2.47 -6.57
H2D NAD B . 12.06 -0.28 -8.38
HO2N NAD B . 12.21 -0.48 -6.02
H1D NAD B . 10.13 1.27 -6.63
H2N NAD B . 11.15 -1.79 -8.14
H71N NAD B . 11.72 -3.53 -8.46
H72N NAD B . 11.54 -5.22 -8.77
H4N NAD B . 7.34 -3.65 -7.13
H5N NAD B . 6.46 -1.31 -6.65
H6N NAD B . 7.72 0.49 -6.88
N GLY A 1 1.87 13.53 25.26
CA GLY A 1 2.66 12.38 24.83
C GLY A 1 1.80 11.40 24.10
N SER A 2 2.09 10.14 24.22
CA SER A 2 1.32 9.14 23.55
C SER A 2 0.02 8.87 24.30
N HIS A 3 -1.07 9.29 23.72
CA HIS A 3 -2.36 8.96 24.29
C HIS A 3 -2.79 7.64 23.71
N MET A 4 -3.92 7.10 24.15
CA MET A 4 -4.37 5.78 23.68
C MET A 4 -4.60 5.79 22.18
N VAL A 5 -5.10 6.91 21.66
CA VAL A 5 -5.31 7.09 20.22
C VAL A 5 -4.01 6.86 19.45
N LYS A 6 -2.92 7.34 20.01
CA LYS A 6 -1.63 7.21 19.37
C LYS A 6 -1.16 5.78 19.43
N VAL A 7 -1.32 5.15 20.58
CA VAL A 7 -0.94 3.74 20.79
C VAL A 7 -1.73 2.87 19.80
N SER A 8 -2.94 3.31 19.49
CA SER A 8 -3.82 2.58 18.58
C SER A 8 -3.22 2.53 17.15
N LYS A 9 -2.89 3.71 16.64
CA LYS A 9 -2.32 3.81 15.30
C LYS A 9 -0.86 3.34 15.32
N PHE A 10 -0.24 3.44 16.49
CA PHE A 10 1.11 3.01 16.68
C PHE A 10 1.15 1.49 16.58
N LEU A 11 0.13 0.81 17.11
CA LEU A 11 0.02 -0.64 16.93
C LEU A 11 -0.13 -1.00 15.49
N SER A 12 -0.94 -0.21 14.78
CA SER A 12 -1.14 -0.39 13.37
C SER A 12 0.18 -0.17 12.59
N LEU A 13 1.10 0.51 13.23
CA LEU A 13 2.41 0.70 12.69
C LEU A 13 3.35 -0.45 13.11
N VAL A 14 3.42 -0.70 14.41
CA VAL A 14 4.40 -1.59 14.95
C VAL A 14 4.27 -3.05 14.55
N LEU A 15 3.15 -3.68 14.81
CA LEU A 15 3.07 -5.10 14.47
C LEU A 15 2.66 -5.33 13.04
N ARG A 16 2.49 -4.26 12.33
CA ARG A 16 2.05 -4.34 10.99
C ARG A 16 3.13 -3.92 9.99
N HIS A 17 4.06 -3.05 10.38
CA HIS A 17 5.01 -2.52 9.38
C HIS A 17 6.49 -2.77 9.65
N ASN A 18 6.96 -2.38 10.83
CA ASN A 18 8.41 -2.42 11.09
C ASN A 18 8.71 -2.75 12.54
N PRO A 19 8.10 -3.85 13.09
CA PRO A 19 7.99 -4.17 14.56
C PRO A 19 9.23 -3.93 15.43
N ALA A 20 10.38 -4.06 14.83
CA ALA A 20 11.65 -3.89 15.46
C ALA A 20 11.86 -2.51 16.15
N LEU A 21 10.94 -1.55 15.94
CA LEU A 21 10.98 -0.31 16.50
C LEU A 21 10.88 -0.42 17.98
N ILE A 22 9.86 -1.12 18.46
CA ILE A 22 9.73 -1.23 19.88
C ILE A 22 10.49 -2.45 20.28
N GLY A 23 10.84 -3.22 19.26
CA GLY A 23 11.47 -4.49 19.44
C GLY A 23 10.43 -5.59 19.47
N LEU A 24 9.38 -5.45 18.66
CA LEU A 24 8.37 -6.39 18.59
C LEU A 24 8.73 -7.50 17.62
N ASP A 25 8.28 -8.68 17.91
CA ASP A 25 8.59 -9.89 17.17
C ASP A 25 7.35 -10.33 16.45
N LEU A 26 7.46 -10.65 15.20
CA LEU A 26 6.28 -10.95 14.42
C LEU A 26 6.25 -12.33 13.83
N ASP A 27 5.05 -12.88 13.80
CA ASP A 27 4.74 -14.16 13.17
C ASP A 27 4.65 -13.90 11.67
N ALA A 28 4.42 -14.91 10.91
CA ALA A 28 4.34 -14.80 9.47
C ALA A 28 2.97 -14.25 9.08
N ASN A 29 1.95 -14.64 9.84
CA ASN A 29 0.60 -14.25 9.56
C ASN A 29 0.28 -12.87 10.15
N GLY A 30 1.16 -12.36 10.99
CA GLY A 30 0.96 -11.04 11.56
C GLY A 30 0.55 -11.04 13.02
N TRP A 31 0.96 -12.06 13.74
CA TRP A 31 0.72 -12.11 15.17
C TRP A 31 1.94 -11.58 15.89
N ALA A 32 1.72 -10.88 16.93
CA ALA A 32 2.76 -10.38 17.75
C ALA A 32 2.50 -10.79 19.16
N PRO A 33 3.51 -11.10 19.96
CA PRO A 33 3.30 -11.45 21.31
C PRO A 33 2.99 -10.19 22.06
N VAL A 34 1.78 -10.13 22.59
CA VAL A 34 1.37 -9.00 23.37
C VAL A 34 2.32 -8.69 24.45
N LYS A 35 2.84 -9.75 25.09
CA LYS A 35 3.87 -9.66 26.14
C LYS A 35 4.98 -8.67 25.71
N GLU A 36 5.47 -8.92 24.52
CA GLU A 36 6.53 -8.17 23.93
C GLU A 36 6.03 -6.77 23.61
N LEU A 37 4.78 -6.71 23.19
CA LEU A 37 4.21 -5.54 22.64
C LEU A 37 3.98 -4.45 23.65
N LEU A 38 3.44 -4.79 24.82
CA LEU A 38 3.07 -3.78 25.72
C LEU A 38 4.34 -3.35 26.43
N ALA A 39 5.23 -4.34 26.70
CA ALA A 39 6.48 -4.08 27.40
C ALA A 39 7.41 -3.22 26.57
N LYS A 40 7.61 -3.65 25.36
CA LYS A 40 8.49 -2.95 24.43
C LYS A 40 7.97 -1.58 24.03
N MET A 41 6.67 -1.45 23.81
CA MET A 41 6.15 -0.16 23.43
C MET A 41 5.98 0.72 24.67
N LYS A 42 5.93 0.10 25.85
CA LYS A 42 6.01 0.82 27.11
C LYS A 42 7.22 1.72 27.07
N ALA A 43 8.36 1.11 26.73
CA ALA A 43 9.61 1.84 26.59
C ALA A 43 9.57 2.83 25.43
N LYS A 44 8.95 2.45 24.32
CA LYS A 44 8.88 3.30 23.12
C LYS A 44 7.85 4.44 23.25
N GLY A 45 6.94 4.39 24.21
CA GLY A 45 5.96 5.44 24.25
C GLY A 45 5.12 5.54 25.51
N HIS A 46 4.01 4.82 25.57
CA HIS A 46 3.00 5.07 26.62
C HIS A 46 3.22 4.35 27.94
N GLY A 47 3.46 3.06 27.90
CA GLY A 47 3.48 2.38 29.18
C GLY A 47 2.20 1.72 29.47
N ILE A 48 1.82 0.85 28.60
CA ILE A 48 0.61 0.15 28.75
C ILE A 48 0.93 -1.23 29.27
N SER A 49 0.24 -1.60 30.32
CA SER A 49 0.31 -2.92 30.87
C SER A 49 -0.54 -3.85 30.00
N MET A 50 -0.60 -5.15 30.34
CA MET A 50 -1.29 -6.14 29.51
C MET A 50 -2.72 -5.73 29.23
N GLU A 51 -3.42 -5.40 30.28
CA GLU A 51 -4.80 -5.08 30.17
C GLU A 51 -5.03 -3.70 29.54
N GLU A 52 -4.00 -2.84 29.56
CA GLU A 52 -4.11 -1.56 28.90
C GLU A 52 -4.18 -1.84 27.42
N LEU A 53 -3.20 -2.61 26.92
CA LEU A 53 -3.18 -2.99 25.52
C LEU A 53 -4.43 -3.81 25.20
N LYS A 54 -4.91 -4.60 26.14
CA LYS A 54 -6.14 -5.35 25.97
C LYS A 54 -7.30 -4.41 25.64
N HIS A 55 -7.22 -3.19 26.14
CA HIS A 55 -8.21 -2.18 25.87
C HIS A 55 -7.99 -1.63 24.44
N ILE A 56 -6.72 -1.51 24.01
CA ILE A 56 -6.40 -1.12 22.64
C ILE A 56 -6.99 -2.17 21.66
N VAL A 57 -6.70 -3.39 21.91
CA VAL A 57 -7.18 -4.43 21.08
C VAL A 57 -8.70 -4.59 21.24
N GLU A 58 -9.24 -4.13 22.36
CA GLU A 58 -10.69 -4.13 22.58
C GLU A 58 -11.31 -3.06 21.66
N THR A 59 -10.51 -2.07 21.28
CA THR A 59 -10.99 -1.05 20.40
C THR A 59 -10.78 -1.46 18.95
N ASN A 60 -10.34 -2.73 18.77
CA ASN A 60 -10.30 -3.47 17.44
C ASN A 60 -11.57 -3.29 16.58
N SER A 61 -12.64 -2.75 17.15
CA SER A 61 -13.99 -2.67 16.59
C SER A 61 -14.07 -2.22 15.10
N LYS A 62 -13.11 -1.45 14.61
CA LYS A 62 -13.11 -1.08 13.18
C LYS A 62 -12.43 -2.18 12.35
N LYS A 63 -12.38 -3.39 12.90
CA LYS A 63 -11.74 -4.53 12.29
C LYS A 63 -10.28 -4.25 12.06
N ARG A 64 -9.61 -3.85 13.13
CA ARG A 64 -8.23 -3.43 13.06
C ARG A 64 -7.32 -4.36 13.86
N PHE A 65 -7.89 -5.11 14.78
CA PHE A 65 -7.11 -5.96 15.67
C PHE A 65 -7.90 -7.19 16.05
N ALA A 66 -7.26 -8.05 16.81
CA ALA A 66 -7.80 -9.26 17.34
C ALA A 66 -6.81 -9.76 18.36
N PHE A 67 -7.22 -10.61 19.23
CA PHE A 67 -6.39 -11.00 20.35
C PHE A 67 -6.57 -12.49 20.57
N SER A 68 -5.60 -13.13 21.18
CA SER A 68 -5.67 -14.57 21.40
C SER A 68 -6.48 -14.92 22.67
N GLU A 69 -6.52 -16.20 22.98
CA GLU A 69 -7.32 -16.76 24.07
C GLU A 69 -6.87 -16.26 25.45
N ASN A 70 -5.57 -16.31 25.72
CA ASN A 70 -5.02 -15.81 27.00
C ASN A 70 -4.87 -14.32 26.92
N PHE A 71 -5.06 -13.80 25.68
CA PHE A 71 -4.88 -12.39 25.35
C PHE A 71 -3.35 -12.12 25.27
N GLU A 72 -2.63 -13.19 24.95
CA GLU A 72 -1.17 -13.20 24.96
C GLU A 72 -0.57 -12.76 23.62
N LYS A 73 -1.35 -12.82 22.57
CA LYS A 73 -0.89 -12.49 21.27
C LYS A 73 -1.93 -11.63 20.63
N ILE A 74 -1.50 -10.62 19.93
CA ILE A 74 -2.40 -9.81 19.18
C ILE A 74 -2.11 -9.98 17.69
N ARG A 75 -3.09 -9.71 16.89
CA ARG A 75 -2.93 -9.71 15.49
C ARG A 75 -3.58 -8.44 15.01
N ALA A 76 -2.88 -7.69 14.21
CA ALA A 76 -3.42 -6.50 13.69
C ALA A 76 -4.04 -6.86 12.37
N ASN A 77 -5.33 -6.81 12.32
CA ASN A 77 -6.01 -7.12 11.11
C ASN A 77 -6.05 -5.87 10.30
N GLN A 78 -5.38 -5.94 9.15
CA GLN A 78 -5.16 -4.85 8.20
C GLN A 78 -3.96 -5.24 7.35
N GLY A 79 -3.62 -4.44 6.39
CA GLY A 79 -2.49 -4.74 5.56
C GLY A 79 -2.76 -4.44 4.13
N HIS A 80 -4.01 -4.57 3.74
CA HIS A 80 -4.49 -4.27 2.38
C HIS A 80 -5.94 -3.85 2.45
N SER A 81 -6.36 -3.41 3.61
CA SER A 81 -7.75 -3.18 3.88
C SER A 81 -8.20 -1.75 3.64
N VAL A 82 -8.05 -1.31 2.45
CA VAL A 82 -8.52 0.00 2.09
C VAL A 82 -9.91 -0.15 1.50
N GLU A 83 -9.97 -0.64 0.29
CA GLU A 83 -11.22 -0.90 -0.37
C GLU A 83 -11.63 -2.31 -0.03
N VAL A 84 -10.81 -3.18 -0.48
CA VAL A 84 -10.81 -4.62 -0.23
C VAL A 84 -9.40 -5.11 -0.31
N ASP A 85 -8.82 -4.69 -1.37
CA ASP A 85 -7.43 -4.80 -1.75
C ASP A 85 -7.32 -4.35 -3.16
N LEU A 86 -7.09 -3.11 -3.30
CA LEU A 86 -6.93 -2.52 -4.55
C LEU A 86 -5.45 -2.35 -4.87
N GLY A 87 -4.62 -2.94 -4.02
CA GLY A 87 -3.21 -2.93 -4.26
C GLY A 87 -2.39 -2.31 -3.14
N TYR A 88 -3.03 -1.87 -2.05
CA TYR A 88 -2.28 -1.26 -0.97
C TYR A 88 -3.08 -1.14 0.33
N GLU A 89 -2.41 -0.60 1.34
CA GLU A 89 -2.95 -0.25 2.63
C GLU A 89 -2.56 1.20 2.88
N LYS A 90 -3.44 1.98 3.48
CA LYS A 90 -3.14 3.38 3.68
C LYS A 90 -2.31 3.51 4.94
N GLN A 91 -1.03 3.48 4.72
CA GLN A 91 -0.04 3.42 5.76
C GLN A 91 0.47 4.79 6.15
N VAL A 92 1.44 4.81 7.04
CA VAL A 92 1.99 6.04 7.56
C VAL A 92 2.87 6.77 6.53
N PRO A 93 2.64 8.08 6.36
CA PRO A 93 3.36 8.89 5.37
C PRO A 93 4.78 9.33 5.82
N PRO A 94 5.80 8.99 5.03
CA PRO A 94 7.18 9.44 5.22
C PRO A 94 7.39 10.81 4.57
N ALA A 95 8.53 11.41 4.75
CA ALA A 95 8.79 12.69 4.18
C ALA A 95 9.69 12.58 2.96
N VAL A 96 10.82 11.92 3.13
CA VAL A 96 11.79 11.74 2.04
C VAL A 96 11.61 10.38 1.42
N LEU A 97 11.58 10.32 0.11
CA LEU A 97 11.38 9.04 -0.55
C LEU A 97 12.57 8.79 -1.43
N PHE A 98 12.89 7.55 -1.65
CA PHE A 98 14.03 7.17 -2.44
C PHE A 98 13.54 6.45 -3.68
N HIS A 99 14.25 6.53 -4.77
CA HIS A 99 13.82 5.86 -5.97
C HIS A 99 14.98 5.62 -6.90
N GLY A 100 15.02 4.47 -7.52
CA GLY A 100 16.05 4.19 -8.48
C GLY A 100 15.52 4.38 -9.87
N THR A 101 16.32 4.93 -10.74
CA THR A 101 15.93 5.13 -12.09
C THR A 101 17.20 5.16 -12.98
N ALA A 102 17.13 5.70 -14.19
CA ALA A 102 18.25 5.62 -15.12
C ALA A 102 18.41 6.94 -15.84
N GLU A 103 19.55 7.14 -16.53
CA GLU A 103 19.91 8.45 -17.07
C GLU A 103 19.16 8.95 -18.33
N LYS A 104 18.79 8.08 -19.24
CA LYS A 104 18.08 8.57 -20.44
C LYS A 104 16.66 9.02 -20.02
N ASN A 105 16.10 8.25 -19.15
CA ASN A 105 14.82 8.56 -18.68
C ASN A 105 14.96 9.48 -17.49
N PHE A 106 16.22 9.80 -17.11
CA PHE A 106 16.52 10.79 -16.08
C PHE A 106 16.17 12.12 -16.63
N ASP A 107 16.59 12.33 -17.85
CA ASP A 107 16.28 13.55 -18.56
C ASP A 107 14.78 13.70 -18.58
N LEU A 108 14.10 12.61 -18.99
CA LEU A 108 12.62 12.62 -18.96
C LEU A 108 12.02 12.85 -17.53
N ILE A 109 12.52 12.13 -16.55
CA ILE A 109 11.97 12.11 -15.18
C ILE A 109 12.29 13.38 -14.41
N LEU A 110 13.34 14.08 -14.76
CA LEU A 110 13.63 15.29 -14.09
C LEU A 110 12.86 16.45 -14.73
N LYS A 111 12.36 16.23 -15.93
CA LYS A 111 11.49 17.16 -16.57
C LYS A 111 10.03 16.93 -16.14
N ASP A 112 9.58 15.71 -16.33
CA ASP A 112 8.17 15.31 -16.15
C ASP A 112 7.82 14.95 -14.70
N GLY A 113 8.78 14.46 -13.97
CA GLY A 113 8.55 14.01 -12.60
C GLY A 113 8.19 12.56 -12.58
N ILE A 114 8.13 11.95 -11.41
CA ILE A 114 7.70 10.58 -11.38
C ILE A 114 6.19 10.62 -11.43
N LYS A 115 5.66 10.12 -12.52
CA LYS A 115 4.24 10.14 -12.78
C LYS A 115 3.93 9.30 -14.01
N LYS A 116 4.27 9.84 -15.18
CA LYS A 116 3.87 9.24 -16.42
C LYS A 116 4.67 8.02 -16.83
N MET A 117 4.26 6.89 -16.24
CA MET A 117 4.74 5.52 -16.49
C MET A 117 4.44 4.71 -15.24
N SER A 118 4.21 5.41 -14.15
CA SER A 118 3.90 4.79 -12.92
C SER A 118 2.40 4.79 -12.74
N ARG A 119 1.78 3.69 -13.10
CA ARG A 119 0.36 3.54 -12.95
C ARG A 119 0.06 3.08 -11.54
N HIS A 120 -1.18 3.30 -11.09
CA HIS A 120 -1.63 2.97 -9.74
C HIS A 120 -0.83 3.84 -8.76
N HIS A 121 -0.65 5.10 -9.18
CA HIS A 121 0.12 6.13 -8.49
C HIS A 121 1.61 5.95 -8.66
N VAL A 122 2.35 6.85 -8.08
CA VAL A 122 3.76 6.87 -8.20
C VAL A 122 4.36 5.94 -7.18
N HIS A 123 5.07 4.95 -7.64
CA HIS A 123 5.61 3.93 -6.76
C HIS A 123 7.16 3.90 -6.71
N LEU A 124 7.70 3.84 -5.49
CA LEU A 124 9.13 3.96 -5.21
C LEU A 124 9.52 3.36 -3.81
N SER A 125 10.70 3.80 -3.31
CA SER A 125 11.25 3.58 -1.95
C SER A 125 11.29 2.18 -1.41
N GLN A 126 12.51 1.76 -1.13
CA GLN A 126 12.86 0.49 -0.59
C GLN A 126 14.35 0.45 -0.55
N ASP A 127 14.91 -0.74 -0.42
CA ASP A 127 16.34 -0.96 -0.47
C ASP A 127 16.95 -0.29 -1.70
N ILE A 128 17.87 0.64 -1.44
CA ILE A 128 18.50 1.45 -2.46
C ILE A 128 19.20 0.61 -3.54
N THR A 129 19.90 -0.43 -3.15
CA THR A 129 20.57 -1.25 -4.13
C THR A 129 19.58 -1.99 -5.03
N THR A 130 18.47 -2.44 -4.46
CA THR A 130 17.42 -3.10 -5.21
C THR A 130 16.76 -2.10 -6.18
N ALA A 131 16.58 -0.88 -5.70
CA ALA A 131 16.05 0.21 -6.49
C ALA A 131 16.94 0.45 -7.70
N ARG A 132 18.23 0.58 -7.44
CA ARG A 132 19.22 0.82 -8.48
C ARG A 132 19.38 -0.40 -9.40
N LYS A 133 19.12 -1.58 -8.88
CA LYS A 133 19.14 -2.82 -9.66
C LYS A 133 18.07 -2.80 -10.75
N VAL A 134 16.95 -2.20 -10.45
CA VAL A 134 15.91 -2.06 -11.42
C VAL A 134 16.25 -0.90 -12.36
N GLY A 135 16.79 0.17 -11.78
CA GLY A 135 17.18 1.36 -12.53
C GLY A 135 18.25 1.08 -13.59
N MET A 136 19.22 0.25 -13.24
CA MET A 136 20.37 -0.08 -14.12
C MET A 136 19.95 -0.71 -15.43
N ARG A 137 18.71 -1.19 -15.50
CA ARG A 137 18.21 -1.83 -16.69
C ARG A 137 18.20 -0.89 -17.91
N HIS A 138 18.10 0.42 -17.67
CA HIS A 138 18.05 1.37 -18.79
C HIS A 138 19.44 2.00 -19.04
N GLY A 139 20.30 1.94 -18.06
CA GLY A 139 21.63 2.52 -18.16
C GLY A 139 22.21 2.69 -16.79
N LYS A 140 22.85 3.82 -16.53
CA LYS A 140 23.39 4.05 -15.20
C LYS A 140 22.23 4.39 -14.28
N PRO A 141 22.10 3.71 -13.15
CA PRO A 141 21.04 3.98 -12.22
C PRO A 141 21.28 5.23 -11.40
N VAL A 142 20.55 6.25 -11.69
CA VAL A 142 20.58 7.49 -10.94
C VAL A 142 19.54 7.38 -9.83
N VAL A 143 19.94 7.70 -8.63
CA VAL A 143 19.06 7.66 -7.54
C VAL A 143 18.33 9.00 -7.46
N LEU A 144 17.03 8.95 -7.38
CA LEU A 144 16.22 10.12 -7.24
C LEU A 144 15.47 10.07 -5.94
N SER A 145 15.90 10.83 -4.99
CA SER A 145 15.27 10.88 -3.72
C SER A 145 14.52 12.20 -3.60
N VAL A 146 13.21 12.15 -3.50
CA VAL A 146 12.44 13.36 -3.30
C VAL A 146 12.75 13.94 -1.94
N ASP A 147 12.87 15.23 -1.92
CA ASP A 147 13.28 15.95 -0.76
C ASP A 147 12.13 16.21 0.18
N ALA A 148 12.25 15.61 1.37
CA ALA A 148 11.28 15.60 2.45
C ALA A 148 10.60 16.92 2.65
N LYS A 149 11.38 17.96 2.59
CA LYS A 149 10.95 19.33 2.88
C LYS A 149 9.71 19.71 2.09
N GLY A 150 9.81 19.59 0.78
CA GLY A 150 8.72 20.01 -0.05
C GLY A 150 7.70 18.92 -0.21
N MET A 151 8.12 17.72 0.09
CA MET A 151 7.32 16.55 -0.11
C MET A 151 6.31 16.43 1.04
N ALA A 152 6.79 16.64 2.23
CA ALA A 152 5.97 16.57 3.42
C ALA A 152 5.11 17.82 3.53
N ASP A 153 5.72 18.98 3.30
CA ASP A 153 5.03 20.26 3.44
C ASP A 153 3.93 20.44 2.38
N GLY A 154 4.12 19.81 1.23
CA GLY A 154 3.14 19.91 0.16
C GLY A 154 1.83 19.20 0.48
N GLY A 155 1.86 18.37 1.51
CA GLY A 155 0.67 17.68 1.95
C GLY A 155 0.34 16.51 1.07
N PHE A 156 1.36 15.96 0.43
CA PHE A 156 1.18 14.84 -0.47
C PHE A 156 0.84 13.60 0.35
N ASP A 157 0.03 12.75 -0.19
CA ASP A 157 -0.35 11.52 0.49
C ASP A 157 0.54 10.39 0.05
N PHE A 158 0.95 9.57 0.98
CA PHE A 158 1.86 8.47 0.72
C PHE A 158 1.31 7.21 1.37
N TYR A 159 1.69 6.06 0.86
CA TYR A 159 1.27 4.75 1.38
C TYR A 159 2.25 3.68 0.86
N LEU A 160 2.05 2.40 1.20
CA LEU A 160 2.93 1.34 0.65
C LEU A 160 2.10 0.27 -0.05
N SER A 161 2.67 -0.34 -1.08
CA SER A 161 2.03 -1.44 -1.74
C SER A 161 2.66 -2.78 -1.28
N ASN A 162 2.26 -3.88 -1.90
CA ASN A 162 2.64 -5.26 -1.49
C ASN A 162 4.13 -5.54 -1.59
N ASN A 163 4.85 -4.71 -2.32
CA ASN A 163 6.30 -4.90 -2.47
C ASN A 163 7.05 -4.30 -1.32
N GLY A 164 6.32 -3.67 -0.40
CA GLY A 164 6.96 -2.92 0.65
C GLY A 164 7.52 -1.67 0.05
N VAL A 165 6.89 -1.26 -1.02
CA VAL A 165 7.28 -0.11 -1.76
C VAL A 165 6.39 0.99 -1.35
N TRP A 166 6.92 2.13 -1.27
CA TRP A 166 6.18 3.25 -0.87
C TRP A 166 5.62 3.91 -2.13
N LEU A 167 4.60 4.67 -1.99
CA LEU A 167 4.00 5.37 -3.08
C LEU A 167 3.59 6.73 -2.65
N ILE A 168 3.49 7.60 -3.60
CA ILE A 168 3.07 8.96 -3.38
C ILE A 168 2.03 9.29 -4.42
N ASP A 169 1.11 10.18 -4.09
CA ASP A 169 0.07 10.56 -5.04
C ASP A 169 0.68 11.11 -6.30
N PHE A 170 1.69 11.98 -6.16
CA PHE A 170 2.40 12.54 -7.32
C PHE A 170 3.66 13.27 -6.89
N VAL A 171 4.76 13.02 -7.59
CA VAL A 171 5.98 13.76 -7.31
C VAL A 171 6.44 14.61 -8.47
N PRO A 172 6.24 15.91 -8.37
CA PRO A 172 6.82 16.83 -9.32
C PRO A 172 8.35 16.77 -9.20
N ALA A 173 9.04 16.79 -10.32
CA ALA A 173 10.48 16.58 -10.34
C ALA A 173 11.23 17.66 -9.63
N GLU A 174 10.60 18.78 -9.44
CA GLU A 174 11.21 19.87 -8.72
C GLU A 174 11.39 19.50 -7.24
N PHE A 175 10.59 18.56 -6.76
CA PHE A 175 10.70 18.07 -5.41
C PHE A 175 11.64 16.87 -5.37
N ILE A 176 11.88 16.29 -6.53
CA ILE A 176 12.80 15.22 -6.67
C ILE A 176 14.20 15.76 -6.57
N LYS A 177 14.99 15.23 -5.68
CA LYS A 177 16.33 15.64 -5.59
C LYS A 177 17.26 14.58 -5.93
N VAL A 178 17.75 14.76 -7.07
CA VAL A 178 18.75 13.92 -7.69
C VAL A 178 20.01 13.87 -6.79
PA NAD B . 9.71 -0.40 -14.41
O1A NAD B . 9.08 -0.52 -15.76
O2A NAD B . 10.56 -1.50 -13.92
O5B NAD B . 10.60 0.95 -14.41
C5B NAD B . 10.09 2.14 -15.00
C4B NAD B . 11.24 3.12 -15.26
O4B NAD B . 10.72 4.34 -15.85
C3B NAD B . 11.91 3.55 -13.99
O3B NAD B . 13.29 3.98 -14.24
C2B NAD B . 11.09 4.73 -13.61
O2B NAD B . 11.78 5.50 -12.65
C1B NAD B . 11.00 5.40 -14.91
N9A NAD B . 9.94 6.46 -14.93
C8A NAD B . 8.77 6.58 -14.16
N7A NAD B . 8.12 7.73 -14.51
C5A NAD B . 8.87 8.24 -15.43
C6A NAD B . 8.53 9.44 -16.05
N6A NAD B . 7.44 10.08 -15.72
N1A NAD B . 9.40 9.90 -17.02
C2A NAD B . 10.51 9.14 -17.28
N3A NAD B . 10.83 7.98 -16.67
C4A NAD B . 9.96 7.51 -15.71
O3 NAD B . 8.59 -0.07 -13.33
PN NAD B . 8.24 -0.55 -11.85
O1N NAD B . 6.81 -0.25 -11.58
O2N NAD B . 8.69 -1.95 -11.65
O5D NAD B . 9.15 0.40 -10.91
C5D NAD B . 10.32 -0.15 -10.31
C4D NAD B . 10.92 0.81 -9.27
O4D NAD B . 9.95 1.02 -8.22
C3D NAD B . 12.07 0.19 -8.55
O3D NAD B . 12.78 1.13 -7.73
C2D NAD B . 11.41 -0.82 -7.70
O2D NAD B . 12.26 -1.15 -6.59
C1D NAD B . 10.12 -0.10 -7.27
N1N NAD B . 8.89 -0.97 -7.34
C2N NAD B . 8.96 -2.32 -7.67
C3N NAD B . 7.78 -3.09 -7.77
C7N NAD B . 7.81 -4.58 -8.22
O7N NAD B . 6.77 -5.21 -8.40
N7N NAD B . 9.00 -5.10 -8.40
C4N NAD B . 6.55 -2.47 -7.50
C5N NAD B . 6.55 -1.13 -7.15
C6N NAD B . 7.69 -0.41 -7.09
H51A NAD B . 9.36 2.61 -14.34
H52A NAD B . 9.62 1.89 -15.94
H4B NAD B . 11.92 2.62 -15.94
H3B NAD B . 11.92 2.75 -13.25
HO3A NAD B . 13.78 3.23 -14.68
H2B NAD B . 10.13 4.38 -13.24
HO2A NAD B . 12.64 5.75 -13.12
H1B NAD B . 11.97 5.87 -15.09
H8A NAD B . 8.44 5.89 -13.37
H61A NAD B . 7.17 10.95 -16.15
H62A NAD B . 6.87 9.69 -15.01
H2A NAD B . 11.22 9.49 -18.01
H51N NAD B . 11.06 -0.41 -11.05
H52N NAD B . 10.03 -1.09 -9.83
H4D NAD B . 11.19 1.70 -9.83
H3D NAD B . 12.81 -0.21 -9.26
HO3N NAD B . 13.30 0.52 -7.12
H2D NAD B . 11.24 -1.68 -8.35
HO2N NAD B . 11.86 -1.92 -6.09
H1D NAD B . 10.10 0.23 -6.23
H2N NAD B . 9.93 -2.79 -7.82
H71N NAD B . 9.81 -4.56 -8.21
H72N NAD B . 9.13 -6.04 -8.72
H4N NAD B . 5.60 -2.99 -7.59
H5N NAD B . 5.68 -0.56 -6.87
H6N NAD B . 7.57 0.62 -6.79
N GLY A 1 -10.40 -21.15 24.35
CA GLY A 1 -10.61 -20.32 23.15
C GLY A 1 -9.45 -20.46 22.21
N SER A 2 -9.35 -19.54 21.23
CA SER A 2 -8.28 -19.51 20.22
C SER A 2 -8.36 -20.71 19.24
N HIS A 3 -9.46 -21.43 19.27
CA HIS A 3 -9.63 -22.60 18.45
C HIS A 3 -10.06 -22.20 17.05
N MET A 4 -11.21 -21.55 16.93
CA MET A 4 -11.68 -21.11 15.63
C MET A 4 -10.82 -19.97 15.11
N VAL A 5 -10.25 -19.20 16.03
CA VAL A 5 -9.39 -18.08 15.65
C VAL A 5 -8.16 -18.58 14.92
N LYS A 6 -7.69 -19.74 15.34
CA LYS A 6 -6.53 -20.35 14.73
C LYS A 6 -6.88 -20.79 13.33
N VAL A 7 -8.06 -21.39 13.19
CA VAL A 7 -8.60 -21.83 11.89
C VAL A 7 -8.82 -20.59 11.00
N SER A 8 -9.12 -19.48 11.64
CA SER A 8 -9.47 -18.25 10.94
C SER A 8 -8.21 -17.62 10.32
N LYS A 9 -7.14 -17.59 11.09
CA LYS A 9 -5.87 -17.05 10.61
C LYS A 9 -5.25 -18.04 9.63
N PHE A 10 -5.40 -19.30 9.94
CA PHE A 10 -4.86 -20.34 9.12
C PHE A 10 -5.62 -20.40 7.81
N LEU A 11 -6.88 -19.98 7.82
CA LEU A 11 -7.67 -19.93 6.62
C LEU A 11 -7.10 -18.91 5.68
N SER A 12 -6.80 -17.72 6.22
CA SER A 12 -6.16 -16.67 5.45
C SER A 12 -4.89 -17.20 4.80
N LEU A 13 -4.24 -18.12 5.46
CA LEU A 13 -3.08 -18.76 4.92
C LEU A 13 -3.44 -19.80 3.85
N VAL A 14 -4.29 -20.76 4.21
CA VAL A 14 -4.54 -21.93 3.37
C VAL A 14 -5.09 -21.65 2.00
N LEU A 15 -6.21 -20.95 1.87
CA LEU A 15 -6.77 -20.79 0.53
C LEU A 15 -5.99 -19.83 -0.35
N ARG A 16 -5.13 -19.04 0.25
CA ARG A 16 -4.43 -18.06 -0.53
C ARG A 16 -2.99 -18.45 -0.84
N HIS A 17 -2.27 -18.97 0.14
CA HIS A 17 -0.83 -19.19 -0.03
C HIS A 17 -0.44 -20.50 -0.67
N ASN A 18 -0.91 -21.61 -0.17
CA ASN A 18 -0.42 -22.91 -0.65
C ASN A 18 -1.44 -24.00 -0.37
N PRO A 19 -2.74 -23.78 -0.80
CA PRO A 19 -3.96 -24.57 -0.36
C PRO A 19 -3.79 -26.08 -0.24
N ALA A 20 -2.95 -26.63 -1.06
CA ALA A 20 -2.64 -28.02 -1.08
C ALA A 20 -2.08 -28.58 0.24
N LEU A 21 -1.80 -27.71 1.25
CA LEU A 21 -1.35 -28.08 2.48
C LEU A 21 -2.37 -28.94 3.15
N ILE A 22 -3.61 -28.49 3.16
CA ILE A 22 -4.64 -29.26 3.78
C ILE A 22 -5.21 -30.14 2.71
N GLY A 23 -4.83 -29.80 1.50
CA GLY A 23 -5.34 -30.42 0.33
C GLY A 23 -6.54 -29.66 -0.21
N LEU A 24 -6.50 -28.32 -0.08
CA LEU A 24 -7.53 -27.51 -0.56
C LEU A 24 -7.38 -27.27 -2.06
N ASP A 25 -8.49 -27.15 -2.71
CA ASP A 25 -8.57 -27.05 -4.17
C ASP A 25 -9.01 -25.66 -4.48
N LEU A 26 -8.32 -24.98 -5.36
CA LEU A 26 -8.64 -23.58 -5.63
C LEU A 26 -9.07 -23.30 -7.05
N ASP A 27 -10.04 -22.43 -7.16
CA ASP A 27 -10.62 -21.99 -8.42
C ASP A 27 -9.76 -20.82 -8.96
N ALA A 28 -10.16 -20.24 -10.06
CA ALA A 28 -9.38 -19.21 -10.73
C ALA A 28 -9.67 -17.85 -10.11
N ASN A 29 -10.91 -17.64 -9.71
CA ASN A 29 -11.32 -16.40 -9.12
C ASN A 29 -10.93 -16.39 -7.62
N GLY A 30 -10.56 -17.55 -7.10
CA GLY A 30 -10.15 -17.62 -5.73
C GLY A 30 -11.16 -18.26 -4.82
N TRP A 31 -11.93 -19.18 -5.36
CA TRP A 31 -12.94 -19.88 -4.58
C TRP A 31 -12.37 -21.20 -4.13
N ALA A 32 -12.65 -21.56 -2.93
CA ALA A 32 -12.27 -22.83 -2.41
C ALA A 32 -13.51 -23.53 -1.95
N PRO A 33 -13.65 -24.83 -2.19
CA PRO A 33 -14.79 -25.54 -1.75
C PRO A 33 -14.74 -25.70 -0.27
N VAL A 34 -15.66 -25.11 0.42
CA VAL A 34 -15.76 -25.21 1.84
C VAL A 34 -15.76 -26.61 2.36
N LYS A 35 -16.49 -27.52 1.71
CA LYS A 35 -16.49 -28.94 2.13
C LYS A 35 -15.06 -29.49 2.15
N GLU A 36 -14.27 -29.07 1.17
CA GLU A 36 -12.89 -29.47 1.11
C GLU A 36 -12.15 -28.82 2.25
N LEU A 37 -12.52 -27.61 2.52
CA LEU A 37 -11.78 -26.75 3.39
C LEU A 37 -11.86 -27.19 4.82
N LEU A 38 -13.03 -27.60 5.31
CA LEU A 38 -13.13 -27.88 6.67
C LEU A 38 -12.60 -29.28 6.86
N ALA A 39 -12.95 -30.18 5.91
CA ALA A 39 -12.57 -31.60 6.02
C ALA A 39 -11.07 -31.77 5.94
N LYS A 40 -10.49 -31.10 4.98
CA LYS A 40 -9.07 -31.18 4.75
C LYS A 40 -8.26 -30.51 5.86
N MET A 41 -8.73 -29.35 6.35
CA MET A 41 -7.98 -28.67 7.38
C MET A 41 -8.22 -29.33 8.72
N LYS A 42 -9.32 -30.06 8.81
CA LYS A 42 -9.63 -30.91 9.94
C LYS A 42 -8.51 -31.93 10.05
N ALA A 43 -8.22 -32.57 8.92
CA ALA A 43 -7.14 -33.54 8.83
C ALA A 43 -5.77 -32.89 9.07
N LYS A 44 -5.68 -31.59 8.77
CA LYS A 44 -4.47 -30.80 9.03
C LYS A 44 -4.36 -30.43 10.54
N GLY A 45 -5.38 -30.81 11.31
CA GLY A 45 -5.38 -30.61 12.73
C GLY A 45 -6.08 -29.33 13.15
N HIS A 46 -7.30 -29.13 12.70
CA HIS A 46 -8.05 -27.93 13.09
C HIS A 46 -9.43 -28.22 13.72
N GLY A 47 -10.02 -29.35 13.37
CA GLY A 47 -11.27 -29.80 14.00
C GLY A 47 -12.47 -28.89 13.86
N ILE A 48 -12.84 -28.51 12.67
CA ILE A 48 -14.04 -27.75 12.46
C ILE A 48 -14.98 -28.50 11.53
N SER A 49 -16.25 -28.28 11.71
CA SER A 49 -17.25 -28.79 10.83
C SER A 49 -17.71 -27.63 9.91
N MET A 50 -18.67 -27.88 9.00
CA MET A 50 -19.06 -26.91 7.95
C MET A 50 -19.47 -25.56 8.55
N GLU A 51 -20.35 -25.61 9.53
CA GLU A 51 -20.89 -24.41 10.14
C GLU A 51 -19.86 -23.75 11.06
N GLU A 52 -18.86 -24.52 11.48
CA GLU A 52 -17.77 -23.98 12.26
C GLU A 52 -16.97 -23.08 11.37
N LEU A 53 -16.57 -23.61 10.20
CA LEU A 53 -15.86 -22.82 9.22
C LEU A 53 -16.73 -21.64 8.79
N LYS A 54 -18.03 -21.87 8.71
CA LYS A 54 -18.99 -20.81 8.43
C LYS A 54 -18.75 -19.64 9.36
N HIS A 55 -18.47 -19.93 10.62
CA HIS A 55 -18.26 -18.84 11.54
C HIS A 55 -16.88 -18.18 11.31
N ILE A 56 -15.90 -18.95 10.83
CA ILE A 56 -14.64 -18.36 10.40
C ILE A 56 -14.89 -17.37 9.24
N VAL A 57 -15.62 -17.79 8.26
CA VAL A 57 -15.91 -16.92 7.18
C VAL A 57 -16.81 -15.75 7.67
N GLU A 58 -17.54 -15.94 8.77
CA GLU A 58 -18.29 -14.85 9.39
C GLU A 58 -17.35 -13.94 10.19
N THR A 59 -16.12 -14.39 10.39
CA THR A 59 -15.12 -13.53 11.00
C THR A 59 -14.33 -12.86 9.90
N ASN A 60 -14.87 -12.99 8.66
CA ASN A 60 -14.45 -12.19 7.48
C ASN A 60 -14.40 -10.68 7.77
N SER A 61 -14.97 -10.25 8.91
CA SER A 61 -15.18 -8.87 9.35
C SER A 61 -13.95 -7.91 9.14
N LYS A 62 -12.75 -8.46 9.04
CA LYS A 62 -11.54 -7.67 8.76
C LYS A 62 -11.35 -7.51 7.24
N LYS A 63 -12.43 -7.76 6.50
CA LYS A 63 -12.52 -7.71 5.04
C LYS A 63 -11.61 -8.74 4.40
N ARG A 64 -11.79 -9.97 4.83
CA ARG A 64 -10.96 -11.06 4.37
C ARG A 64 -11.73 -12.07 3.52
N PHE A 65 -12.83 -12.55 4.04
CA PHE A 65 -13.53 -13.69 3.45
C PHE A 65 -14.92 -13.33 2.94
N ALA A 66 -15.54 -14.29 2.30
CA ALA A 66 -16.85 -14.19 1.75
C ALA A 66 -17.31 -15.60 1.49
N PHE A 67 -18.57 -15.80 1.29
CA PHE A 67 -19.10 -17.15 1.29
C PHE A 67 -20.22 -17.23 0.27
N SER A 68 -20.49 -18.41 -0.22
CA SER A 68 -21.52 -18.63 -1.18
C SER A 68 -22.90 -18.88 -0.50
N GLU A 69 -23.91 -19.21 -1.29
CA GLU A 69 -25.29 -19.34 -0.81
C GLU A 69 -25.51 -20.58 0.08
N ASN A 70 -25.04 -21.75 -0.34
CA ASN A 70 -25.22 -22.98 0.47
C ASN A 70 -24.15 -22.97 1.53
N PHE A 71 -23.23 -22.01 1.38
CA PHE A 71 -22.06 -21.85 2.21
C PHE A 71 -21.06 -22.94 1.81
N GLU A 72 -21.12 -23.34 0.54
CA GLU A 72 -20.33 -24.43 0.06
C GLU A 72 -18.98 -24.00 -0.47
N LYS A 73 -18.80 -22.73 -0.71
CA LYS A 73 -17.55 -22.25 -1.23
C LYS A 73 -17.21 -20.96 -0.56
N ILE A 74 -15.99 -20.86 -0.20
CA ILE A 74 -15.50 -19.65 0.36
C ILE A 74 -14.62 -18.97 -0.66
N ARG A 75 -14.48 -17.71 -0.53
CA ARG A 75 -13.59 -16.96 -1.32
C ARG A 75 -13.09 -15.83 -0.47
N ALA A 76 -11.81 -15.65 -0.43
CA ALA A 76 -11.27 -14.52 0.21
C ALA A 76 -11.49 -13.38 -0.78
N ASN A 77 -12.39 -12.50 -0.44
CA ASN A 77 -12.87 -11.52 -1.41
C ASN A 77 -11.84 -10.53 -1.86
N GLN A 78 -11.77 -10.36 -3.16
CA GLN A 78 -10.82 -9.46 -3.78
C GLN A 78 -11.28 -8.02 -3.64
N GLY A 79 -11.08 -7.47 -2.49
CA GLY A 79 -11.47 -6.11 -2.25
C GLY A 79 -10.27 -5.23 -2.07
N HIS A 80 -9.17 -5.65 -2.65
CA HIS A 80 -7.95 -4.89 -2.52
C HIS A 80 -7.18 -4.90 -3.84
N SER A 81 -6.56 -6.02 -4.12
CA SER A 81 -5.57 -6.16 -5.19
C SER A 81 -6.17 -6.37 -6.56
N VAL A 82 -7.08 -5.56 -6.87
CA VAL A 82 -7.68 -5.48 -8.15
C VAL A 82 -7.42 -4.06 -8.65
N GLU A 83 -8.13 -3.14 -8.02
CA GLU A 83 -7.97 -1.70 -8.18
C GLU A 83 -8.93 -0.97 -7.20
N VAL A 84 -9.33 -1.70 -6.15
CA VAL A 84 -10.16 -1.18 -5.13
C VAL A 84 -9.31 -0.32 -4.24
N ASP A 85 -8.28 -0.93 -3.86
CA ASP A 85 -7.26 -0.39 -3.03
C ASP A 85 -6.07 -1.22 -3.37
N LEU A 86 -5.48 -0.87 -4.43
CA LEU A 86 -4.42 -1.60 -5.02
C LEU A 86 -3.05 -1.06 -4.63
N GLY A 87 -3.05 -0.20 -3.65
CA GLY A 87 -1.81 0.39 -3.18
C GLY A 87 -2.02 1.60 -2.31
N TYR A 88 -3.17 1.72 -1.69
CA TYR A 88 -3.46 2.87 -0.85
C TYR A 88 -3.65 2.35 0.56
N GLU A 89 -2.91 1.28 0.86
CA GLU A 89 -2.98 0.47 2.09
C GLU A 89 -2.90 1.31 3.38
N LYS A 90 -2.34 2.51 3.28
CA LYS A 90 -2.16 3.43 4.40
C LYS A 90 -1.26 2.81 5.44
N GLN A 91 0.01 2.94 5.23
CA GLN A 91 0.99 2.38 6.15
C GLN A 91 2.02 3.43 6.45
N VAL A 92 3.00 3.09 7.29
CA VAL A 92 4.06 4.03 7.70
C VAL A 92 4.72 4.76 6.50
N PRO A 93 4.38 6.04 6.34
CA PRO A 93 4.81 6.82 5.21
C PRO A 93 6.21 7.43 5.38
N PRO A 94 7.06 7.27 4.39
CA PRO A 94 8.34 7.94 4.36
C PRO A 94 8.15 9.37 3.86
N ALA A 95 8.83 10.31 4.44
CA ALA A 95 8.73 11.67 3.98
C ALA A 95 9.68 11.84 2.82
N VAL A 96 10.84 11.27 2.98
CA VAL A 96 11.85 11.24 1.95
C VAL A 96 11.85 9.86 1.32
N LEU A 97 11.68 9.81 0.04
CA LEU A 97 11.63 8.51 -0.62
C LEU A 97 12.52 8.38 -1.82
N PHE A 98 13.35 7.35 -1.79
CA PHE A 98 14.32 7.04 -2.82
C PHE A 98 13.67 6.31 -3.97
N HIS A 99 14.30 6.31 -5.11
CA HIS A 99 13.83 5.61 -6.29
C HIS A 99 14.96 5.48 -7.27
N GLY A 100 14.99 4.40 -7.97
CA GLY A 100 16.00 4.23 -8.96
C GLY A 100 15.42 4.44 -10.31
N THR A 101 16.14 5.13 -11.14
CA THR A 101 15.72 5.35 -12.48
C THR A 101 16.98 5.35 -13.34
N ALA A 102 16.87 5.69 -14.60
CA ALA A 102 17.98 5.55 -15.51
C ALA A 102 18.28 6.88 -16.16
N GLU A 103 19.46 7.02 -16.76
CA GLU A 103 19.95 8.33 -17.20
C GLU A 103 19.28 9.01 -18.42
N LYS A 104 18.84 8.28 -19.42
CA LYS A 104 18.20 8.98 -20.55
C LYS A 104 16.80 9.39 -20.15
N ASN A 105 16.17 8.52 -19.41
CA ASN A 105 14.88 8.83 -18.92
C ASN A 105 15.03 9.63 -17.64
N PHE A 106 16.29 9.92 -17.26
CA PHE A 106 16.61 10.82 -16.15
C PHE A 106 16.39 12.21 -16.62
N ASP A 107 16.89 12.48 -17.81
CA ASP A 107 16.69 13.78 -18.42
C ASP A 107 15.21 14.02 -18.52
N LEU A 108 14.51 12.99 -18.99
CA LEU A 108 13.05 13.04 -19.07
C LEU A 108 12.39 13.18 -17.67
N ILE A 109 12.88 12.45 -16.68
CA ILE A 109 12.26 12.37 -15.33
C ILE A 109 12.52 13.61 -14.50
N LEU A 110 13.61 14.27 -14.71
CA LEU A 110 13.88 15.44 -13.95
C LEU A 110 13.22 16.64 -14.60
N LYS A 111 12.99 16.49 -15.87
CA LYS A 111 12.29 17.47 -16.67
C LYS A 111 10.77 17.36 -16.49
N ASP A 112 10.29 16.15 -16.32
CA ASP A 112 8.85 15.91 -16.29
C ASP A 112 8.29 15.46 -14.92
N GLY A 113 9.01 14.64 -14.18
CA GLY A 113 8.52 14.16 -12.87
C GLY A 113 7.85 12.81 -12.98
N ILE A 114 7.84 12.02 -11.89
CA ILE A 114 7.26 10.71 -11.98
C ILE A 114 5.75 10.86 -11.91
N LYS A 115 5.12 10.35 -12.90
CA LYS A 115 3.68 10.42 -13.01
C LYS A 115 3.16 9.08 -13.44
N LYS A 116 1.89 9.00 -13.79
CA LYS A 116 1.26 7.74 -14.11
C LYS A 116 1.71 7.16 -15.48
N MET A 117 2.99 6.85 -15.56
CA MET A 117 3.55 6.07 -16.64
C MET A 117 3.32 4.64 -16.23
N SER A 118 3.37 4.47 -14.94
CA SER A 118 3.03 3.26 -14.30
C SER A 118 1.59 3.41 -13.82
N ARG A 119 0.74 2.47 -14.19
CA ARG A 119 -0.70 2.55 -13.90
C ARG A 119 -0.98 2.48 -12.39
N HIS A 120 -0.07 1.88 -11.69
CA HIS A 120 -0.22 1.58 -10.27
C HIS A 120 0.23 2.79 -9.40
N HIS A 121 -0.05 4.02 -9.87
CA HIS A 121 0.36 5.28 -9.21
C HIS A 121 1.86 5.42 -9.17
N VAL A 122 2.40 6.39 -8.45
CA VAL A 122 3.81 6.55 -8.52
C VAL A 122 4.51 5.86 -7.42
N HIS A 123 5.33 4.93 -7.80
CA HIS A 123 5.99 4.11 -6.86
C HIS A 123 7.48 4.27 -6.89
N LEU A 124 7.99 4.63 -5.76
CA LEU A 124 9.37 4.85 -5.54
C LEU A 124 9.96 3.63 -4.85
N SER A 125 11.23 3.61 -4.73
CA SER A 125 11.92 2.44 -4.32
C SER A 125 12.40 2.54 -2.89
N GLN A 126 11.68 1.83 -2.07
CA GLN A 126 11.91 1.66 -0.65
C GLN A 126 13.35 1.31 -0.30
N ASP A 127 13.91 0.36 -1.01
CA ASP A 127 15.26 -0.08 -0.79
C ASP A 127 16.14 0.59 -1.79
N ILE A 128 17.20 1.24 -1.32
CA ILE A 128 18.14 1.92 -2.22
C ILE A 128 18.83 0.90 -3.16
N THR A 129 19.10 -0.25 -2.61
CA THR A 129 19.68 -1.37 -3.32
C THR A 129 18.77 -1.80 -4.49
N THR A 130 17.52 -2.06 -4.17
CA THR A 130 16.54 -2.45 -5.16
C THR A 130 16.27 -1.29 -6.15
N ALA A 131 16.38 -0.07 -5.66
CA ALA A 131 16.21 1.14 -6.47
C ALA A 131 17.23 1.16 -7.59
N ARG A 132 18.45 0.97 -7.21
CA ARG A 132 19.55 1.00 -8.16
C ARG A 132 19.46 -0.18 -9.13
N LYS A 133 18.88 -1.26 -8.68
CA LYS A 133 18.65 -2.43 -9.52
C LYS A 133 17.69 -2.10 -10.68
N VAL A 134 16.60 -1.40 -10.37
CA VAL A 134 15.66 -0.99 -11.42
C VAL A 134 16.22 0.18 -12.28
N GLY A 135 17.15 0.91 -11.72
CA GLY A 135 17.85 1.92 -12.49
C GLY A 135 18.66 1.24 -13.59
N MET A 136 19.33 0.15 -13.22
CA MET A 136 20.10 -0.70 -14.14
C MET A 136 19.20 -1.34 -15.20
N ARG A 137 17.90 -1.41 -14.91
CA ARG A 137 16.93 -2.04 -15.81
C ARG A 137 16.81 -1.26 -17.12
N HIS A 138 16.97 0.06 -17.05
CA HIS A 138 16.93 0.86 -18.28
C HIS A 138 18.32 1.28 -18.72
N GLY A 139 19.23 1.37 -17.77
CA GLY A 139 20.59 1.68 -18.10
C GLY A 139 21.39 2.07 -16.89
N LYS A 140 21.73 3.33 -16.80
CA LYS A 140 22.49 3.86 -15.69
C LYS A 140 21.59 4.24 -14.54
N PRO A 141 21.79 3.64 -13.37
CA PRO A 141 20.96 3.92 -12.22
C PRO A 141 21.28 5.26 -11.55
N VAL A 142 20.34 6.14 -11.63
CA VAL A 142 20.41 7.40 -10.95
C VAL A 142 19.34 7.38 -9.85
N VAL A 143 19.74 7.63 -8.64
CA VAL A 143 18.85 7.60 -7.54
C VAL A 143 18.14 8.94 -7.43
N LEU A 144 16.84 8.89 -7.34
CA LEU A 144 16.02 10.05 -7.18
C LEU A 144 15.26 9.93 -5.91
N SER A 145 15.68 10.64 -4.93
CA SER A 145 15.10 10.62 -3.63
C SER A 145 14.32 11.90 -3.42
N VAL A 146 13.03 11.83 -3.31
CA VAL A 146 12.23 13.04 -3.13
C VAL A 146 12.44 13.63 -1.76
N ASP A 147 12.56 14.94 -1.76
CA ASP A 147 12.84 15.76 -0.59
C ASP A 147 11.67 15.79 0.36
N ALA A 148 11.88 15.17 1.53
CA ALA A 148 10.89 15.06 2.59
C ALA A 148 10.17 16.35 2.85
N LYS A 149 10.95 17.37 3.04
CA LYS A 149 10.48 18.71 3.37
C LYS A 149 9.47 19.21 2.36
N GLY A 150 9.81 19.07 1.08
CA GLY A 150 8.97 19.56 0.03
C GLY A 150 7.74 18.71 -0.15
N MET A 151 7.88 17.45 0.19
CA MET A 151 6.79 16.50 0.04
C MET A 151 5.79 16.63 1.15
N ALA A 152 6.30 16.71 2.36
CA ALA A 152 5.48 16.93 3.54
C ALA A 152 4.73 18.25 3.40
N ASP A 153 5.42 19.27 2.91
CA ASP A 153 4.81 20.60 2.68
C ASP A 153 3.84 20.58 1.51
N GLY A 154 4.10 19.72 0.55
CA GLY A 154 3.21 19.59 -0.59
C GLY A 154 1.92 18.90 -0.21
N GLY A 155 1.94 18.17 0.88
CA GLY A 155 0.75 17.50 1.36
C GLY A 155 0.50 16.24 0.59
N PHE A 156 1.56 15.66 0.07
CA PHE A 156 1.45 14.44 -0.69
C PHE A 156 1.32 13.25 0.22
N ASP A 157 0.58 12.28 -0.20
CA ASP A 157 0.44 11.05 0.55
C ASP A 157 1.43 10.06 0.08
N PHE A 158 2.01 9.36 1.01
CA PHE A 158 3.01 8.40 0.70
C PHE A 158 2.51 7.10 1.24
N TYR A 159 2.76 6.03 0.57
CA TYR A 159 2.22 4.77 0.98
C TYR A 159 3.31 3.73 0.94
N LEU A 160 2.99 2.63 1.53
CA LEU A 160 3.81 1.45 1.54
C LEU A 160 2.82 0.39 1.10
N SER A 161 3.04 -0.22 -0.04
CA SER A 161 2.07 -1.17 -0.51
C SER A 161 2.39 -2.58 -0.02
N ASN A 162 1.64 -3.54 -0.52
CA ASN A 162 1.68 -4.94 -0.10
C ASN A 162 3.07 -5.60 -0.26
N ASN A 163 3.84 -5.16 -1.24
CA ASN A 163 5.18 -5.72 -1.49
C ASN A 163 6.22 -5.00 -0.62
N GLY A 164 5.75 -4.06 0.20
CA GLY A 164 6.64 -3.26 1.05
C GLY A 164 7.35 -2.22 0.28
N VAL A 165 6.71 -1.78 -0.76
CA VAL A 165 7.25 -0.80 -1.69
C VAL A 165 6.74 0.58 -1.37
N TRP A 166 7.43 1.61 -1.85
CA TRP A 166 7.07 2.96 -1.52
C TRP A 166 6.26 3.59 -2.62
N LEU A 167 5.21 4.29 -2.26
CA LEU A 167 4.36 4.95 -3.22
C LEU A 167 4.10 6.36 -2.81
N ILE A 168 3.68 7.14 -3.76
CA ILE A 168 3.30 8.49 -3.56
C ILE A 168 2.17 8.80 -4.53
N ASP A 169 1.32 9.72 -4.11
CA ASP A 169 0.20 10.18 -4.88
C ASP A 169 0.67 10.81 -6.19
N PHE A 170 1.71 11.64 -6.09
CA PHE A 170 2.25 12.31 -7.26
C PHE A 170 3.62 12.90 -6.95
N VAL A 171 4.59 12.66 -7.81
CA VAL A 171 5.91 13.23 -7.63
C VAL A 171 6.31 14.22 -8.71
N PRO A 172 6.21 15.51 -8.42
CA PRO A 172 6.78 16.53 -9.28
C PRO A 172 8.30 16.48 -9.13
N ALA A 173 9.02 16.60 -10.24
CA ALA A 173 10.46 16.40 -10.26
C ALA A 173 11.19 17.47 -9.52
N GLU A 174 10.55 18.56 -9.30
CA GLU A 174 11.14 19.65 -8.59
C GLU A 174 11.28 19.28 -7.10
N PHE A 175 10.50 18.31 -6.65
CA PHE A 175 10.61 17.83 -5.31
C PHE A 175 11.47 16.57 -5.30
N ILE A 176 11.69 16.00 -6.48
CA ILE A 176 12.59 14.91 -6.66
C ILE A 176 13.99 15.40 -6.43
N LYS A 177 14.76 14.65 -5.69
CA LYS A 177 16.06 15.02 -5.47
C LYS A 177 17.01 14.04 -5.99
N VAL A 178 17.65 14.47 -6.96
CA VAL A 178 18.73 13.74 -7.55
C VAL A 178 19.91 13.84 -6.61
PA NAD B . 9.55 0.35 -14.70
O1A NAD B . 8.84 0.14 -15.98
O2A NAD B . 11.05 0.28 -14.70
O5B NAD B . 9.12 1.81 -14.11
C5B NAD B . 9.05 2.96 -14.96
C4B NAD B . 10.45 3.40 -15.41
O4B NAD B . 10.35 4.64 -16.15
C3B NAD B . 11.34 3.74 -14.26
O3B NAD B . 12.76 3.82 -14.65
C2B NAD B . 10.84 5.08 -13.89
O2B NAD B . 11.78 5.71 -13.01
C1B NAD B . 10.77 5.71 -15.24
N9A NAD B . 9.79 6.85 -15.30
C8A NAD B . 8.56 6.97 -14.67
N7A NAD B . 7.99 8.17 -15.02
C5A NAD B . 8.87 8.70 -15.81
C6A NAD B . 8.67 9.95 -16.40
N6A NAD B . 7.57 10.65 -16.19
N1A NAD B . 9.66 10.42 -17.22
C2A NAD B . 10.76 9.63 -17.39
N3A NAD B . 10.95 8.42 -16.82
C4A NAD B . 9.97 7.95 -16.00
O3 NAD B . 8.97 -0.66 -13.61
PN NAD B . 9.15 -0.87 -12.05
O1N NAD B . 9.38 0.46 -11.40
O2N NAD B . 8.02 -1.72 -11.55
O5D NAD B . 10.51 -1.73 -11.95
C5D NAD B . 10.81 -2.54 -10.78
C4D NAD B . 10.91 -1.67 -9.52
O4D NAD B . 9.60 -1.15 -9.13
C3D NAD B . 11.40 -2.47 -8.36
O3D NAD B . 12.83 -2.58 -8.32
C2D NAD B . 10.93 -1.65 -7.21
O2D NAD B . 11.85 -0.56 -7.00
C1D NAD B . 9.55 -1.14 -7.68
N1N NAD B . 8.37 -1.97 -7.21
C2N NAD B . 8.34 -3.33 -7.42
C3N NAD B . 7.14 -4.07 -7.18
C7N NAD B . 7.07 -5.62 -7.41
O7N NAD B . 6.04 -6.24 -7.19
N7N NAD B . 8.17 -6.19 -7.85
C4N NAD B . 6.02 -3.39 -6.70
C5N NAD B . 6.09 -2.03 -6.48
C6N NAD B . 7.23 -1.34 -6.72
H51A NAD B . 8.57 3.77 -14.40
H52A NAD B . 8.44 2.72 -15.82
H4B NAD B . 10.84 2.61 -16.05
H3B NAD B . 11.24 2.98 -13.48
HO3A NAD B . 12.90 4.03 -15.62
H2B NAD B . 9.86 4.94 -13.44
HO2A NAD B . 12.67 5.65 -13.48
H1B NAD B . 11.77 6.08 -15.48
H8A NAD B . 8.10 6.25 -14.00
H61A NAD B . 7.43 11.54 -16.62
H62A NAD B . 6.87 10.26 -15.59
H2A NAD B . 11.57 9.99 -18.02
H51N NAD B . 11.77 -3.02 -10.96
H52N NAD B . 10.09 -3.33 -10.64
H4D NAD B . 11.64 -0.89 -9.74
H3D NAD B . 10.98 -3.47 -8.29
HO3N NAD B . 13.10 -3.41 -8.80
H2D NAD B . 10.86 -2.18 -6.26
HO2N NAD B . 12.74 -1.02 -7.07
H1D NAD B . 9.37 -0.16 -7.25
H2N NAD B . 9.25 -3.78 -7.79
H71N NAD B . 9.01 -5.69 -8.01
H72N NAD B . 8.15 -7.18 -8.05
H4N NAD B . 5.07 -3.89 -6.44
H5N NAD B . 5.27 -1.43 -6.09
H6N NAD B . 7.12 -0.30 -6.46
N GLY A 1 5.88 -8.45 20.48
CA GLY A 1 5.74 -9.79 19.92
C GLY A 1 4.72 -9.82 18.83
N SER A 2 5.16 -9.75 17.60
CA SER A 2 4.26 -9.75 16.49
C SER A 2 3.62 -11.13 16.32
N HIS A 3 2.37 -11.24 16.72
CA HIS A 3 1.66 -12.48 16.58
C HIS A 3 0.42 -12.28 15.73
N MET A 4 -0.53 -11.52 16.25
CA MET A 4 -1.80 -11.29 15.60
C MET A 4 -1.58 -10.46 14.35
N VAL A 5 -0.81 -9.40 14.52
CA VAL A 5 -0.48 -8.50 13.43
C VAL A 5 0.40 -9.17 12.39
N LYS A 6 1.08 -10.20 12.81
CA LYS A 6 2.00 -10.90 11.95
C LYS A 6 1.29 -11.86 11.05
N VAL A 7 0.50 -12.73 11.63
CA VAL A 7 -0.21 -13.73 10.87
C VAL A 7 -1.22 -13.06 9.97
N SER A 8 -1.68 -11.89 10.33
CA SER A 8 -2.69 -11.21 9.53
C SER A 8 -2.06 -10.55 8.30
N LYS A 9 -0.96 -9.84 8.51
CA LYS A 9 -0.23 -9.20 7.42
C LYS A 9 0.37 -10.27 6.51
N PHE A 10 0.91 -11.29 7.14
CA PHE A 10 1.55 -12.36 6.44
C PHE A 10 0.49 -13.21 5.73
N LEU A 11 -0.74 -13.25 6.23
CA LEU A 11 -1.82 -13.95 5.54
C LEU A 11 -2.15 -13.23 4.27
N SER A 12 -2.22 -11.92 4.37
CA SER A 12 -2.43 -11.03 3.26
C SER A 12 -1.29 -11.15 2.24
N LEU A 13 -0.16 -11.68 2.67
CA LEU A 13 0.91 -11.97 1.78
C LEU A 13 0.73 -13.39 1.21
N VAL A 14 0.50 -14.37 2.07
CA VAL A 14 0.52 -15.76 1.66
C VAL A 14 -0.55 -16.19 0.67
N LEU A 15 -1.82 -16.03 0.98
CA LEU A 15 -2.85 -16.53 0.06
C LEU A 15 -3.17 -15.52 -1.02
N ARG A 16 -2.45 -14.43 -1.00
CA ARG A 16 -2.67 -13.35 -1.92
C ARG A 16 -1.50 -13.20 -2.92
N HIS A 17 -0.27 -13.50 -2.51
CA HIS A 17 0.90 -13.22 -3.37
C HIS A 17 1.51 -14.46 -3.99
N ASN A 18 1.83 -15.46 -3.16
CA ASN A 18 2.71 -16.54 -3.62
C ASN A 18 2.63 -17.75 -2.67
N PRO A 19 1.39 -18.30 -2.43
CA PRO A 19 1.03 -19.23 -1.31
C PRO A 19 2.05 -20.35 -0.99
N ALA A 20 2.77 -20.78 -1.98
CA ALA A 20 3.76 -21.80 -1.88
C ALA A 20 4.89 -21.52 -0.85
N LEU A 21 4.95 -20.30 -0.29
CA LEU A 21 5.87 -19.91 0.63
C LEU A 21 5.73 -20.72 1.88
N ILE A 22 4.50 -20.88 2.35
CA ILE A 22 4.30 -21.65 3.53
C ILE A 22 3.93 -23.05 3.07
N GLY A 23 3.64 -23.12 1.80
CA GLY A 23 3.15 -24.32 1.19
C GLY A 23 1.65 -24.34 1.18
N LEU A 24 1.03 -23.17 1.03
CA LEU A 24 -0.35 -23.05 0.98
C LEU A 24 -0.88 -23.36 -0.41
N ASP A 25 -2.05 -23.91 -0.44
CA ASP A 25 -2.67 -24.41 -1.64
C ASP A 25 -3.84 -23.54 -1.97
N LEU A 26 -3.91 -23.04 -3.15
CA LEU A 26 -5.02 -22.18 -3.51
C LEU A 26 -5.84 -22.81 -4.60
N ASP A 27 -7.14 -22.70 -4.46
CA ASP A 27 -8.09 -23.24 -5.42
C ASP A 27 -8.39 -22.18 -6.46
N ALA A 28 -9.13 -22.55 -7.50
CA ALA A 28 -9.50 -21.63 -8.56
C ALA A 28 -10.59 -20.70 -8.07
N ASN A 29 -11.42 -21.21 -7.17
CA ASN A 29 -12.49 -20.46 -6.56
C ASN A 29 -11.92 -19.47 -5.52
N GLY A 30 -10.61 -19.54 -5.31
CA GLY A 30 -9.95 -18.58 -4.44
C GLY A 30 -9.96 -18.94 -2.99
N TRP A 31 -10.05 -20.19 -2.69
CA TRP A 31 -10.00 -20.62 -1.31
C TRP A 31 -8.69 -21.31 -1.04
N ALA A 32 -8.26 -21.18 0.17
CA ALA A 32 -7.10 -21.85 0.65
C ALA A 32 -7.52 -22.66 1.83
N PRO A 33 -7.00 -23.87 2.03
CA PRO A 33 -7.38 -24.64 3.15
C PRO A 33 -6.75 -24.06 4.38
N VAL A 34 -7.57 -23.61 5.27
CA VAL A 34 -7.12 -23.10 6.53
C VAL A 34 -6.28 -24.10 7.24
N LYS A 35 -6.69 -25.34 7.12
CA LYS A 35 -5.98 -26.50 7.67
C LYS A 35 -4.49 -26.44 7.23
N GLU A 36 -4.30 -26.18 5.93
CA GLU A 36 -2.98 -26.03 5.32
C GLU A 36 -2.36 -24.77 5.89
N LEU A 37 -3.17 -23.75 5.97
CA LEU A 37 -2.74 -22.41 6.22
C LEU A 37 -2.20 -22.21 7.59
N LEU A 38 -2.81 -22.79 8.59
CA LEU A 38 -2.39 -22.51 9.89
C LEU A 38 -1.23 -23.42 10.16
N ALA A 39 -1.28 -24.66 9.59
CA ALA A 39 -0.18 -25.61 9.79
C ALA A 39 1.11 -25.10 9.17
N LYS A 40 0.99 -24.70 7.95
CA LYS A 40 2.12 -24.23 7.17
C LYS A 40 2.62 -22.87 7.67
N MET A 41 1.70 -21.97 7.99
CA MET A 41 2.04 -20.66 8.53
C MET A 41 2.52 -20.78 10.00
N LYS A 42 2.16 -21.87 10.64
CA LYS A 42 2.68 -22.21 11.95
C LYS A 42 4.18 -22.32 11.83
N ALA A 43 4.60 -23.02 10.81
CA ALA A 43 6.00 -23.19 10.53
C ALA A 43 6.66 -21.94 9.94
N LYS A 44 6.01 -21.30 8.98
CA LYS A 44 6.64 -20.17 8.25
C LYS A 44 6.40 -18.80 8.91
N GLY A 45 5.47 -18.70 9.81
CA GLY A 45 5.13 -17.42 10.34
C GLY A 45 5.28 -17.32 11.84
N HIS A 46 4.21 -17.54 12.56
CA HIS A 46 4.25 -17.34 14.01
C HIS A 46 4.11 -18.64 14.80
N GLY A 47 3.42 -19.61 14.29
CA GLY A 47 3.20 -20.79 15.10
C GLY A 47 1.87 -20.78 15.76
N ILE A 48 0.85 -20.67 14.96
CA ILE A 48 -0.50 -20.61 15.44
C ILE A 48 -1.21 -21.95 15.21
N SER A 49 -2.34 -22.13 15.86
CA SER A 49 -3.19 -23.26 15.61
C SER A 49 -4.47 -22.76 14.93
N MET A 50 -5.43 -23.68 14.69
CA MET A 50 -6.63 -23.35 13.90
C MET A 50 -7.36 -22.11 14.39
N GLU A 51 -7.71 -22.09 15.66
CA GLU A 51 -8.46 -21.00 16.20
C GLU A 51 -7.69 -19.68 16.27
N GLU A 52 -6.37 -19.75 16.23
CA GLU A 52 -5.55 -18.56 16.18
C GLU A 52 -5.83 -17.87 14.87
N LEU A 53 -5.70 -18.63 13.78
CA LEU A 53 -5.94 -18.09 12.48
C LEU A 53 -7.43 -17.68 12.36
N LYS A 54 -8.28 -18.42 13.03
CA LYS A 54 -9.71 -18.12 13.11
C LYS A 54 -9.92 -16.70 13.64
N HIS A 55 -9.01 -16.26 14.49
CA HIS A 55 -9.06 -14.90 15.01
C HIS A 55 -8.66 -13.91 13.92
N ILE A 56 -7.62 -14.26 13.16
CA ILE A 56 -7.19 -13.45 12.02
C ILE A 56 -8.36 -13.28 11.01
N VAL A 57 -8.93 -14.37 10.64
CA VAL A 57 -10.00 -14.32 9.73
C VAL A 57 -11.24 -13.65 10.37
N GLU A 58 -11.32 -13.67 11.69
CA GLU A 58 -12.42 -12.99 12.39
C GLU A 58 -12.23 -11.47 12.28
N THR A 59 -10.99 -11.06 12.03
CA THR A 59 -10.71 -9.66 11.80
C THR A 59 -10.85 -9.31 10.31
N ASN A 60 -11.39 -10.29 9.54
CA ASN A 60 -11.91 -10.10 8.12
C ASN A 60 -12.77 -8.84 7.93
N SER A 61 -13.20 -8.22 9.02
CA SER A 61 -14.14 -7.09 9.09
C SER A 61 -13.88 -5.98 8.04
N LYS A 62 -12.66 -5.89 7.54
CA LYS A 62 -12.27 -4.91 6.52
C LYS A 62 -12.66 -5.39 5.10
N LYS A 63 -13.43 -6.51 5.04
CA LYS A 63 -13.86 -7.16 3.78
C LYS A 63 -12.67 -7.76 3.07
N ARG A 64 -11.77 -8.31 3.85
CA ARG A 64 -10.52 -8.82 3.33
C ARG A 64 -10.23 -10.28 3.64
N PHE A 65 -11.16 -10.95 4.31
CA PHE A 65 -11.02 -12.39 4.62
C PHE A 65 -12.41 -13.00 4.72
N ALA A 66 -12.48 -14.33 4.81
CA ALA A 66 -13.70 -15.09 4.97
C ALA A 66 -13.34 -16.49 5.28
N PHE A 67 -14.21 -17.19 5.92
CA PHE A 67 -13.92 -18.52 6.41
C PHE A 67 -15.14 -19.39 6.11
N SER A 68 -14.91 -20.66 5.80
CA SER A 68 -15.98 -21.57 5.47
C SER A 68 -16.72 -22.12 6.72
N GLU A 69 -17.63 -23.09 6.52
CA GLU A 69 -18.47 -23.65 7.58
C GLU A 69 -17.66 -24.33 8.70
N ASN A 70 -16.79 -25.27 8.33
CA ASN A 70 -15.93 -25.95 9.33
C ASN A 70 -14.79 -25.04 9.69
N PHE A 71 -14.68 -23.94 8.91
CA PHE A 71 -13.60 -22.98 9.01
C PHE A 71 -12.35 -23.63 8.43
N GLU A 72 -12.58 -24.50 7.46
CA GLU A 72 -11.55 -25.32 6.85
C GLU A 72 -10.89 -24.62 5.67
N LYS A 73 -11.50 -23.57 5.16
CA LYS A 73 -10.99 -22.85 4.05
C LYS A 73 -11.22 -21.37 4.25
N ILE A 74 -10.21 -20.60 3.96
CA ILE A 74 -10.28 -19.16 4.02
C ILE A 74 -10.13 -18.57 2.61
N ARG A 75 -10.66 -17.41 2.43
CA ARG A 75 -10.50 -16.63 1.24
C ARG A 75 -10.09 -15.26 1.68
N ALA A 76 -9.11 -14.71 1.03
CA ALA A 76 -8.70 -13.37 1.28
C ALA A 76 -9.50 -12.52 0.31
N ASN A 77 -10.40 -11.76 0.84
CA ASN A 77 -11.30 -10.94 0.04
C ASN A 77 -10.71 -9.61 -0.31
N GLN A 78 -11.19 -9.08 -1.40
CA GLN A 78 -10.85 -7.76 -1.87
C GLN A 78 -12.15 -6.95 -1.93
N GLY A 79 -13.02 -7.22 -0.97
CA GLY A 79 -14.35 -6.63 -0.95
C GLY A 79 -14.30 -5.12 -0.82
N HIS A 80 -14.92 -4.44 -1.79
CA HIS A 80 -14.97 -2.97 -1.86
C HIS A 80 -13.56 -2.38 -2.06
N SER A 81 -12.61 -3.24 -2.30
CA SER A 81 -11.26 -2.86 -2.41
C SER A 81 -10.76 -3.12 -3.82
N VAL A 82 -11.07 -2.19 -4.70
CA VAL A 82 -10.63 -2.28 -6.05
C VAL A 82 -9.21 -1.78 -6.12
N GLU A 83 -9.05 -0.50 -5.98
CA GLU A 83 -7.74 0.08 -5.92
C GLU A 83 -7.68 1.25 -4.94
N VAL A 84 -8.70 1.33 -4.08
CA VAL A 84 -8.67 2.24 -2.94
C VAL A 84 -7.85 1.56 -1.84
N ASP A 85 -7.62 0.31 -2.11
CA ASP A 85 -6.83 -0.62 -1.37
C ASP A 85 -6.76 -1.87 -2.20
N LEU A 86 -5.79 -1.89 -3.05
CA LEU A 86 -5.52 -3.01 -3.90
C LEU A 86 -4.48 -3.91 -3.26
N GLY A 87 -4.24 -3.65 -2.00
CA GLY A 87 -3.31 -4.40 -1.25
C GLY A 87 -2.26 -3.52 -0.65
N TYR A 88 -2.67 -2.44 -0.03
CA TYR A 88 -1.69 -1.56 0.56
C TYR A 88 -1.98 -1.32 2.01
N GLU A 89 -1.00 -0.81 2.69
CA GLU A 89 -1.10 -0.51 4.08
C GLU A 89 -0.63 0.91 4.29
N LYS A 90 -1.39 1.70 5.03
CA LYS A 90 -0.95 3.01 5.41
C LYS A 90 -0.04 2.85 6.62
N GLN A 91 1.23 2.88 6.37
CA GLN A 91 2.24 2.68 7.39
C GLN A 91 2.87 4.00 7.70
N VAL A 92 3.88 3.98 8.56
CA VAL A 92 4.63 5.19 8.86
C VAL A 92 5.20 5.78 7.55
N PRO A 93 4.68 6.94 7.11
CA PRO A 93 5.05 7.52 5.83
C PRO A 93 6.39 8.21 5.86
N PRO A 94 7.29 7.83 4.95
CA PRO A 94 8.57 8.51 4.82
C PRO A 94 8.38 9.83 4.07
N ALA A 95 9.23 10.77 4.32
CA ALA A 95 9.15 12.06 3.70
C ALA A 95 10.04 12.09 2.46
N VAL A 96 11.23 11.55 2.61
CA VAL A 96 12.16 11.45 1.51
C VAL A 96 12.01 10.10 0.86
N LEU A 97 11.72 10.08 -0.41
CA LEU A 97 11.46 8.80 -1.08
C LEU A 97 12.62 8.47 -1.99
N PHE A 98 13.28 7.40 -1.72
CA PHE A 98 14.41 6.96 -2.49
C PHE A 98 13.93 6.14 -3.68
N HIS A 99 14.29 6.56 -4.87
CA HIS A 99 13.90 5.87 -6.08
C HIS A 99 15.05 5.79 -7.05
N GLY A 100 15.14 4.72 -7.78
CA GLY A 100 16.18 4.59 -8.76
C GLY A 100 15.60 4.68 -10.13
N THR A 101 16.36 5.14 -11.05
CA THR A 101 15.95 5.27 -12.40
C THR A 101 17.22 5.23 -13.29
N ALA A 102 17.08 5.55 -14.55
CA ALA A 102 18.18 5.41 -15.50
C ALA A 102 18.50 6.79 -16.06
N GLU A 103 19.63 6.95 -16.77
CA GLU A 103 20.09 8.29 -17.20
C GLU A 103 19.47 8.97 -18.44
N LYS A 104 19.08 8.25 -19.46
CA LYS A 104 18.34 8.90 -20.57
C LYS A 104 16.92 9.12 -20.05
N ASN A 105 16.57 8.19 -19.21
CA ASN A 105 15.31 8.13 -18.54
C ASN A 105 15.34 9.24 -17.47
N PHE A 106 16.55 9.65 -17.10
CA PHE A 106 16.82 10.71 -16.14
C PHE A 106 16.45 12.02 -16.72
N ASP A 107 16.83 12.22 -17.96
CA ASP A 107 16.49 13.45 -18.66
C ASP A 107 14.99 13.66 -18.61
N LEU A 108 14.24 12.64 -19.01
CA LEU A 108 12.77 12.75 -18.97
C LEU A 108 12.24 12.93 -17.52
N ILE A 109 12.69 12.06 -16.62
CA ILE A 109 12.18 12.01 -15.24
C ILE A 109 12.56 13.23 -14.43
N LEU A 110 13.63 13.88 -14.79
CA LEU A 110 14.01 15.05 -14.09
C LEU A 110 13.30 16.26 -14.67
N LYS A 111 12.76 16.14 -15.87
CA LYS A 111 11.97 17.16 -16.41
C LYS A 111 10.59 17.20 -15.75
N ASP A 112 9.89 16.08 -15.74
CA ASP A 112 8.53 16.08 -15.21
C ASP A 112 8.37 15.35 -13.86
N GLY A 113 9.06 14.28 -13.64
CA GLY A 113 8.93 13.58 -12.36
C GLY A 113 8.56 12.16 -12.52
N ILE A 114 8.04 11.56 -11.47
CA ILE A 114 7.61 10.19 -11.54
C ILE A 114 6.09 10.17 -11.55
N LYS A 115 5.56 9.48 -12.56
CA LYS A 115 4.13 9.20 -12.75
C LYS A 115 3.90 8.57 -14.13
N LYS A 116 4.14 9.37 -15.17
CA LYS A 116 3.84 9.03 -16.58
C LYS A 116 4.20 7.61 -16.99
N MET A 117 5.46 7.26 -16.94
CA MET A 117 5.89 5.95 -17.43
C MET A 117 5.81 4.90 -16.31
N SER A 118 4.71 4.90 -15.59
CA SER A 118 4.43 3.93 -14.57
C SER A 118 2.91 3.74 -14.39
N ARG A 119 2.29 4.52 -13.50
CA ARG A 119 0.85 4.47 -13.23
C ARG A 119 0.40 5.86 -12.85
N HIS A 120 -0.89 6.09 -12.62
CA HIS A 120 -1.35 7.45 -12.29
C HIS A 120 -1.09 7.79 -10.84
N HIS A 121 -1.17 6.82 -9.98
CA HIS A 121 -0.83 7.01 -8.60
C HIS A 121 0.58 6.48 -8.52
N VAL A 122 1.49 7.28 -8.03
CA VAL A 122 2.88 6.97 -8.20
C VAL A 122 3.39 5.92 -7.23
N HIS A 123 4.20 5.00 -7.74
CA HIS A 123 4.82 3.98 -6.94
C HIS A 123 6.32 3.96 -7.19
N LEU A 124 7.08 3.81 -6.15
CA LEU A 124 8.51 3.85 -6.25
C LEU A 124 9.21 2.86 -5.30
N SER A 125 10.52 3.05 -5.22
CA SER A 125 11.42 2.19 -4.52
C SER A 125 11.33 2.40 -2.99
N GLN A 126 12.24 1.78 -2.27
CA GLN A 126 12.25 1.80 -0.81
C GLN A 126 13.69 1.86 -0.39
N ASP A 127 14.39 0.78 -0.66
CA ASP A 127 15.79 0.69 -0.34
C ASP A 127 16.60 1.21 -1.48
N ILE A 128 17.74 1.78 -1.15
CA ILE A 128 18.69 2.33 -2.12
C ILE A 128 19.14 1.24 -3.11
N THR A 129 19.30 0.05 -2.58
CA THR A 129 19.72 -1.11 -3.33
C THR A 129 18.71 -1.47 -4.41
N THR A 130 17.45 -1.62 -4.01
CA THR A 130 16.37 -1.98 -4.92
C THR A 130 16.12 -0.84 -5.93
N ALA A 131 16.35 0.39 -5.48
CA ALA A 131 16.21 1.56 -6.30
C ALA A 131 17.19 1.52 -7.46
N ARG A 132 18.45 1.42 -7.11
CA ARG A 132 19.55 1.41 -8.09
C ARG A 132 19.43 0.20 -9.03
N LYS A 133 19.06 -0.93 -8.45
CA LYS A 133 18.90 -2.20 -9.17
C LYS A 133 17.92 -2.09 -10.34
N VAL A 134 16.78 -1.49 -10.12
CA VAL A 134 15.76 -1.43 -11.16
C VAL A 134 16.01 -0.27 -12.13
N GLY A 135 16.63 0.80 -11.64
CA GLY A 135 16.97 1.90 -12.52
C GLY A 135 18.00 1.46 -13.54
N MET A 136 18.93 0.66 -13.06
CA MET A 136 20.04 0.07 -13.82
C MET A 136 19.51 -0.78 -14.98
N ARG A 137 18.29 -1.25 -14.86
CA ARG A 137 17.72 -2.11 -15.86
C ARG A 137 17.50 -1.35 -17.19
N HIS A 138 17.32 -0.04 -17.10
CA HIS A 138 17.04 0.76 -18.29
C HIS A 138 18.32 1.38 -18.86
N GLY A 139 19.33 1.50 -18.03
CA GLY A 139 20.58 2.07 -18.47
C GLY A 139 21.49 2.32 -17.31
N LYS A 140 22.18 3.44 -17.33
CA LYS A 140 23.07 3.78 -16.27
C LYS A 140 22.23 4.39 -15.14
N PRO A 141 22.25 3.78 -13.95
CA PRO A 141 21.35 4.14 -12.86
C PRO A 141 21.67 5.45 -12.14
N VAL A 142 20.66 6.24 -11.95
CA VAL A 142 20.72 7.47 -11.22
C VAL A 142 19.66 7.39 -10.12
N VAL A 143 20.01 7.75 -8.93
CA VAL A 143 19.11 7.70 -7.85
C VAL A 143 18.44 9.06 -7.65
N LEU A 144 17.15 9.04 -7.60
CA LEU A 144 16.32 10.19 -7.44
C LEU A 144 15.51 10.05 -6.18
N SER A 145 15.91 10.76 -5.17
CA SER A 145 15.23 10.74 -3.92
C SER A 145 14.47 12.05 -3.79
N VAL A 146 13.18 12.00 -3.57
CA VAL A 146 12.44 13.24 -3.43
C VAL A 146 12.69 13.84 -2.08
N ASP A 147 12.77 15.15 -2.10
CA ASP A 147 13.11 15.97 -0.96
C ASP A 147 12.03 15.92 0.09
N ALA A 148 12.40 15.37 1.25
CA ALA A 148 11.53 15.20 2.41
C ALA A 148 10.65 16.41 2.68
N LYS A 149 11.29 17.57 2.77
CA LYS A 149 10.64 18.82 3.11
C LYS A 149 9.55 19.16 2.10
N GLY A 150 9.86 18.95 0.83
CA GLY A 150 8.93 19.27 -0.21
C GLY A 150 7.73 18.36 -0.22
N MET A 151 7.92 17.15 0.23
CA MET A 151 6.84 16.17 0.23
C MET A 151 5.96 16.32 1.44
N ALA A 152 6.59 16.53 2.57
CA ALA A 152 5.88 16.75 3.82
C ALA A 152 5.08 18.04 3.75
N ASP A 153 5.63 19.04 3.07
CA ASP A 153 4.94 20.32 2.89
C ASP A 153 3.82 20.20 1.88
N GLY A 154 4.04 19.36 0.89
CA GLY A 154 3.07 19.14 -0.16
C GLY A 154 1.83 18.46 0.34
N GLY A 155 1.94 17.76 1.45
CA GLY A 155 0.79 17.12 2.03
C GLY A 155 0.35 15.91 1.27
N PHE A 156 1.28 15.27 0.60
CA PHE A 156 0.96 14.07 -0.15
C PHE A 156 0.87 12.90 0.81
N ASP A 157 0.11 11.90 0.47
CA ASP A 157 0.06 10.71 1.28
C ASP A 157 0.99 9.70 0.71
N PHE A 158 1.67 9.00 1.57
CA PHE A 158 2.64 8.04 1.15
C PHE A 158 2.28 6.75 1.85
N TYR A 159 2.10 5.72 1.09
CA TYR A 159 1.66 4.45 1.64
C TYR A 159 2.47 3.35 1.00
N LEU A 160 2.31 2.13 1.45
CA LEU A 160 3.09 1.05 0.91
C LEU A 160 2.20 -0.07 0.41
N SER A 161 2.42 -0.47 -0.83
CA SER A 161 1.68 -1.56 -1.43
C SER A 161 2.31 -2.91 -1.06
N ASN A 162 1.80 -4.00 -1.64
CA ASN A 162 2.21 -5.38 -1.33
C ASN A 162 3.71 -5.65 -1.36
N ASN A 163 4.47 -4.89 -2.11
CA ASN A 163 5.92 -5.12 -2.14
C ASN A 163 6.63 -4.48 -0.98
N GLY A 164 5.93 -3.70 -0.21
CA GLY A 164 6.59 -2.91 0.80
C GLY A 164 7.25 -1.75 0.10
N VAL A 165 6.70 -1.41 -1.05
CA VAL A 165 7.18 -0.32 -1.86
C VAL A 165 6.59 0.94 -1.39
N TRP A 166 7.21 2.03 -1.68
CA TRP A 166 6.70 3.26 -1.21
C TRP A 166 5.89 3.89 -2.33
N LEU A 167 4.84 4.57 -2.00
CA LEU A 167 4.05 5.23 -3.00
C LEU A 167 3.74 6.62 -2.58
N ILE A 168 3.52 7.47 -3.55
CA ILE A 168 3.25 8.86 -3.33
C ILE A 168 2.13 9.28 -4.24
N ASP A 169 1.38 10.26 -3.82
CA ASP A 169 0.31 10.77 -4.63
C ASP A 169 0.80 11.30 -5.95
N PHE A 170 1.86 12.07 -5.92
CA PHE A 170 2.36 12.67 -7.15
C PHE A 170 3.77 13.20 -6.95
N VAL A 171 4.72 12.78 -7.79
CA VAL A 171 6.05 13.35 -7.68
C VAL A 171 6.45 14.23 -8.83
N PRO A 172 6.44 15.54 -8.62
CA PRO A 172 7.01 16.47 -9.56
C PRO A 172 8.54 16.45 -9.39
N ALA A 173 9.27 16.47 -10.47
CA ALA A 173 10.71 16.32 -10.45
C ALA A 173 11.41 17.50 -9.82
N GLU A 174 10.71 18.57 -9.68
CA GLU A 174 11.24 19.75 -9.05
C GLU A 174 11.40 19.51 -7.53
N PHE A 175 10.75 18.46 -7.04
CA PHE A 175 10.90 18.04 -5.66
C PHE A 175 11.83 16.84 -5.58
N ILE A 176 12.08 16.23 -6.74
CA ILE A 176 13.04 15.17 -6.85
C ILE A 176 14.43 15.74 -6.65
N LYS A 177 15.23 15.06 -5.89
CA LYS A 177 16.54 15.44 -5.69
C LYS A 177 17.45 14.37 -6.21
N VAL A 178 18.07 14.71 -7.25
CA VAL A 178 19.08 13.89 -7.87
C VAL A 178 20.34 13.86 -6.99
PA NAD B . 9.17 -0.53 -14.90
O1A NAD B . 7.90 -0.17 -15.57
O2A NAD B . 10.04 -1.53 -15.56
O5B NAD B . 10.05 0.83 -14.71
C5B NAD B . 9.50 2.12 -15.07
C4B NAD B . 10.63 3.09 -15.44
O4B NAD B . 10.08 4.34 -15.96
C3B NAD B . 11.47 3.49 -14.24
O3B NAD B . 12.88 3.70 -14.59
C2B NAD B . 10.85 4.77 -13.82
O2B NAD B . 11.79 5.50 -13.00
C1B NAD B . 10.63 5.40 -15.15
N9A NAD B . 9.69 6.58 -15.13
C8A NAD B . 8.51 6.75 -14.42
N7A NAD B . 7.96 7.97 -14.74
C5A NAD B . 8.81 8.48 -15.59
C6A NAD B . 8.61 9.75 -16.17
N6A NAD B . 7.56 10.49 -15.89
N1A NAD B . 9.57 10.17 -17.06
C2A NAD B . 10.62 9.33 -17.30
N3A NAD B . 10.79 8.11 -16.74
C4A NAD B . 9.85 7.68 -15.86
O3 NAD B . 8.86 -0.99 -13.42
PN NAD B . 7.83 -0.61 -12.26
O1N NAD B . 6.85 0.37 -12.79
O2N NAD B . 7.32 -1.84 -11.60
O5D NAD B . 8.76 0.16 -11.20
C5D NAD B . 9.72 -0.60 -10.45
C4D NAD B . 10.34 0.27 -9.35
O4D NAD B . 9.32 0.61 -8.40
C3D NAD B . 11.35 -0.49 -8.56
O3D NAD B . 12.14 0.34 -7.70
C2D NAD B . 10.50 -1.38 -7.75
O2D NAD B . 11.23 -1.83 -6.59
C1D NAD B . 9.32 -0.48 -7.40
N1N NAD B . 8.01 -1.21 -7.44
C2N NAD B . 7.91 -2.57 -7.75
C3N NAD B . 6.65 -3.23 -7.72
C7N NAD B . 6.50 -4.72 -8.14
O7N NAD B . 5.39 -5.25 -8.14
N7N NAD B . 7.61 -5.35 -8.48
C4N NAD B . 5.54 -2.50 -7.32
C5N NAD B . 5.69 -1.16 -6.99
C6N NAD B . 6.90 -0.53 -7.07
H51A NAD B . 8.88 2.53 -14.28
H52A NAD B . 8.88 1.95 -15.96
H4B NAD B . 11.22 2.60 -16.19
H3B NAD B . 11.43 2.69 -13.49
HO3A NAD B . 13.06 3.87 -15.57
H2B NAD B . 9.92 4.57 -13.29
HO2A NAD B . 12.68 5.45 -13.49
H1B NAD B . 11.62 5.71 -15.51
H8A NAD B . 8.08 6.02 -13.74
H61A NAD B . 7.46 11.39 -16.32
H62A NAD B . 6.87 10.20 -15.24
H2A NAD B . 11.41 9.65 -17.97
H51N NAD B . 10.48 -0.99 -11.12
H52N NAD B . 9.21 -1.46 -10.02
H4D NAD B . 10.77 1.12 -9.88
H3D NAD B . 12.05 -1.00 -9.21
HO3N NAD B . 12.68 -0.35 -7.20
H2D NAD B . 10.24 -2.21 -8.42
HO2N NAD B . 10.71 -2.60 -6.19
H1D NAD B . 9.37 -0.11 -6.38
H2N NAD B . 8.81 -3.14 -7.99
H71N NAD B . 8.50 -4.91 -8.48
H72N NAD B . 7.55 -6.31 -8.76
H4N NAD B . 4.55 -2.94 -7.27
H5N NAD B . 4.91 -0.51 -6.62
H6N NAD B . 6.90 0.52 -6.79
N GLY A 1 -2.41 -8.51 19.08
CA GLY A 1 -1.06 -9.03 19.24
C GLY A 1 -0.06 -8.17 18.51
N SER A 2 0.75 -7.43 19.27
CA SER A 2 1.70 -6.47 18.74
C SER A 2 2.65 -7.10 17.72
N HIS A 3 3.17 -8.27 17.99
CA HIS A 3 4.05 -8.93 17.03
C HIS A 3 3.34 -10.02 16.28
N MET A 4 2.10 -10.30 16.65
CA MET A 4 1.29 -11.28 15.93
C MET A 4 1.00 -10.73 14.55
N VAL A 5 0.66 -9.44 14.52
CA VAL A 5 0.35 -8.74 13.27
C VAL A 5 1.55 -8.70 12.33
N LYS A 6 2.73 -8.79 12.93
CA LYS A 6 3.96 -8.81 12.18
C LYS A 6 4.02 -10.09 11.39
N VAL A 7 3.84 -11.18 12.09
CA VAL A 7 3.83 -12.50 11.50
C VAL A 7 2.66 -12.59 10.50
N SER A 8 1.61 -11.82 10.75
CA SER A 8 0.43 -11.85 9.91
C SER A 8 0.74 -11.22 8.54
N LYS A 9 1.31 -10.02 8.57
CA LYS A 9 1.67 -9.33 7.33
C LYS A 9 2.85 -10.02 6.69
N PHE A 10 3.71 -10.58 7.51
CA PHE A 10 4.88 -11.28 7.02
C PHE A 10 4.43 -12.55 6.30
N LEU A 11 3.33 -13.15 6.75
CA LEU A 11 2.74 -14.28 6.07
C LEU A 11 2.24 -13.90 4.69
N SER A 12 1.59 -12.75 4.60
CA SER A 12 1.14 -12.17 3.35
C SER A 12 2.36 -11.88 2.43
N LEU A 13 3.52 -11.78 3.01
CA LEU A 13 4.73 -11.62 2.25
C LEU A 13 5.30 -13.00 1.87
N VAL A 14 5.42 -13.89 2.84
CA VAL A 14 6.11 -15.13 2.65
C VAL A 14 5.43 -16.14 1.75
N LEU A 15 4.22 -16.56 2.04
CA LEU A 15 3.59 -17.60 1.19
C LEU A 15 2.93 -16.99 -0.03
N ARG A 16 2.97 -15.69 -0.11
CA ARG A 16 2.30 -14.98 -1.15
C ARG A 16 3.28 -14.32 -2.15
N HIS A 17 4.56 -14.18 -1.79
CA HIS A 17 5.50 -13.46 -2.68
C HIS A 17 6.74 -14.23 -3.05
N ASN A 18 7.45 -14.70 -2.07
CA ASN A 18 8.79 -15.24 -2.32
C ASN A 18 9.22 -16.23 -1.25
N PRO A 19 8.37 -17.29 -0.97
CA PRO A 19 8.42 -18.17 0.24
C PRO A 19 9.82 -18.62 0.70
N ALA A 20 10.71 -18.77 -0.22
CA ALA A 20 12.07 -19.16 0.00
C ALA A 20 12.86 -18.25 0.98
N LEU A 21 12.27 -17.10 1.41
CA LEU A 21 12.86 -16.25 2.31
C LEU A 21 13.04 -16.93 3.62
N ILE A 22 11.98 -17.54 4.13
CA ILE A 22 12.07 -18.17 5.40
C ILE A 22 12.44 -19.60 5.15
N GLY A 23 12.32 -19.96 3.89
CA GLY A 23 12.50 -21.31 3.47
C GLY A 23 11.18 -22.03 3.46
N LEU A 24 10.10 -21.33 3.11
CA LEU A 24 8.85 -21.90 3.04
C LEU A 24 8.66 -22.60 1.71
N ASP A 25 7.88 -23.64 1.74
CA ASP A 25 7.65 -24.49 0.61
C ASP A 25 6.25 -24.27 0.16
N LEU A 26 6.05 -24.11 -1.10
CA LEU A 26 4.73 -23.81 -1.57
C LEU A 26 4.20 -24.86 -2.48
N ASP A 27 2.95 -25.15 -2.32
CA ASP A 27 2.22 -26.12 -3.10
C ASP A 27 1.88 -25.47 -4.42
N ALA A 28 1.31 -26.20 -5.30
CA ALA A 28 0.93 -25.70 -6.60
C ALA A 28 -0.39 -24.98 -6.47
N ASN A 29 -1.22 -25.46 -5.57
CA ASN A 29 -2.54 -24.93 -5.34
C ASN A 29 -2.47 -23.61 -4.56
N GLY A 30 -1.33 -23.36 -3.92
CA GLY A 30 -1.16 -22.12 -3.16
C GLY A 30 -1.22 -22.33 -1.67
N TRP A 31 -0.80 -23.50 -1.24
CA TRP A 31 -0.76 -23.84 0.16
C TRP A 31 0.66 -23.93 0.63
N ALA A 32 0.88 -23.69 1.88
CA ALA A 32 2.17 -23.82 2.49
C ALA A 32 2.05 -24.71 3.69
N PRO A 33 2.99 -25.62 3.92
CA PRO A 33 2.91 -26.49 5.05
C PRO A 33 3.25 -25.72 6.30
N VAL A 34 2.29 -25.61 7.17
CA VAL A 34 2.43 -24.88 8.38
C VAL A 34 3.61 -25.28 9.19
N LYS A 35 3.89 -26.57 9.27
CA LYS A 35 5.03 -27.07 9.94
C LYS A 35 6.33 -26.37 9.43
N GLU A 36 6.37 -26.10 8.14
CA GLU A 36 7.50 -25.42 7.55
C GLU A 36 7.40 -23.96 7.90
N LEU A 37 6.20 -23.48 7.95
CA LEU A 37 5.92 -22.09 8.05
C LEU A 37 6.20 -21.56 9.42
N LEU A 38 5.95 -22.31 10.48
CA LEU A 38 6.15 -21.76 11.73
C LEU A 38 7.61 -21.94 12.02
N ALA A 39 8.19 -23.09 11.57
CA ALA A 39 9.62 -23.37 11.81
C ALA A 39 10.52 -22.34 11.15
N LYS A 40 10.26 -22.13 9.91
CA LYS A 40 11.07 -21.26 9.10
C LYS A 40 10.82 -19.77 9.43
N MET A 41 9.59 -19.43 9.71
CA MET A 41 9.25 -18.05 10.08
C MET A 41 9.64 -17.80 11.55
N LYS A 42 9.78 -18.86 12.31
CA LYS A 42 10.32 -18.82 13.66
C LYS A 42 11.68 -18.19 13.59
N ALA A 43 12.50 -18.72 12.71
CA ALA A 43 13.84 -18.22 12.49
C ALA A 43 13.86 -16.83 11.82
N LYS A 44 13.05 -16.64 10.79
CA LYS A 44 13.08 -15.38 10.01
C LYS A 44 12.25 -14.24 10.64
N GLY A 45 11.38 -14.55 11.55
CA GLY A 45 10.50 -13.54 12.03
C GLY A 45 10.46 -13.41 13.51
N HIS A 46 9.48 -14.04 14.14
CA HIS A 46 9.27 -13.80 15.56
C HIS A 46 9.64 -14.97 16.47
N GLY A 47 9.56 -16.18 15.99
CA GLY A 47 9.81 -17.28 16.89
C GLY A 47 8.54 -17.84 17.43
N ILE A 48 7.66 -18.22 16.55
CA ILE A 48 6.38 -18.71 16.91
C ILE A 48 6.33 -20.22 16.77
N SER A 49 5.53 -20.88 17.59
CA SER A 49 5.31 -22.29 17.44
C SER A 49 4.05 -22.50 16.61
N MET A 50 3.62 -23.75 16.47
CA MET A 50 2.54 -24.12 15.58
C MET A 50 1.26 -23.40 15.98
N GLU A 51 1.01 -23.35 17.28
CA GLU A 51 -0.22 -22.73 17.76
C GLU A 51 -0.14 -21.21 17.75
N GLU A 52 1.07 -20.70 17.72
CA GLU A 52 1.28 -19.27 17.60
C GLU A 52 0.86 -18.86 16.22
N LEU A 53 1.37 -19.59 15.20
CA LEU A 53 0.98 -19.31 13.86
C LEU A 53 -0.52 -19.57 13.70
N LYS A 54 -1.02 -20.57 14.40
CA LYS A 54 -2.44 -20.87 14.39
C LYS A 54 -3.24 -19.63 14.79
N HIS A 55 -2.67 -18.81 15.68
CA HIS A 55 -3.32 -17.56 16.09
C HIS A 55 -3.36 -16.60 14.92
N ILE A 56 -2.26 -16.52 14.17
CA ILE A 56 -2.21 -15.70 12.96
C ILE A 56 -3.32 -16.13 11.97
N VAL A 57 -3.34 -17.39 11.69
CA VAL A 57 -4.29 -17.90 10.76
C VAL A 57 -5.73 -17.83 11.35
N GLU A 58 -5.87 -17.76 12.66
CA GLU A 58 -7.17 -17.54 13.27
C GLU A 58 -7.57 -16.08 13.20
N THR A 59 -6.61 -15.21 12.92
CA THR A 59 -6.93 -13.81 12.73
C THR A 59 -7.19 -13.56 11.24
N ASN A 60 -7.21 -14.65 10.49
CA ASN A 60 -7.65 -14.72 9.05
C ASN A 60 -9.01 -14.03 8.77
N SER A 61 -9.75 -13.66 9.80
CA SER A 61 -11.14 -13.20 9.78
C SER A 61 -11.52 -12.20 8.64
N LYS A 62 -10.57 -11.44 8.12
CA LYS A 62 -10.84 -10.52 7.02
C LYS A 62 -10.71 -11.23 5.66
N LYS A 63 -10.88 -12.55 5.66
CA LYS A 63 -10.79 -13.39 4.47
C LYS A 63 -9.34 -13.41 3.96
N ARG A 64 -8.44 -13.78 4.86
CA ARG A 64 -7.03 -13.70 4.59
C ARG A 64 -6.30 -15.04 4.57
N PHE A 65 -6.75 -16.01 5.35
CA PHE A 65 -5.99 -17.27 5.51
C PHE A 65 -6.93 -18.45 5.75
N ALA A 66 -6.37 -19.64 5.85
CA ALA A 66 -7.10 -20.85 6.06
C ALA A 66 -6.12 -21.89 6.51
N PHE A 67 -6.59 -22.87 7.20
CA PHE A 67 -5.72 -23.84 7.82
C PHE A 67 -6.41 -25.20 7.70
N SER A 68 -5.66 -26.25 7.50
CA SER A 68 -6.22 -27.61 7.42
C SER A 68 -6.69 -28.11 8.82
N GLU A 69 -7.19 -29.36 8.89
CA GLU A 69 -7.74 -29.94 10.13
C GLU A 69 -6.69 -30.06 11.24
N ASN A 70 -5.52 -30.61 10.91
CA ASN A 70 -4.42 -30.75 11.90
C ASN A 70 -3.79 -29.39 12.12
N PHE A 71 -4.17 -28.45 11.25
CA PHE A 71 -3.60 -27.11 11.20
C PHE A 71 -2.19 -27.24 10.63
N GLU A 72 -2.06 -28.18 9.69
CA GLU A 72 -0.79 -28.59 9.13
C GLU A 72 -0.42 -27.83 7.87
N LYS A 73 -1.37 -27.13 7.29
CA LYS A 73 -1.10 -26.49 6.04
C LYS A 73 -2.00 -25.30 5.93
N ILE A 74 -1.43 -24.19 5.58
CA ILE A 74 -2.16 -22.95 5.45
C ILE A 74 -2.28 -22.52 4.00
N ARG A 75 -3.29 -21.76 3.71
CA ARG A 75 -3.44 -21.12 2.45
C ARG A 75 -3.85 -19.71 2.73
N ALA A 76 -3.17 -18.78 2.13
CA ALA A 76 -3.56 -17.43 2.21
C ALA A 76 -4.65 -17.23 1.16
N ASN A 77 -5.79 -16.77 1.58
CA ASN A 77 -6.93 -16.60 0.68
C ASN A 77 -6.88 -15.29 -0.03
N GLN A 78 -7.05 -15.34 -1.33
CA GLN A 78 -7.12 -14.14 -2.14
C GLN A 78 -8.54 -13.93 -2.62
N GLY A 79 -9.41 -14.90 -2.30
CA GLY A 79 -10.80 -14.85 -2.69
C GLY A 79 -11.54 -13.65 -2.13
N HIS A 80 -11.68 -12.63 -2.98
CA HIS A 80 -12.27 -11.34 -2.63
C HIS A 80 -11.35 -10.60 -1.71
N SER A 81 -10.38 -9.98 -2.31
CA SER A 81 -9.37 -9.28 -1.61
C SER A 81 -9.88 -7.96 -1.05
N VAL A 82 -10.33 -8.00 0.19
CA VAL A 82 -10.74 -6.82 0.89
C VAL A 82 -9.49 -6.10 1.31
N GLU A 83 -8.67 -6.81 2.03
CA GLU A 83 -7.40 -6.37 2.43
C GLU A 83 -6.52 -7.53 2.82
N VAL A 84 -6.26 -8.33 1.82
CA VAL A 84 -5.33 -9.42 1.93
C VAL A 84 -4.24 -9.29 0.89
N ASP A 85 -4.62 -8.74 -0.21
CA ASP A 85 -3.74 -8.62 -1.38
C ASP A 85 -4.42 -7.76 -2.45
N LEU A 86 -4.42 -6.47 -2.24
CA LEU A 86 -4.95 -5.57 -3.21
C LEU A 86 -3.90 -4.64 -3.81
N GLY A 87 -2.78 -4.53 -3.15
CA GLY A 87 -1.68 -3.81 -3.73
C GLY A 87 -1.33 -2.54 -3.00
N TYR A 88 -2.00 -2.25 -1.92
CA TYR A 88 -1.71 -1.04 -1.15
C TYR A 88 -2.11 -1.16 0.30
N GLU A 89 -1.24 -0.68 1.13
CA GLU A 89 -1.39 -0.67 2.56
C GLU A 89 -1.28 0.76 3.03
N LYS A 90 -2.18 1.18 3.88
CA LYS A 90 -2.12 2.52 4.43
C LYS A 90 -1.15 2.51 5.61
N GLN A 91 0.07 2.88 5.35
CA GLN A 91 1.10 2.92 6.37
C GLN A 91 1.64 4.31 6.52
N VAL A 92 2.56 4.48 7.47
CA VAL A 92 3.19 5.74 7.77
C VAL A 92 3.88 6.38 6.55
N PRO A 93 3.41 7.56 6.13
CA PRO A 93 4.02 8.29 5.03
C PRO A 93 5.38 8.87 5.43
N PRO A 94 6.42 8.59 4.67
CA PRO A 94 7.72 9.20 4.87
C PRO A 94 7.74 10.59 4.24
N ALA A 95 8.75 11.37 4.54
CA ALA A 95 8.86 12.69 3.98
C ALA A 95 9.90 12.67 2.87
N VAL A 96 11.05 12.12 3.17
CA VAL A 96 12.10 11.96 2.20
C VAL A 96 12.14 10.52 1.76
N LEU A 97 12.09 10.32 0.47
CA LEU A 97 12.07 8.97 -0.06
C LEU A 97 12.93 8.82 -1.29
N PHE A 98 13.62 7.69 -1.38
CA PHE A 98 14.54 7.41 -2.47
C PHE A 98 13.83 6.72 -3.62
N HIS A 99 14.48 6.70 -4.76
CA HIS A 99 13.97 6.01 -5.92
C HIS A 99 15.08 5.73 -6.90
N GLY A 100 15.08 4.55 -7.47
CA GLY A 100 16.03 4.22 -8.48
C GLY A 100 15.42 4.37 -9.84
N THR A 101 16.14 4.96 -10.73
CA THR A 101 15.71 5.13 -12.07
C THR A 101 16.93 5.05 -12.99
N ALA A 102 16.77 5.38 -14.24
CA ALA A 102 17.81 5.19 -15.22
C ALA A 102 18.09 6.53 -15.90
N GLU A 103 19.24 6.64 -16.58
CA GLU A 103 19.71 7.91 -17.13
C GLU A 103 19.00 8.47 -18.39
N LYS A 104 18.50 7.64 -19.29
CA LYS A 104 17.82 8.18 -20.49
C LYS A 104 16.48 8.77 -20.06
N ASN A 105 15.87 8.07 -19.18
CA ASN A 105 14.67 8.54 -18.66
C ASN A 105 14.94 9.34 -17.42
N PHE A 106 16.22 9.62 -17.16
CA PHE A 106 16.61 10.55 -16.11
C PHE A 106 16.38 11.92 -16.66
N ASP A 107 16.75 12.08 -17.91
CA ASP A 107 16.47 13.31 -18.60
C ASP A 107 14.98 13.52 -18.57
N LEU A 108 14.26 12.48 -18.96
CA LEU A 108 12.79 12.57 -18.94
C LEU A 108 12.22 12.82 -17.52
N ILE A 109 12.65 12.03 -16.55
CA ILE A 109 12.12 12.06 -15.17
C ILE A 109 12.52 13.31 -14.42
N LEU A 110 13.64 13.90 -14.76
CA LEU A 110 14.01 15.07 -14.08
C LEU A 110 13.37 16.31 -14.71
N LYS A 111 12.84 16.16 -15.90
CA LYS A 111 12.09 17.18 -16.53
C LYS A 111 10.60 17.08 -16.18
N ASP A 112 10.07 15.88 -16.29
CA ASP A 112 8.63 15.62 -16.17
C ASP A 112 8.21 15.24 -14.73
N GLY A 113 9.09 14.56 -14.01
CA GLY A 113 8.78 14.14 -12.64
C GLY A 113 8.23 12.74 -12.61
N ILE A 114 8.13 12.15 -11.42
CA ILE A 114 7.57 10.82 -11.34
C ILE A 114 6.07 11.02 -11.34
N LYS A 115 5.49 10.80 -12.47
CA LYS A 115 4.07 11.00 -12.68
C LYS A 115 3.33 9.77 -12.24
N LYS A 116 2.02 9.78 -12.32
CA LYS A 116 1.22 8.62 -11.93
C LYS A 116 1.41 7.55 -13.00
N MET A 117 2.46 6.79 -12.85
CA MET A 117 2.92 5.82 -13.81
C MET A 117 2.97 4.43 -13.16
N SER A 118 2.28 4.31 -12.07
CA SER A 118 2.11 3.05 -11.39
C SER A 118 0.61 2.81 -11.28
N ARG A 119 0.00 3.66 -10.49
CA ARG A 119 -1.43 3.74 -10.29
C ARG A 119 -1.69 5.22 -10.20
N HIS A 120 -2.75 5.64 -9.50
CA HIS A 120 -2.97 7.06 -9.27
C HIS A 120 -1.95 7.59 -8.25
N HIS A 121 -1.21 6.68 -7.68
CA HIS A 121 -0.08 6.95 -6.84
C HIS A 121 1.12 6.29 -7.54
N VAL A 122 2.28 6.87 -7.42
CA VAL A 122 3.43 6.33 -8.12
C VAL A 122 4.49 5.83 -7.14
N HIS A 123 5.08 4.70 -7.47
CA HIS A 123 6.01 4.06 -6.57
C HIS A 123 7.48 4.42 -6.73
N LEU A 124 8.00 4.99 -5.68
CA LEU A 124 9.40 5.24 -5.48
C LEU A 124 9.95 4.04 -4.71
N SER A 125 11.19 4.06 -4.41
CA SER A 125 11.80 2.87 -3.93
C SER A 125 12.72 3.06 -2.73
N GLN A 126 12.22 2.59 -1.63
CA GLN A 126 12.79 2.57 -0.29
C GLN A 126 14.24 2.02 -0.24
N ASP A 127 14.48 0.92 -0.91
CA ASP A 127 15.79 0.29 -0.86
C ASP A 127 16.60 0.76 -2.02
N ILE A 128 17.48 1.70 -1.74
CA ILE A 128 18.32 2.33 -2.74
C ILE A 128 19.08 1.31 -3.62
N THR A 129 19.68 0.30 -3.01
CA THR A 129 20.47 -0.67 -3.71
C THR A 129 19.67 -1.48 -4.75
N THR A 130 18.55 -2.04 -4.35
CA THR A 130 17.76 -2.86 -5.24
C THR A 130 17.03 -1.98 -6.27
N ALA A 131 16.66 -0.78 -5.83
CA ALA A 131 15.98 0.21 -6.66
C ALA A 131 16.82 0.56 -7.87
N ARG A 132 18.02 1.02 -7.60
CA ARG A 132 18.93 1.47 -8.65
C ARG A 132 19.38 0.29 -9.51
N LYS A 133 19.44 -0.90 -8.89
CA LYS A 133 19.84 -2.12 -9.56
C LYS A 133 18.86 -2.49 -10.66
N VAL A 134 17.58 -2.33 -10.39
CA VAL A 134 16.56 -2.63 -11.37
C VAL A 134 16.49 -1.50 -12.42
N GLY A 135 16.80 -0.29 -11.99
CA GLY A 135 16.86 0.86 -12.90
C GLY A 135 17.91 0.65 -13.98
N MET A 136 18.94 -0.12 -13.63
CA MET A 136 20.05 -0.48 -14.54
C MET A 136 19.54 -1.20 -15.80
N ARG A 137 18.31 -1.69 -15.76
CA ARG A 137 17.75 -2.38 -16.90
C ARG A 137 17.36 -1.43 -18.02
N HIS A 138 17.27 -0.14 -17.73
CA HIS A 138 17.02 0.84 -18.80
C HIS A 138 18.31 1.45 -19.26
N GLY A 139 19.31 1.40 -18.43
CA GLY A 139 20.59 1.91 -18.76
C GLY A 139 21.40 2.15 -17.54
N LYS A 140 21.95 3.32 -17.43
CA LYS A 140 22.77 3.66 -16.29
C LYS A 140 21.84 4.10 -15.16
N PRO A 141 22.13 3.75 -13.92
CA PRO A 141 21.27 4.11 -12.79
C PRO A 141 21.52 5.52 -12.25
N VAL A 142 20.49 6.09 -11.68
CA VAL A 142 20.52 7.36 -10.99
C VAL A 142 19.48 7.29 -9.87
N VAL A 143 19.81 7.77 -8.70
CA VAL A 143 18.94 7.73 -7.59
C VAL A 143 18.28 9.10 -7.41
N LEU A 144 16.99 9.09 -7.26
CA LEU A 144 16.20 10.27 -7.11
C LEU A 144 15.42 10.22 -5.81
N SER A 145 15.88 10.94 -4.83
CA SER A 145 15.24 10.97 -3.55
C SER A 145 14.52 12.31 -3.36
N VAL A 146 13.21 12.29 -3.18
CA VAL A 146 12.47 13.54 -2.99
C VAL A 146 12.73 14.11 -1.61
N ASP A 147 12.83 15.43 -1.59
CA ASP A 147 13.12 16.25 -0.41
C ASP A 147 11.99 16.27 0.59
N ALA A 148 12.29 15.76 1.79
CA ALA A 148 11.37 15.66 2.91
C ALA A 148 10.49 16.89 3.06
N LYS A 149 11.12 18.04 3.13
CA LYS A 149 10.45 19.30 3.45
C LYS A 149 9.39 19.61 2.43
N GLY A 150 9.72 19.38 1.18
CA GLY A 150 8.83 19.69 0.12
C GLY A 150 7.64 18.78 0.08
N MET A 151 7.86 17.53 0.44
CA MET A 151 6.81 16.55 0.38
C MET A 151 5.97 16.48 1.62
N ALA A 152 6.58 16.62 2.78
CA ALA A 152 5.82 16.68 4.01
C ALA A 152 4.84 17.85 3.97
N ASP A 153 5.28 18.93 3.33
CA ASP A 153 4.49 20.15 3.12
C ASP A 153 3.34 19.94 2.12
N GLY A 154 3.51 18.97 1.22
CA GLY A 154 2.58 18.82 0.09
C GLY A 154 1.14 18.45 0.45
N GLY A 155 0.92 17.85 1.61
CA GLY A 155 -0.43 17.56 2.04
C GLY A 155 -1.09 16.42 1.26
N PHE A 156 -0.27 15.53 0.76
CA PHE A 156 -0.74 14.42 -0.06
C PHE A 156 -1.02 13.20 0.78
N ASP A 157 -1.69 12.25 0.18
CA ASP A 157 -1.92 10.96 0.79
C ASP A 157 -0.90 9.97 0.21
N PHE A 158 -0.41 9.07 1.02
CA PHE A 158 0.67 8.16 0.61
C PHE A 158 0.30 6.71 1.01
N TYR A 159 0.77 5.74 0.23
CA TYR A 159 0.54 4.31 0.52
C TYR A 159 1.80 3.53 0.27
N LEU A 160 1.81 2.31 0.72
CA LEU A 160 2.87 1.37 0.42
C LEU A 160 2.26 0.14 -0.18
N SER A 161 2.83 -0.37 -1.23
CA SER A 161 2.28 -1.55 -1.85
C SER A 161 2.69 -2.82 -1.10
N ASN A 162 2.26 -3.96 -1.60
CA ASN A 162 2.46 -5.25 -0.94
C ASN A 162 3.92 -5.73 -0.93
N ASN A 163 4.79 -4.98 -1.57
CA ASN A 163 6.23 -5.25 -1.51
C ASN A 163 6.91 -4.30 -0.53
N GLY A 164 6.11 -3.46 0.13
CA GLY A 164 6.65 -2.49 1.07
C GLY A 164 7.33 -1.35 0.37
N VAL A 165 6.87 -1.06 -0.82
CA VAL A 165 7.44 -0.01 -1.62
C VAL A 165 6.78 1.32 -1.31
N TRP A 166 7.43 2.39 -1.64
CA TRP A 166 6.98 3.69 -1.23
C TRP A 166 6.23 4.44 -2.36
N LEU A 167 4.93 4.61 -2.25
CA LEU A 167 4.20 5.31 -3.31
C LEU A 167 3.56 6.61 -2.90
N ILE A 168 4.01 7.64 -3.54
CA ILE A 168 3.56 8.99 -3.30
C ILE A 168 2.48 9.30 -4.30
N ASP A 169 1.62 10.24 -3.98
CA ASP A 169 0.57 10.56 -4.91
C ASP A 169 1.12 11.28 -6.13
N PHE A 170 2.08 12.17 -5.91
CA PHE A 170 2.66 12.92 -7.03
C PHE A 170 3.97 13.58 -6.66
N VAL A 171 4.98 13.36 -7.47
CA VAL A 171 6.25 14.04 -7.30
C VAL A 171 6.70 14.82 -8.51
N PRO A 172 6.54 16.14 -8.50
CA PRO A 172 7.17 16.98 -9.48
C PRO A 172 8.70 16.86 -9.27
N ALA A 173 9.46 16.84 -10.34
CA ALA A 173 10.89 16.57 -10.29
C ALA A 173 11.65 17.66 -9.58
N GLU A 174 11.02 18.77 -9.40
CA GLU A 174 11.60 19.88 -8.71
C GLU A 174 11.72 19.57 -7.20
N PHE A 175 10.95 18.59 -6.74
CA PHE A 175 11.03 18.12 -5.37
C PHE A 175 11.91 16.90 -5.32
N ILE A 176 12.12 16.30 -6.48
CA ILE A 176 12.99 15.19 -6.62
C ILE A 176 14.40 15.65 -6.44
N LYS A 177 15.16 14.95 -5.66
CA LYS A 177 16.48 15.28 -5.49
C LYS A 177 17.40 14.27 -5.98
N VAL A 178 17.94 14.62 -7.05
CA VAL A 178 18.95 13.86 -7.75
C VAL A 178 20.22 13.92 -6.91
PA NAD B . 9.78 1.50 -11.51
O1A NAD B . 9.40 2.84 -10.97
O2A NAD B . 9.25 0.31 -10.81
O5B NAD B . 9.34 1.44 -13.09
C5B NAD B . 9.04 2.64 -13.87
C4B NAD B . 10.31 3.23 -14.56
O4B NAD B . 9.96 4.41 -15.34
C3B NAD B . 11.29 3.73 -13.57
O3B NAD B . 12.63 3.89 -14.16
C2B NAD B . 10.73 5.05 -13.25
O2B NAD B . 11.70 5.79 -12.51
C1B NAD B . 10.52 5.55 -14.62
N9A NAD B . 9.63 6.74 -14.73
C8A NAD B . 8.77 7.29 -13.78
N7A NAD B . 8.31 8.48 -14.27
C5A NAD B . 8.86 8.58 -15.44
C6A NAD B . 8.61 9.68 -16.27
N6A NAD B . 7.84 10.66 -15.88
N1A NAD B . 9.24 9.68 -17.50
C2A NAD B . 10.04 8.60 -17.78
N3A NAD B . 10.27 7.55 -16.97
C4A NAD B . 9.65 7.56 -15.76
O3 NAD B . 11.38 1.41 -11.56
PN NAD B . 12.49 0.26 -11.46
O1N NAD B . 11.93 -0.99 -12.03
O2N NAD B . 13.77 0.78 -12.02
O5D NAD B . 12.68 0.11 -9.86
C5D NAD B . 12.40 -1.13 -9.19
C4D NAD B . 12.43 -0.89 -7.73
O4D NAD B . 11.19 -0.22 -7.36
C3D NAD B . 12.45 -2.18 -6.99
O3D NAD B . 13.77 -2.64 -6.69
C2D NAD B . 11.76 -1.82 -5.74
O2D NAD B . 12.65 -1.14 -4.85
C1D NAD B . 10.64 -0.93 -6.23
N1N NAD B . 9.37 -1.66 -6.59
C2N NAD B . 9.33 -3.05 -6.73
C3N NAD B . 8.09 -3.74 -6.91
C7N NAD B . 8.03 -5.27 -7.07
O7N NAD B . 6.95 -5.83 -7.24
N7N NAD B . 9.18 -5.92 -7.03
C4N NAD B . 6.92 -2.97 -6.91
C5N NAD B . 7.01 -1.59 -6.77
C6N NAD B . 8.21 -0.97 -6.63
H51A NAD B . 8.58 3.40 -13.24
H52A NAD B . 8.33 2.34 -14.65
H4B NAD B . 10.70 2.44 -15.20
H3B NAD B . 11.37 3.04 -12.72
HO3A NAD B . 12.97 3.04 -14.58
H2B NAD B . 9.79 4.92 -12.70
HO2A NAD B . 12.52 5.78 -13.09
H1B NAD B . 11.53 5.86 -14.92
H8A NAD B . 8.48 6.83 -12.85
H61A NAD B . 7.64 11.48 -16.42
H62A NAD B . 7.42 10.62 -14.97
H2A NAD B . 10.54 8.54 -18.76
H51N NAD B . 13.15 -1.90 -9.38
H52N NAD B . 11.45 -1.56 -9.50
H4D NAD B . 13.33 -0.31 -7.50
H3D NAD B . 11.87 -2.94 -7.50
HO3N NAD B . 14.27 -2.82 -7.54
H2D NAD B . 11.38 -2.67 -5.16
HO2N NAD B . 13.35 -1.82 -4.65
H1D NAD B . 10.32 -0.27 -5.43
H2N NAD B . 10.26 -3.61 -6.67
H71N NAD B . 10.04 -5.43 -6.86
H72N NAD B . 9.20 -6.90 -7.18
H4N NAD B . 5.94 -3.43 -7.04
H5N NAD B . 6.17 -0.91 -6.70
H6N NAD B . 8.14 0.11 -6.50
N GLY A 1 -11.74 -9.48 36.34
CA GLY A 1 -11.28 -10.87 36.25
C GLY A 1 -11.12 -11.30 34.80
N SER A 2 -10.13 -10.75 34.15
CA SER A 2 -9.86 -11.09 32.79
C SER A 2 -8.38 -11.39 32.65
N HIS A 3 -8.06 -12.54 32.11
CA HIS A 3 -6.69 -12.93 31.86
C HIS A 3 -6.12 -12.10 30.73
N MET A 4 -4.80 -12.03 30.64
CA MET A 4 -4.11 -11.22 29.63
C MET A 4 -4.52 -11.66 28.23
N VAL A 5 -4.47 -12.96 28.01
CA VAL A 5 -4.88 -13.58 26.75
C VAL A 5 -6.35 -13.24 26.43
N LYS A 6 -7.14 -13.13 27.49
CA LYS A 6 -8.55 -12.84 27.38
C LYS A 6 -8.75 -11.42 26.91
N VAL A 7 -8.05 -10.47 27.51
CA VAL A 7 -8.14 -9.05 27.13
C VAL A 7 -7.70 -8.90 25.67
N SER A 8 -6.81 -9.78 25.25
CA SER A 8 -6.24 -9.71 23.91
C SER A 8 -7.26 -10.16 22.86
N LYS A 9 -7.89 -11.29 23.10
CA LYS A 9 -8.91 -11.78 22.18
C LYS A 9 -10.17 -10.94 22.28
N PHE A 10 -10.41 -10.42 23.47
CA PHE A 10 -11.55 -9.59 23.71
C PHE A 10 -11.34 -8.24 23.03
N LEU A 11 -10.08 -7.89 22.79
CA LEU A 11 -9.75 -6.70 22.05
C LEU A 11 -10.17 -6.89 20.60
N SER A 12 -9.83 -8.06 20.04
CA SER A 12 -10.26 -8.46 18.71
C SER A 12 -11.80 -8.49 18.64
N LEU A 13 -12.44 -8.59 19.78
CA LEU A 13 -13.87 -8.55 19.82
C LEU A 13 -14.36 -7.09 19.90
N VAL A 14 -13.81 -6.33 20.83
CA VAL A 14 -14.33 -5.03 21.14
C VAL A 14 -14.18 -3.97 20.05
N LEU A 15 -12.98 -3.69 19.57
CA LEU A 15 -12.83 -2.62 18.57
C LEU A 15 -13.17 -3.09 17.16
N ARG A 16 -13.48 -4.35 17.06
CA ARG A 16 -13.73 -4.95 15.78
C ARG A 16 -15.21 -5.27 15.55
N HIS A 17 -15.88 -5.81 16.56
CA HIS A 17 -17.23 -6.32 16.35
C HIS A 17 -18.36 -5.43 16.82
N ASN A 18 -18.30 -5.00 18.06
CA ASN A 18 -19.46 -4.33 18.68
C ASN A 18 -19.04 -3.41 19.81
N PRO A 19 -18.07 -2.46 19.55
CA PRO A 19 -17.30 -1.66 20.58
C PRO A 19 -18.11 -1.13 21.76
N ALA A 20 -19.36 -0.81 21.52
CA ALA A 20 -20.28 -0.32 22.49
C ALA A 20 -20.49 -1.23 23.74
N LEU A 21 -19.92 -2.46 23.72
CA LEU A 21 -20.00 -3.35 24.75
C LEU A 21 -19.29 -2.81 25.97
N ILE A 22 -18.08 -2.30 25.76
CA ILE A 22 -17.35 -1.77 26.87
C ILE A 22 -17.60 -0.28 26.88
N GLY A 23 -18.16 0.16 25.77
CA GLY A 23 -18.38 1.54 25.53
C GLY A 23 -17.21 2.12 24.77
N LEU A 24 -16.62 1.33 23.86
CA LEU A 24 -15.55 1.77 23.11
C LEU A 24 -16.02 2.61 21.94
N ASP A 25 -15.25 3.60 21.62
CA ASP A 25 -15.61 4.59 20.63
C ASP A 25 -14.75 4.39 19.43
N LEU A 26 -15.36 4.15 18.31
CA LEU A 26 -14.64 3.91 17.08
C LEU A 26 -14.93 5.00 16.09
N ASP A 27 -13.99 5.27 15.25
CA ASP A 27 -14.15 6.28 14.24
C ASP A 27 -14.28 5.64 12.89
N ALA A 28 -14.15 6.45 11.92
CA ALA A 28 -14.25 6.05 10.55
C ALA A 28 -13.03 5.25 10.10
N ASN A 29 -11.85 5.64 10.56
CA ASN A 29 -10.63 5.03 10.15
C ASN A 29 -10.44 3.67 10.80
N GLY A 30 -11.14 3.45 11.88
CA GLY A 30 -11.07 2.17 12.54
C GLY A 30 -10.13 2.19 13.72
N TRP A 31 -10.01 3.34 14.33
CA TRP A 31 -9.19 3.50 15.49
C TRP A 31 -10.05 3.58 16.71
N ALA A 32 -9.56 3.06 17.77
CA ALA A 32 -10.20 3.16 19.03
C ALA A 32 -9.25 3.84 19.96
N PRO A 33 -9.71 4.76 20.79
CA PRO A 33 -8.83 5.40 21.69
C PRO A 33 -8.52 4.45 22.80
N VAL A 34 -7.26 4.17 22.99
CA VAL A 34 -6.83 3.28 24.02
C VAL A 34 -7.29 3.74 25.34
N LYS A 35 -7.22 5.04 25.55
CA LYS A 35 -7.73 5.72 26.75
C LYS A 35 -9.15 5.20 27.07
N GLU A 36 -9.97 5.18 26.02
CA GLU A 36 -11.34 4.73 26.08
C GLU A 36 -11.34 3.24 26.37
N LEU A 37 -10.43 2.57 25.75
CA LEU A 37 -10.40 1.14 25.65
C LEU A 37 -10.10 0.47 26.95
N LEU A 38 -9.13 0.96 27.70
CA LEU A 38 -8.77 0.27 28.85
C LEU A 38 -9.75 0.68 29.94
N ALA A 39 -10.15 1.99 29.92
CA ALA A 39 -11.08 2.52 30.91
C ALA A 39 -12.43 1.84 30.82
N LYS A 40 -12.92 1.79 29.62
CA LYS A 40 -14.22 1.22 29.32
C LYS A 40 -14.23 -0.29 29.53
N MET A 41 -13.18 -0.99 29.11
CA MET A 41 -13.18 -2.42 29.35
C MET A 41 -12.85 -2.75 30.78
N LYS A 42 -12.25 -1.80 31.49
CA LYS A 42 -12.04 -1.94 32.91
C LYS A 42 -13.40 -2.13 33.58
N ALA A 43 -14.35 -1.30 33.17
CA ALA A 43 -15.75 -1.41 33.62
C ALA A 43 -16.39 -2.74 33.17
N LYS A 44 -15.88 -3.26 32.05
CA LYS A 44 -16.28 -4.57 31.52
C LYS A 44 -15.57 -5.73 32.30
N GLY A 45 -14.80 -5.36 33.33
CA GLY A 45 -14.16 -6.33 34.21
C GLY A 45 -12.77 -6.75 33.75
N HIS A 46 -12.03 -5.85 33.15
CA HIS A 46 -10.71 -6.21 32.61
C HIS A 46 -9.53 -5.78 33.48
N GLY A 47 -9.67 -4.67 34.17
CA GLY A 47 -8.59 -4.17 35.05
C GLY A 47 -7.27 -4.01 34.39
N ILE A 48 -7.25 -3.35 33.27
CA ILE A 48 -6.03 -3.07 32.64
C ILE A 48 -5.77 -1.58 32.64
N SER A 49 -4.55 -1.23 32.80
CA SER A 49 -4.13 0.12 32.72
C SER A 49 -3.70 0.38 31.28
N MET A 50 -3.21 1.58 31.01
CA MET A 50 -2.84 1.93 29.66
C MET A 50 -1.68 1.02 29.24
N GLU A 51 -0.80 0.77 30.19
CA GLU A 51 0.35 -0.05 29.93
C GLU A 51 0.04 -1.56 29.96
N GLU A 52 -1.05 -1.95 30.62
CA GLU A 52 -1.44 -3.35 30.56
C GLU A 52 -1.89 -3.61 29.14
N LEU A 53 -2.84 -2.78 28.65
CA LEU A 53 -3.34 -2.92 27.31
C LEU A 53 -2.19 -2.76 26.31
N LYS A 54 -1.25 -1.88 26.63
CA LYS A 54 -0.04 -1.68 25.82
C LYS A 54 0.62 -3.01 25.52
N HIS A 55 0.68 -3.90 26.51
CA HIS A 55 1.27 -5.22 26.33
C HIS A 55 0.42 -6.06 25.39
N ILE A 56 -0.90 -5.97 25.55
CA ILE A 56 -1.83 -6.68 24.67
C ILE A 56 -1.54 -6.34 23.20
N VAL A 57 -1.64 -5.09 22.87
CA VAL A 57 -1.48 -4.64 21.51
C VAL A 57 -0.03 -4.87 20.99
N GLU A 58 0.96 -4.76 21.88
CA GLU A 58 2.37 -4.82 21.53
C GLU A 58 2.70 -6.24 21.08
N THR A 59 1.94 -7.18 21.57
CA THR A 59 2.18 -8.55 21.21
C THR A 59 1.37 -8.92 19.97
N ASN A 60 0.37 -8.12 19.68
CA ASN A 60 -0.47 -8.30 18.52
C ASN A 60 0.10 -7.62 17.26
N SER A 61 1.12 -6.79 17.43
CA SER A 61 1.81 -6.00 16.35
C SER A 61 2.22 -6.87 15.10
N LYS A 62 2.09 -8.17 15.21
CA LYS A 62 2.40 -9.17 14.19
C LYS A 62 1.40 -9.13 13.00
N LYS A 63 0.81 -7.96 12.77
CA LYS A 63 -0.22 -7.74 11.76
C LYS A 63 -1.56 -8.21 12.24
N ARG A 64 -1.92 -7.72 13.39
CA ARG A 64 -3.20 -7.99 14.00
C ARG A 64 -3.67 -6.74 14.74
N PHE A 65 -2.74 -6.09 15.39
CA PHE A 65 -2.98 -4.83 16.07
C PHE A 65 -1.78 -3.93 15.87
N ALA A 66 -1.92 -2.69 16.29
CA ALA A 66 -0.90 -1.70 16.19
C ALA A 66 -1.30 -0.57 17.11
N PHE A 67 -0.37 0.25 17.45
CA PHE A 67 -0.58 1.24 18.47
C PHE A 67 0.06 2.55 18.01
N SER A 68 -0.31 3.65 18.63
CA SER A 68 0.17 4.98 18.26
C SER A 68 1.42 5.39 19.06
N GLU A 69 1.93 6.60 18.82
CA GLU A 69 3.16 7.13 19.46
C GLU A 69 3.01 7.25 20.97
N ASN A 70 1.93 7.90 21.43
CA ASN A 70 1.69 8.03 22.88
C ASN A 70 1.13 6.72 23.38
N PHE A 71 0.80 5.85 22.43
CA PHE A 71 0.17 4.56 22.67
C PHE A 71 -1.29 4.79 23.11
N GLU A 72 -1.83 5.94 22.74
CA GLU A 72 -3.13 6.39 23.23
C GLU A 72 -4.27 5.95 22.34
N LYS A 73 -3.96 5.32 21.24
CA LYS A 73 -4.98 4.98 20.28
C LYS A 73 -4.54 3.74 19.55
N ILE A 74 -5.41 2.80 19.47
CA ILE A 74 -5.13 1.51 18.87
C ILE A 74 -5.96 1.30 17.60
N ARG A 75 -5.49 0.39 16.79
CA ARG A 75 -6.17 -0.04 15.61
C ARG A 75 -5.83 -1.51 15.40
N ALA A 76 -6.83 -2.34 15.19
CA ALA A 76 -6.61 -3.72 14.95
C ALA A 76 -6.52 -3.93 13.45
N ASN A 77 -5.37 -4.21 12.96
CA ASN A 77 -5.19 -4.38 11.53
C ASN A 77 -5.33 -5.83 11.12
N GLN A 78 -6.12 -6.06 10.13
CA GLN A 78 -6.36 -7.38 9.59
C GLN A 78 -5.61 -7.43 8.26
N GLY A 79 -4.44 -6.90 8.34
CA GLY A 79 -3.65 -6.59 7.22
C GLY A 79 -3.61 -5.10 7.20
N HIS A 80 -4.69 -4.55 6.63
CA HIS A 80 -4.98 -3.12 6.69
C HIS A 80 -6.20 -2.86 5.82
N SER A 81 -7.24 -2.38 6.42
CA SER A 81 -8.44 -2.07 5.70
C SER A 81 -8.30 -0.72 4.96
N VAL A 82 -7.77 -0.82 3.75
CA VAL A 82 -7.67 0.34 2.88
C VAL A 82 -8.95 0.42 2.07
N GLU A 83 -9.43 -0.74 1.74
CA GLU A 83 -10.71 -0.91 1.10
C GLU A 83 -11.30 -2.15 1.71
N VAL A 84 -10.65 -3.20 1.42
CA VAL A 84 -10.86 -4.49 1.98
C VAL A 84 -9.56 -5.03 2.48
N ASP A 85 -8.83 -5.47 1.55
CA ASP A 85 -7.48 -6.00 1.66
C ASP A 85 -7.09 -6.44 0.26
N LEU A 86 -6.67 -5.48 -0.50
CA LEU A 86 -6.44 -5.66 -1.88
C LEU A 86 -4.98 -5.46 -2.29
N GLY A 87 -4.12 -5.23 -1.33
CA GLY A 87 -2.71 -5.09 -1.65
C GLY A 87 -2.10 -3.78 -1.21
N TYR A 88 -2.76 -3.09 -0.33
CA TYR A 88 -2.24 -1.86 0.22
C TYR A 88 -2.11 -1.95 1.71
N GLU A 89 -1.18 -1.23 2.23
CA GLU A 89 -0.93 -1.20 3.63
C GLU A 89 -1.24 0.18 4.20
N LYS A 90 -0.33 1.14 3.96
CA LYS A 90 -0.32 2.45 4.65
C LYS A 90 0.47 2.34 5.94
N GLN A 91 1.71 2.66 5.86
CA GLN A 91 2.57 2.72 7.01
C GLN A 91 2.77 4.15 7.34
N VAL A 92 3.60 4.43 8.32
CA VAL A 92 3.89 5.78 8.67
C VAL A 92 4.60 6.46 7.49
N PRO A 93 4.04 7.56 7.02
CA PRO A 93 4.51 8.21 5.82
C PRO A 93 5.93 8.76 5.93
N PRO A 94 6.82 8.32 5.03
CA PRO A 94 8.18 8.83 4.98
C PRO A 94 8.17 10.19 4.31
N ALA A 95 9.00 11.06 4.77
CA ALA A 95 9.04 12.38 4.22
C ALA A 95 9.96 12.40 3.03
N VAL A 96 11.10 11.76 3.20
CA VAL A 96 12.08 11.65 2.15
C VAL A 96 12.09 10.25 1.63
N LEU A 97 11.87 10.11 0.36
CA LEU A 97 11.80 8.78 -0.24
C LEU A 97 12.63 8.64 -1.48
N PHE A 98 13.40 7.57 -1.53
CA PHE A 98 14.32 7.28 -2.62
C PHE A 98 13.57 6.64 -3.77
N HIS A 99 14.20 6.54 -4.92
CA HIS A 99 13.67 5.81 -6.06
C HIS A 99 14.78 5.59 -7.06
N GLY A 100 14.77 4.47 -7.73
CA GLY A 100 15.79 4.19 -8.70
C GLY A 100 15.29 4.33 -10.10
N THR A 101 16.12 4.85 -10.95
CA THR A 101 15.78 5.03 -12.31
C THR A 101 17.08 4.98 -13.17
N ALA A 102 17.01 5.46 -14.40
CA ALA A 102 18.08 5.31 -15.37
C ALA A 102 18.50 6.67 -15.89
N GLU A 103 19.62 6.75 -16.66
CA GLU A 103 20.17 8.06 -17.12
C GLU A 103 19.52 8.76 -18.34
N LYS A 104 19.14 8.05 -19.38
CA LYS A 104 18.42 8.73 -20.49
C LYS A 104 16.99 8.99 -20.00
N ASN A 105 16.61 8.09 -19.14
CA ASN A 105 15.37 8.13 -18.46
C ASN A 105 15.48 9.24 -17.43
N PHE A 106 16.71 9.59 -17.04
CA PHE A 106 17.00 10.64 -16.07
C PHE A 106 16.64 11.98 -16.62
N ASP A 107 17.05 12.22 -17.85
CA ASP A 107 16.70 13.48 -18.52
C ASP A 107 15.21 13.62 -18.52
N LEU A 108 14.53 12.59 -18.98
CA LEU A 108 13.08 12.65 -19.06
C LEU A 108 12.40 12.73 -17.65
N ILE A 109 12.96 12.06 -16.67
CA ILE A 109 12.37 11.96 -15.33
C ILE A 109 12.65 13.17 -14.48
N LEU A 110 13.73 13.83 -14.72
CA LEU A 110 14.00 15.02 -13.97
C LEU A 110 13.32 16.21 -14.64
N LYS A 111 12.93 16.00 -15.87
CA LYS A 111 12.25 17.00 -16.64
C LYS A 111 10.72 16.79 -16.56
N ASP A 112 10.30 15.63 -16.10
CA ASP A 112 8.87 15.32 -16.06
C ASP A 112 8.36 14.93 -14.68
N GLY A 113 9.14 14.21 -13.92
CA GLY A 113 8.72 13.80 -12.60
C GLY A 113 8.11 12.43 -12.63
N ILE A 114 8.21 11.70 -11.54
CA ILE A 114 7.71 10.35 -11.52
C ILE A 114 6.19 10.42 -11.37
N LYS A 115 5.50 9.62 -12.11
CA LYS A 115 4.07 9.61 -12.08
C LYS A 115 3.55 8.23 -12.43
N LYS A 116 2.25 8.11 -12.64
CA LYS A 116 1.54 6.84 -12.88
C LYS A 116 1.96 6.02 -14.14
N MET A 117 3.12 6.33 -14.70
CA MET A 117 3.72 5.58 -15.82
C MET A 117 4.21 4.22 -15.26
N SER A 118 4.33 4.18 -13.94
CA SER A 118 4.73 3.02 -13.20
C SER A 118 3.66 1.91 -13.31
N ARG A 119 2.44 2.25 -12.91
CA ARG A 119 1.31 1.34 -12.98
C ARG A 119 0.02 2.16 -12.91
N HIS A 120 -0.44 2.44 -11.71
CA HIS A 120 -1.65 3.24 -11.54
C HIS A 120 -1.33 4.45 -10.69
N HIS A 121 -0.49 4.27 -9.71
CA HIS A 121 0.04 5.37 -8.93
C HIS A 121 1.53 5.22 -8.99
N VAL A 122 2.30 6.13 -8.46
CA VAL A 122 3.71 6.03 -8.65
C VAL A 122 4.45 5.51 -7.41
N HIS A 123 5.33 4.57 -7.64
CA HIS A 123 6.08 3.98 -6.56
C HIS A 123 7.48 4.50 -6.48
N LEU A 124 7.87 4.81 -5.27
CA LEU A 124 9.21 5.19 -4.98
C LEU A 124 9.84 4.03 -4.22
N SER A 125 11.10 4.07 -4.08
CA SER A 125 11.80 2.92 -3.67
C SER A 125 12.30 3.00 -2.25
N GLN A 126 11.69 2.18 -1.46
CA GLN A 126 12.01 1.86 -0.09
C GLN A 126 13.46 1.32 -0.01
N ASP A 127 13.86 0.58 -1.04
CA ASP A 127 15.18 0.03 -1.14
C ASP A 127 15.93 0.80 -2.16
N ILE A 128 16.88 1.57 -1.72
CA ILE A 128 17.66 2.40 -2.62
C ILE A 128 18.59 1.54 -3.51
N THR A 129 19.12 0.49 -2.93
CA THR A 129 20.04 -0.40 -3.59
C THR A 129 19.40 -1.12 -4.79
N THR A 130 18.35 -1.85 -4.52
CA THR A 130 17.64 -2.57 -5.55
C THR A 130 16.93 -1.60 -6.54
N ALA A 131 16.61 -0.39 -6.06
CA ALA A 131 15.99 0.64 -6.88
C ALA A 131 16.87 1.02 -8.04
N ARG A 132 18.08 1.39 -7.71
CA ARG A 132 19.06 1.82 -8.71
C ARG A 132 19.43 0.67 -9.63
N LYS A 133 19.44 -0.51 -9.04
CA LYS A 133 19.75 -1.75 -9.72
C LYS A 133 18.71 -2.04 -10.80
N VAL A 134 17.46 -1.81 -10.50
CA VAL A 134 16.41 -2.12 -11.42
C VAL A 134 16.23 -0.98 -12.44
N GLY A 135 16.53 0.26 -12.05
CA GLY A 135 16.46 1.38 -12.99
C GLY A 135 17.54 1.23 -14.04
N MET A 136 18.66 0.72 -13.59
CA MET A 136 19.85 0.39 -14.37
C MET A 136 19.54 -0.50 -15.58
N ARG A 137 18.39 -1.17 -15.55
CA ARG A 137 18.01 -2.06 -16.64
C ARG A 137 17.63 -1.28 -17.90
N HIS A 138 17.46 0.04 -17.77
CA HIS A 138 17.18 0.87 -18.93
C HIS A 138 18.49 1.33 -19.56
N GLY A 139 19.53 1.39 -18.75
CA GLY A 139 20.83 1.80 -19.21
C GLY A 139 21.79 1.98 -18.05
N LYS A 140 21.99 3.19 -17.65
CA LYS A 140 22.81 3.49 -16.49
C LYS A 140 21.91 3.87 -15.32
N PRO A 141 22.34 3.66 -14.07
CA PRO A 141 21.51 3.94 -12.91
C PRO A 141 21.70 5.35 -12.31
N VAL A 142 20.65 5.84 -11.68
CA VAL A 142 20.63 7.09 -10.92
C VAL A 142 19.52 6.98 -9.87
N VAL A 143 19.78 7.45 -8.67
CA VAL A 143 18.80 7.43 -7.64
C VAL A 143 18.19 8.81 -7.49
N LEU A 144 16.90 8.84 -7.44
CA LEU A 144 16.16 10.05 -7.31
C LEU A 144 15.30 9.99 -6.07
N SER A 145 15.73 10.69 -5.05
CA SER A 145 15.06 10.71 -3.78
C SER A 145 14.33 12.03 -3.59
N VAL A 146 13.04 12.00 -3.33
CA VAL A 146 12.31 13.24 -3.11
C VAL A 146 12.60 13.84 -1.76
N ASP A 147 12.72 15.14 -1.79
CA ASP A 147 13.00 15.99 -0.65
C ASP A 147 11.86 16.04 0.33
N ALA A 148 12.15 15.52 1.52
CA ALA A 148 11.25 15.44 2.65
C ALA A 148 10.41 16.66 2.83
N LYS A 149 11.08 17.77 2.80
CA LYS A 149 10.53 19.05 3.17
C LYS A 149 9.43 19.45 2.23
N GLY A 150 9.64 19.20 0.96
CA GLY A 150 8.68 19.57 -0.03
C GLY A 150 7.43 18.73 0.03
N MET A 151 7.58 17.47 0.38
CA MET A 151 6.46 16.57 0.39
C MET A 151 5.71 16.62 1.69
N ALA A 152 6.44 16.70 2.77
CA ALA A 152 5.83 16.83 4.08
C ALA A 152 5.03 18.14 4.17
N ASP A 153 5.56 19.19 3.54
CA ASP A 153 4.88 20.50 3.42
C ASP A 153 3.55 20.37 2.71
N GLY A 154 3.52 19.50 1.72
CA GLY A 154 2.33 19.32 0.92
C GLY A 154 1.22 18.61 1.67
N GLY A 155 1.55 18.05 2.83
CA GLY A 155 0.56 17.32 3.59
C GLY A 155 0.30 16.00 2.95
N PHE A 156 1.29 15.51 2.24
CA PHE A 156 1.22 14.26 1.54
C PHE A 156 1.12 13.09 2.47
N ASP A 157 0.17 12.26 2.21
CA ASP A 157 0.09 11.00 2.87
C ASP A 157 0.39 10.02 1.79
N PHE A 158 1.39 9.25 2.01
CA PHE A 158 1.93 8.42 0.98
C PHE A 158 1.39 7.03 1.17
N TYR A 159 1.52 6.21 0.19
CA TYR A 159 1.01 4.87 0.28
C TYR A 159 2.13 3.91 0.40
N LEU A 160 1.85 2.81 1.01
CA LEU A 160 2.75 1.73 1.14
C LEU A 160 1.97 0.52 0.67
N SER A 161 2.40 -0.10 -0.39
CA SER A 161 1.70 -1.24 -0.91
C SER A 161 2.22 -2.53 -0.28
N ASN A 162 1.55 -3.64 -0.57
CA ASN A 162 1.80 -4.96 0.05
C ASN A 162 3.28 -5.39 0.13
N ASN A 163 4.09 -5.06 -0.87
CA ASN A 163 5.51 -5.49 -0.87
C ASN A 163 6.34 -4.67 0.16
N GLY A 164 5.78 -3.58 0.64
CA GLY A 164 6.52 -2.69 1.53
C GLY A 164 7.17 -1.60 0.73
N VAL A 165 6.58 -1.37 -0.41
CA VAL A 165 7.08 -0.42 -1.39
C VAL A 165 6.45 0.94 -1.18
N TRP A 166 7.21 1.97 -1.49
CA TRP A 166 6.76 3.31 -1.26
C TRP A 166 5.94 3.79 -2.44
N LEU A 167 4.99 4.65 -2.19
CA LEU A 167 4.14 5.17 -3.23
C LEU A 167 3.70 6.59 -2.90
N ILE A 168 3.67 7.41 -3.89
CA ILE A 168 3.19 8.76 -3.81
C ILE A 168 2.25 8.94 -4.99
N ASP A 169 1.35 9.87 -4.93
CA ASP A 169 0.41 9.99 -6.02
C ASP A 169 1.00 10.78 -7.15
N PHE A 170 1.88 11.73 -6.81
CA PHE A 170 2.52 12.52 -7.83
C PHE A 170 3.78 13.17 -7.31
N VAL A 171 4.88 12.85 -7.91
CA VAL A 171 6.13 13.50 -7.62
C VAL A 171 6.63 14.35 -8.74
N PRO A 172 6.42 15.66 -8.69
CA PRO A 172 7.04 16.56 -9.63
C PRO A 172 8.54 16.48 -9.41
N ALA A 173 9.30 16.50 -10.48
CA ALA A 173 10.72 16.24 -10.42
C ALA A 173 11.50 17.31 -9.71
N GLU A 174 10.90 18.43 -9.53
CA GLU A 174 11.52 19.48 -8.82
C GLU A 174 11.61 19.14 -7.32
N PHE A 175 10.72 18.25 -6.88
CA PHE A 175 10.77 17.78 -5.52
C PHE A 175 11.72 16.59 -5.44
N ILE A 176 11.99 16.00 -6.59
CA ILE A 176 12.91 14.93 -6.70
C ILE A 176 14.30 15.46 -6.55
N LYS A 177 15.08 14.82 -5.74
CA LYS A 177 16.40 15.19 -5.57
C LYS A 177 17.34 14.15 -5.97
N VAL A 178 17.94 14.44 -7.03
CA VAL A 178 19.01 13.65 -7.61
C VAL A 178 20.20 13.66 -6.65
PA NAD B . 8.61 0.67 -13.03
O1A NAD B . 7.89 1.64 -12.16
O2A NAD B . 7.83 -0.13 -14.00
O5B NAD B . 9.74 1.49 -13.84
C5B NAD B . 9.38 2.62 -14.62
C4B NAD B . 10.66 3.32 -15.11
O4B NAD B . 10.31 4.54 -15.78
C3B NAD B . 11.51 3.74 -13.95
O3B NAD B . 12.89 4.07 -14.37
C2B NAD B . 10.81 4.97 -13.53
O2B NAD B . 11.64 5.71 -12.62
C1B NAD B . 10.64 5.62 -14.86
N9A NAD B . 9.58 6.67 -14.86
C8A NAD B . 8.39 6.71 -14.14
N7A NAD B . 7.71 7.85 -14.47
C5A NAD B . 8.49 8.42 -15.34
C6A NAD B . 8.16 9.64 -15.94
N6A NAD B . 7.04 10.26 -15.68
N1A NAD B . 9.06 10.16 -16.83
C2A NAD B . 10.20 9.44 -17.06
N3A NAD B . 10.50 8.26 -16.48
C4A NAD B . 9.61 7.75 -15.59
O3 NAD B . 9.51 -0.30 -12.13
PN NAD B . 10.14 -1.76 -12.27
O1N NAD B . 9.38 -2.52 -13.31
O2N NAD B . 11.60 -1.63 -12.44
O5D NAD B . 9.86 -2.45 -10.83
C5D NAD B . 10.73 -2.21 -9.71
C4D NAD B . 10.62 -0.75 -9.27
O4D NAD B . 9.30 -0.50 -8.79
C3D NAD B . 11.51 -0.43 -8.12
O3D NAD B . 11.68 0.99 -7.97
C2D NAD B . 10.76 -1.01 -6.97
O2D NAD B . 11.21 -0.42 -5.75
C1D NAD B . 9.33 -0.63 -7.32
N1N NAD B . 8.32 -1.65 -6.89
C2N NAD B . 8.56 -3.03 -6.97
C3N NAD B . 7.50 -3.95 -6.66
C7N NAD B . 7.69 -5.49 -6.69
O7N NAD B . 6.77 -6.25 -6.40
N7N NAD B . 8.89 -5.93 -7.05
C4N NAD B . 6.25 -3.42 -6.27
C5N NAD B . 6.10 -2.04 -6.20
C6N NAD B . 7.10 -1.20 -6.51
H51A NAD B . 8.78 3.31 -14.02
H52A NAD B . 8.78 2.28 -15.48
H4B NAD B . 11.15 2.61 -15.78
H3B NAD B . 11.54 2.96 -13.20
HO3A NAD B . 12.99 4.13 -15.37
H2B NAD B . 9.86 4.69 -13.08
HO2A NAD B . 12.49 5.91 -13.12
H1B NAD B . 11.60 6.08 -15.10
H8A NAD B . 8.08 5.97 -13.40
H61A NAD B . 6.85 11.13 -16.14
H62A NAD B . 6.40 9.87 -15.03
H2A NAD B . 10.94 9.82 -17.76
H51N NAD B . 11.75 -2.44 -9.99
H52N NAD B . 10.47 -2.88 -8.89
H4D NAD B . 10.89 -0.18 -10.16
H3D NAD B . 12.51 -0.84 -8.26
HO3N NAD B . 11.91 1.32 -8.90
H2D NAD B . 10.93 -2.08 -7.02
HO2N NAD B . 12.18 -0.65 -5.67
H1D NAD B . 9.06 0.29 -6.79
H2N NAD B . 9.54 -3.40 -7.26
H71N NAD B . 9.64 -5.31 -7.28
H72N NAD B . 9.08 -6.91 -7.08
H4N NAD B . 5.41 -4.03 -5.95
H5N NAD B . 5.20 -1.53 -5.90
H6N NAD B . 6.84 -0.16 -6.39
N GLY A 1 -23.47 -14.37 21.78
CA GLY A 1 -22.46 -14.89 22.71
C GLY A 1 -21.33 -15.56 21.98
N SER A 2 -20.33 -14.81 21.64
CA SER A 2 -19.22 -15.33 20.90
C SER A 2 -17.99 -14.51 21.26
N HIS A 3 -16.85 -14.89 20.74
CA HIS A 3 -15.64 -14.13 20.96
C HIS A 3 -15.58 -13.04 19.92
N MET A 4 -16.27 -11.97 20.22
CA MET A 4 -16.47 -10.82 19.34
C MET A 4 -15.17 -10.35 18.69
N VAL A 5 -14.11 -10.21 19.47
CA VAL A 5 -12.80 -9.74 18.95
C VAL A 5 -12.14 -10.73 18.00
N LYS A 6 -12.49 -11.96 18.16
CA LYS A 6 -11.93 -13.04 17.38
C LYS A 6 -12.64 -13.05 16.04
N VAL A 7 -13.95 -12.89 16.08
CA VAL A 7 -14.78 -12.79 14.88
C VAL A 7 -14.40 -11.52 14.12
N SER A 8 -13.94 -10.51 14.86
CA SER A 8 -13.55 -9.23 14.26
C SER A 8 -12.35 -9.40 13.34
N LYS A 9 -11.29 -9.97 13.85
CA LYS A 9 -10.10 -10.16 13.05
C LYS A 9 -10.29 -11.29 12.05
N PHE A 10 -11.15 -12.23 12.39
CA PHE A 10 -11.46 -13.31 11.50
C PHE A 10 -12.28 -12.79 10.34
N LEU A 11 -13.01 -11.70 10.55
CA LEU A 11 -13.74 -11.06 9.49
C LEU A 11 -12.76 -10.50 8.49
N SER A 12 -11.77 -9.77 9.02
CA SER A 12 -10.68 -9.23 8.22
C SER A 12 -9.93 -10.35 7.47
N LEU A 13 -10.08 -11.56 7.94
CA LEU A 13 -9.53 -12.70 7.25
C LEU A 13 -10.53 -13.17 6.16
N VAL A 14 -11.79 -13.37 6.56
CA VAL A 14 -12.76 -14.01 5.71
C VAL A 14 -13.14 -13.26 4.44
N LEU A 15 -13.67 -12.06 4.53
CA LEU A 15 -14.17 -11.39 3.30
C LEU A 15 -13.05 -10.70 2.54
N ARG A 16 -11.88 -10.76 3.11
CA ARG A 16 -10.70 -10.13 2.57
C ARG A 16 -9.81 -11.13 1.82
N HIS A 17 -9.60 -12.31 2.41
CA HIS A 17 -8.58 -13.23 1.88
C HIS A 17 -9.13 -14.39 1.07
N ASN A 18 -10.07 -15.11 1.63
CA ASN A 18 -10.46 -16.41 1.04
C ASN A 18 -11.87 -16.81 1.46
N PRO A 19 -12.87 -15.90 1.22
CA PRO A 19 -14.26 -15.95 1.81
C PRO A 19 -14.92 -17.34 1.87
N ALA A 20 -14.61 -18.17 0.90
CA ALA A 20 -15.13 -19.49 0.79
C ALA A 20 -14.84 -20.41 2.00
N LEU A 21 -14.01 -19.96 2.97
CA LEU A 21 -13.70 -20.66 4.10
C LEU A 21 -14.93 -20.87 4.92
N ILE A 22 -15.69 -19.81 5.14
CA ILE A 22 -16.88 -19.96 5.91
C ILE A 22 -17.99 -20.24 4.94
N GLY A 23 -17.67 -19.99 3.70
CA GLY A 23 -18.60 -20.08 2.62
C GLY A 23 -19.23 -18.73 2.36
N LEU A 24 -18.46 -17.65 2.48
CA LEU A 24 -18.95 -16.36 2.22
C LEU A 24 -18.92 -16.07 0.74
N ASP A 25 -19.84 -15.26 0.31
CA ASP A 25 -20.06 -14.95 -1.07
C ASP A 25 -19.66 -13.53 -1.28
N LEU A 26 -18.90 -13.26 -2.28
CA LEU A 26 -18.44 -11.91 -2.50
C LEU A 26 -18.95 -11.34 -3.79
N ASP A 27 -19.25 -10.07 -3.73
CA ASP A 27 -19.76 -9.32 -4.85
C ASP A 27 -18.59 -8.76 -5.64
N ALA A 28 -18.87 -8.10 -6.71
CA ALA A 28 -17.87 -7.52 -7.56
C ALA A 28 -17.40 -6.21 -6.97
N ASN A 29 -18.35 -5.46 -6.38
CA ASN A 29 -18.06 -4.19 -5.81
C ASN A 29 -17.39 -4.35 -4.42
N GLY A 30 -17.35 -5.58 -3.93
CA GLY A 30 -16.67 -5.84 -2.69
C GLY A 30 -17.60 -5.95 -1.50
N TRP A 31 -18.83 -6.29 -1.75
CA TRP A 31 -19.77 -6.47 -0.67
C TRP A 31 -19.95 -7.95 -0.39
N ALA A 32 -20.20 -8.26 0.83
CA ALA A 32 -20.50 -9.59 1.23
C ALA A 32 -21.82 -9.56 1.95
N PRO A 33 -22.70 -10.52 1.74
CA PRO A 33 -23.95 -10.53 2.41
C PRO A 33 -23.73 -10.95 3.84
N VAL A 34 -24.02 -10.06 4.75
CA VAL A 34 -23.93 -10.32 6.16
C VAL A 34 -24.67 -11.55 6.55
N LYS A 35 -25.86 -11.74 5.98
CA LYS A 35 -26.67 -12.94 6.24
C LYS A 35 -25.84 -14.21 6.00
N GLU A 36 -25.07 -14.19 4.93
CA GLU A 36 -24.18 -15.29 4.58
C GLU A 36 -23.07 -15.34 5.62
N LEU A 37 -22.62 -14.18 5.98
CA LEU A 37 -21.42 -13.99 6.73
C LEU A 37 -21.55 -14.50 8.14
N LEU A 38 -22.66 -14.22 8.80
CA LEU A 38 -22.72 -14.56 10.14
C LEU A 38 -23.11 -16.02 10.20
N ALA A 39 -24.01 -16.45 9.27
CA ALA A 39 -24.49 -17.83 9.25
C ALA A 39 -23.37 -18.80 8.96
N LYS A 40 -22.62 -18.47 7.97
CA LYS A 40 -21.52 -19.28 7.53
C LYS A 40 -20.36 -19.31 8.54
N MET A 41 -20.01 -18.16 9.12
CA MET A 41 -18.90 -18.15 10.06
C MET A 41 -19.37 -18.65 11.42
N LYS A 42 -20.68 -18.62 11.65
CA LYS A 42 -21.31 -19.25 12.80
C LYS A 42 -20.91 -20.72 12.77
N ALA A 43 -21.08 -21.32 11.60
CA ALA A 43 -20.71 -22.71 11.34
C ALA A 43 -19.19 -22.91 11.40
N LYS A 44 -18.43 -21.86 11.09
CA LYS A 44 -16.96 -21.86 11.18
C LYS A 44 -16.50 -21.73 12.67
N GLY A 45 -17.37 -22.15 13.57
CA GLY A 45 -17.04 -22.24 14.97
C GLY A 45 -17.09 -20.93 15.71
N HIS A 46 -17.89 -20.00 15.26
CA HIS A 46 -17.97 -18.73 15.96
C HIS A 46 -19.21 -18.59 16.79
N GLY A 47 -20.35 -18.78 16.17
CA GLY A 47 -21.59 -18.58 16.88
C GLY A 47 -21.96 -17.16 17.01
N ILE A 48 -21.94 -16.46 15.90
CA ILE A 48 -22.39 -15.12 15.90
C ILE A 48 -23.68 -15.02 15.15
N SER A 49 -24.61 -14.37 15.73
CA SER A 49 -25.83 -14.04 15.08
C SER A 49 -25.65 -12.65 14.45
N MET A 50 -26.70 -12.13 13.79
CA MET A 50 -26.55 -10.90 12.97
C MET A 50 -26.00 -9.74 13.80
N GLU A 51 -26.57 -9.54 14.97
CA GLU A 51 -26.18 -8.44 15.81
C GLU A 51 -24.80 -8.62 16.47
N GLU A 52 -24.32 -9.85 16.52
CA GLU A 52 -22.97 -10.09 17.02
C GLU A 52 -22.03 -9.53 15.98
N LEU A 53 -22.21 -9.96 14.71
CA LEU A 53 -21.39 -9.48 13.64
C LEU A 53 -21.57 -7.95 13.51
N LYS A 54 -22.77 -7.48 13.75
CA LYS A 54 -23.10 -6.06 13.73
C LYS A 54 -22.19 -5.29 14.68
N HIS A 55 -21.79 -5.93 15.76
CA HIS A 55 -20.83 -5.34 16.69
C HIS A 55 -19.44 -5.32 16.07
N ILE A 56 -19.08 -6.38 15.37
CA ILE A 56 -17.80 -6.41 14.65
C ILE A 56 -17.74 -5.24 13.63
N VAL A 57 -18.74 -5.14 12.81
CA VAL A 57 -18.76 -4.09 11.85
C VAL A 57 -18.91 -2.71 12.56
N GLU A 58 -19.45 -2.71 13.78
CA GLU A 58 -19.53 -1.49 14.58
C GLU A 58 -18.11 -1.04 14.96
N THR A 59 -17.17 -1.98 14.99
CA THR A 59 -15.80 -1.62 15.27
C THR A 59 -15.02 -1.28 14.00
N ASN A 60 -15.76 -1.23 12.88
CA ASN A 60 -15.27 -0.69 11.56
C ASN A 60 -14.51 0.67 11.63
N SER A 61 -14.52 1.37 12.77
CA SER A 61 -14.20 2.82 12.92
C SER A 61 -12.98 3.39 12.12
N LYS A 62 -11.95 2.60 11.83
CA LYS A 62 -10.84 3.08 10.95
C LYS A 62 -11.24 2.97 9.47
N LYS A 63 -12.53 2.81 9.26
CA LYS A 63 -13.15 2.60 7.98
C LYS A 63 -12.59 1.32 7.39
N ARG A 64 -12.69 0.27 8.17
CA ARG A 64 -12.21 -1.04 7.77
C ARG A 64 -13.37 -1.92 7.35
N PHE A 65 -14.57 -1.49 7.69
CA PHE A 65 -15.79 -2.21 7.39
C PHE A 65 -16.88 -1.17 7.17
N ALA A 66 -18.07 -1.62 6.83
CA ALA A 66 -19.22 -0.78 6.65
C ALA A 66 -20.39 -1.67 6.52
N PHE A 67 -21.52 -1.18 6.90
CA PHE A 67 -22.69 -1.97 6.95
C PHE A 67 -23.80 -1.27 6.19
N SER A 68 -24.50 -2.03 5.39
CA SER A 68 -25.56 -1.52 4.55
C SER A 68 -26.87 -1.24 5.38
N GLU A 69 -27.91 -0.79 4.68
CA GLU A 69 -29.18 -0.29 5.26
C GLU A 69 -29.90 -1.30 6.20
N ASN A 70 -30.15 -2.51 5.71
CA ASN A 70 -30.81 -3.55 6.54
C ASN A 70 -29.81 -4.15 7.48
N PHE A 71 -28.53 -3.83 7.20
CA PHE A 71 -27.38 -4.43 7.84
C PHE A 71 -27.20 -5.82 7.22
N GLU A 72 -27.67 -5.94 5.98
CA GLU A 72 -27.69 -7.20 5.24
C GLU A 72 -26.38 -7.43 4.51
N LYS A 73 -25.60 -6.40 4.32
CA LYS A 73 -24.41 -6.52 3.58
C LYS A 73 -23.32 -5.71 4.21
N ILE A 74 -22.17 -6.29 4.34
CA ILE A 74 -21.02 -5.62 4.85
C ILE A 74 -19.99 -5.50 3.72
N ARG A 75 -19.14 -4.56 3.82
CA ARG A 75 -18.00 -4.49 2.97
C ARG A 75 -16.85 -4.12 3.84
N ALA A 76 -15.72 -4.68 3.59
CA ALA A 76 -14.56 -4.33 4.31
C ALA A 76 -13.87 -3.23 3.53
N ASN A 77 -13.88 -2.03 4.06
CA ASN A 77 -13.24 -0.90 3.38
C ASN A 77 -11.75 -1.05 3.45
N GLN A 78 -11.13 -1.08 2.31
CA GLN A 78 -9.74 -1.37 2.23
C GLN A 78 -8.98 -0.30 1.52
N GLY A 79 -7.73 -0.19 1.89
CA GLY A 79 -6.84 0.69 1.21
C GLY A 79 -6.35 0.04 -0.04
N HIS A 80 -6.34 -1.28 -0.02
CA HIS A 80 -5.93 -2.06 -1.17
C HIS A 80 -6.91 -1.83 -2.29
N SER A 81 -8.15 -1.63 -1.90
CA SER A 81 -9.21 -1.48 -2.83
C SER A 81 -9.93 -0.15 -2.65
N VAL A 82 -9.26 0.90 -3.05
CA VAL A 82 -9.84 2.22 -3.05
C VAL A 82 -10.42 2.47 -4.43
N GLU A 83 -9.57 2.43 -5.42
CA GLU A 83 -9.98 2.58 -6.83
C GLU A 83 -10.88 1.44 -7.25
N VAL A 84 -10.48 0.29 -6.84
CA VAL A 84 -11.18 -0.97 -7.11
C VAL A 84 -10.45 -2.12 -6.42
N ASP A 85 -9.17 -2.05 -6.54
CA ASP A 85 -8.17 -2.98 -6.00
C ASP A 85 -6.89 -2.60 -6.70
N LEU A 86 -6.21 -1.62 -6.15
CA LEU A 86 -5.08 -1.08 -6.78
C LEU A 86 -3.77 -1.44 -6.09
N GLY A 87 -3.81 -1.72 -4.80
CA GLY A 87 -2.60 -2.22 -4.18
C GLY A 87 -2.11 -1.49 -2.96
N TYR A 88 -2.83 -0.49 -2.46
CA TYR A 88 -2.37 0.21 -1.23
C TYR A 88 -2.67 -0.66 0.01
N GLU A 89 -2.21 -0.20 1.15
CA GLU A 89 -2.70 -0.74 2.41
C GLU A 89 -2.95 0.44 3.40
N LYS A 90 -2.67 1.69 2.95
CA LYS A 90 -2.75 2.91 3.78
C LYS A 90 -1.92 2.73 5.03
N GLN A 91 -0.68 3.09 4.94
CA GLN A 91 0.29 2.74 5.97
C GLN A 91 1.06 3.96 6.39
N VAL A 92 2.03 3.74 7.28
CA VAL A 92 2.91 4.80 7.75
C VAL A 92 3.64 5.48 6.58
N PRO A 93 3.35 6.75 6.34
CA PRO A 93 3.92 7.48 5.24
C PRO A 93 5.30 8.04 5.55
N PRO A 94 6.28 7.80 4.67
CA PRO A 94 7.61 8.39 4.81
C PRO A 94 7.59 9.84 4.34
N ALA A 95 8.63 10.55 4.59
CA ALA A 95 8.73 11.91 4.15
C ALA A 95 9.62 11.97 2.93
N VAL A 96 10.81 11.41 3.07
CA VAL A 96 11.77 11.31 1.99
C VAL A 96 11.72 9.91 1.44
N LEU A 97 11.62 9.80 0.16
CA LEU A 97 11.52 8.49 -0.44
C LEU A 97 12.43 8.32 -1.62
N PHE A 98 13.21 7.28 -1.54
CA PHE A 98 14.19 6.92 -2.55
C PHE A 98 13.53 6.28 -3.75
N HIS A 99 14.21 6.30 -4.85
CA HIS A 99 13.79 5.69 -6.07
C HIS A 99 14.97 5.66 -7.00
N GLY A 100 15.02 4.72 -7.89
CA GLY A 100 16.10 4.66 -8.84
C GLY A 100 15.56 4.73 -10.22
N THR A 101 16.37 5.15 -11.12
CA THR A 101 16.00 5.26 -12.47
C THR A 101 17.29 5.15 -13.33
N ALA A 102 17.17 5.39 -14.60
CA ALA A 102 18.25 5.22 -15.55
C ALA A 102 18.54 6.56 -16.16
N GLU A 103 19.58 6.67 -16.97
CA GLU A 103 19.99 7.97 -17.49
C GLU A 103 19.23 8.60 -18.69
N LYS A 104 18.76 7.82 -19.66
CA LYS A 104 17.89 8.43 -20.71
C LYS A 104 16.53 8.64 -20.07
N ASN A 105 16.30 7.76 -19.14
CA ASN A 105 15.12 7.73 -18.36
C ASN A 105 15.21 8.90 -17.37
N PHE A 106 16.45 9.35 -17.13
CA PHE A 106 16.77 10.44 -16.23
C PHE A 106 16.36 11.74 -16.80
N ASP A 107 16.76 11.99 -18.03
CA ASP A 107 16.41 13.26 -18.64
C ASP A 107 14.90 13.42 -18.73
N LEU A 108 14.20 12.34 -19.08
CA LEU A 108 12.75 12.39 -19.13
C LEU A 108 12.10 12.53 -17.71
N ILE A 109 12.64 11.82 -16.75
CA ILE A 109 12.12 11.80 -15.38
C ILE A 109 12.43 13.08 -14.65
N LEU A 110 13.51 13.73 -14.97
CA LEU A 110 13.82 14.96 -14.34
C LEU A 110 13.14 16.12 -15.07
N LYS A 111 12.64 15.83 -16.26
CA LYS A 111 11.90 16.78 -17.02
C LYS A 111 10.52 17.01 -16.40
N ASP A 112 9.84 15.93 -16.03
CA ASP A 112 8.48 16.10 -15.49
C ASP A 112 8.30 15.51 -14.08
N GLY A 113 8.89 14.35 -13.84
CA GLY A 113 8.75 13.68 -12.55
C GLY A 113 8.46 12.20 -12.70
N ILE A 114 8.17 11.54 -11.59
CA ILE A 114 7.80 10.14 -11.63
C ILE A 114 6.29 10.13 -11.59
N LYS A 115 5.68 9.40 -12.47
CA LYS A 115 4.24 9.38 -12.53
C LYS A 115 3.76 8.15 -13.22
N LYS A 116 2.46 8.03 -13.32
CA LYS A 116 1.79 6.96 -14.02
C LYS A 116 2.33 6.80 -15.44
N MET A 117 2.88 5.66 -15.75
CA MET A 117 3.31 5.38 -17.09
C MET A 117 2.10 4.88 -17.84
N SER A 118 1.32 4.08 -17.16
CA SER A 118 0.11 3.55 -17.69
C SER A 118 -1.09 4.06 -16.88
N ARG A 119 -1.37 3.42 -15.76
CA ARG A 119 -2.47 3.80 -14.91
C ARG A 119 -2.32 3.20 -13.53
N HIS A 120 -1.83 4.00 -12.62
CA HIS A 120 -1.60 3.65 -11.24
C HIS A 120 -0.95 4.86 -10.62
N HIS A 121 -1.05 5.05 -9.31
CA HIS A 121 -0.28 6.12 -8.70
C HIS A 121 1.19 5.77 -8.68
N VAL A 122 2.03 6.67 -8.32
CA VAL A 122 3.40 6.43 -8.60
C VAL A 122 4.19 5.82 -7.46
N HIS A 123 4.91 4.78 -7.79
CA HIS A 123 5.65 4.01 -6.82
C HIS A 123 7.16 4.25 -6.87
N LEU A 124 7.70 4.64 -5.74
CA LEU A 124 9.10 4.90 -5.57
C LEU A 124 9.79 3.70 -4.93
N SER A 125 11.09 3.63 -5.06
CA SER A 125 11.79 2.43 -4.75
C SER A 125 12.58 2.55 -3.47
N GLN A 126 12.01 2.03 -2.41
CA GLN A 126 12.69 1.88 -1.14
C GLN A 126 14.03 1.14 -1.29
N ASP A 127 14.97 1.47 -0.41
CA ASP A 127 16.34 0.91 -0.42
C ASP A 127 17.11 1.39 -1.64
N ILE A 128 18.07 2.28 -1.38
CA ILE A 128 18.85 2.93 -2.44
C ILE A 128 19.46 1.92 -3.42
N THR A 129 19.99 0.81 -2.90
CA THR A 129 20.58 -0.19 -3.75
C THR A 129 19.56 -0.94 -4.63
N THR A 130 18.37 -1.22 -4.10
CA THR A 130 17.31 -1.87 -4.87
C THR A 130 16.76 -0.89 -5.91
N ALA A 131 16.64 0.36 -5.48
CA ALA A 131 16.21 1.44 -6.32
C ALA A 131 17.12 1.59 -7.52
N ARG A 132 18.40 1.65 -7.22
CA ARG A 132 19.44 1.78 -8.22
C ARG A 132 19.42 0.58 -9.18
N LYS A 133 19.18 -0.59 -8.61
CA LYS A 133 19.15 -1.85 -9.34
C LYS A 133 18.08 -1.87 -10.43
N VAL A 134 16.88 -1.42 -10.11
CA VAL A 134 15.82 -1.39 -11.12
C VAL A 134 16.03 -0.28 -12.15
N GLY A 135 16.60 0.83 -11.72
CA GLY A 135 16.90 1.89 -12.65
C GLY A 135 17.93 1.45 -13.66
N MET A 136 18.91 0.74 -13.14
CA MET A 136 20.03 0.17 -13.92
C MET A 136 19.54 -0.81 -15.00
N ARG A 137 18.32 -1.28 -14.86
CA ARG A 137 17.75 -2.21 -15.82
C ARG A 137 17.48 -1.51 -17.17
N HIS A 138 17.46 -0.17 -17.15
CA HIS A 138 17.20 0.59 -18.37
C HIS A 138 18.47 1.19 -18.93
N GLY A 139 19.51 1.24 -18.12
CA GLY A 139 20.76 1.80 -18.56
C GLY A 139 21.61 2.12 -17.38
N LYS A 140 22.33 3.22 -17.46
CA LYS A 140 23.16 3.64 -16.35
C LYS A 140 22.26 4.25 -15.28
N PRO A 141 22.37 3.77 -14.04
CA PRO A 141 21.46 4.14 -12.97
C PRO A 141 21.78 5.49 -12.31
N VAL A 142 20.74 6.14 -11.90
CA VAL A 142 20.80 7.38 -11.17
C VAL A 142 19.72 7.32 -10.08
N VAL A 143 20.09 7.61 -8.86
CA VAL A 143 19.18 7.57 -7.77
C VAL A 143 18.45 8.91 -7.64
N LEU A 144 17.17 8.84 -7.41
CA LEU A 144 16.30 9.98 -7.27
C LEU A 144 15.47 9.87 -5.99
N SER A 145 15.82 10.60 -4.96
CA SER A 145 15.10 10.59 -3.69
C SER A 145 14.29 11.88 -3.55
N VAL A 146 12.99 11.80 -3.37
CA VAL A 146 12.22 13.05 -3.18
C VAL A 146 12.44 13.61 -1.80
N ASP A 147 12.58 14.94 -1.76
CA ASP A 147 12.88 15.67 -0.53
C ASP A 147 11.72 15.73 0.41
N ALA A 148 11.94 15.13 1.57
CA ALA A 148 10.99 15.02 2.65
C ALA A 148 10.21 16.30 2.85
N LYS A 149 10.95 17.37 2.97
CA LYS A 149 10.42 18.69 3.30
C LYS A 149 9.34 19.12 2.31
N GLY A 150 9.62 18.98 1.04
CA GLY A 150 8.71 19.43 0.04
C GLY A 150 7.45 18.60 -0.02
N MET A 151 7.59 17.33 0.28
CA MET A 151 6.45 16.44 0.19
C MET A 151 5.62 16.39 1.46
N ALA A 152 6.29 16.17 2.58
CA ALA A 152 5.62 16.03 3.85
C ALA A 152 4.95 17.32 4.28
N ASP A 153 5.68 18.43 4.16
CA ASP A 153 5.12 19.74 4.52
C ASP A 153 4.18 20.22 3.43
N GLY A 154 4.38 19.67 2.23
CA GLY A 154 3.56 20.01 1.09
C GLY A 154 2.13 19.52 1.23
N GLY A 155 1.93 18.53 2.09
CA GLY A 155 0.59 18.05 2.36
C GLY A 155 0.27 16.78 1.62
N PHE A 156 1.26 16.18 1.03
CA PHE A 156 1.06 14.95 0.29
C PHE A 156 0.92 13.76 1.20
N ASP A 157 0.18 12.79 0.72
CA ASP A 157 0.05 11.53 1.38
C ASP A 157 0.84 10.52 0.65
N PHE A 158 1.46 9.68 1.39
CA PHE A 158 2.30 8.68 0.85
C PHE A 158 1.71 7.37 1.28
N TYR A 159 1.94 6.36 0.52
CA TYR A 159 1.34 5.07 0.77
C TYR A 159 2.39 4.06 0.46
N LEU A 160 2.08 2.83 0.70
CA LEU A 160 2.90 1.74 0.28
C LEU A 160 2.02 0.78 -0.43
N SER A 161 2.56 0.08 -1.39
CA SER A 161 1.80 -0.96 -1.97
C SER A 161 2.04 -2.21 -1.11
N ASN A 162 1.24 -3.24 -1.31
CA ASN A 162 1.32 -4.48 -0.51
C ASN A 162 2.68 -5.20 -0.63
N ASN A 163 3.50 -4.78 -1.58
CA ASN A 163 4.85 -5.33 -1.72
C ASN A 163 5.80 -4.66 -0.70
N GLY A 164 5.37 -3.55 -0.13
CA GLY A 164 6.18 -2.82 0.85
C GLY A 164 6.99 -1.71 0.21
N VAL A 165 6.72 -1.48 -1.04
CA VAL A 165 7.38 -0.43 -1.81
C VAL A 165 6.75 0.91 -1.44
N TRP A 166 7.45 2.00 -1.70
CA TRP A 166 6.89 3.29 -1.37
C TRP A 166 6.08 3.79 -2.52
N LEU A 167 5.10 4.57 -2.24
CA LEU A 167 4.26 5.11 -3.26
C LEU A 167 3.81 6.50 -2.84
N ILE A 168 3.72 7.36 -3.80
CA ILE A 168 3.30 8.71 -3.58
C ILE A 168 2.22 9.05 -4.58
N ASP A 169 1.36 9.96 -4.21
CA ASP A 169 0.28 10.41 -5.05
C ASP A 169 0.81 10.87 -6.39
N PHE A 170 1.84 11.73 -6.34
CA PHE A 170 2.45 12.28 -7.56
C PHE A 170 3.75 13.02 -7.22
N VAL A 171 4.83 12.72 -7.93
CA VAL A 171 6.07 13.43 -7.73
C VAL A 171 6.54 14.23 -8.92
N PRO A 172 6.45 15.56 -8.84
CA PRO A 172 7.10 16.43 -9.80
C PRO A 172 8.62 16.33 -9.54
N ALA A 173 9.42 16.37 -10.58
CA ALA A 173 10.84 16.14 -10.49
C ALA A 173 11.58 17.22 -9.75
N GLU A 174 10.94 18.32 -9.58
CA GLU A 174 11.51 19.41 -8.85
C GLU A 174 11.58 19.09 -7.34
N PHE A 175 10.77 18.12 -6.92
CA PHE A 175 10.81 17.63 -5.56
C PHE A 175 11.70 16.40 -5.49
N ILE A 176 11.99 15.85 -6.65
CA ILE A 176 12.91 14.77 -6.78
C ILE A 176 14.30 15.28 -6.57
N LYS A 177 15.09 14.56 -5.82
CA LYS A 177 16.41 14.94 -5.62
C LYS A 177 17.34 13.97 -6.17
N VAL A 178 17.91 14.41 -7.19
CA VAL A 178 18.94 13.70 -7.89
C VAL A 178 20.22 13.70 -7.07
PA NAD B . 9.35 -0.11 -12.10
O1A NAD B . 9.11 0.63 -10.83
O2A NAD B . 8.19 -0.45 -12.96
O5B NAD B . 10.39 0.76 -12.98
C5B NAD B . 9.90 1.84 -13.79
C4B NAD B . 11.08 2.50 -14.54
O4B NAD B . 10.59 3.62 -15.31
C3B NAD B . 12.07 3.10 -13.60
O3B NAD B . 13.38 3.32 -14.24
C2B NAD B . 11.43 4.38 -13.26
O2B NAD B . 12.39 5.25 -12.67
C1B NAD B . 10.97 4.83 -14.60
N9A NAD B . 9.80 5.78 -14.51
C8A NAD B . 8.63 5.64 -13.76
N7A NAD B . 7.72 6.55 -14.19
C5A NAD B . 8.33 7.21 -15.11
C6A NAD B . 7.72 8.23 -15.78
N6A NAD B . 6.46 8.54 -15.53
N1A NAD B . 8.45 8.90 -16.74
C2A NAD B . 9.74 8.45 -16.94
N3A NAD B . 10.32 7.43 -16.28
C4A NAD B . 9.59 6.78 -15.34
O3 NAD B . 10.19 -1.44 -11.77
PN NAD B . 10.00 -3.04 -11.92
O1N NAD B . 8.85 -3.48 -11.09
O2N NAD B . 10.01 -3.39 -13.36
O5D NAD B . 11.37 -3.64 -11.26
C5D NAD B . 11.43 -3.98 -9.85
C4D NAD B . 11.46 -2.73 -8.97
O4D NAD B . 10.25 -1.95 -9.14
C3D NAD B . 11.50 -3.10 -7.52
O3D NAD B . 12.83 -3.35 -7.06
C2D NAD B . 10.99 -1.87 -6.89
O2D NAD B . 12.04 -0.90 -6.80
C1D NAD B . 9.89 -1.41 -7.83
N1N NAD B . 8.52 -1.88 -7.44
C2N NAD B . 8.18 -3.20 -7.61
C3N NAD B . 6.84 -3.63 -7.39
C7N NAD B . 6.42 -5.10 -7.58
O7N NAD B . 5.26 -5.45 -7.37
N7N NAD B . 7.36 -5.94 -7.96
C4N NAD B . 5.89 -2.67 -7.00
C5N NAD B . 6.29 -1.35 -6.83
C6N NAD B . 7.57 -0.97 -7.04
H51A NAD B . 9.41 2.57 -13.17
H52A NAD B . 9.20 1.43 -14.51
H4B NAD B . 11.49 1.72 -15.18
H3B NAD B . 12.22 2.42 -12.75
HO3A NAD B . 13.33 3.68 -15.17
H2B NAD B . 10.60 4.16 -12.58
HO2A NAD B . 13.19 5.22 -13.29
H1B NAD B . 11.82 5.35 -15.07
H8A NAD B . 8.50 5.04 -12.88
H61A NAD B . 5.99 9.28 -16.03
H62A NAD B . 5.96 8.02 -14.85
H2A NAD B . 10.41 8.97 -17.63
H51N NAD B . 12.31 -4.59 -9.66
H52N NAD B . 10.57 -4.60 -9.59
H4D NAD B . 12.37 -2.20 -9.21
H3D NAD B . 10.84 -3.92 -7.25
HO3N NAD B . 13.20 -4.18 -7.51
H2D NAD B . 10.59 -2.00 -5.88
HO2N NAD B . 12.84 -1.43 -6.51
H1D NAD B . 9.82 -0.33 -7.82
H2N NAD B . 9.01 -3.84 -7.90
H71N NAD B . 8.31 -5.66 -8.10
H72N NAD B . 7.13 -6.91 -8.11
H4N NAD B . 4.87 -2.93 -6.76
H5N NAD B . 5.64 -0.55 -6.51
H6N NAD B . 7.72 0.08 -6.86
N GLY A 1 16.16 -15.76 22.70
CA GLY A 1 16.79 -14.90 21.71
C GLY A 1 16.36 -13.47 21.88
N SER A 2 17.29 -12.62 22.25
CA SER A 2 17.03 -11.22 22.52
C SER A 2 17.01 -10.39 21.23
N HIS A 3 17.43 -11.00 20.14
CA HIS A 3 17.53 -10.33 18.87
C HIS A 3 16.55 -10.96 17.90
N MET A 4 15.48 -11.52 18.46
CA MET A 4 14.42 -12.18 17.70
C MET A 4 13.81 -11.22 16.69
N VAL A 5 13.62 -9.98 17.14
CA VAL A 5 13.07 -8.92 16.29
C VAL A 5 13.97 -8.60 15.11
N LYS A 6 15.24 -8.79 15.30
CA LYS A 6 16.23 -8.52 14.26
C LYS A 6 16.10 -9.54 13.16
N VAL A 7 15.97 -10.80 13.54
CA VAL A 7 15.84 -11.87 12.56
C VAL A 7 14.54 -11.66 11.80
N SER A 8 13.55 -11.08 12.48
CA SER A 8 12.24 -10.87 11.89
C SER A 8 12.32 -9.80 10.79
N LYS A 9 12.88 -8.65 11.14
CA LYS A 9 12.98 -7.55 10.20
C LYS A 9 13.97 -7.85 9.12
N PHE A 10 15.05 -8.51 9.49
CA PHE A 10 16.10 -8.78 8.57
C PHE A 10 15.72 -9.91 7.63
N LEU A 11 14.87 -10.84 8.09
CA LEU A 11 14.37 -11.89 7.23
C LEU A 11 13.52 -11.27 6.19
N SER A 12 12.57 -10.44 6.63
CA SER A 12 11.67 -9.74 5.74
C SER A 12 12.48 -8.95 4.72
N LEU A 13 13.58 -8.41 5.18
CA LEU A 13 14.47 -7.64 4.38
C LEU A 13 15.21 -8.56 3.38
N VAL A 14 15.59 -9.75 3.79
CA VAL A 14 16.37 -10.57 2.94
C VAL A 14 15.54 -11.40 1.95
N LEU A 15 14.35 -11.82 2.31
CA LEU A 15 13.64 -12.67 1.37
C LEU A 15 12.69 -11.91 0.44
N ARG A 16 12.19 -10.77 0.88
CA ARG A 16 11.27 -10.04 0.02
C ARG A 16 11.85 -8.74 -0.49
N HIS A 17 13.04 -8.37 -0.03
CA HIS A 17 13.66 -7.12 -0.53
C HIS A 17 14.96 -7.38 -1.27
N ASN A 18 15.87 -8.08 -0.63
CA ASN A 18 17.21 -8.28 -1.17
C ASN A 18 17.91 -9.44 -0.51
N PRO A 19 17.95 -10.59 -1.18
CA PRO A 19 18.49 -11.82 -0.62
C PRO A 19 20.00 -11.84 -0.48
N ALA A 20 20.67 -10.95 -1.19
CA ALA A 20 22.09 -10.84 -1.22
C ALA A 20 22.78 -10.59 0.12
N LEU A 21 22.01 -10.33 1.17
CA LEU A 21 22.56 -10.09 2.49
C LEU A 21 23.19 -11.33 2.97
N ILE A 22 22.43 -12.39 2.88
CA ILE A 22 22.87 -13.64 3.39
C ILE A 22 23.17 -14.57 2.25
N GLY A 23 22.71 -14.17 1.07
CA GLY A 23 22.78 -15.02 -0.06
C GLY A 23 21.59 -15.98 -0.10
N LEU A 24 20.37 -15.43 0.09
CA LEU A 24 19.22 -16.20 0.06
C LEU A 24 18.79 -16.46 -1.40
N ASP A 25 18.05 -17.50 -1.61
CA ASP A 25 17.65 -17.96 -2.93
C ASP A 25 16.19 -17.72 -3.09
N LEU A 26 15.79 -17.05 -4.12
CA LEU A 26 14.39 -16.79 -4.34
C LEU A 26 13.91 -17.36 -5.62
N ASP A 27 12.80 -18.02 -5.53
CA ASP A 27 12.15 -18.63 -6.67
C ASP A 27 11.37 -17.60 -7.44
N ALA A 28 10.89 -18.02 -8.60
CA ALA A 28 10.12 -17.15 -9.49
C ALA A 28 8.81 -16.71 -8.85
N ASN A 29 8.24 -17.59 -8.02
CA ASN A 29 7.02 -17.33 -7.35
C ASN A 29 7.29 -16.77 -5.92
N GLY A 30 8.53 -16.40 -5.65
CA GLY A 30 8.84 -15.73 -4.37
C GLY A 30 9.05 -16.66 -3.19
N TRP A 31 9.55 -17.84 -3.42
CA TRP A 31 9.81 -18.78 -2.34
C TRP A 31 11.28 -18.81 -2.03
N ALA A 32 11.61 -18.93 -0.79
CA ALA A 32 12.98 -19.01 -0.38
C ALA A 32 13.19 -20.30 0.38
N PRO A 33 14.30 -20.99 0.17
CA PRO A 33 14.54 -22.20 0.88
C PRO A 33 15.01 -21.86 2.26
N VAL A 34 14.23 -22.25 3.23
CA VAL A 34 14.55 -22.07 4.60
C VAL A 34 15.91 -22.55 4.95
N LYS A 35 16.28 -23.71 4.45
CA LYS A 35 17.57 -24.27 4.63
C LYS A 35 18.68 -23.26 4.23
N GLU A 36 18.43 -22.50 3.17
CA GLU A 36 19.35 -21.48 2.71
C GLU A 36 19.27 -20.33 3.70
N LEU A 37 18.10 -20.10 4.17
CA LEU A 37 17.77 -18.92 4.91
C LEU A 37 18.35 -18.92 6.30
N LEU A 38 18.36 -20.05 6.99
CA LEU A 38 18.81 -20.02 8.29
C LEU A 38 20.32 -20.14 8.21
N ALA A 39 20.81 -21.02 7.28
CA ALA A 39 22.25 -21.29 7.18
C ALA A 39 23.01 -20.07 6.68
N LYS A 40 22.49 -19.48 5.66
CA LYS A 40 23.11 -18.30 5.07
C LYS A 40 23.03 -17.10 6.01
N MET A 41 21.90 -16.93 6.69
CA MET A 41 21.78 -15.80 7.59
C MET A 41 22.59 -16.07 8.87
N LYS A 42 22.82 -17.35 9.13
CA LYS A 42 23.72 -17.84 10.17
C LYS A 42 25.13 -17.38 9.85
N ALA A 43 25.57 -17.70 8.63
CA ALA A 43 26.90 -17.35 8.14
C ALA A 43 27.09 -15.83 8.03
N LYS A 44 25.99 -15.13 7.76
CA LYS A 44 25.99 -13.67 7.66
C LYS A 44 26.07 -13.06 9.06
N GLY A 45 25.78 -13.86 10.04
CA GLY A 45 25.83 -13.38 11.37
C GLY A 45 24.51 -13.47 12.10
N HIS A 46 24.11 -14.66 12.47
CA HIS A 46 23.08 -14.81 13.50
C HIS A 46 23.14 -16.18 14.19
N GLY A 47 22.82 -17.24 13.48
CA GLY A 47 22.81 -18.54 14.12
C GLY A 47 21.47 -19.01 14.57
N ILE A 48 20.55 -19.04 13.66
CA ILE A 48 19.30 -19.65 13.90
C ILE A 48 19.31 -20.99 13.20
N SER A 49 18.89 -22.00 13.88
CA SER A 49 18.74 -23.31 13.31
C SER A 49 17.38 -23.35 12.60
N MET A 50 17.05 -24.49 11.95
CA MET A 50 15.81 -24.60 11.18
C MET A 50 14.62 -24.22 12.04
N GLU A 51 14.52 -24.81 13.20
CA GLU A 51 13.41 -24.57 14.08
C GLU A 51 13.45 -23.18 14.70
N GLU A 52 14.61 -22.55 14.70
CA GLU A 52 14.69 -21.21 15.22
C GLU A 52 14.00 -20.31 14.26
N LEU A 53 14.39 -20.40 12.97
CA LEU A 53 13.74 -19.64 11.93
C LEU A 53 12.26 -20.04 11.86
N LYS A 54 11.99 -21.30 12.13
CA LYS A 54 10.62 -21.81 12.19
C LYS A 54 9.79 -21.02 13.20
N HIS A 55 10.45 -20.53 14.23
CA HIS A 55 9.81 -19.69 15.21
C HIS A 55 9.61 -18.27 14.68
N ILE A 56 10.54 -17.77 13.87
CA ILE A 56 10.36 -16.50 13.17
C ILE A 56 9.12 -16.62 12.24
N VAL A 57 9.11 -17.63 11.44
CA VAL A 57 8.01 -17.82 10.56
C VAL A 57 6.75 -18.18 11.36
N GLU A 58 6.91 -18.68 12.58
CA GLU A 58 5.77 -18.98 13.44
C GLU A 58 5.16 -17.67 13.95
N THR A 59 5.97 -16.60 13.93
CA THR A 59 5.48 -15.30 14.30
C THR A 59 4.88 -14.59 13.08
N ASN A 60 4.76 -15.38 11.98
CA ASN A 60 3.95 -14.98 10.75
C ASN A 60 2.59 -14.34 11.08
N SER A 61 2.09 -14.49 12.32
CA SER A 61 0.83 -13.91 12.78
C SER A 61 0.80 -12.39 12.56
N LYS A 62 1.99 -11.79 12.44
CA LYS A 62 2.16 -10.37 12.16
C LYS A 62 1.83 -10.07 10.66
N LYS A 63 1.31 -11.11 9.96
CA LYS A 63 0.84 -11.06 8.57
C LYS A 63 2.00 -10.83 7.64
N ARG A 64 3.04 -11.64 7.78
CA ARG A 64 4.25 -11.39 7.02
C ARG A 64 5.03 -12.66 6.60
N PHE A 65 4.65 -13.85 7.07
CA PHE A 65 5.45 -15.05 6.75
C PHE A 65 4.58 -16.29 6.47
N ALA A 66 5.22 -17.36 5.98
CA ALA A 66 4.58 -18.61 5.68
C ALA A 66 5.63 -19.66 5.48
N PHE A 67 5.27 -20.90 5.64
CA PHE A 67 6.23 -21.97 5.64
C PHE A 67 5.61 -23.19 4.95
N SER A 68 6.43 -23.93 4.22
CA SER A 68 5.98 -25.11 3.48
C SER A 68 5.78 -26.34 4.39
N GLU A 69 5.33 -27.45 3.78
CA GLU A 69 4.98 -28.72 4.45
C GLU A 69 6.10 -29.26 5.34
N ASN A 70 7.30 -29.43 4.77
CA ASN A 70 8.45 -29.93 5.56
C ASN A 70 9.02 -28.80 6.37
N PHE A 71 8.59 -27.59 6.02
CA PHE A 71 9.05 -26.34 6.61
C PHE A 71 10.42 -25.96 6.03
N GLU A 72 10.68 -26.43 4.80
CA GLU A 72 11.98 -26.20 4.16
C GLU A 72 11.96 -24.97 3.25
N LYS A 73 10.81 -24.35 3.08
CA LYS A 73 10.70 -23.16 2.30
C LYS A 73 9.79 -22.19 2.97
N ILE A 74 10.21 -20.97 3.03
CA ILE A 74 9.44 -19.90 3.58
C ILE A 74 9.02 -18.98 2.44
N ARG A 75 7.95 -18.29 2.64
CA ARG A 75 7.47 -17.34 1.72
C ARG A 75 6.93 -16.23 2.57
N ALA A 76 7.33 -15.03 2.31
CA ALA A 76 6.82 -13.92 3.05
C ALA A 76 5.47 -13.50 2.52
N ASN A 77 4.51 -13.38 3.42
CA ASN A 77 3.19 -12.88 3.04
C ASN A 77 3.31 -11.39 2.85
N GLN A 78 2.76 -10.88 1.79
CA GLN A 78 2.86 -9.46 1.51
C GLN A 78 1.70 -8.74 2.16
N GLY A 79 1.68 -7.43 2.08
CA GLY A 79 0.66 -6.61 2.73
C GLY A 79 -0.71 -6.68 2.06
N HIS A 80 -1.32 -7.83 2.09
CA HIS A 80 -2.61 -8.02 1.48
C HIS A 80 -3.66 -8.01 2.55
N SER A 81 -4.86 -7.63 2.17
CA SER A 81 -6.01 -7.56 3.05
C SER A 81 -5.84 -6.49 4.11
N VAL A 82 -5.31 -5.40 3.65
CA VAL A 82 -5.17 -4.19 4.46
C VAL A 82 -6.56 -3.60 4.56
N GLU A 83 -7.14 -3.43 3.42
CA GLU A 83 -8.52 -3.17 3.27
C GLU A 83 -9.00 -4.30 2.45
N VAL A 84 -8.49 -4.31 1.29
CA VAL A 84 -8.51 -5.34 0.39
C VAL A 84 -7.10 -5.38 -0.22
N ASP A 85 -6.96 -4.61 -1.24
CA ASP A 85 -5.77 -4.45 -2.09
C ASP A 85 -6.13 -3.38 -3.08
N LEU A 86 -6.11 -2.15 -2.62
CA LEU A 86 -6.59 -1.02 -3.33
C LEU A 86 -5.61 -0.61 -4.32
N GLY A 87 -4.47 -0.56 -3.83
CA GLY A 87 -3.34 -0.04 -4.55
C GLY A 87 -2.82 1.19 -3.87
N TYR A 88 -3.21 1.31 -2.62
CA TYR A 88 -2.83 2.38 -1.74
C TYR A 88 -3.08 1.92 -0.32
N GLU A 89 -2.20 1.10 0.12
CA GLU A 89 -2.28 0.51 1.40
C GLU A 89 -1.57 1.43 2.39
N LYS A 90 -2.24 2.53 2.71
CA LYS A 90 -1.64 3.58 3.49
C LYS A 90 -1.19 3.14 4.87
N GLN A 91 0.04 3.43 5.11
CA GLN A 91 0.81 3.01 6.24
C GLN A 91 1.65 4.18 6.62
N VAL A 92 2.54 3.99 7.60
CA VAL A 92 3.47 5.04 8.06
C VAL A 92 4.11 5.76 6.85
N PRO A 93 3.73 7.02 6.63
CA PRO A 93 4.12 7.74 5.44
C PRO A 93 5.53 8.29 5.49
N PRO A 94 6.38 7.90 4.52
CA PRO A 94 7.72 8.44 4.42
C PRO A 94 7.68 9.81 3.79
N ALA A 95 8.41 10.72 4.37
CA ALA A 95 8.47 12.05 3.85
C ALA A 95 9.49 12.06 2.74
N VAL A 96 10.58 11.37 2.99
CA VAL A 96 11.63 11.20 2.03
C VAL A 96 11.56 9.80 1.48
N LEU A 97 11.50 9.72 0.19
CA LEU A 97 11.40 8.43 -0.44
C LEU A 97 12.35 8.30 -1.60
N PHE A 98 13.14 7.27 -1.55
CA PHE A 98 14.21 7.05 -2.50
C PHE A 98 13.65 6.48 -3.78
N HIS A 99 14.39 6.59 -4.84
CA HIS A 99 14.01 5.98 -6.08
C HIS A 99 15.21 5.90 -7.00
N GLY A 100 15.27 4.88 -7.79
CA GLY A 100 16.36 4.74 -8.72
C GLY A 100 15.84 4.88 -10.11
N THR A 101 16.69 5.29 -11.00
CA THR A 101 16.33 5.45 -12.36
C THR A 101 17.62 5.40 -13.21
N ALA A 102 17.50 5.67 -14.47
CA ALA A 102 18.58 5.56 -15.44
C ALA A 102 18.78 6.94 -16.05
N GLU A 103 19.80 7.18 -16.93
CA GLU A 103 20.11 8.56 -17.39
C GLU A 103 19.24 9.21 -18.52
N LYS A 104 18.81 8.48 -19.54
CA LYS A 104 17.84 9.11 -20.51
C LYS A 104 16.47 9.01 -19.89
N ASN A 105 16.38 8.04 -19.05
CA ASN A 105 15.21 7.80 -18.26
C ASN A 105 15.18 8.86 -17.15
N PHE A 106 16.38 9.43 -16.90
CA PHE A 106 16.60 10.52 -15.96
C PHE A 106 16.08 11.78 -16.54
N ASP A 107 16.36 11.97 -17.81
CA ASP A 107 15.89 13.11 -18.55
C ASP A 107 14.39 13.22 -18.40
N LEU A 108 13.68 12.15 -18.72
CA LEU A 108 12.23 12.14 -18.62
C LEU A 108 11.72 12.24 -17.18
N ILE A 109 12.42 11.65 -16.25
CA ILE A 109 11.97 11.59 -14.84
C ILE A 109 12.29 12.88 -14.11
N LEU A 110 13.29 13.59 -14.56
CA LEU A 110 13.55 14.87 -14.00
C LEU A 110 12.74 15.96 -14.73
N LYS A 111 12.16 15.56 -15.83
CA LYS A 111 11.34 16.41 -16.67
C LYS A 111 9.85 16.32 -16.25
N ASP A 112 9.37 15.12 -16.09
CA ASP A 112 7.97 14.85 -15.74
C ASP A 112 7.79 14.53 -14.25
N GLY A 113 8.78 13.91 -13.67
CA GLY A 113 8.71 13.51 -12.28
C GLY A 113 8.53 12.05 -12.19
N ILE A 114 8.12 11.56 -11.05
CA ILE A 114 7.79 10.17 -10.99
C ILE A 114 6.29 10.16 -11.12
N LYS A 115 5.80 9.26 -11.92
CA LYS A 115 4.43 9.28 -12.26
C LYS A 115 3.83 7.88 -12.10
N LYS A 116 2.54 7.81 -12.33
CA LYS A 116 1.73 6.62 -12.31
C LYS A 116 2.37 5.48 -13.11
N MET A 117 2.88 5.82 -14.30
CA MET A 117 3.59 4.93 -15.21
C MET A 117 2.63 3.83 -15.68
N SER A 118 1.36 4.23 -15.82
CA SER A 118 0.24 3.38 -16.27
C SER A 118 -0.13 2.28 -15.24
N ARG A 119 0.45 2.35 -14.06
CA ARG A 119 0.18 1.39 -13.00
C ARG A 119 -0.68 2.09 -11.95
N HIS A 120 -0.85 1.55 -10.77
CA HIS A 120 -1.64 2.28 -9.77
C HIS A 120 -0.81 3.40 -9.12
N HIS A 121 -1.05 4.64 -9.55
CA HIS A 121 -0.32 5.86 -9.10
C HIS A 121 1.23 5.76 -9.04
N VAL A 122 1.90 6.67 -8.34
CA VAL A 122 3.36 6.80 -8.43
C VAL A 122 4.09 5.82 -7.52
N HIS A 123 5.23 5.27 -7.99
CA HIS A 123 5.98 4.25 -7.24
C HIS A 123 7.44 4.66 -7.11
N LEU A 124 7.89 4.74 -5.90
CA LEU A 124 9.28 5.02 -5.59
C LEU A 124 9.89 3.80 -4.91
N SER A 125 11.16 3.87 -4.68
CA SER A 125 11.89 2.75 -4.26
C SER A 125 12.00 2.67 -2.75
N GLN A 126 11.80 1.50 -2.28
CA GLN A 126 11.82 1.15 -0.88
C GLN A 126 13.25 1.08 -0.36
N ASP A 127 14.18 0.66 -1.21
CA ASP A 127 15.57 0.50 -0.86
C ASP A 127 16.45 1.05 -1.93
N ILE A 128 17.57 1.60 -1.51
CA ILE A 128 18.59 2.16 -2.40
C ILE A 128 19.13 1.07 -3.36
N THR A 129 19.32 -0.11 -2.82
CA THR A 129 19.83 -1.25 -3.55
C THR A 129 18.88 -1.66 -4.70
N THR A 130 17.60 -1.78 -4.40
CA THR A 130 16.62 -2.19 -5.38
C THR A 130 16.37 -1.05 -6.38
N ALA A 131 16.43 0.18 -5.88
CA ALA A 131 16.28 1.39 -6.68
C ALA A 131 17.28 1.38 -7.81
N ARG A 132 18.52 1.18 -7.45
CA ARG A 132 19.62 1.17 -8.38
C ARG A 132 19.52 0.00 -9.33
N LYS A 133 19.15 -1.15 -8.80
CA LYS A 133 19.07 -2.38 -9.57
C LYS A 133 18.07 -2.27 -10.73
N VAL A 134 16.98 -1.59 -10.49
CA VAL A 134 15.96 -1.40 -11.51
C VAL A 134 16.35 -0.28 -12.47
N GLY A 135 16.98 0.76 -11.96
CA GLY A 135 17.45 1.84 -12.82
C GLY A 135 18.52 1.33 -13.78
N MET A 136 19.33 0.43 -13.25
CA MET A 136 20.43 -0.23 -13.97
C MET A 136 19.91 -1.05 -15.17
N ARG A 137 18.65 -1.40 -15.11
CA ARG A 137 17.99 -2.16 -16.17
C ARG A 137 17.73 -1.24 -17.38
N HIS A 138 17.69 0.05 -17.15
CA HIS A 138 17.40 0.99 -18.22
C HIS A 138 18.65 1.71 -18.69
N GLY A 139 19.63 1.81 -17.81
CA GLY A 139 20.86 2.48 -18.14
C GLY A 139 21.71 2.68 -16.91
N LYS A 140 22.37 3.80 -16.82
CA LYS A 140 23.21 4.10 -15.68
C LYS A 140 22.31 4.57 -14.55
N PRO A 141 22.37 3.92 -13.39
CA PRO A 141 21.50 4.23 -12.28
C PRO A 141 21.82 5.55 -11.57
N VAL A 142 20.95 6.50 -11.73
CA VAL A 142 20.98 7.76 -11.03
C VAL A 142 19.92 7.68 -9.94
N VAL A 143 20.27 8.07 -8.75
CA VAL A 143 19.40 7.97 -7.65
C VAL A 143 18.61 9.25 -7.50
N LEU A 144 17.32 9.12 -7.43
CA LEU A 144 16.43 10.23 -7.28
C LEU A 144 15.51 9.99 -6.09
N SER A 145 15.80 10.61 -4.99
CA SER A 145 14.96 10.48 -3.81
C SER A 145 14.20 11.79 -3.61
N VAL A 146 12.90 11.74 -3.41
CA VAL A 146 12.19 12.99 -3.17
C VAL A 146 12.50 13.50 -1.79
N ASP A 147 12.68 14.79 -1.74
CA ASP A 147 13.03 15.52 -0.55
C ASP A 147 11.87 15.69 0.36
N ALA A 148 11.98 15.06 1.52
CA ALA A 148 10.99 15.06 2.57
C ALA A 148 10.37 16.40 2.76
N LYS A 149 11.22 17.36 2.93
CA LYS A 149 10.85 18.69 3.31
C LYS A 149 9.89 19.32 2.32
N GLY A 150 10.25 19.22 1.05
CA GLY A 150 9.46 19.86 0.04
C GLY A 150 8.19 19.08 -0.25
N MET A 151 8.26 17.79 -0.04
CA MET A 151 7.15 16.94 -0.36
C MET A 151 6.14 16.84 0.79
N ALA A 152 6.64 16.57 1.99
CA ALA A 152 5.82 16.42 3.18
C ALA A 152 5.07 17.69 3.50
N ASP A 153 5.71 18.83 3.24
CA ASP A 153 5.09 20.14 3.47
C ASP A 153 3.87 20.34 2.57
N GLY A 154 3.80 19.56 1.49
CA GLY A 154 2.71 19.69 0.54
C GLY A 154 1.42 19.04 1.03
N GLY A 155 1.49 18.40 2.20
CA GLY A 155 0.30 17.79 2.79
C GLY A 155 -0.12 16.51 2.12
N PHE A 156 0.76 15.94 1.32
CA PHE A 156 0.49 14.69 0.63
C PHE A 156 0.48 13.55 1.61
N ASP A 157 -0.41 12.63 1.43
CA ASP A 157 -0.47 11.46 2.27
C ASP A 157 0.30 10.38 1.57
N PHE A 158 1.34 9.92 2.19
CA PHE A 158 2.21 8.97 1.56
C PHE A 158 1.87 7.60 2.05
N TYR A 159 2.25 6.61 1.31
CA TYR A 159 1.80 5.28 1.57
C TYR A 159 2.71 4.26 0.93
N LEU A 160 2.39 3.03 1.13
CA LEU A 160 3.06 1.92 0.52
C LEU A 160 2.00 1.09 -0.09
N SER A 161 2.28 0.42 -1.13
CA SER A 161 1.31 -0.47 -1.65
C SER A 161 1.67 -1.86 -1.15
N ASN A 162 0.76 -2.78 -1.26
CA ASN A 162 0.82 -4.19 -0.80
C ASN A 162 2.14 -4.95 -1.14
N ASN A 163 2.88 -4.44 -2.11
CA ASN A 163 4.16 -5.05 -2.53
C ASN A 163 5.30 -4.57 -1.58
N GLY A 164 4.99 -3.62 -0.71
CA GLY A 164 5.99 -3.08 0.23
C GLY A 164 6.92 -2.15 -0.47
N VAL A 165 6.41 -1.55 -1.47
CA VAL A 165 7.12 -0.57 -2.24
C VAL A 165 6.63 0.80 -1.79
N TRP A 166 7.39 1.83 -2.01
CA TRP A 166 7.00 3.13 -1.48
C TRP A 166 6.21 3.89 -2.53
N LEU A 167 5.11 4.49 -2.15
CA LEU A 167 4.30 5.21 -3.11
C LEU A 167 3.93 6.60 -2.67
N ILE A 168 3.57 7.37 -3.66
CA ILE A 168 3.12 8.71 -3.50
C ILE A 168 2.10 8.91 -4.60
N ASP A 169 1.20 9.83 -4.44
CA ASP A 169 0.20 9.99 -5.47
C ASP A 169 0.74 10.80 -6.62
N PHE A 170 1.66 11.71 -6.33
CA PHE A 170 2.20 12.57 -7.38
C PHE A 170 3.50 13.26 -6.96
N VAL A 171 4.60 12.98 -7.67
CA VAL A 171 5.83 13.73 -7.45
C VAL A 171 6.30 14.52 -8.62
N PRO A 172 6.22 15.84 -8.51
CA PRO A 172 6.88 16.73 -9.43
C PRO A 172 8.38 16.54 -9.23
N ALA A 173 9.13 16.51 -10.31
CA ALA A 173 10.54 16.19 -10.29
C ALA A 173 11.37 17.23 -9.58
N GLU A 174 10.80 18.36 -9.38
CA GLU A 174 11.48 19.41 -8.69
C GLU A 174 11.56 19.10 -7.19
N PHE A 175 10.69 18.21 -6.72
CA PHE A 175 10.73 17.76 -5.36
C PHE A 175 11.60 16.51 -5.27
N ILE A 176 11.90 15.94 -6.43
CA ILE A 176 12.82 14.87 -6.55
C ILE A 176 14.20 15.42 -6.34
N LYS A 177 15.04 14.71 -5.64
CA LYS A 177 16.31 15.18 -5.43
C LYS A 177 17.35 14.34 -6.03
N VAL A 178 17.84 14.90 -7.05
CA VAL A 178 18.94 14.39 -7.83
C VAL A 178 20.23 14.65 -7.07
PA NAD B . 8.45 0.21 -14.58
O1A NAD B . 7.28 1.04 -14.97
O2A NAD B . 8.75 -1.00 -15.38
O5B NAD B . 9.77 1.13 -14.56
C5B NAD B . 9.71 2.50 -14.94
C4B NAD B . 11.12 3.03 -15.20
O4B NAD B . 11.08 4.37 -15.68
C3B NAD B . 11.94 3.09 -13.95
O3B NAD B . 13.36 3.12 -14.23
C2B NAD B . 11.48 4.37 -13.35
O2B NAD B . 12.51 4.88 -12.53
C1B NAD B . 11.31 5.26 -14.54
N9A NAD B . 10.16 6.21 -14.42
C8A NAD B . 9.24 6.34 -13.38
N7A NAD B . 8.43 7.41 -13.64
C5A NAD B . 8.87 7.86 -14.78
C6A NAD B . 8.30 8.97 -15.39
N6A NAD B . 7.29 9.61 -14.84
N1A NAD B . 8.84 9.36 -16.61
C2A NAD B . 9.89 8.61 -17.10
N3A NAD B . 10.45 7.54 -16.48
C4A NAD B . 9.90 7.16 -15.27
O3 NAD B . 8.29 -0.21 -13.04
PN NAD B . 7.83 0.51 -11.68
O1N NAD B . 7.01 1.72 -12.01
O2N NAD B . 7.27 -0.49 -10.75
O5D NAD B . 9.22 1.05 -11.06
C5D NAD B . 10.14 0.10 -10.45
C4D NAD B . 10.71 0.73 -9.17
O4D NAD B . 9.65 0.78 -8.20
C3D NAD B . 11.73 -0.14 -8.51
O3D NAD B . 12.44 0.53 -7.45
C2D NAD B . 10.93 -1.23 -7.95
O2D NAD B . 11.64 -1.88 -6.88
C1D NAD B . 9.68 -0.50 -7.45
N1N NAD B . 8.43 -1.28 -7.69
C2N NAD B . 8.42 -2.56 -8.27
C3N NAD B . 7.20 -3.27 -8.41
C7N NAD B . 7.14 -4.68 -9.05
O7N NAD B . 6.07 -5.27 -9.20
N7N NAD B . 8.29 -5.20 -9.46
C4N NAD B . 6.01 -2.65 -7.96
C5N NAD B . 6.07 -1.38 -7.40
C6N NAD B . 7.26 -0.73 -7.27
H51A NAD B . 9.21 3.11 -14.20
H52A NAD B . 9.16 2.54 -15.88
H4B NAD B . 11.54 2.35 -15.95
H3B NAD B . 11.73 2.22 -13.32
HO3A NAD B . 13.63 3.72 -14.99
H2B NAD B . 10.56 4.17 -12.81
HO2A NAD B . 13.27 5.05 -13.18
H1B NAD B . 12.22 5.86 -14.58
H8A NAD B . 9.19 5.69 -12.50
H61A NAD B . 6.86 10.42 -15.25
H62A NAD B . 6.95 9.30 -13.95
H2A NAD B . 10.34 8.90 -18.05
H51N NAD B . 10.94 -0.13 -11.14
H52N NAD B . 9.63 -0.83 -10.23
H4D NAD B . 11.10 1.70 -9.47
H3D NAD B . 12.49 -0.46 -9.22
HO3N NAD B . 12.91 -0.24 -6.99
H2D NAD B . 10.74 -1.91 -8.79
HO2N NAD B . 11.16 -2.73 -6.65
H1D NAD B . 9.67 -0.36 -6.37
H2N NAD B . 9.35 -3.02 -8.60
H71N NAD B . 9.16 -4.69 -9.36
H72N NAD B . 8.31 -6.11 -9.86
H4N NAD B . 5.05 -3.15 -7.99
H5N NAD B . 5.24 -0.80 -7.00
H6N NAD B . 7.18 0.25 -6.82
#